data_6GVE
#
_entry.id   6GVE
#
_cell.length_a   1.00
_cell.length_b   1.00
_cell.length_c   1.00
_cell.angle_alpha   90.00
_cell.angle_beta   90.00
_cell.angle_gamma   90.00
#
_symmetry.space_group_name_H-M   'P 1'
#
loop_
_entity.id
_entity.type
_entity.pdbx_description
1 polymer 'CP12 polypeptide'
2 polymer 'Glyceraldehyde-3-phosphate dehydrogenase'
3 polymer Phosphoribulokinase
4 non-polymer NICOTINAMIDE-ADENINE-DINUCLEOTIDE
#
loop_
_entity_poly.entity_id
_entity_poly.type
_entity_poly.pdbx_seq_one_letter_code
_entity_poly.pdbx_strand_id
1 'polypeptide(L)' GSMSNLEKQIEQAREEAHKICDTEGATSGQCAAAWDALEELQAEAAHQRAEQQDHKTSFQQYCDDNPDAAECRIYDD P,C,H,M
2 'polypeptide(L)'
;GSMVRVAINGFGRIGRNFMRCWLQRKANSKLEIVGINDTSDPRTNAHLLKYDSMLGIFQDAEITADDDCIYAGGHAVKCV
SDRNPENLPWSAWGIDLVIEATGVFTSREGASKHLSAGAKKVLITAPGKGNIPTYVVGVNHHTYDPSEDIVSNASCTTNC
LAPIVKVLHEAFGIQQGMMTTTHSYTGDQRLLDASHRDLRRARAAAMNIVPTSTGAAKAVGLVIPELQGKLNGIALRVPT
PNVSVVDFVAQVEKPTIAEQVNQVIKEASETTMKGIIHYSELELVSSDYRGHNASSILDASLTMVLGGNLVKVVAWYDNE
WGYSQRVLDLAEHMAAHWA
;
D,A,E,F,I,K,N,O
3 'polypeptide(L)'
;MSSKPDRVVLIGVAGDSGCGKSTFLRRLADLFGEDFMTVICLDDYHSLDRKQRKEMGITALDPRANNFDLMYEQIKALKN
GESIMKPIYNHETGTIDPPEKVDPNHVIVIEGLHPLYDERVRSLIDFSVYLDISDDVKIAWKIKRDMAERGHSYEDVIAS
INARRPDFMAYIDPQKQYADVVLQILPSQLAKEEKVGNILRVRMLQREGIPGFEPVYLFDEGSTITWIPCGRKLTCSYPG
IRLSYGPDEYYGHPVSVLEVDGRFEKLDELIYIESHLSNTSTKHYGEVTELLLKHRDYPGSDNGSGLFQVLTGLKMRATY
ERLTSRDAATVTNR
;
J,B,G,L
#
# COMPACT_ATOMS: atom_id res chain seq x y z
N MET A 3 -53.63 34.58 -20.76
CA MET A 3 -54.36 33.54 -21.47
C MET A 3 -55.85 33.84 -21.55
N SER A 4 -56.37 33.89 -22.75
CA SER A 4 -57.80 33.97 -22.97
C SER A 4 -58.32 32.85 -23.86
N ASN A 5 -57.54 32.49 -24.89
CA ASN A 5 -57.96 31.50 -25.87
C ASN A 5 -58.06 30.12 -25.25
N LEU A 6 -56.94 29.62 -24.72
CA LEU A 6 -56.94 28.34 -24.04
C LEU A 6 -57.71 28.41 -22.73
N GLU A 7 -57.80 29.60 -22.13
CA GLU A 7 -58.65 29.84 -20.98
C GLU A 7 -60.11 29.50 -21.30
N LYS A 8 -60.57 29.84 -22.50
CA LYS A 8 -61.90 29.42 -22.90
C LYS A 8 -61.93 27.95 -23.32
N GLN A 9 -60.89 27.51 -24.03
CA GLN A 9 -60.92 26.19 -24.66
C GLN A 9 -60.88 25.07 -23.64
N ILE A 10 -60.25 25.29 -22.49
CA ILE A 10 -60.23 24.28 -21.44
C ILE A 10 -61.62 24.09 -20.86
N GLU A 11 -62.36 25.17 -20.66
CA GLU A 11 -63.72 25.04 -20.17
C GLU A 11 -64.64 24.45 -21.23
N GLN A 12 -64.37 24.73 -22.50
CA GLN A 12 -65.14 24.12 -23.59
C GLN A 12 -64.92 22.61 -23.64
N ALA A 13 -63.66 22.19 -23.55
CA ALA A 13 -63.36 20.77 -23.52
C ALA A 13 -63.84 20.12 -22.23
N ARG A 14 -63.97 20.89 -21.15
CA ARG A 14 -64.54 20.36 -19.91
C ARG A 14 -66.03 20.10 -20.08
N GLU A 15 -66.72 21.03 -20.76
CA GLU A 15 -68.12 20.81 -21.12
C GLU A 15 -68.30 19.56 -21.99
N GLU A 16 -67.38 19.40 -22.94
CA GLU A 16 -67.41 18.19 -23.77
C GLU A 16 -67.10 16.95 -22.94
N ALA A 17 -66.25 17.07 -21.92
CA ALA A 17 -65.93 15.93 -21.08
C ALA A 17 -67.14 15.52 -20.25
N HIS A 18 -67.92 16.50 -19.82
CA HIS A 18 -69.20 16.19 -19.17
C HIS A 18 -70.20 15.60 -20.14
N LYS A 19 -70.16 15.98 -21.42
CA LYS A 19 -71.20 15.56 -22.34
C LYS A 19 -70.93 14.19 -22.97
N ILE A 20 -69.77 14.04 -23.64
CA ILE A 20 -69.53 12.90 -24.50
C ILE A 20 -69.28 11.63 -23.70
N CYS A 21 -68.87 11.74 -22.44
CA CYS A 21 -68.54 10.57 -21.66
C CYS A 21 -69.62 10.25 -20.65
N ASP A 22 -70.69 11.04 -20.63
CA ASP A 22 -71.95 10.61 -20.05
C ASP A 22 -72.92 10.13 -21.11
N THR A 23 -72.75 10.54 -22.36
CA THR A 23 -73.73 10.22 -23.40
C THR A 23 -73.31 9.02 -24.25
N GLU A 24 -72.15 9.09 -24.91
CA GLU A 24 -71.78 8.11 -25.92
C GLU A 24 -70.87 7.01 -25.40
N GLY A 25 -70.96 6.67 -24.12
CA GLY A 25 -70.16 5.59 -23.59
C GLY A 25 -69.12 6.07 -22.62
N ALA A 26 -69.28 5.70 -21.35
CA ALA A 26 -68.38 6.20 -20.31
C ALA A 26 -67.02 5.52 -20.35
N THR A 27 -66.95 4.30 -20.88
CA THR A 27 -65.69 3.56 -20.95
C THR A 27 -65.52 3.07 -22.37
N SER A 28 -64.93 3.92 -23.22
CA SER A 28 -64.52 3.52 -24.56
C SER A 28 -63.44 4.50 -25.01
N GLY A 29 -62.99 4.33 -26.26
CA GLY A 29 -61.89 5.15 -26.76
C GLY A 29 -62.26 6.59 -27.03
N GLN A 30 -63.54 6.89 -27.25
CA GLN A 30 -63.95 8.23 -27.66
C GLN A 30 -63.78 9.22 -26.51
N CYS A 31 -64.43 8.97 -25.37
CA CYS A 31 -64.30 9.93 -24.31
C CYS A 31 -62.97 9.81 -23.58
N ALA A 32 -62.28 8.68 -23.71
CA ALA A 32 -60.91 8.63 -23.24
C ALA A 32 -60.02 9.55 -24.07
N ALA A 33 -60.29 9.62 -25.37
CA ALA A 33 -59.64 10.63 -26.20
C ALA A 33 -60.05 12.03 -25.78
N ALA A 34 -61.30 12.20 -25.34
CA ALA A 34 -61.76 13.52 -24.90
C ALA A 34 -61.03 13.97 -23.63
N TRP A 35 -60.94 13.09 -22.63
CA TRP A 35 -60.22 13.44 -21.41
C TRP A 35 -58.72 13.55 -21.66
N ASP A 36 -58.19 12.78 -22.61
CA ASP A 36 -56.80 12.92 -23.00
C ASP A 36 -56.55 14.29 -23.61
N ALA A 37 -57.48 14.75 -24.44
CA ALA A 37 -57.39 16.09 -25.00
C ALA A 37 -57.45 17.14 -23.92
N LEU A 38 -58.40 17.02 -22.98
CA LEU A 38 -58.54 18.00 -21.92
C LEU A 38 -57.34 18.01 -20.99
N GLU A 39 -56.71 16.85 -20.79
CA GLU A 39 -55.49 16.82 -20.00
C GLU A 39 -54.34 17.46 -20.76
N GLU A 40 -54.31 17.37 -22.09
CA GLU A 40 -53.26 18.05 -22.83
C GLU A 40 -53.46 19.56 -22.81
N LEU A 41 -54.72 20.00 -22.88
CA LEU A 41 -55.04 21.42 -22.69
C LEU A 41 -54.62 21.89 -21.31
N GLN A 42 -54.83 21.04 -20.30
CA GLN A 42 -54.38 21.35 -18.95
C GLN A 42 -52.86 21.37 -18.87
N ALA A 43 -52.19 20.51 -19.64
CA ALA A 43 -50.74 20.46 -19.66
C ALA A 43 -50.15 21.71 -20.29
N GLU A 44 -50.81 22.23 -21.31
CA GLU A 44 -50.33 23.47 -21.90
C GLU A 44 -50.67 24.67 -21.04
N ALA A 45 -51.75 24.58 -20.25
CA ALA A 45 -51.97 25.57 -19.20
C ALA A 45 -50.86 25.54 -18.18
N ALA A 46 -50.38 24.35 -17.83
CA ALA A 46 -49.27 24.22 -16.90
C ALA A 46 -47.98 24.79 -17.49
N HIS A 47 -47.74 24.51 -18.77
CA HIS A 47 -46.58 25.07 -19.43
C HIS A 47 -46.65 26.58 -19.56
N GLN A 48 -47.84 27.13 -19.73
CA GLN A 48 -47.99 28.58 -19.72
C GLN A 48 -47.77 29.13 -18.31
N ARG A 49 -48.23 28.39 -17.31
CA ARG A 49 -48.15 28.83 -15.93
C ARG A 49 -46.71 28.90 -15.44
N ALA A 50 -45.92 27.87 -15.78
CA ALA A 50 -44.53 27.84 -15.34
C ALA A 50 -43.70 28.89 -16.04
N GLU A 51 -44.01 29.18 -17.30
CA GLU A 51 -43.27 30.24 -17.98
C GLU A 51 -43.66 31.62 -17.47
N GLN A 52 -44.91 31.79 -17.03
CA GLN A 52 -45.24 33.06 -16.42
C GLN A 52 -44.77 33.17 -14.98
N GLN A 53 -44.50 32.05 -14.31
CA GLN A 53 -43.76 32.12 -13.04
C GLN A 53 -42.34 32.59 -13.25
N ASP A 54 -41.74 32.22 -14.38
CA ASP A 54 -40.38 32.63 -14.69
C ASP A 54 -40.32 33.95 -15.43
N HIS A 55 -41.34 34.79 -15.26
CA HIS A 55 -41.29 36.12 -15.84
C HIS A 55 -40.24 36.95 -15.11
N LYS A 56 -39.22 37.36 -15.84
CA LYS A 56 -38.23 38.28 -15.31
C LYS A 56 -38.85 39.66 -15.12
N THR A 57 -38.30 40.40 -14.16
CA THR A 57 -38.80 41.75 -13.95
C THR A 57 -38.14 42.74 -14.89
N SER A 58 -36.86 42.94 -14.74
CA SER A 58 -36.26 43.96 -15.60
C SER A 58 -34.98 43.54 -16.26
N PHE A 59 -34.13 42.76 -15.58
CA PHE A 59 -32.75 42.61 -16.01
C PHE A 59 -32.64 41.74 -17.25
N GLN A 60 -33.38 40.65 -17.30
CA GLN A 60 -33.44 39.83 -18.50
C GLN A 60 -34.39 40.44 -19.55
N GLN A 61 -34.78 41.70 -19.41
CA GLN A 61 -35.36 42.49 -20.48
C GLN A 61 -34.39 43.58 -20.96
N TYR A 62 -33.92 44.40 -20.04
CA TYR A 62 -33.06 45.50 -20.38
C TYR A 62 -31.66 45.04 -20.76
N CYS A 63 -31.25 43.86 -20.32
CA CYS A 63 -30.02 43.26 -20.76
C CYS A 63 -30.26 42.24 -21.85
N ASP A 64 -31.52 41.89 -22.07
CA ASP A 64 -31.87 41.16 -23.28
C ASP A 64 -31.68 42.05 -24.48
N ASP A 65 -32.22 43.27 -24.45
CA ASP A 65 -32.13 44.12 -25.63
C ASP A 65 -30.86 44.95 -25.68
N ASN A 66 -30.40 45.48 -24.55
CA ASN A 66 -29.23 46.37 -24.53
C ASN A 66 -28.26 45.90 -23.46
N PRO A 67 -27.37 44.99 -23.79
CA PRO A 67 -26.53 44.38 -22.75
C PRO A 67 -25.40 45.26 -22.25
N ASP A 68 -24.79 46.05 -23.12
CA ASP A 68 -23.59 46.78 -22.74
C ASP A 68 -23.82 48.00 -21.87
N ALA A 69 -25.04 48.26 -21.43
CA ALA A 69 -25.24 49.33 -20.49
C ALA A 69 -24.55 48.99 -19.18
N ALA A 70 -24.21 50.04 -18.42
CA ALA A 70 -23.41 49.89 -17.21
C ALA A 70 -24.11 49.08 -16.14
N GLU A 71 -25.42 48.92 -16.22
CA GLU A 71 -26.11 48.09 -15.26
C GLU A 71 -25.85 46.61 -15.48
N CYS A 72 -25.48 46.17 -16.68
CA CYS A 72 -25.18 44.75 -16.80
C CYS A 72 -24.00 44.43 -17.71
N ARG A 73 -22.99 45.28 -17.78
CA ARG A 73 -21.72 44.78 -18.28
C ARG A 73 -21.19 43.74 -17.31
N ILE A 74 -20.79 42.59 -17.81
CA ILE A 74 -20.09 41.60 -17.02
C ILE A 74 -18.84 41.19 -17.77
N TYR A 75 -17.69 41.60 -17.25
CA TYR A 75 -16.42 41.25 -17.85
C TYR A 75 -15.88 40.12 -17.00
N ASP A 76 -16.41 38.91 -17.27
CA ASP A 76 -16.18 37.76 -16.39
C ASP A 76 -14.76 37.29 -16.61
N ASP A 77 -13.83 37.96 -15.94
CA ASP A 77 -12.44 37.87 -16.31
C ASP A 77 -11.59 37.48 -15.12
N MET B 3 -2.14 40.17 -47.77
CA MET B 3 -2.53 41.16 -46.78
C MET B 3 -4.00 40.98 -46.40
N VAL B 4 -4.28 40.96 -45.11
CA VAL B 4 -5.60 40.59 -44.59
C VAL B 4 -6.28 41.83 -44.03
N ARG B 5 -7.45 42.16 -44.58
CA ARG B 5 -8.22 43.31 -44.14
C ARG B 5 -9.01 42.95 -42.90
N VAL B 6 -8.73 43.63 -41.79
CA VAL B 6 -9.31 43.28 -40.50
C VAL B 6 -10.10 44.45 -39.93
N ALA B 7 -10.95 44.12 -38.97
CA ALA B 7 -11.88 45.06 -38.41
C ALA B 7 -11.95 44.89 -36.90
N ILE B 8 -12.50 45.90 -36.24
CA ILE B 8 -12.56 45.96 -34.78
C ILE B 8 -13.98 46.30 -34.38
N ASN B 9 -14.62 45.42 -33.64
CA ASN B 9 -15.94 45.69 -33.09
C ASN B 9 -15.78 46.17 -31.66
N GLY B 10 -16.04 47.45 -31.46
CA GLY B 10 -16.04 48.00 -30.12
C GLY B 10 -14.69 48.62 -29.84
N PHE B 11 -14.62 49.93 -29.88
CA PHE B 11 -13.33 50.60 -29.78
C PHE B 11 -13.08 51.04 -28.34
N GLY B 12 -13.11 50.07 -27.45
CA GLY B 12 -12.90 50.32 -26.04
C GLY B 12 -11.46 50.20 -25.64
N ARG B 13 -11.19 49.66 -24.44
CA ARG B 13 -9.82 49.54 -23.97
C ARG B 13 -9.05 48.53 -24.80
N ILE B 14 -9.66 47.39 -25.08
CA ILE B 14 -8.99 46.37 -25.86
C ILE B 14 -8.84 46.83 -27.31
N GLY B 15 -9.83 47.58 -27.81
CA GLY B 15 -9.73 48.07 -29.16
C GLY B 15 -8.68 49.14 -29.33
N ARG B 16 -8.63 50.10 -28.40
CA ARG B 16 -7.61 51.13 -28.46
C ARG B 16 -6.22 50.55 -28.29
N ASN B 17 -6.08 49.57 -27.41
CA ASN B 17 -4.77 48.95 -27.27
C ASN B 17 -4.41 48.11 -28.48
N PHE B 18 -5.40 47.50 -29.13
CA PHE B 18 -5.14 46.74 -30.34
C PHE B 18 -4.68 47.65 -31.47
N MET B 19 -5.34 48.79 -31.60
CA MET B 19 -4.97 49.77 -32.59
C MET B 19 -3.59 50.34 -32.33
N ARG B 20 -3.27 50.61 -31.06
CA ARG B 20 -1.96 51.14 -30.73
C ARG B 20 -0.87 50.11 -30.96
N CYS B 21 -1.15 48.83 -30.68
CA CYS B 21 -0.18 47.77 -30.93
C CYS B 21 0.09 47.61 -32.42
N TRP B 22 -0.97 47.67 -33.23
CA TRP B 22 -0.77 47.55 -34.67
C TRP B 22 -0.05 48.77 -35.23
N LEU B 23 -0.26 49.93 -34.63
CA LEU B 23 0.54 51.08 -35.01
C LEU B 23 1.98 50.94 -34.58
N GLN B 24 2.27 50.11 -33.58
CA GLN B 24 3.65 49.90 -33.22
C GLN B 24 4.27 48.66 -33.85
N ARG B 25 3.49 47.84 -34.55
CA ARG B 25 3.99 46.64 -35.21
C ARG B 25 3.55 46.62 -36.66
N LYS B 26 3.71 47.74 -37.36
CA LYS B 26 3.09 47.91 -38.66
C LYS B 26 3.85 47.17 -39.75
N ALA B 27 5.18 47.19 -39.71
CA ALA B 27 5.96 46.74 -40.85
C ALA B 27 5.91 45.22 -41.00
N ASN B 28 5.86 44.50 -39.89
CA ASN B 28 5.87 43.05 -39.94
C ASN B 28 4.49 42.45 -40.01
N SER B 29 3.50 43.21 -40.48
CA SER B 29 2.10 42.83 -40.35
C SER B 29 1.53 42.41 -41.69
N LYS B 30 0.87 41.27 -41.70
CA LYS B 30 -0.01 40.88 -42.78
C LYS B 30 -1.42 41.39 -42.59
N LEU B 31 -1.62 42.23 -41.58
CA LEU B 31 -2.94 42.72 -41.22
C LEU B 31 -2.99 44.21 -41.51
N GLU B 32 -4.07 44.64 -42.14
CA GLU B 32 -4.34 46.04 -42.32
C GLU B 32 -5.69 46.34 -41.69
N ILE B 33 -5.68 47.23 -40.70
CA ILE B 33 -6.90 47.59 -40.00
C ILE B 33 -7.67 48.57 -40.87
N VAL B 34 -8.87 48.19 -41.29
CA VAL B 34 -9.64 49.00 -42.21
C VAL B 34 -10.98 49.41 -41.67
N GLY B 35 -11.48 48.81 -40.60
CA GLY B 35 -12.77 49.20 -40.09
C GLY B 35 -12.88 49.12 -38.58
N ILE B 36 -13.48 50.14 -37.97
CA ILE B 36 -13.81 50.09 -36.56
C ILE B 36 -15.25 50.55 -36.40
N ASN B 37 -15.88 50.15 -35.31
CA ASN B 37 -17.15 50.75 -34.96
C ASN B 37 -17.32 50.82 -33.46
N ASP B 38 -17.65 51.99 -32.98
CA ASP B 38 -17.93 52.20 -31.58
C ASP B 38 -19.29 52.89 -31.50
N THR B 39 -19.82 53.00 -30.30
CA THR B 39 -21.03 53.76 -30.09
C THR B 39 -20.79 55.26 -30.04
N SER B 40 -19.56 55.72 -30.27
CA SER B 40 -19.25 57.12 -30.32
C SER B 40 -19.00 57.57 -31.74
N ASP B 41 -19.07 58.88 -31.93
CA ASP B 41 -18.74 59.49 -33.20
C ASP B 41 -17.25 59.36 -33.48
N PRO B 42 -16.84 59.47 -34.75
CA PRO B 42 -15.41 59.37 -35.08
C PRO B 42 -14.57 60.54 -34.61
N ARG B 43 -15.16 61.62 -34.12
CA ARG B 43 -14.33 62.70 -33.62
C ARG B 43 -13.79 62.39 -32.23
N THR B 44 -14.57 61.68 -31.42
CA THR B 44 -14.21 61.49 -30.02
C THR B 44 -13.17 60.40 -29.85
N ASN B 45 -13.37 59.27 -30.52
CA ASN B 45 -12.51 58.12 -30.29
C ASN B 45 -11.13 58.30 -30.90
N ALA B 46 -10.96 59.21 -31.85
CA ALA B 46 -9.62 59.55 -32.28
C ALA B 46 -8.86 60.29 -31.19
N HIS B 47 -9.56 61.17 -30.48
CA HIS B 47 -8.97 61.81 -29.30
C HIS B 47 -8.64 60.80 -28.23
N LEU B 48 -9.55 59.86 -27.98
CA LEU B 48 -9.29 58.83 -26.99
C LEU B 48 -8.18 57.89 -27.42
N LEU B 49 -7.96 57.75 -28.72
CA LEU B 49 -6.82 56.96 -29.17
C LEU B 49 -5.53 57.73 -28.94
N LYS B 50 -5.52 59.02 -29.24
CA LYS B 50 -4.27 59.76 -29.14
C LYS B 50 -3.87 60.01 -27.69
N TYR B 51 -4.82 60.39 -26.86
CA TYR B 51 -4.54 60.74 -25.48
C TYR B 51 -5.10 59.65 -24.60
N ASP B 52 -4.30 58.63 -24.36
CA ASP B 52 -4.68 57.60 -23.40
C ASP B 52 -4.15 58.01 -22.04
N SER B 53 -5.02 58.02 -21.04
CA SER B 53 -4.59 58.41 -19.71
C SER B 53 -3.85 57.30 -18.98
N MET B 54 -3.57 56.20 -19.64
CA MET B 54 -2.80 55.10 -19.08
C MET B 54 -1.47 54.89 -19.76
N LEU B 55 -1.44 55.00 -21.08
CA LEU B 55 -0.21 54.81 -21.83
C LEU B 55 0.35 56.14 -22.32
N GLY B 56 -0.14 57.24 -21.80
CA GLY B 56 0.37 58.53 -22.17
C GLY B 56 -0.09 58.95 -23.55
N ILE B 57 0.52 60.02 -24.01
CA ILE B 57 0.22 60.54 -25.34
C ILE B 57 0.94 59.68 -26.36
N PHE B 58 0.23 59.29 -27.42
CA PHE B 58 0.89 58.57 -28.49
C PHE B 58 1.79 59.51 -29.26
N GLN B 59 2.95 59.01 -29.68
CA GLN B 59 4.01 59.86 -30.14
C GLN B 59 4.47 59.60 -31.57
N ASP B 60 4.39 58.35 -32.04
CA ASP B 60 5.08 57.97 -33.26
C ASP B 60 4.39 58.51 -34.50
N ALA B 61 3.06 58.47 -34.53
CA ALA B 61 2.31 58.82 -35.72
C ALA B 61 1.26 59.85 -35.36
N GLU B 62 0.77 60.55 -36.38
CA GLU B 62 -0.21 61.61 -36.16
C GLU B 62 -1.61 61.06 -36.24
N ILE B 63 -2.45 61.51 -35.32
CA ILE B 63 -3.82 61.06 -35.22
C ILE B 63 -4.72 62.25 -35.51
N THR B 64 -5.59 62.11 -36.50
CA THR B 64 -6.63 63.08 -36.73
C THR B 64 -7.84 62.36 -37.29
N ALA B 65 -8.96 63.08 -37.34
CA ALA B 65 -10.16 62.48 -37.87
C ALA B 65 -11.12 63.56 -38.36
N ASP B 66 -11.99 63.14 -39.27
CA ASP B 66 -13.23 63.84 -39.55
C ASP B 66 -14.36 62.86 -39.37
N ASP B 67 -15.58 63.26 -39.71
CA ASP B 67 -16.76 62.50 -39.33
C ASP B 67 -16.96 61.20 -40.11
N ASP B 68 -16.06 60.80 -41.00
CA ASP B 68 -16.28 59.58 -41.76
C ASP B 68 -15.07 58.65 -41.74
N CYS B 69 -13.88 59.21 -41.55
CA CYS B 69 -12.68 58.41 -41.54
C CYS B 69 -11.73 58.93 -40.46
N ILE B 70 -10.73 58.12 -40.15
CA ILE B 70 -9.71 58.48 -39.17
C ILE B 70 -8.36 58.31 -39.83
N TYR B 71 -7.55 59.36 -39.82
CA TYR B 71 -6.21 59.31 -40.39
C TYR B 71 -5.23 59.11 -39.26
N ALA B 72 -4.68 57.91 -39.18
CA ALA B 72 -3.64 57.55 -38.24
C ALA B 72 -2.34 57.48 -39.00
N GLY B 73 -1.50 58.50 -38.82
CA GLY B 73 -0.18 58.54 -39.44
C GLY B 73 -0.21 58.58 -40.94
N GLY B 74 -1.21 59.22 -41.52
CA GLY B 74 -1.43 59.17 -42.94
C GLY B 74 -2.25 57.99 -43.40
N HIS B 75 -2.25 56.90 -42.63
CA HIS B 75 -3.02 55.73 -42.99
C HIS B 75 -4.49 55.97 -42.67
N ALA B 76 -5.35 55.80 -43.65
CA ALA B 76 -6.77 56.02 -43.45
C ALA B 76 -7.43 54.76 -42.92
N VAL B 77 -8.43 54.92 -42.06
CA VAL B 77 -9.24 53.81 -41.59
C VAL B 77 -10.69 54.24 -41.53
N LYS B 78 -11.58 53.37 -41.98
CA LYS B 78 -13.00 53.66 -41.97
C LYS B 78 -13.57 53.45 -40.58
N CYS B 79 -14.72 54.04 -40.34
CA CYS B 79 -15.34 54.04 -39.04
C CYS B 79 -16.83 54.33 -39.16
N VAL B 80 -17.62 53.61 -38.38
CA VAL B 80 -19.08 53.67 -38.46
C VAL B 80 -19.58 53.50 -37.03
N SER B 81 -20.89 53.64 -36.83
CA SER B 81 -21.47 53.48 -35.50
C SER B 81 -22.82 52.78 -35.63
N ASP B 82 -22.92 51.58 -35.09
CA ASP B 82 -24.19 50.86 -35.03
C ASP B 82 -24.10 49.80 -33.95
N ARG B 83 -25.20 49.63 -33.23
CA ARG B 83 -25.28 48.58 -32.23
C ARG B 83 -25.79 47.27 -32.79
N ASN B 84 -26.59 47.31 -33.83
CA ASN B 84 -26.98 46.09 -34.51
C ASN B 84 -25.81 45.59 -35.34
N PRO B 85 -25.31 44.38 -35.11
CA PRO B 85 -24.25 43.85 -35.97
C PRO B 85 -24.73 43.45 -37.34
N GLU B 86 -26.03 43.36 -37.56
CA GLU B 86 -26.56 42.89 -38.83
C GLU B 86 -26.62 43.97 -39.88
N ASN B 87 -26.54 45.24 -39.50
CA ASN B 87 -26.58 46.33 -40.46
C ASN B 87 -25.19 46.87 -40.75
N LEU B 88 -24.19 46.01 -40.77
CA LEU B 88 -22.86 46.57 -40.86
C LEU B 88 -22.20 46.28 -42.18
N PRO B 89 -21.53 47.27 -42.75
CA PRO B 89 -20.92 47.09 -44.09
C PRO B 89 -19.69 46.22 -44.07
N TRP B 90 -19.86 44.91 -44.00
CA TRP B 90 -18.66 44.08 -43.98
C TRP B 90 -18.25 43.66 -45.37
N SER B 91 -19.17 43.07 -46.13
CA SER B 91 -18.89 42.71 -47.51
C SER B 91 -18.67 43.94 -48.37
N ALA B 92 -19.26 45.07 -47.99
CA ALA B 92 -18.97 46.34 -48.65
C ALA B 92 -17.55 46.81 -48.38
N TRP B 93 -16.92 46.32 -47.32
CA TRP B 93 -15.57 46.73 -47.01
C TRP B 93 -14.56 45.63 -47.23
N GLY B 94 -15.00 44.39 -47.46
CA GLY B 94 -14.07 43.31 -47.72
C GLY B 94 -13.33 42.86 -46.47
N ILE B 95 -14.06 42.30 -45.51
CA ILE B 95 -13.53 42.03 -44.18
C ILE B 95 -13.34 40.53 -44.02
N ASP B 96 -12.09 40.12 -43.83
CA ASP B 96 -11.82 38.72 -43.54
C ASP B 96 -12.05 38.43 -42.07
N LEU B 97 -11.40 39.19 -41.21
CA LEU B 97 -11.40 38.93 -39.77
C LEU B 97 -11.89 40.16 -39.04
N VAL B 98 -12.92 39.98 -38.23
CA VAL B 98 -13.40 41.02 -37.33
C VAL B 98 -13.03 40.61 -35.92
N ILE B 99 -12.67 41.59 -35.11
CA ILE B 99 -12.16 41.39 -33.78
C ILE B 99 -13.26 41.83 -32.83
N GLU B 100 -13.99 40.86 -32.29
CA GLU B 100 -15.07 41.17 -31.37
C GLU B 100 -14.51 41.57 -30.02
N ALA B 101 -14.78 42.80 -29.62
CA ALA B 101 -14.25 43.31 -28.37
C ALA B 101 -15.27 44.17 -27.63
N THR B 102 -16.55 43.88 -27.77
CA THR B 102 -17.54 44.66 -27.06
C THR B 102 -17.90 44.08 -25.72
N GLY B 103 -17.57 42.82 -25.47
CA GLY B 103 -18.04 42.18 -24.26
C GLY B 103 -19.51 41.88 -24.27
N VAL B 104 -20.14 41.89 -25.45
CA VAL B 104 -21.56 41.68 -25.58
C VAL B 104 -21.87 40.39 -26.31
N PHE B 105 -21.07 40.02 -27.29
CA PHE B 105 -21.44 39.02 -28.29
C PHE B 105 -20.77 37.69 -28.00
N THR B 106 -20.69 37.34 -26.71
CA THR B 106 -19.95 36.17 -26.26
C THR B 106 -20.54 34.85 -26.73
N SER B 107 -21.82 34.81 -27.08
CA SER B 107 -22.38 33.55 -27.56
C SER B 107 -21.93 33.28 -28.99
N ARG B 108 -22.11 32.03 -29.41
CA ARG B 108 -21.89 31.69 -30.81
C ARG B 108 -22.91 32.37 -31.70
N GLU B 109 -24.16 32.40 -31.26
CA GLU B 109 -25.21 33.01 -32.07
C GLU B 109 -25.06 34.52 -32.13
N GLY B 110 -24.46 35.11 -31.10
CA GLY B 110 -24.24 36.54 -31.13
C GLY B 110 -23.10 36.88 -32.05
N ALA B 111 -21.99 36.14 -31.92
CA ALA B 111 -20.80 36.46 -32.70
C ALA B 111 -20.98 36.07 -34.14
N SER B 112 -21.82 35.08 -34.43
CA SER B 112 -22.04 34.62 -35.79
C SER B 112 -22.87 35.61 -36.61
N LYS B 113 -23.43 36.63 -35.96
CA LYS B 113 -24.13 37.68 -36.69
C LYS B 113 -23.20 38.43 -37.63
N HIS B 114 -21.94 38.57 -37.27
CA HIS B 114 -20.98 39.18 -38.17
C HIS B 114 -20.65 38.26 -39.34
N LEU B 115 -20.61 36.96 -39.08
CA LEU B 115 -20.39 36.00 -40.16
C LEU B 115 -21.56 36.03 -41.13
N SER B 116 -22.76 36.17 -40.60
CA SER B 116 -23.94 36.28 -41.46
C SER B 116 -23.93 37.60 -42.23
N ALA B 117 -23.53 38.68 -41.57
CA ALA B 117 -23.59 40.00 -42.17
C ALA B 117 -22.49 40.24 -43.19
N GLY B 118 -21.59 39.28 -43.38
CA GLY B 118 -20.64 39.40 -44.47
C GLY B 118 -19.19 39.46 -44.05
N ALA B 119 -18.86 38.83 -42.93
CA ALA B 119 -17.48 38.72 -42.51
C ALA B 119 -17.06 37.25 -42.55
N LYS B 120 -15.75 37.02 -42.75
CA LYS B 120 -15.29 35.67 -43.00
C LYS B 120 -14.84 34.95 -41.73
N LYS B 121 -14.08 35.61 -40.87
CA LYS B 121 -13.71 35.03 -39.59
C LYS B 121 -13.89 36.06 -38.49
N VAL B 122 -14.17 35.58 -37.29
CA VAL B 122 -14.33 36.43 -36.13
C VAL B 122 -13.44 35.90 -35.01
N LEU B 123 -12.68 36.80 -34.40
CA LEU B 123 -11.85 36.48 -33.24
C LEU B 123 -12.42 37.27 -32.09
N ILE B 124 -12.99 36.59 -31.12
CA ILE B 124 -13.64 37.26 -30.00
C ILE B 124 -12.72 37.24 -28.80
N THR B 125 -12.54 38.41 -28.19
CA THR B 125 -11.61 38.59 -27.09
C THR B 125 -12.33 38.47 -25.75
N ALA B 126 -12.95 37.31 -25.53
CA ALA B 126 -13.66 37.05 -24.29
C ALA B 126 -13.82 35.55 -24.15
N PRO B 127 -13.93 35.04 -22.95
CA PRO B 127 -14.32 33.65 -22.80
C PRO B 127 -15.77 33.46 -23.18
N GLY B 128 -16.01 32.87 -24.34
CA GLY B 128 -17.35 32.83 -24.88
C GLY B 128 -18.19 31.75 -24.22
N LYS B 129 -19.49 32.02 -24.14
CA LYS B 129 -20.43 30.98 -23.76
C LYS B 129 -20.51 29.96 -24.86
N GLY B 130 -20.72 28.71 -24.47
CA GLY B 130 -20.83 27.62 -25.42
C GLY B 130 -19.49 27.17 -25.94
N ASN B 131 -19.51 26.07 -26.68
CA ASN B 131 -18.30 25.41 -27.12
C ASN B 131 -17.70 26.16 -28.31
N ILE B 132 -17.13 27.31 -28.00
CA ILE B 132 -16.38 28.08 -28.99
C ILE B 132 -14.92 27.65 -28.84
N PRO B 133 -14.21 27.39 -29.94
CA PRO B 133 -12.82 26.94 -29.83
C PRO B 133 -11.92 28.07 -29.32
N THR B 134 -11.30 27.84 -28.17
CA THR B 134 -10.45 28.84 -27.53
C THR B 134 -8.98 28.53 -27.75
N TYR B 135 -8.19 29.58 -27.94
CA TYR B 135 -6.79 29.42 -28.28
C TYR B 135 -5.96 30.50 -27.58
N VAL B 136 -4.89 30.07 -26.95
CA VAL B 136 -3.97 30.95 -26.25
C VAL B 136 -2.63 30.90 -26.97
N VAL B 137 -2.08 32.07 -27.28
CA VAL B 137 -0.76 32.11 -27.90
C VAL B 137 0.28 31.68 -26.89
N GLY B 138 1.08 30.69 -27.25
CA GLY B 138 2.09 30.14 -26.37
C GLY B 138 1.71 28.81 -25.77
N VAL B 139 0.47 28.38 -25.90
CA VAL B 139 0.09 27.07 -25.40
C VAL B 139 -0.41 26.22 -26.55
N ASN B 140 -1.49 26.65 -27.18
CA ASN B 140 -2.11 25.89 -28.25
C ASN B 140 -2.54 26.79 -29.38
N HIS B 141 -1.68 27.73 -29.75
CA HIS B 141 -1.98 28.54 -30.92
C HIS B 141 -1.68 27.82 -32.22
N HIS B 142 -1.15 26.60 -32.16
CA HIS B 142 -0.92 25.84 -33.37
C HIS B 142 -2.10 24.97 -33.76
N THR B 143 -2.84 24.48 -32.77
CA THR B 143 -3.76 23.38 -32.96
C THR B 143 -5.14 23.84 -33.38
N TYR B 144 -5.27 25.00 -34.00
CA TYR B 144 -6.56 25.45 -34.50
C TYR B 144 -6.72 24.98 -35.94
N ASP B 145 -7.92 24.56 -36.26
CA ASP B 145 -8.23 24.26 -37.65
C ASP B 145 -8.63 25.55 -38.35
N PRO B 146 -8.05 25.86 -39.52
CA PRO B 146 -8.35 27.13 -40.18
C PRO B 146 -9.76 27.25 -40.73
N SER B 147 -10.55 26.18 -40.76
CA SER B 147 -11.96 26.35 -41.05
C SER B 147 -12.76 26.82 -39.84
N GLU B 148 -12.18 26.80 -38.65
CA GLU B 148 -12.83 27.38 -37.49
C GLU B 148 -12.76 28.89 -37.64
N ASP B 149 -13.83 29.49 -38.13
CA ASP B 149 -13.91 30.91 -38.36
C ASP B 149 -14.24 31.70 -37.12
N ILE B 150 -14.90 31.08 -36.15
CA ILE B 150 -15.26 31.71 -34.90
C ILE B 150 -14.36 31.19 -33.78
N VAL B 151 -13.27 31.90 -33.52
CA VAL B 151 -12.32 31.49 -32.50
C VAL B 151 -12.42 32.46 -31.35
N SER B 152 -11.97 32.01 -30.18
CA SER B 152 -12.02 32.85 -28.99
C SER B 152 -10.69 32.82 -28.29
N ASN B 153 -10.16 34.01 -28.02
CA ASN B 153 -9.14 34.15 -27.01
C ASN B 153 -9.83 34.17 -25.66
N ALA B 154 -9.14 33.66 -24.66
CA ALA B 154 -9.74 33.56 -23.33
C ALA B 154 -9.63 34.91 -22.61
N SER B 155 -9.91 34.92 -21.32
CA SER B 155 -9.71 36.13 -20.56
C SER B 155 -8.24 36.39 -20.34
N CYS B 156 -7.95 37.60 -19.88
CA CYS B 156 -6.59 38.02 -19.60
C CYS B 156 -5.97 37.20 -18.48
N THR B 157 -6.79 36.83 -17.48
CA THR B 157 -6.28 36.01 -16.38
C THR B 157 -5.89 34.63 -16.87
N THR B 158 -6.72 34.03 -17.71
CA THR B 158 -6.40 32.74 -18.30
C THR B 158 -5.20 32.86 -19.22
N ASN B 159 -5.13 33.96 -19.97
CA ASN B 159 -4.05 34.16 -20.91
C ASN B 159 -2.73 34.35 -20.19
N CYS B 160 -2.76 34.87 -18.97
CA CYS B 160 -1.55 34.89 -18.18
C CYS B 160 -1.24 33.54 -17.55
N LEU B 161 -2.26 32.89 -17.00
CA LEU B 161 -2.04 31.77 -16.11
C LEU B 161 -1.66 30.51 -16.86
N ALA B 162 -2.29 30.28 -18.01
CA ALA B 162 -2.11 29.02 -18.74
C ALA B 162 -0.68 28.69 -19.20
N PRO B 163 0.20 29.63 -19.57
CA PRO B 163 1.57 29.19 -19.87
C PRO B 163 2.32 28.66 -18.66
N ILE B 164 2.12 29.27 -17.50
CA ILE B 164 2.74 28.78 -16.27
C ILE B 164 2.22 27.40 -15.93
N VAL B 165 0.91 27.18 -16.11
CA VAL B 165 0.34 25.88 -15.81
C VAL B 165 0.80 24.85 -16.82
N LYS B 166 1.05 25.27 -18.07
CA LYS B 166 1.60 24.35 -19.05
C LYS B 166 3.00 23.91 -18.68
N VAL B 167 3.85 24.86 -18.27
CA VAL B 167 5.22 24.54 -17.89
C VAL B 167 5.25 23.63 -16.67
N LEU B 168 4.45 23.96 -15.65
CA LEU B 168 4.46 23.14 -14.44
C LEU B 168 3.79 21.81 -14.64
N HIS B 169 2.86 21.69 -15.59
CA HIS B 169 2.27 20.40 -15.83
C HIS B 169 3.20 19.50 -16.61
N GLU B 170 3.97 20.07 -17.53
CA GLU B 170 4.92 19.26 -18.28
C GLU B 170 6.10 18.85 -17.42
N ALA B 171 6.56 19.74 -16.55
CA ALA B 171 7.77 19.42 -15.80
C ALA B 171 7.46 18.59 -14.57
N PHE B 172 6.30 18.76 -13.95
CA PHE B 172 6.07 18.13 -12.67
C PHE B 172 4.81 17.29 -12.64
N GLY B 173 3.81 17.68 -13.40
CA GLY B 173 2.53 17.00 -13.31
C GLY B 173 1.70 17.59 -12.20
N ILE B 174 0.45 17.91 -12.50
CA ILE B 174 -0.42 18.65 -11.59
C ILE B 174 -1.60 17.76 -11.22
N GLN B 175 -1.85 17.64 -9.92
CA GLN B 175 -3.09 16.98 -9.50
C GLN B 175 -4.23 17.99 -9.44
N GLN B 176 -4.07 19.01 -8.61
CA GLN B 176 -5.09 20.04 -8.46
C GLN B 176 -4.43 21.39 -8.49
N GLY B 177 -5.25 22.44 -8.57
CA GLY B 177 -4.69 23.76 -8.56
C GLY B 177 -5.69 24.88 -8.34
N MET B 178 -5.37 25.77 -7.42
CA MET B 178 -6.14 26.96 -7.13
C MET B 178 -5.45 28.18 -7.71
N MET B 179 -6.20 29.27 -7.81
CA MET B 179 -5.60 30.55 -8.15
C MET B 179 -6.41 31.65 -7.50
N THR B 180 -5.77 32.79 -7.29
CA THR B 180 -6.50 33.96 -6.77
C THR B 180 -5.83 35.18 -7.36
N THR B 181 -6.41 35.71 -8.42
CA THR B 181 -5.81 36.83 -9.10
C THR B 181 -6.25 38.14 -8.46
N THR B 182 -5.28 38.95 -8.09
CA THR B 182 -5.54 40.30 -7.62
C THR B 182 -5.59 41.18 -8.85
N HIS B 183 -6.79 41.56 -9.24
CA HIS B 183 -7.08 42.03 -10.57
C HIS B 183 -7.27 43.54 -10.53
N SER B 184 -6.83 44.22 -11.57
CA SER B 184 -7.10 45.65 -11.63
C SER B 184 -8.57 45.88 -11.95
N TYR B 185 -9.09 47.04 -11.60
CA TYR B 185 -10.50 47.26 -11.83
C TYR B 185 -10.76 47.50 -13.30
N THR B 186 -11.83 46.89 -13.80
CA THR B 186 -12.20 46.97 -15.20
C THR B 186 -13.37 47.92 -15.37
N GLY B 187 -13.77 48.13 -16.62
CA GLY B 187 -14.80 49.10 -16.89
C GLY B 187 -16.19 48.67 -16.50
N ASP B 188 -16.40 47.40 -16.19
CA ASP B 188 -17.74 46.93 -15.88
C ASP B 188 -18.23 47.41 -14.53
N GLN B 189 -17.33 47.73 -13.62
CA GLN B 189 -17.75 48.13 -12.28
C GLN B 189 -18.26 49.55 -12.31
N ARG B 190 -19.29 49.79 -11.51
CA ARG B 190 -19.81 51.14 -11.44
C ARG B 190 -18.90 51.96 -10.56
N LEU B 191 -18.80 53.25 -10.89
CA LEU B 191 -17.86 54.13 -10.20
C LEU B 191 -18.33 54.42 -8.79
N LEU B 192 -19.48 55.03 -8.65
CA LEU B 192 -20.09 55.09 -7.34
C LEU B 192 -21.04 53.92 -7.19
N ASP B 193 -21.68 53.81 -6.04
CA ASP B 193 -22.53 52.67 -5.79
C ASP B 193 -23.79 52.78 -6.61
N ALA B 194 -23.79 52.18 -7.78
CA ALA B 194 -24.92 52.28 -8.68
C ALA B 194 -25.49 50.90 -8.95
N SER B 195 -26.67 50.89 -9.56
CA SER B 195 -27.41 49.66 -9.78
C SER B 195 -26.74 48.82 -10.84
N HIS B 196 -26.61 47.53 -10.57
CA HIS B 196 -25.86 46.67 -11.45
C HIS B 196 -26.39 45.26 -11.31
N ARG B 197 -26.15 44.44 -12.34
CA ARG B 197 -26.74 43.10 -12.38
C ARG B 197 -26.17 42.21 -11.29
N ASP B 198 -24.87 42.25 -11.07
CA ASP B 198 -24.25 41.54 -9.98
C ASP B 198 -23.94 42.51 -8.85
N LEU B 199 -24.18 42.06 -7.63
CA LEU B 199 -24.15 42.96 -6.48
C LEU B 199 -22.73 43.33 -6.08
N ARG B 200 -21.79 42.42 -6.24
CA ARG B 200 -20.42 42.74 -5.86
C ARG B 200 -19.71 43.59 -6.89
N ARG B 201 -20.25 43.73 -8.08
CA ARG B 201 -19.75 44.73 -9.00
C ARG B 201 -20.53 46.02 -8.94
N ALA B 202 -21.58 46.05 -8.14
CA ALA B 202 -22.37 47.26 -8.02
C ALA B 202 -21.72 48.30 -7.15
N ARG B 203 -20.70 47.95 -6.40
CA ARG B 203 -20.19 48.85 -5.40
C ARG B 203 -19.05 49.67 -6.00
N ALA B 204 -18.50 50.58 -5.20
CA ALA B 204 -17.56 51.55 -5.73
C ALA B 204 -16.22 50.91 -6.04
N ALA B 205 -15.64 51.31 -7.16
CA ALA B 205 -14.42 50.67 -7.63
C ALA B 205 -13.17 51.28 -7.02
N ALA B 206 -13.15 52.59 -6.84
CA ALA B 206 -11.96 53.23 -6.31
C ALA B 206 -11.80 53.02 -4.81
N MET B 207 -12.83 52.53 -4.15
CA MET B 207 -12.83 52.46 -2.70
C MET B 207 -12.55 51.06 -2.18
N ASN B 208 -12.81 50.02 -2.97
CA ASN B 208 -13.07 48.72 -2.39
C ASN B 208 -12.24 47.62 -3.03
N ILE B 209 -11.84 46.67 -2.21
CA ILE B 209 -11.48 45.35 -2.70
C ILE B 209 -12.81 44.64 -2.93
N VAL B 210 -13.26 44.52 -4.16
CA VAL B 210 -14.48 43.76 -4.44
C VAL B 210 -14.07 42.38 -4.91
N PRO B 211 -14.58 41.33 -4.30
CA PRO B 211 -14.28 39.99 -4.79
C PRO B 211 -15.28 39.59 -5.85
N THR B 212 -14.86 38.65 -6.69
CA THR B 212 -15.77 38.12 -7.67
C THR B 212 -15.39 36.69 -7.97
N SER B 213 -16.38 35.91 -8.34
CA SER B 213 -16.15 34.54 -8.75
C SER B 213 -15.98 34.52 -10.26
N THR B 214 -14.95 33.83 -10.72
CA THR B 214 -14.72 33.70 -12.14
C THR B 214 -14.54 32.24 -12.50
N GLY B 215 -14.92 31.91 -13.72
CA GLY B 215 -14.66 30.63 -14.32
C GLY B 215 -13.47 30.66 -15.25
N ALA B 216 -12.72 31.75 -15.26
CA ALA B 216 -11.59 31.87 -16.17
C ALA B 216 -10.44 30.99 -15.75
N ALA B 217 -10.42 30.52 -14.51
CA ALA B 217 -9.48 29.47 -14.15
C ALA B 217 -9.83 28.16 -14.83
N LYS B 218 -11.12 27.89 -15.01
CA LYS B 218 -11.52 26.66 -15.68
C LYS B 218 -11.22 26.67 -17.16
N ALA B 219 -11.01 27.85 -17.75
CA ALA B 219 -10.67 27.93 -19.17
C ALA B 219 -9.29 27.37 -19.45
N VAL B 220 -8.43 27.27 -18.44
CA VAL B 220 -7.19 26.54 -18.59
C VAL B 220 -7.49 25.08 -18.86
N GLY B 221 -8.53 24.55 -18.23
CA GLY B 221 -8.98 23.20 -18.51
C GLY B 221 -9.55 23.02 -19.91
N LEU B 222 -9.96 24.11 -20.55
CA LEU B 222 -10.27 24.01 -21.97
C LEU B 222 -8.99 24.00 -22.78
N VAL B 223 -8.09 24.95 -22.54
CA VAL B 223 -6.91 25.02 -23.41
C VAL B 223 -5.88 23.95 -23.07
N ILE B 224 -5.91 23.40 -21.87
CA ILE B 224 -5.19 22.18 -21.54
C ILE B 224 -6.22 21.12 -21.17
N PRO B 225 -6.42 20.10 -22.01
CA PRO B 225 -7.61 19.25 -21.84
C PRO B 225 -7.54 18.32 -20.65
N GLU B 226 -6.36 17.84 -20.30
CA GLU B 226 -6.23 16.84 -19.24
C GLU B 226 -6.26 17.44 -17.85
N LEU B 227 -6.54 18.73 -17.70
CA LEU B 227 -6.65 19.35 -16.40
C LEU B 227 -8.03 19.94 -16.16
N GLN B 228 -9.00 19.62 -17.00
CA GLN B 228 -10.33 20.21 -16.88
C GLN B 228 -11.03 19.65 -15.65
N GLY B 229 -11.73 20.52 -14.94
CA GLY B 229 -12.34 20.14 -13.68
C GLY B 229 -11.38 20.03 -12.53
N LYS B 230 -10.16 20.52 -12.69
CA LYS B 230 -9.16 20.47 -11.64
C LYS B 230 -8.63 21.85 -11.28
N LEU B 231 -9.07 22.90 -11.95
CA LEU B 231 -8.53 24.24 -11.75
C LEU B 231 -9.68 25.19 -11.48
N ASN B 232 -9.62 25.90 -10.37
CA ASN B 232 -10.69 26.82 -10.04
C ASN B 232 -10.11 27.95 -9.21
N GLY B 233 -10.74 29.12 -9.27
CA GLY B 233 -10.21 30.22 -8.49
C GLY B 233 -11.11 31.43 -8.54
N ILE B 234 -10.81 32.38 -7.66
CA ILE B 234 -11.59 33.60 -7.54
C ILE B 234 -10.74 34.79 -7.96
N ALA B 235 -11.33 35.97 -7.98
CA ALA B 235 -10.60 37.17 -8.36
C ALA B 235 -10.90 38.27 -7.36
N LEU B 236 -9.91 39.15 -7.18
CA LEU B 236 -10.03 40.28 -6.28
C LEU B 236 -9.72 41.53 -7.08
N ARG B 237 -10.69 42.43 -7.16
CA ARG B 237 -10.53 43.68 -7.86
C ARG B 237 -10.16 44.74 -6.85
N VAL B 238 -8.99 45.33 -7.01
CA VAL B 238 -8.48 46.31 -6.07
C VAL B 238 -8.29 47.61 -6.82
N PRO B 239 -8.30 48.73 -6.13
CA PRO B 239 -8.20 50.01 -6.85
C PRO B 239 -6.86 50.35 -7.47
N THR B 240 -6.38 49.53 -8.39
CA THR B 240 -5.30 49.91 -9.28
C THR B 240 -5.84 49.94 -10.70
N PRO B 241 -5.48 50.91 -11.48
CA PRO B 241 -6.13 51.06 -12.77
C PRO B 241 -5.64 50.10 -13.84
N ASN B 242 -4.37 49.72 -13.86
CA ASN B 242 -3.87 49.08 -15.06
C ASN B 242 -3.47 47.63 -14.88
N VAL B 243 -2.53 47.32 -14.02
CA VAL B 243 -1.82 46.05 -14.10
C VAL B 243 -2.34 45.17 -12.98
N SER B 244 -2.04 43.87 -13.04
CA SER B 244 -2.58 42.99 -12.03
C SER B 244 -1.60 41.86 -11.78
N VAL B 245 -1.84 41.12 -10.70
CA VAL B 245 -1.01 39.99 -10.36
C VAL B 245 -1.92 38.81 -10.07
N VAL B 246 -1.45 37.61 -10.40
CA VAL B 246 -2.20 36.40 -10.18
C VAL B 246 -1.40 35.47 -9.28
N ASP B 247 -2.03 35.04 -8.20
CA ASP B 247 -1.50 34.00 -7.34
C ASP B 247 -1.94 32.66 -7.89
N PHE B 248 -1.08 31.67 -7.75
CA PHE B 248 -1.39 30.34 -8.27
C PHE B 248 -0.84 29.28 -7.34
N VAL B 249 -1.72 28.49 -6.77
CA VAL B 249 -1.38 27.39 -5.90
C VAL B 249 -1.67 26.11 -6.63
N ALA B 250 -0.64 25.35 -6.94
CA ALA B 250 -0.81 24.04 -7.54
C ALA B 250 -0.37 22.96 -6.56
N GLN B 251 -0.95 21.79 -6.72
CA GLN B 251 -0.57 20.61 -5.96
C GLN B 251 0.07 19.66 -6.96
N VAL B 252 1.39 19.77 -7.11
CA VAL B 252 2.12 18.87 -7.97
C VAL B 252 2.29 17.54 -7.26
N GLU B 253 2.67 16.52 -8.00
CA GLU B 253 2.93 15.20 -7.42
C GLU B 253 4.38 14.78 -7.47
N LYS B 254 5.16 15.26 -8.43
CA LYS B 254 6.59 15.03 -8.38
C LYS B 254 7.22 16.06 -7.46
N PRO B 255 7.77 15.65 -6.32
CA PRO B 255 8.21 16.63 -5.33
C PRO B 255 9.46 17.37 -5.75
N THR B 256 9.59 18.60 -5.25
CA THR B 256 10.67 19.50 -5.63
C THR B 256 10.80 20.60 -4.60
N ILE B 257 11.68 21.56 -4.86
CA ILE B 257 11.89 22.71 -3.99
C ILE B 257 11.61 23.99 -4.75
N ALA B 258 11.73 25.13 -4.05
CA ALA B 258 11.36 26.41 -4.62
C ALA B 258 12.36 26.89 -5.66
N GLU B 259 13.61 26.47 -5.55
CA GLU B 259 14.60 26.94 -6.50
C GLU B 259 14.44 26.25 -7.84
N GLN B 260 14.00 25.00 -7.81
CA GLN B 260 13.98 24.19 -9.02
C GLN B 260 12.87 24.62 -9.96
N VAL B 261 11.71 25.01 -9.41
CA VAL B 261 10.63 25.49 -10.27
C VAL B 261 11.00 26.82 -10.89
N ASN B 262 11.76 27.65 -10.17
CA ASN B 262 12.27 28.88 -10.75
C ASN B 262 13.25 28.60 -11.87
N GLN B 263 14.09 27.57 -11.69
CA GLN B 263 15.02 27.16 -12.74
C GLN B 263 14.27 26.66 -13.98
N VAL B 264 13.21 25.87 -13.77
CA VAL B 264 12.43 25.32 -14.87
C VAL B 264 11.77 26.43 -15.65
N ILE B 265 11.15 27.38 -14.96
CA ILE B 265 10.48 28.46 -15.65
C ILE B 265 11.48 29.42 -16.28
N LYS B 266 12.68 29.54 -15.69
CA LYS B 266 13.68 30.40 -16.28
C LYS B 266 14.21 29.83 -17.59
N GLU B 267 14.43 28.53 -17.65
CA GLU B 267 14.87 27.98 -18.93
C GLU B 267 13.72 27.87 -19.92
N ALA B 268 12.49 27.72 -19.44
CA ALA B 268 11.35 27.73 -20.34
C ALA B 268 11.09 29.11 -20.90
N SER B 269 11.52 30.15 -20.18
CA SER B 269 11.47 31.51 -20.69
C SER B 269 12.43 31.74 -21.83
N GLU B 270 13.47 30.92 -21.93
CA GLU B 270 14.51 31.11 -22.91
C GLU B 270 14.50 30.09 -24.02
N THR B 271 13.70 29.03 -23.90
CA THR B 271 13.64 28.05 -24.98
C THR B 271 12.30 28.08 -25.72
N THR B 272 11.20 27.91 -25.02
CA THR B 272 9.91 27.71 -25.65
C THR B 272 8.96 28.88 -25.46
N MET B 273 8.86 29.40 -24.24
CA MET B 273 7.93 30.46 -23.92
C MET B 273 8.54 31.84 -24.11
N LYS B 274 9.53 31.95 -24.97
CA LYS B 274 10.19 33.23 -25.22
C LYS B 274 9.22 34.20 -25.87
N GLY B 275 9.12 35.39 -25.29
CA GLY B 275 8.12 36.34 -25.70
C GLY B 275 6.77 36.13 -25.05
N ILE B 276 6.57 35.03 -24.33
CA ILE B 276 5.34 34.82 -23.61
C ILE B 276 5.58 35.06 -22.13
N ILE B 277 6.53 34.34 -21.57
CA ILE B 277 6.85 34.42 -20.16
C ILE B 277 8.19 35.12 -20.03
N HIS B 278 8.21 36.22 -19.31
CA HIS B 278 9.46 36.85 -18.91
C HIS B 278 9.76 36.42 -17.48
N TYR B 279 11.04 36.40 -17.13
CA TYR B 279 11.47 35.97 -15.82
C TYR B 279 12.25 37.10 -15.18
N SER B 280 11.84 37.52 -13.99
CA SER B 280 12.39 38.70 -13.33
C SER B 280 12.82 38.35 -11.93
N GLU B 281 14.13 38.49 -11.66
CA GLU B 281 14.67 38.37 -10.31
C GLU B 281 14.93 39.72 -9.69
N LEU B 282 14.09 40.70 -10.00
CA LEU B 282 14.16 42.00 -9.38
C LEU B 282 13.04 42.12 -8.36
N GLU B 283 13.21 43.06 -7.43
CA GLU B 283 12.14 43.37 -6.48
C GLU B 283 11.26 44.51 -7.00
N LEU B 284 10.66 44.28 -8.15
CA LEU B 284 9.81 45.30 -8.73
C LEU B 284 8.45 45.30 -8.06
N VAL B 285 7.63 46.27 -8.45
CA VAL B 285 6.28 46.44 -7.97
C VAL B 285 5.40 46.59 -9.20
N SER B 286 4.12 46.86 -8.99
CA SER B 286 3.11 46.69 -10.02
C SER B 286 3.33 47.64 -11.19
N SER B 287 3.51 48.92 -10.91
CA SER B 287 3.58 49.91 -11.97
C SER B 287 4.83 49.83 -12.82
N ASP B 288 5.77 48.96 -12.50
CA ASP B 288 6.87 48.73 -13.41
C ASP B 288 6.53 47.67 -14.44
N TYR B 289 5.26 47.30 -14.58
CA TYR B 289 4.84 46.40 -15.63
C TYR B 289 3.79 47.01 -16.52
N ARG B 290 3.63 48.32 -16.49
CA ARG B 290 2.72 48.96 -17.43
C ARG B 290 3.39 48.98 -18.79
N GLY B 291 2.85 48.20 -19.72
CA GLY B 291 3.39 48.18 -21.06
C GLY B 291 4.44 47.11 -21.30
N HIS B 292 4.54 46.12 -20.43
CA HIS B 292 5.48 45.05 -20.67
C HIS B 292 4.93 44.13 -21.76
N ASN B 293 5.82 43.57 -22.57
CA ASN B 293 5.36 42.81 -23.73
C ASN B 293 5.01 41.38 -23.41
N ALA B 294 5.56 40.81 -22.35
CA ALA B 294 5.27 39.42 -22.03
C ALA B 294 3.89 39.30 -21.40
N SER B 295 3.28 38.15 -21.57
CA SER B 295 1.95 37.89 -21.05
C SER B 295 1.97 37.34 -19.63
N SER B 296 3.15 37.13 -19.06
CA SER B 296 3.29 36.75 -17.66
C SER B 296 4.72 37.04 -17.25
N ILE B 297 4.90 37.88 -16.27
CA ILE B 297 6.21 38.05 -15.66
C ILE B 297 6.17 37.29 -14.35
N LEU B 298 6.95 36.23 -14.27
CA LEU B 298 7.03 35.45 -13.05
C LEU B 298 7.83 36.20 -12.01
N ASP B 299 7.24 36.41 -10.85
CA ASP B 299 7.96 37.08 -9.77
C ASP B 299 8.76 36.01 -9.03
N ALA B 300 10.09 36.17 -9.02
CA ALA B 300 10.94 35.07 -8.61
C ALA B 300 11.02 34.93 -7.10
N SER B 301 11.06 36.05 -6.39
CA SER B 301 11.36 36.02 -4.97
C SER B 301 10.22 35.48 -4.12
N LEU B 302 9.05 35.26 -4.69
CA LEU B 302 7.90 34.86 -3.90
C LEU B 302 7.49 33.42 -4.13
N THR B 303 8.19 32.71 -5.00
CA THR B 303 7.83 31.33 -5.30
C THR B 303 8.13 30.45 -4.10
N MET B 304 7.16 29.64 -3.68
CA MET B 304 7.45 28.83 -2.51
C MET B 304 6.79 27.46 -2.60
N VAL B 305 7.41 26.49 -1.93
CA VAL B 305 6.99 25.10 -1.95
C VAL B 305 6.92 24.62 -0.51
N LEU B 306 5.77 24.09 -0.11
CA LEU B 306 5.63 23.49 1.20
C LEU B 306 5.37 22.01 1.08
N GLY B 307 6.13 21.21 1.83
CA GLY B 307 5.95 19.78 1.80
C GLY B 307 6.35 19.10 0.52
N GLY B 308 7.08 19.78 -0.36
CA GLY B 308 7.55 19.17 -1.58
C GLY B 308 6.53 19.13 -2.70
N ASN B 309 5.25 18.94 -2.38
CA ASN B 309 4.22 18.68 -3.37
C ASN B 309 3.17 19.79 -3.42
N LEU B 310 3.54 21.00 -3.05
CA LEU B 310 2.58 22.10 -2.99
C LEU B 310 3.31 23.39 -3.32
N VAL B 311 3.04 23.92 -4.51
CA VAL B 311 3.80 25.04 -5.06
C VAL B 311 2.89 26.25 -5.19
N LYS B 312 3.47 27.42 -4.98
CA LYS B 312 2.82 28.70 -5.18
C LYS B 312 3.72 29.60 -6.00
N VAL B 313 3.18 30.10 -7.10
CA VAL B 313 3.84 31.12 -7.89
C VAL B 313 2.93 32.34 -7.94
N VAL B 314 3.52 33.48 -8.26
CA VAL B 314 2.77 34.69 -8.55
C VAL B 314 3.29 35.26 -9.85
N ALA B 315 2.39 35.87 -10.61
CA ALA B 315 2.75 36.34 -11.93
C ALA B 315 2.15 37.71 -12.15
N TRP B 316 3.02 38.69 -12.41
CA TRP B 316 2.54 39.97 -12.86
C TRP B 316 2.08 39.85 -14.30
N TYR B 317 1.00 40.55 -14.64
CA TYR B 317 0.59 40.63 -16.03
C TYR B 317 -0.25 41.86 -16.24
N ASP B 318 -0.11 42.46 -17.41
CA ASP B 318 -0.86 43.64 -17.77
C ASP B 318 -2.08 43.20 -18.56
N ASN B 319 -3.25 43.42 -18.00
CA ASN B 319 -4.44 42.92 -18.66
C ASN B 319 -4.97 43.88 -19.70
N GLU B 320 -4.28 44.96 -19.99
CA GLU B 320 -4.69 45.85 -21.05
C GLU B 320 -3.70 45.95 -22.18
N TRP B 321 -2.43 45.66 -21.94
CA TRP B 321 -1.44 45.75 -23.00
C TRP B 321 -0.97 44.39 -23.48
N GLY B 322 -0.57 43.52 -22.56
CA GLY B 322 -0.11 42.21 -22.95
C GLY B 322 -1.21 41.36 -23.53
N TYR B 323 -2.44 41.54 -23.05
CA TYR B 323 -3.56 40.81 -23.62
C TYR B 323 -3.84 41.27 -25.04
N SER B 324 -3.71 42.56 -25.30
CA SER B 324 -3.82 43.06 -26.65
C SER B 324 -2.71 42.54 -27.53
N GLN B 325 -1.50 42.41 -26.97
CA GLN B 325 -0.40 41.82 -27.72
C GLN B 325 -0.69 40.38 -28.11
N ARG B 326 -1.30 39.62 -27.20
CA ARG B 326 -1.61 38.24 -27.55
C ARG B 326 -2.75 38.15 -28.53
N VAL B 327 -3.69 39.09 -28.47
CA VAL B 327 -4.74 39.16 -29.49
C VAL B 327 -4.16 39.42 -30.86
N LEU B 328 -3.23 40.37 -30.95
CA LEU B 328 -2.65 40.70 -32.24
C LEU B 328 -1.74 39.59 -32.73
N ASP B 329 -1.08 38.89 -31.82
CA ASP B 329 -0.25 37.76 -32.23
C ASP B 329 -1.11 36.62 -32.74
N LEU B 330 -2.25 36.38 -32.11
CA LEU B 330 -3.16 35.34 -32.59
C LEU B 330 -3.76 35.73 -33.92
N ALA B 331 -4.03 37.03 -34.12
CA ALA B 331 -4.58 37.48 -35.38
C ALA B 331 -3.57 37.33 -36.52
N GLU B 332 -2.31 37.71 -36.28
CA GLU B 332 -1.28 37.48 -37.27
C GLU B 332 -1.02 36.01 -37.51
N HIS B 333 -1.15 35.18 -36.47
CA HIS B 333 -0.89 33.76 -36.64
C HIS B 333 -2.02 33.09 -37.38
N MET B 334 -3.23 33.63 -37.31
CA MET B 334 -4.27 33.13 -38.19
C MET B 334 -4.22 33.75 -39.57
N ALA B 335 -3.55 34.88 -39.72
CA ALA B 335 -3.29 35.39 -41.05
C ALA B 335 -2.25 34.57 -41.77
N ALA B 336 -1.24 34.08 -41.03
CA ALA B 336 -0.19 33.27 -41.64
C ALA B 336 -0.67 31.90 -42.06
N HIS B 337 -1.78 31.43 -41.52
CA HIS B 337 -2.36 30.17 -41.95
C HIS B 337 -3.78 30.41 -42.44
N TRP B 338 -3.95 31.43 -43.26
CA TRP B 338 -5.24 31.70 -43.86
C TRP B 338 -5.61 30.57 -44.81
N ALA B 339 -6.88 30.18 -44.77
CA ALA B 339 -7.41 29.17 -45.68
C ALA B 339 -8.62 29.72 -46.41
N MET C 3 -50.80 64.56 5.63
CA MET C 3 -49.68 63.72 5.24
C MET C 3 -49.61 63.61 3.73
N VAL C 4 -48.42 63.81 3.17
CA VAL C 4 -48.24 63.94 1.73
C VAL C 4 -47.52 62.70 1.20
N ARG C 5 -48.16 62.01 0.28
CA ARG C 5 -47.60 60.80 -0.32
C ARG C 5 -46.62 61.20 -1.43
N VAL C 6 -45.35 60.83 -1.26
CA VAL C 6 -44.30 61.27 -2.16
C VAL C 6 -43.61 60.08 -2.80
N ALA C 7 -42.90 60.38 -3.89
CA ALA C 7 -42.31 59.35 -4.72
C ALA C 7 -40.92 59.79 -5.15
N ILE C 8 -40.12 58.82 -5.60
CA ILE C 8 -38.73 59.04 -5.96
C ILE C 8 -38.50 58.45 -7.34
N ASN C 9 -38.10 59.28 -8.29
CA ASN C 9 -37.74 58.80 -9.61
C ASN C 9 -36.23 58.66 -9.67
N GLY C 10 -35.77 57.42 -9.71
CA GLY C 10 -34.36 57.15 -9.88
C GLY C 10 -33.73 56.95 -8.54
N PHE C 11 -33.44 55.70 -8.19
CA PHE C 11 -32.97 55.41 -6.85
C PHE C 11 -31.45 55.32 -6.83
N GLY C 12 -30.82 56.42 -7.24
CA GLY C 12 -29.38 56.50 -7.31
C GLY C 12 -28.79 57.05 -6.03
N ARG C 13 -27.72 57.85 -6.15
CA ARG C 13 -27.07 58.39 -4.96
C ARG C 13 -27.98 59.38 -4.24
N ILE C 14 -28.62 60.26 -5.00
CA ILE C 14 -29.51 61.24 -4.39
C ILE C 14 -30.75 60.55 -3.85
N GLY C 15 -31.21 59.51 -4.53
CA GLY C 15 -32.39 58.81 -4.06
C GLY C 15 -32.11 58.01 -2.79
N ARG C 16 -30.99 57.30 -2.76
CA ARG C 16 -30.63 56.55 -1.56
C ARG C 16 -30.37 57.47 -0.39
N ASN C 17 -29.74 58.62 -0.64
CA ASN C 17 -29.53 59.55 0.45
C ASN C 17 -30.83 60.19 0.89
N PHE C 18 -31.77 60.41 -0.03
CA PHE C 18 -33.06 60.97 0.32
C PHE C 18 -33.84 60.00 1.19
N MET C 19 -33.80 58.72 0.81
CA MET C 19 -34.47 57.68 1.59
C MET C 19 -33.85 57.53 2.96
N ARG C 20 -32.52 57.61 3.05
CA ARG C 20 -31.86 57.48 4.33
C ARG C 20 -32.14 58.68 5.23
N CYS C 21 -32.22 59.88 4.63
CA CYS C 21 -32.56 61.08 5.40
C CYS C 21 -33.98 61.00 5.94
N TRP C 22 -34.91 60.53 5.12
CA TRP C 22 -36.28 60.42 5.60
C TRP C 22 -36.42 59.33 6.64
N LEU C 23 -35.60 58.28 6.56
CA LEU C 23 -35.56 57.32 7.63
C LEU C 23 -34.94 57.89 8.89
N GLN C 24 -34.13 58.93 8.79
CA GLN C 24 -33.61 59.54 9.98
C GLN C 24 -34.41 60.75 10.46
N ARG C 25 -35.39 61.20 9.70
CA ARG C 25 -36.23 62.33 10.09
C ARG C 25 -37.70 61.97 9.96
N LYS C 26 -38.07 60.81 10.49
CA LYS C 26 -39.38 60.25 10.22
C LYS C 26 -40.48 60.92 11.03
N ALA C 27 -40.21 61.22 12.30
CA ALA C 27 -41.28 61.64 13.20
C ALA C 27 -41.78 63.04 12.88
N ASN C 28 -40.91 63.92 12.45
CA ASN C 28 -41.29 65.31 12.18
C ASN C 28 -41.73 65.51 10.74
N SER C 29 -42.16 64.46 10.06
CA SER C 29 -42.36 64.51 8.62
C SER C 29 -43.84 64.50 8.29
N LYS C 30 -44.23 65.43 7.42
CA LYS C 30 -45.51 65.38 6.73
C LYS C 30 -45.44 64.59 5.45
N LEU C 31 -44.31 63.94 5.20
CA LEU C 31 -44.05 63.21 3.97
C LEU C 31 -44.00 61.74 4.28
N GLU C 32 -44.67 60.95 3.46
CA GLU C 32 -44.56 59.50 3.54
C GLU C 32 -44.10 59.01 2.16
N ILE C 33 -42.95 58.35 2.14
CA ILE C 33 -42.41 57.85 0.90
C ILE C 33 -43.12 56.57 0.54
N VAL C 34 -43.82 56.57 -0.59
CA VAL C 34 -44.64 55.43 -0.95
C VAL C 34 -44.24 54.81 -2.28
N GLY C 35 -43.45 55.47 -3.10
CA GLY C 35 -43.07 54.87 -4.36
C GLY C 35 -41.68 55.22 -4.82
N ILE C 36 -40.95 54.23 -5.32
CA ILE C 36 -39.65 54.47 -5.95
C ILE C 36 -39.64 53.71 -7.26
N ASN C 37 -38.80 54.14 -8.18
CA ASN C 37 -38.53 53.33 -9.35
C ASN C 37 -37.10 53.51 -9.82
N ASP C 38 -36.42 52.41 -10.02
CA ASP C 38 -35.08 52.41 -10.54
C ASP C 38 -35.07 51.45 -11.71
N THR C 39 -33.97 51.44 -12.44
CA THR C 39 -33.79 50.47 -13.50
C THR C 39 -33.35 49.11 -12.98
N SER C 40 -33.26 48.93 -11.67
CA SER C 40 -32.92 47.66 -11.08
C SER C 40 -34.14 47.02 -10.45
N ASP C 41 -34.01 45.73 -10.20
CA ASP C 41 -35.02 44.98 -9.49
C ASP C 41 -35.08 45.41 -8.02
N PRO C 42 -36.21 45.17 -7.35
CA PRO C 42 -36.31 45.54 -5.93
C PRO C 42 -35.44 44.73 -4.99
N ARG C 43 -34.81 43.64 -5.44
CA ARG C 43 -33.93 42.92 -4.54
C ARG C 43 -32.59 43.61 -4.39
N THR C 44 -32.11 44.26 -5.45
CA THR C 44 -30.77 44.79 -5.45
C THR C 44 -30.68 46.12 -4.71
N ASN C 45 -31.63 47.01 -4.98
CA ASN C 45 -31.54 48.35 -4.44
C ASN C 45 -31.85 48.41 -2.95
N ALA C 46 -32.52 47.39 -2.41
CA ALA C 46 -32.62 47.33 -0.95
C ALA C 46 -31.27 47.02 -0.33
N HIS C 47 -30.50 46.14 -0.96
CA HIS C 47 -29.13 45.90 -0.54
C HIS C 47 -28.28 47.15 -0.65
N LEU C 48 -28.42 47.87 -1.77
CA LEU C 48 -27.67 49.11 -1.93
C LEU C 48 -28.12 50.18 -0.96
N LEU C 49 -29.37 50.13 -0.51
CA LEU C 49 -29.79 51.05 0.52
C LEU C 49 -29.18 50.69 1.86
N LYS C 50 -29.15 49.40 2.20
CA LYS C 50 -28.67 49.03 3.52
C LYS C 50 -27.17 49.18 3.63
N TYR C 51 -26.44 48.74 2.62
CA TYR C 51 -24.99 48.74 2.67
C TYR C 51 -24.50 49.81 1.72
N ASP C 52 -24.37 51.02 2.22
CA ASP C 52 -23.77 52.09 1.46
C ASP C 52 -22.28 52.09 1.75
N SER C 53 -21.46 52.07 0.71
CA SER C 53 -20.03 52.06 0.91
C SER C 53 -19.46 53.44 1.22
N MET C 54 -20.32 54.43 1.42
CA MET C 54 -19.91 55.76 1.81
C MET C 54 -20.39 56.15 3.19
N LEU C 55 -21.63 55.81 3.52
CA LEU C 55 -22.18 56.13 4.81
C LEU C 55 -22.24 54.92 5.73
N GLY C 56 -21.57 53.85 5.36
CA GLY C 56 -21.52 52.68 6.20
C GLY C 56 -22.82 51.90 6.14
N ILE C 57 -22.92 50.94 7.03
CA ILE C 57 -24.11 50.11 7.14
C ILE C 57 -25.17 50.91 7.88
N PHE C 58 -26.39 50.91 7.35
CA PHE C 58 -27.48 51.54 8.06
C PHE C 58 -27.84 50.71 9.28
N GLN C 59 -28.17 51.40 10.37
CA GLN C 59 -28.24 50.75 11.67
C GLN C 59 -29.58 50.85 12.36
N ASP C 60 -30.34 51.93 12.13
CA ASP C 60 -31.49 52.20 12.98
C ASP C 60 -32.67 51.29 12.69
N ALA C 61 -32.93 51.00 11.42
CA ALA C 61 -34.10 50.25 11.03
C ALA C 61 -33.69 49.09 10.15
N GLU C 62 -34.57 48.11 10.05
CA GLU C 62 -34.28 46.91 9.29
C GLU C 62 -34.72 47.07 7.85
N ILE C 63 -33.88 46.62 6.94
CA ILE C 63 -34.11 46.72 5.52
C ILE C 63 -34.26 45.32 4.96
N THR C 64 -35.39 45.06 4.32
CA THR C 64 -35.54 43.83 3.56
C THR C 64 -36.45 44.11 2.39
N ALA C 65 -36.52 43.15 1.48
CA ALA C 65 -37.37 43.32 0.31
C ALA C 65 -37.74 41.97 -0.27
N ASP C 66 -38.85 41.98 -1.00
CA ASP C 66 -39.15 40.96 -1.98
C ASP C 66 -39.42 41.65 -3.30
N ASP C 67 -39.84 40.91 -4.31
CA ASP C 67 -39.85 41.42 -5.67
C ASP C 67 -40.94 42.45 -5.96
N ASP C 68 -41.73 42.88 -4.98
CA ASP C 68 -42.79 43.83 -5.27
C ASP C 68 -42.80 45.02 -4.31
N CYS C 69 -42.29 44.81 -3.11
CA CYS C 69 -42.26 45.87 -2.12
C CYS C 69 -40.95 45.81 -1.35
N ILE C 70 -40.68 46.89 -0.61
CA ILE C 70 -39.49 46.98 0.23
C ILE C 70 -39.94 47.35 1.63
N TYR C 71 -39.54 46.55 2.61
CA TYR C 71 -39.87 46.80 4.00
C TYR C 71 -38.67 47.46 4.64
N ALA C 72 -38.80 48.75 4.91
CA ALA C 72 -37.80 49.53 5.63
C ALA C 72 -38.33 49.76 7.03
N GLY C 73 -37.77 49.03 8.00
CA GLY C 73 -38.14 49.20 9.39
C GLY C 73 -39.58 48.86 9.70
N GLY C 74 -40.15 47.89 9.00
CA GLY C 74 -41.56 47.61 9.08
C GLY C 74 -42.42 48.45 8.17
N HIS C 75 -41.94 49.64 7.79
CA HIS C 75 -42.68 50.50 6.88
C HIS C 75 -42.56 49.96 5.46
N ALA C 76 -43.69 49.73 4.82
CA ALA C 76 -43.68 49.21 3.46
C ALA C 76 -43.57 50.36 2.46
N VAL C 77 -42.89 50.12 1.36
CA VAL C 77 -42.83 51.07 0.25
C VAL C 77 -42.91 50.31 -1.05
N LYS C 78 -43.70 50.84 -1.99
CA LYS C 78 -43.86 50.23 -3.28
C LYS C 78 -42.66 50.56 -4.17
N CYS C 79 -42.50 49.76 -5.21
CA CYS C 79 -41.35 49.87 -6.08
C CYS C 79 -41.65 49.19 -7.41
N VAL C 80 -41.20 49.83 -8.49
CA VAL C 80 -41.50 49.41 -9.85
C VAL C 80 -40.26 49.73 -10.67
N SER C 81 -40.25 49.31 -11.93
CA SER C 81 -39.12 49.58 -12.81
C SER C 81 -39.63 49.89 -14.21
N ASP C 82 -39.41 51.13 -14.66
CA ASP C 82 -39.73 51.50 -16.03
C ASP C 82 -38.94 52.74 -16.40
N ARG C 83 -38.47 52.78 -17.64
CA ARG C 83 -37.77 53.95 -18.15
C ARG C 83 -38.71 54.96 -18.78
N ASN C 84 -39.83 54.53 -19.31
CA ASN C 84 -40.85 55.45 -19.78
C ASN C 84 -41.56 56.05 -18.57
N PRO C 85 -41.54 57.37 -18.39
CA PRO C 85 -42.30 57.96 -17.30
C PRO C 85 -43.80 57.97 -17.55
N GLU C 86 -44.24 57.68 -18.77
CA GLU C 86 -45.66 57.76 -19.08
C GLU C 86 -46.41 56.50 -18.70
N ASN C 87 -45.74 55.40 -18.45
CA ASN C 87 -46.41 54.17 -18.06
C ASN C 87 -46.32 53.95 -16.56
N LEU C 88 -46.38 55.00 -15.78
CA LEU C 88 -46.11 54.77 -14.38
C LEU C 88 -47.35 54.95 -13.51
N PRO C 89 -47.54 54.07 -12.55
CA PRO C 89 -48.76 54.12 -11.73
C PRO C 89 -48.73 55.25 -10.72
N TRP C 90 -49.01 56.48 -11.17
CA TRP C 90 -48.99 57.56 -10.19
C TRP C 90 -50.36 57.79 -9.58
N SER C 91 -51.38 57.97 -10.41
CA SER C 91 -52.74 58.12 -9.93
C SER C 91 -53.23 56.84 -9.28
N ALA C 92 -52.70 55.70 -9.70
CA ALA C 92 -52.98 54.44 -9.02
C ALA C 92 -52.38 54.38 -7.64
N TRP C 93 -51.37 55.20 -7.36
CA TRP C 93 -50.75 55.21 -6.05
C TRP C 93 -51.06 56.47 -5.25
N GLY C 94 -51.64 57.48 -5.87
CA GLY C 94 -51.99 58.69 -5.15
C GLY C 94 -50.78 59.54 -4.81
N ILE C 95 -50.12 60.07 -5.81
CA ILE C 95 -48.82 60.72 -5.66
C ILE C 95 -48.99 62.21 -5.80
N ASP C 96 -48.70 62.95 -4.73
CA ASP C 96 -48.71 64.40 -4.83
C ASP C 96 -47.41 64.91 -5.42
N LEU C 97 -46.29 64.51 -4.83
CA LEU C 97 -44.98 65.03 -5.18
C LEU C 97 -44.07 63.88 -5.57
N VAL C 98 -43.50 63.97 -6.76
CA VAL C 98 -42.48 63.04 -7.22
C VAL C 98 -41.17 63.79 -7.24
N ILE C 99 -40.10 63.09 -6.88
CA ILE C 99 -38.79 63.67 -6.72
C ILE C 99 -37.96 63.17 -7.88
N GLU C 100 -37.79 64.01 -8.90
CA GLU C 100 -37.02 63.64 -10.07
C GLU C 100 -35.54 63.65 -9.74
N ALA C 101 -34.91 62.49 -9.83
CA ALA C 101 -33.49 62.38 -9.51
C ALA C 101 -32.76 61.47 -10.46
N THR C 102 -33.18 61.39 -11.71
CA THR C 102 -32.48 60.55 -12.65
C THR C 102 -31.38 61.28 -13.41
N GLY C 103 -31.39 62.60 -13.39
CA GLY C 103 -30.47 63.33 -14.23
C GLY C 103 -30.79 63.25 -15.69
N VAL C 104 -32.01 62.86 -16.03
CA VAL C 104 -32.43 62.70 -17.40
C VAL C 104 -33.49 63.71 -17.80
N PHE C 105 -34.38 64.07 -16.90
CA PHE C 105 -35.63 64.72 -17.23
C PHE C 105 -35.56 66.21 -16.94
N THR C 106 -34.40 66.81 -17.21
CA THR C 106 -34.12 68.19 -16.83
C THR C 106 -34.99 69.21 -17.56
N SER C 107 -35.53 68.88 -18.72
CA SER C 107 -36.39 69.83 -19.40
C SER C 107 -37.74 69.92 -18.71
N ARG C 108 -38.47 70.98 -19.04
CA ARG C 108 -39.86 71.10 -18.60
C ARG C 108 -40.73 70.03 -19.25
N GLU C 109 -40.51 69.78 -20.53
CA GLU C 109 -41.32 68.79 -21.23
C GLU C 109 -40.98 67.38 -20.78
N GLY C 110 -39.76 67.15 -20.31
CA GLY C 110 -39.41 65.85 -19.81
C GLY C 110 -40.02 65.63 -18.44
N ALA C 111 -39.88 66.62 -17.57
CA ALA C 111 -40.36 66.47 -16.20
C ALA C 111 -41.87 66.51 -16.13
N SER C 112 -42.52 67.19 -17.07
CA SER C 112 -43.96 67.30 -17.09
C SER C 112 -44.65 66.01 -17.50
N LYS C 113 -43.88 65.02 -17.96
CA LYS C 113 -44.45 63.72 -18.28
C LYS C 113 -45.02 63.05 -17.04
N HIS C 114 -44.42 63.30 -15.87
CA HIS C 114 -44.97 62.77 -14.63
C HIS C 114 -46.26 63.50 -14.26
N LEU C 115 -46.31 64.80 -14.54
CA LEU C 115 -47.54 65.56 -14.29
C LEU C 115 -48.66 65.06 -15.18
N SER C 116 -48.32 64.73 -16.43
CA SER C 116 -49.31 64.18 -17.34
C SER C 116 -49.72 62.77 -16.91
N ALA C 117 -48.78 61.97 -16.45
CA ALA C 117 -49.06 60.58 -16.11
C ALA C 117 -49.78 60.44 -14.79
N GLY C 118 -50.05 61.52 -14.07
CA GLY C 118 -50.91 61.43 -12.92
C GLY C 118 -50.25 61.82 -11.60
N ALA C 119 -49.26 62.69 -11.66
CA ALA C 119 -48.66 63.23 -10.45
C ALA C 119 -48.98 64.71 -10.34
N LYS C 120 -49.01 65.21 -9.09
CA LYS C 120 -49.49 66.57 -8.87
C LYS C 120 -48.37 67.59 -8.85
N LYS C 121 -47.27 67.32 -8.18
CA LYS C 121 -46.12 68.22 -8.22
C LYS C 121 -44.85 67.40 -8.42
N VAL C 122 -43.86 68.03 -9.04
CA VAL C 122 -42.57 67.40 -9.27
C VAL C 122 -41.48 68.34 -8.78
N LEU C 123 -40.56 67.79 -8.00
CA LEU C 123 -39.39 68.52 -7.53
C LEU C 123 -38.19 67.85 -8.16
N ILE C 124 -37.51 68.55 -9.04
CA ILE C 124 -36.41 67.97 -9.78
C ILE C 124 -35.10 68.44 -9.15
N THR C 125 -34.21 67.49 -8.89
CA THR C 125 -32.95 67.76 -8.20
C THR C 125 -31.83 67.96 -9.20
N ALA C 126 -31.99 68.95 -10.07
CA ALA C 126 -30.99 69.27 -11.07
C ALA C 126 -31.24 70.68 -11.55
N PRO C 127 -30.23 71.36 -12.02
CA PRO C 127 -30.47 72.63 -12.71
C PRO C 127 -31.13 72.37 -14.04
N GLY C 128 -32.41 72.66 -14.15
CA GLY C 128 -33.15 72.26 -15.32
C GLY C 128 -32.94 73.21 -16.48
N LYS C 129 -33.00 72.65 -17.68
CA LYS C 129 -33.05 73.48 -18.86
C LYS C 129 -34.36 74.23 -18.92
N GLY C 130 -34.31 75.44 -19.46
CA GLY C 130 -35.50 76.26 -19.57
C GLY C 130 -35.88 76.91 -18.26
N ASN C 131 -36.85 77.82 -18.36
CA ASN C 131 -37.23 78.66 -17.23
C ASN C 131 -38.09 77.85 -16.25
N ILE C 132 -37.42 76.96 -15.54
CA ILE C 132 -38.06 76.23 -14.46
C ILE C 132 -37.79 77.01 -13.19
N PRO C 133 -38.77 77.22 -12.32
CA PRO C 133 -38.53 78.01 -11.10
C PRO C 133 -37.64 77.25 -10.13
N THR C 134 -36.49 77.83 -9.83
CA THR C 134 -35.50 77.22 -8.96
C THR C 134 -35.55 77.83 -7.57
N TYR C 135 -35.34 76.98 -6.56
CA TYR C 135 -35.47 77.41 -5.18
C TYR C 135 -34.42 76.73 -4.32
N VAL C 136 -33.73 77.52 -3.51
CA VAL C 136 -32.70 77.05 -2.61
C VAL C 136 -33.17 77.28 -1.19
N VAL C 137 -33.11 76.25 -0.35
CA VAL C 137 -33.47 76.40 1.04
C VAL C 137 -32.42 77.26 1.74
N GLY C 138 -32.87 78.33 2.37
CA GLY C 138 -32.00 79.27 3.04
C GLY C 138 -31.81 80.56 2.30
N VAL C 139 -32.24 80.64 1.04
CA VAL C 139 -32.12 81.88 0.29
C VAL C 139 -33.51 82.35 -0.10
N ASN C 140 -34.19 81.55 -0.91
CA ASN C 140 -35.50 81.92 -1.41
C ASN C 140 -36.44 80.74 -1.41
N HIS C 141 -36.44 79.98 -0.32
CA HIS C 141 -37.40 78.91 -0.19
C HIS C 141 -38.77 79.42 0.23
N HIS C 142 -38.92 80.71 0.48
CA HIS C 142 -40.22 81.27 0.82
C HIS C 142 -40.99 81.73 -0.40
N THR C 143 -40.29 82.20 -1.42
CA THR C 143 -40.89 82.99 -2.48
C THR C 143 -41.40 82.14 -3.63
N TYR C 144 -41.73 80.87 -3.39
CA TYR C 144 -42.33 80.05 -4.42
C TYR C 144 -43.85 80.17 -4.36
N ASP C 145 -44.46 80.23 -5.51
CA ASP C 145 -45.91 80.16 -5.57
C ASP C 145 -46.34 78.70 -5.54
N PRO C 146 -47.29 78.33 -4.68
CA PRO C 146 -47.66 76.91 -4.56
C PRO C 146 -48.39 76.35 -5.77
N SER C 147 -48.80 77.18 -6.73
CA SER C 147 -49.28 76.61 -7.99
C SER C 147 -48.14 76.20 -8.91
N GLU C 148 -46.91 76.60 -8.62
CA GLU C 148 -45.77 76.10 -9.38
C GLU C 148 -45.55 74.66 -8.96
N ASP C 149 -46.05 73.74 -9.77
CA ASP C 149 -45.95 72.32 -9.50
C ASP C 149 -44.63 71.72 -9.93
N ILE C 150 -43.96 72.35 -10.90
CA ILE C 150 -42.67 71.90 -11.38
C ILE C 150 -41.57 72.83 -10.87
N VAL C 151 -40.97 72.47 -9.74
CA VAL C 151 -39.95 73.29 -9.14
C VAL C 151 -38.62 72.56 -9.28
N SER C 152 -37.54 73.33 -9.20
CA SER C 152 -36.21 72.76 -9.34
C SER C 152 -35.32 73.24 -8.21
N ASN C 153 -34.70 72.29 -7.53
CA ASN C 153 -33.53 72.60 -6.75
C ASN C 153 -32.34 72.67 -7.69
N ALA C 154 -31.38 73.52 -7.36
CA ALA C 154 -30.24 73.72 -8.23
C ALA C 154 -29.22 72.61 -8.02
N SER C 155 -28.03 72.77 -8.56
CA SER C 155 -26.97 71.82 -8.29
C SER C 155 -26.47 71.98 -6.87
N CYS C 156 -25.69 70.98 -6.45
CA CYS C 156 -25.09 70.97 -5.13
C CYS C 156 -24.10 72.12 -4.95
N THR C 157 -23.39 72.47 -6.01
CA THR C 157 -22.44 73.57 -5.93
C THR C 157 -23.17 74.89 -5.73
N THR C 158 -24.25 75.10 -6.47
CA THR C 158 -25.06 76.29 -6.29
C THR C 158 -25.72 76.30 -4.93
N ASN C 159 -26.17 75.12 -4.49
CA ASN C 159 -26.84 75.00 -3.20
C ASN C 159 -25.89 75.29 -2.05
N CYS C 160 -24.60 75.02 -2.25
CA CYS C 160 -23.64 75.45 -1.24
C CYS C 160 -23.30 76.93 -1.36
N LEU C 161 -23.10 77.39 -2.59
CA LEU C 161 -22.47 78.70 -2.79
C LEU C 161 -23.44 79.84 -2.52
N ALA C 162 -24.69 79.68 -2.93
CA ALA C 162 -25.66 80.78 -2.84
C ALA C 162 -25.94 81.35 -1.44
N PRO C 163 -25.92 80.60 -0.34
CA PRO C 163 -26.09 81.30 0.96
C PRO C 163 -24.93 82.21 1.31
N ILE C 164 -23.70 81.82 0.99
CA ILE C 164 -22.55 82.67 1.22
C ILE C 164 -22.64 83.93 0.36
N VAL C 165 -23.07 83.78 -0.89
CA VAL C 165 -23.19 84.93 -1.76
C VAL C 165 -24.32 85.83 -1.31
N LYS C 166 -25.37 85.25 -0.73
CA LYS C 166 -26.45 86.07 -0.17
C LYS C 166 -25.97 86.89 1.00
N VAL C 167 -25.20 86.27 1.91
CA VAL C 167 -24.70 86.99 3.08
C VAL C 167 -23.73 88.09 2.65
N LEU C 168 -22.81 87.79 1.74
CA LEU C 168 -21.85 88.80 1.32
C LEU C 168 -22.47 89.87 0.45
N HIS C 169 -23.56 89.57 -0.25
CA HIS C 169 -24.20 90.61 -1.02
C HIS C 169 -25.01 91.54 -0.13
N GLU C 170 -25.62 91.00 0.91
CA GLU C 170 -26.37 91.86 1.82
C GLU C 170 -25.44 92.70 2.67
N ALA C 171 -24.32 92.13 3.11
CA ALA C 171 -23.47 92.88 4.03
C ALA C 171 -22.55 93.84 3.31
N PHE C 172 -22.12 93.51 2.09
CA PHE C 172 -21.07 94.30 1.47
C PHE C 172 -21.45 94.80 0.09
N GLY C 173 -22.26 94.04 -0.63
CA GLY C 173 -22.54 94.39 -1.99
C GLY C 173 -21.47 93.84 -2.91
N ILE C 174 -21.89 93.18 -3.98
CA ILE C 174 -21.00 92.44 -4.85
C ILE C 174 -21.04 93.06 -6.23
N GLN C 175 -19.87 93.37 -6.79
CA GLN C 175 -19.83 93.78 -8.18
C GLN C 175 -19.72 92.56 -9.09
N GLN C 176 -18.66 91.78 -8.91
CA GLN C 176 -18.45 90.59 -9.72
C GLN C 176 -18.04 89.45 -8.80
N GLY C 177 -18.02 88.24 -9.35
CA GLY C 177 -17.59 87.12 -8.56
C GLY C 177 -17.29 85.85 -9.34
N MET C 178 -16.13 85.27 -9.05
CA MET C 178 -15.71 84.00 -9.62
C MET C 178 -15.86 82.90 -8.59
N MET C 179 -15.82 81.66 -9.06
CA MET C 179 -15.74 80.53 -8.16
C MET C 179 -15.00 79.41 -8.85
N THR C 180 -14.41 78.51 -8.06
CA THR C 180 -13.75 77.35 -8.62
C THR C 180 -13.92 76.22 -7.61
N THR C 181 -14.91 75.37 -7.83
CA THR C 181 -15.20 74.32 -6.89
C THR C 181 -14.35 73.09 -7.19
N THR C 182 -13.64 72.63 -6.18
CA THR C 182 -12.91 71.37 -6.24
C THR C 182 -13.88 70.29 -5.85
N HIS C 183 -14.36 69.56 -6.85
CA HIS C 183 -15.58 68.78 -6.74
C HIS C 183 -15.22 67.31 -6.64
N SER C 184 -15.98 66.57 -5.85
CA SER C 184 -15.74 65.14 -5.81
C SER C 184 -16.24 64.50 -7.09
N TYR C 185 -15.70 63.33 -7.43
CA TYR C 185 -16.12 62.74 -8.69
C TYR C 185 -17.51 62.16 -8.57
N THR C 186 -18.31 62.38 -9.60
CA THR C 186 -19.68 61.95 -9.64
C THR C 186 -19.82 60.72 -10.53
N GLY C 187 -21.03 60.20 -10.61
CA GLY C 187 -21.24 58.97 -11.34
C GLY C 187 -21.20 59.11 -12.84
N ASP C 188 -21.24 60.33 -13.35
CA ASP C 188 -21.27 60.51 -14.79
C ASP C 188 -19.95 60.19 -15.47
N GLN C 189 -18.84 60.28 -14.73
CA GLN C 189 -17.54 60.06 -15.33
C GLN C 189 -17.31 58.58 -15.54
N ARG C 190 -16.67 58.25 -16.64
CA ARG C 190 -16.37 56.87 -16.89
C ARG C 190 -15.17 56.47 -16.04
N LEU C 191 -15.17 55.21 -15.61
CA LEU C 191 -14.15 54.73 -14.69
C LEU C 191 -12.81 54.62 -15.38
N LEU C 192 -12.72 53.78 -16.40
CA LEU C 192 -11.55 53.83 -17.24
C LEU C 192 -11.85 54.74 -18.41
N ASP C 193 -10.87 54.90 -19.30
CA ASP C 193 -11.05 55.83 -20.40
C ASP C 193 -12.02 55.27 -21.40
N ALA C 194 -13.28 55.62 -21.28
CA ALA C 194 -14.30 55.08 -22.14
C ALA C 194 -14.98 56.19 -22.90
N SER C 195 -15.76 55.79 -23.90
CA SER C 195 -16.39 56.74 -24.81
C SER C 195 -17.50 57.50 -24.11
N HIS C 196 -17.52 58.80 -24.30
CA HIS C 196 -18.44 59.65 -23.55
C HIS C 196 -18.73 60.87 -24.39
N ARG C 197 -19.87 61.51 -24.10
CA ARG C 197 -20.33 62.62 -24.92
C ARG C 197 -19.40 63.82 -24.79
N ASP C 198 -18.96 64.15 -23.58
CA ASP C 198 -17.98 65.20 -23.37
C ASP C 198 -16.62 64.56 -23.13
N LEU C 199 -15.59 65.17 -23.71
CA LEU C 199 -14.28 64.54 -23.74
C LEU C 199 -13.58 64.61 -22.41
N ARG C 200 -13.78 65.67 -21.65
CA ARG C 200 -13.12 65.78 -20.36
C ARG C 200 -13.78 64.94 -19.29
N ARG C 201 -14.97 64.44 -19.53
CA ARG C 201 -15.54 63.45 -18.64
C ARG C 201 -15.30 62.04 -19.15
N ALA C 202 -14.71 61.90 -20.32
CA ALA C 202 -14.45 60.58 -20.86
C ALA C 202 -13.26 59.92 -20.21
N ARG C 203 -12.44 60.66 -19.46
CA ARG C 203 -11.19 60.12 -19.01
C ARG C 203 -11.38 59.50 -17.63
N ALA C 204 -10.31 58.92 -17.09
CA ALA C 204 -10.43 58.12 -15.89
C ALA C 204 -10.66 59.00 -14.67
N ALA C 205 -11.53 58.54 -13.79
CA ALA C 205 -11.93 59.36 -12.66
C ALA C 205 -10.99 59.20 -11.48
N ALA C 206 -10.50 57.99 -11.23
CA ALA C 206 -9.65 57.78 -10.07
C ALA C 206 -8.25 58.30 -10.29
N MET C 207 -7.90 58.65 -11.51
CA MET C 207 -6.54 59.00 -11.84
C MET C 207 -6.32 60.50 -11.97
N ASN C 208 -7.36 61.26 -12.25
CA ASN C 208 -7.16 62.55 -12.88
C ASN C 208 -7.89 63.66 -12.17
N ILE C 209 -7.27 64.83 -12.16
CA ILE C 209 -7.99 66.08 -11.98
C ILE C 209 -8.60 66.39 -13.33
N VAL C 210 -9.88 66.16 -13.54
CA VAL C 210 -10.52 66.52 -14.79
C VAL C 210 -11.24 67.84 -14.58
N PRO C 211 -11.00 68.84 -15.40
CA PRO C 211 -11.72 70.09 -15.28
C PRO C 211 -13.01 70.02 -16.08
N THR C 212 -13.95 70.85 -15.69
CA THR C 212 -15.17 70.95 -16.45
C THR C 212 -15.74 72.35 -16.31
N SER C 213 -16.44 72.78 -17.34
CA SER C 213 -17.12 74.05 -17.31
C SER C 213 -18.54 73.82 -16.82
N THR C 214 -18.97 74.64 -15.88
CA THR C 214 -20.33 74.54 -15.37
C THR C 214 -20.98 75.91 -15.42
N GLY C 215 -22.30 75.89 -15.59
CA GLY C 215 -23.13 77.06 -15.46
C GLY C 215 -23.82 77.13 -14.12
N ALA C 216 -23.44 76.27 -13.18
CA ALA C 216 -24.09 76.26 -11.88
C ALA C 216 -23.71 77.46 -11.04
N ALA C 217 -22.64 78.16 -11.39
CA ALA C 217 -22.38 79.45 -10.78
C ALA C 217 -23.40 80.48 -11.23
N LYS C 218 -23.87 80.39 -12.48
CA LYS C 218 -24.86 81.33 -12.97
C LYS C 218 -26.23 81.10 -12.35
N ALA C 219 -26.47 79.91 -11.79
CA ALA C 219 -27.74 79.65 -11.15
C ALA C 219 -27.93 80.46 -9.88
N VAL C 220 -26.84 80.96 -9.30
CA VAL C 220 -26.95 81.93 -8.22
C VAL C 220 -27.61 83.20 -8.74
N GLY C 221 -27.30 83.57 -9.99
CA GLY C 221 -27.96 84.68 -10.63
C GLY C 221 -29.43 84.44 -10.91
N LEU C 222 -29.86 83.19 -10.94
CA LEU C 222 -31.29 82.92 -10.94
C LEU C 222 -31.86 83.10 -9.55
N VAL C 223 -31.27 82.46 -8.55
CA VAL C 223 -31.88 82.51 -7.23
C VAL C 223 -31.63 83.84 -6.53
N ILE C 224 -30.62 84.59 -6.93
CA ILE C 224 -30.48 86.00 -6.56
C ILE C 224 -30.55 86.82 -7.84
N PRO C 225 -31.62 87.58 -8.06
CA PRO C 225 -31.86 88.13 -9.40
C PRO C 225 -30.93 89.26 -9.77
N GLU C 226 -30.51 90.07 -8.81
CA GLU C 226 -29.71 91.25 -9.11
C GLU C 226 -28.24 90.95 -9.34
N LEU C 227 -27.84 89.68 -9.37
CA LEU C 227 -26.47 89.32 -9.63
C LEU C 227 -26.32 88.47 -10.88
N GLN C 228 -27.37 88.37 -11.69
CA GLN C 228 -27.33 87.52 -12.86
C GLN C 228 -26.41 88.11 -13.92
N GLY C 229 -25.63 87.25 -14.56
CA GLY C 229 -24.64 87.71 -15.50
C GLY C 229 -23.39 88.27 -14.85
N LYS C 230 -23.23 88.06 -13.54
CA LYS C 230 -22.07 88.55 -12.83
C LYS C 230 -21.30 87.45 -12.12
N LEU C 231 -21.77 86.22 -12.19
CA LEU C 231 -21.16 85.11 -11.45
C LEU C 231 -20.89 83.99 -12.42
N ASN C 232 -19.64 83.53 -12.46
CA ASN C 232 -19.27 82.47 -13.37
C ASN C 232 -18.12 81.70 -12.76
N GLY C 233 -18.00 80.42 -13.11
CA GLY C 233 -16.92 79.65 -12.55
C GLY C 233 -16.82 78.27 -13.16
N ILE C 234 -15.70 77.61 -12.87
CA ILE C 234 -15.43 76.29 -13.40
C ILE C 234 -15.40 75.29 -12.25
N ALA C 235 -15.24 74.01 -12.57
CA ALA C 235 -15.20 72.98 -11.56
C ALA C 235 -14.04 72.05 -11.83
N LEU C 236 -13.49 71.50 -10.75
CA LEU C 236 -12.38 70.56 -10.83
C LEU C 236 -12.79 69.29 -10.12
N ARG C 237 -12.81 68.19 -10.84
CA ARG C 237 -13.17 66.91 -10.29
C ARG C 237 -11.88 66.17 -9.94
N VAL C 238 -11.71 65.87 -8.67
CA VAL C 238 -10.48 65.25 -8.19
C VAL C 238 -10.87 63.91 -7.59
N PRO C 239 -9.94 62.98 -7.52
CA PRO C 239 -10.31 61.65 -7.01
C PRO C 239 -10.60 61.53 -5.53
N THR C 240 -11.60 62.26 -5.04
CA THR C 240 -12.18 61.98 -3.74
C THR C 240 -13.61 61.55 -3.94
N PRO C 241 -14.07 60.55 -3.23
CA PRO C 241 -15.38 60.01 -3.55
C PRO C 241 -16.55 60.84 -3.04
N ASN C 242 -16.45 61.51 -1.89
CA ASN C 242 -17.67 62.00 -1.28
C ASN C 242 -17.78 63.51 -1.24
N VAL C 243 -16.86 64.21 -0.58
CA VAL C 243 -17.12 65.57 -0.14
C VAL C 243 -16.35 66.49 -1.06
N SER C 244 -16.67 67.78 -1.03
CA SER C 244 -16.00 68.69 -1.94
C SER C 244 -15.86 70.05 -1.28
N VAL C 245 -15.05 70.90 -1.90
CA VAL C 245 -14.85 72.25 -1.39
C VAL C 245 -15.00 73.20 -2.57
N VAL C 246 -15.52 74.39 -2.27
CA VAL C 246 -15.73 75.40 -3.29
C VAL C 246 -14.96 76.65 -2.91
N ASP C 247 -14.14 77.12 -3.84
CA ASP C 247 -13.47 78.40 -3.72
C ASP C 247 -14.38 79.46 -4.30
N PHE C 248 -14.35 80.65 -3.70
CA PHE C 248 -15.20 81.73 -4.15
C PHE C 248 -14.48 83.04 -4.02
N VAL C 249 -14.26 83.69 -5.16
CA VAL C 249 -13.62 84.99 -5.24
C VAL C 249 -14.69 85.99 -5.62
N ALA C 250 -14.99 86.92 -4.72
CA ALA C 250 -15.90 88.00 -5.02
C ALA C 250 -15.15 89.32 -5.02
N GLN C 251 -15.67 90.26 -5.79
CA GLN C 251 -15.17 91.62 -5.81
C GLN C 251 -16.24 92.50 -5.18
N VAL C 252 -16.13 92.67 -3.87
CA VAL C 252 -17.06 93.54 -3.17
C VAL C 252 -16.66 94.98 -3.41
N GLU C 253 -17.54 95.91 -3.10
CA GLU C 253 -17.26 97.33 -3.25
C GLU C 253 -17.17 98.08 -1.94
N LYS C 254 -17.84 97.62 -0.89
CA LYS C 254 -17.61 98.20 0.42
C LYS C 254 -16.38 97.55 1.03
N PRO C 255 -15.30 98.30 1.23
CA PRO C 255 -14.04 97.67 1.63
C PRO C 255 -14.07 97.18 3.07
N THR C 256 -13.28 96.15 3.33
CA THR C 256 -13.25 95.48 4.63
C THR C 256 -11.97 94.66 4.74
N ILE C 257 -11.86 93.92 5.85
CA ILE C 257 -10.71 93.04 6.08
C ILE C 257 -11.19 91.61 6.24
N ALA C 258 -10.23 90.70 6.43
CA ALA C 258 -10.52 89.27 6.46
C ALA C 258 -11.23 88.86 7.74
N GLU C 259 -11.01 89.58 8.82
CA GLU C 259 -11.66 89.19 10.06
C GLU C 259 -13.13 89.55 10.06
N GLN C 260 -13.47 90.65 9.38
CA GLN C 260 -14.83 91.17 9.46
C GLN C 260 -15.81 90.30 8.69
N VAL C 261 -15.38 89.77 7.55
CA VAL C 261 -16.27 88.88 6.79
C VAL C 261 -16.49 87.58 7.54
N ASN C 262 -15.48 87.12 8.29
CA ASN C 262 -15.65 85.96 9.15
C ASN C 262 -16.63 86.26 10.26
N GLN C 263 -16.56 87.47 10.82
CA GLN C 263 -17.52 87.87 11.85
C GLN C 263 -18.94 87.94 11.31
N VAL C 264 -19.09 88.46 10.09
CA VAL C 264 -20.41 88.60 9.48
C VAL C 264 -21.02 87.22 9.23
N ILE C 265 -20.21 86.30 8.68
CA ILE C 265 -20.75 84.98 8.40
C ILE C 265 -20.95 84.20 9.69
N LYS C 266 -20.16 84.48 10.73
CA LYS C 266 -20.34 83.79 12.00
C LYS C 266 -21.65 84.20 12.67
N GLU C 267 -21.99 85.49 12.62
CA GLU C 267 -23.27 85.87 13.22
C GLU C 267 -24.44 85.51 12.31
N ALA C 268 -24.21 85.44 10.99
CA ALA C 268 -25.26 84.98 10.10
C ALA C 268 -25.51 83.49 10.26
N SER C 269 -24.50 82.75 10.73
CA SER C 269 -24.67 81.35 11.05
C SER C 269 -25.56 81.15 12.27
N GLU C 270 -25.67 82.16 13.11
CA GLU C 270 -26.39 82.04 14.37
C GLU C 270 -27.70 82.79 14.37
N THR C 271 -27.97 83.63 13.38
CA THR C 271 -29.25 84.34 13.35
C THR C 271 -30.16 83.84 12.25
N THR C 272 -29.71 83.87 11.00
CA THR C 272 -30.59 83.62 9.87
C THR C 272 -30.28 82.32 9.15
N MET C 273 -29.01 82.04 8.91
CA MET C 273 -28.60 80.86 8.16
C MET C 273 -28.36 79.67 9.06
N LYS C 274 -29.00 79.63 10.22
CA LYS C 274 -28.82 78.53 11.16
C LYS C 274 -29.37 77.25 10.56
N GLY C 275 -28.55 76.21 10.57
CA GLY C 275 -28.88 74.98 9.90
C GLY C 275 -28.53 74.96 8.43
N ILE C 276 -28.14 76.10 7.87
CA ILE C 276 -27.71 76.14 6.48
C ILE C 276 -26.19 76.25 6.44
N ILE C 277 -25.66 77.29 7.09
CA ILE C 277 -24.24 77.56 7.11
C ILE C 277 -23.73 77.25 8.50
N HIS C 278 -22.77 76.34 8.59
CA HIS C 278 -22.05 76.13 9.81
C HIS C 278 -20.73 76.89 9.72
N TYR C 279 -20.19 77.29 10.85
CA TYR C 279 -18.96 78.05 10.90
C TYR C 279 -17.94 77.30 11.74
N SER C 280 -16.77 77.02 11.16
CA SER C 280 -15.78 76.16 11.80
C SER C 280 -14.43 76.86 11.83
N GLU C 281 -13.94 77.11 13.04
CA GLU C 281 -12.59 77.61 13.26
C GLU C 281 -11.62 76.51 13.63
N LEU C 282 -11.83 75.32 13.09
CA LEU C 282 -10.92 74.22 13.29
C LEU C 282 -10.09 74.03 12.03
N GLU C 283 -8.95 73.36 12.18
CA GLU C 283 -8.15 72.98 11.02
C GLU C 283 -8.52 71.59 10.52
N LEU C 284 -9.78 71.44 10.13
CA LEU C 284 -10.23 70.15 9.66
C LEU C 284 -9.82 69.94 8.20
N VAL C 285 -10.10 68.75 7.72
CA VAL C 285 -9.83 68.35 6.34
C VAL C 285 -11.11 67.76 5.81
N SER C 286 -11.05 67.23 4.59
CA SER C 286 -12.25 66.94 3.81
C SER C 286 -13.11 65.87 4.46
N SER C 287 -12.51 64.75 4.84
CA SER C 287 -13.28 63.62 5.33
C SER C 287 -13.90 63.84 6.69
N ASP C 288 -13.64 64.96 7.34
CA ASP C 288 -14.39 65.27 8.54
C ASP C 288 -15.68 65.99 8.23
N TYR C 289 -16.11 66.00 6.97
CA TYR C 289 -17.40 66.57 6.63
C TYR C 289 -18.29 65.55 5.92
N ARG C 290 -17.97 64.27 6.03
CA ARG C 290 -18.87 63.26 5.50
C ARG C 290 -20.06 63.15 6.43
N GLY C 291 -21.22 63.58 5.97
CA GLY C 291 -22.41 63.48 6.76
C GLY C 291 -22.73 64.69 7.60
N HIS C 292 -22.12 65.82 7.31
CA HIS C 292 -22.44 67.03 8.05
C HIS C 292 -23.79 67.55 7.57
N ASN C 293 -24.56 68.14 8.49
CA ASN C 293 -25.91 68.53 8.15
C ASN C 293 -26.02 69.88 7.45
N ALA C 294 -25.04 70.75 7.63
CA ALA C 294 -25.11 72.05 7.00
C ALA C 294 -24.77 71.96 5.53
N SER C 295 -25.31 72.88 4.75
CA SER C 295 -25.08 72.90 3.32
C SER C 295 -23.87 73.70 2.92
N SER C 296 -23.17 74.30 3.88
CA SER C 296 -21.89 74.97 3.64
C SER C 296 -21.20 75.11 4.97
N ILE C 297 -20.01 74.54 5.10
CA ILE C 297 -19.19 74.82 6.25
C ILE C 297 -18.12 75.80 5.78
N LEU C 298 -18.17 77.01 6.30
CA LEU C 298 -17.17 78.00 5.95
C LEU C 298 -15.86 77.68 6.65
N ASP C 299 -14.80 77.56 5.88
CA ASP C 299 -13.49 77.32 6.46
C ASP C 299 -12.89 78.66 6.85
N ALA C 300 -12.62 78.83 8.15
CA ALA C 300 -12.36 80.18 8.66
C ALA C 300 -10.93 80.61 8.38
N SER C 301 -9.98 79.70 8.49
CA SER C 301 -8.57 80.08 8.46
C SER C 301 -8.08 80.48 7.09
N LEU C 302 -8.87 80.29 6.05
CA LEU C 302 -8.42 80.54 4.69
C LEU C 302 -9.03 81.76 4.06
N THR C 303 -9.92 82.45 4.78
CA THR C 303 -10.59 83.61 4.23
C THR C 303 -9.61 84.75 4.07
N MET C 304 -9.55 85.36 2.90
CA MET C 304 -8.58 86.44 2.74
C MET C 304 -9.10 87.55 1.85
N VAL C 305 -8.59 88.75 2.11
CA VAL C 305 -9.01 89.97 1.44
C VAL C 305 -7.76 90.69 0.97
N LEU C 306 -7.70 90.99 -0.32
CA LEU C 306 -6.60 91.78 -0.86
C LEU C 306 -7.11 93.11 -1.38
N GLY C 307 -6.46 94.19 -0.97
CA GLY C 307 -6.85 95.50 -1.43
C GLY C 307 -8.17 96.00 -0.91
N GLY C 308 -8.73 95.35 0.11
CA GLY C 308 -9.97 95.82 0.71
C GLY C 308 -11.23 95.39 -0.03
N ASN C 309 -11.17 95.32 -1.35
CA ASN C 309 -12.35 95.12 -2.19
C ASN C 309 -12.31 93.81 -2.96
N LEU C 310 -11.60 92.81 -2.45
CA LEU C 310 -11.44 91.55 -3.16
C LEU C 310 -11.34 90.43 -2.13
N VAL C 311 -12.39 89.63 -2.02
CA VAL C 311 -12.52 88.65 -0.95
C VAL C 311 -12.51 87.25 -1.54
N LYS C 312 -11.93 86.32 -0.80
CA LYS C 312 -11.94 84.91 -1.13
C LYS C 312 -12.36 84.11 0.09
N VAL C 313 -13.38 83.30 -0.09
CA VAL C 313 -13.79 82.32 0.92
C VAL C 313 -13.70 80.94 0.31
N VAL C 314 -13.63 79.95 1.17
CA VAL C 314 -13.75 78.56 0.75
C VAL C 314 -14.77 77.89 1.65
N ALA C 315 -15.51 76.95 1.08
CA ALA C 315 -16.60 76.33 1.81
C ALA C 315 -16.57 74.83 1.56
N TRP C 316 -16.45 74.07 2.63
CA TRP C 316 -16.66 72.64 2.53
C TRP C 316 -18.14 72.37 2.37
N TYR C 317 -18.48 71.37 1.57
CA TYR C 317 -19.86 70.94 1.49
C TYR C 317 -19.90 69.52 0.97
N ASP C 318 -20.87 68.76 1.48
CA ASP C 318 -21.05 67.38 1.07
C ASP C 318 -22.11 67.35 0.00
N ASN C 319 -21.73 66.97 -1.20
CA ASN C 319 -22.67 67.02 -2.29
C ASN C 319 -23.54 65.77 -2.39
N GLU C 320 -23.43 64.86 -1.44
CA GLU C 320 -24.31 63.71 -1.43
C GLU C 320 -25.20 63.64 -0.22
N TRP C 321 -24.83 64.27 0.89
CA TRP C 321 -25.66 64.22 2.07
C TRP C 321 -26.36 65.54 2.36
N GLY C 322 -25.61 66.63 2.37
CA GLY C 322 -26.22 67.93 2.62
C GLY C 322 -27.17 68.35 1.52
N TYR C 323 -26.87 67.97 0.28
CA TYR C 323 -27.78 68.29 -0.80
C TYR C 323 -29.06 67.51 -0.67
N SER C 324 -28.98 66.26 -0.23
CA SER C 324 -30.18 65.49 0.05
C SER C 324 -30.96 66.09 1.20
N GLN C 325 -30.26 66.62 2.21
CA GLN C 325 -30.93 67.30 3.30
C GLN C 325 -31.69 68.52 2.81
N ARG C 326 -31.11 69.27 1.89
CA ARG C 326 -31.82 70.44 1.40
C ARG C 326 -32.97 70.06 0.50
N VAL C 327 -32.85 68.94 -0.23
CA VAL C 327 -33.97 68.43 -1.00
C VAL C 327 -35.13 68.05 -0.09
N LEU C 328 -34.83 67.36 1.00
CA LEU C 328 -35.89 66.95 1.90
C LEU C 328 -36.48 68.13 2.65
N ASP C 329 -35.66 69.13 2.95
CA ASP C 329 -36.19 70.33 3.61
C ASP C 329 -37.09 71.10 2.67
N LEU C 330 -36.72 71.18 1.38
CA LEU C 330 -37.58 71.84 0.42
C LEU C 330 -38.87 71.07 0.21
N ALA C 331 -38.80 69.73 0.25
CA ALA C 331 -39.99 68.93 0.09
C ALA C 331 -40.94 69.09 1.27
N GLU C 332 -40.41 69.08 2.49
CA GLU C 332 -41.25 69.37 3.65
C GLU C 332 -41.78 70.79 3.65
N HIS C 333 -41.01 71.73 3.14
CA HIS C 333 -41.47 73.11 3.13
C HIS C 333 -42.53 73.33 2.08
N MET C 334 -42.52 72.54 1.02
CA MET C 334 -43.66 72.59 0.11
C MET C 334 -44.82 71.75 0.58
N ALA C 335 -44.58 70.81 1.48
CA ALA C 335 -45.70 70.12 2.12
C ALA C 335 -46.41 71.03 3.11
N ALA C 336 -45.65 71.88 3.81
CA ALA C 336 -46.24 72.78 4.78
C ALA C 336 -47.06 73.89 4.14
N HIS C 337 -46.82 74.17 2.87
CA HIS C 337 -47.64 75.14 2.16
C HIS C 337 -48.30 74.48 0.96
N TRP C 338 -48.86 73.29 1.17
CA TRP C 338 -49.59 72.62 0.12
C TRP C 338 -50.82 73.43 -0.26
N ALA C 339 -51.09 73.48 -1.56
CA ALA C 339 -52.28 74.14 -2.07
C ALA C 339 -53.06 73.18 -2.96
N MET D 3 -8.91 47.32 39.80
CA MET D 3 -8.74 48.17 38.64
C MET D 3 -7.27 48.28 38.28
N VAL D 4 -6.96 48.11 36.99
CA VAL D 4 -5.58 48.00 36.53
C VAL D 4 -5.21 49.24 35.74
N ARG D 5 -4.18 49.94 36.19
CA ARG D 5 -3.69 51.14 35.54
C ARG D 5 -2.81 50.78 34.36
N VAL D 6 -3.23 51.16 33.16
CA VAL D 6 -2.54 50.74 31.94
C VAL D 6 -2.05 51.94 31.16
N ALA D 7 -1.12 51.67 30.25
CA ALA D 7 -0.44 52.70 29.51
C ALA D 7 -0.29 52.28 28.06
N ILE D 8 0.01 53.26 27.21
CA ILE D 8 0.08 53.07 25.77
C ILE D 8 1.39 53.68 25.28
N ASN D 9 2.24 52.85 24.69
CA ASN D 9 3.46 53.34 24.09
C ASN D 9 3.23 53.51 22.60
N GLY D 10 3.17 54.75 22.15
CA GLY D 10 3.07 55.04 20.74
C GLY D 10 1.62 55.24 20.40
N PHE D 11 1.22 56.49 20.20
CA PHE D 11 -0.18 56.79 20.00
C PHE D 11 -0.50 56.90 18.51
N GLY D 12 -0.21 55.81 17.81
CA GLY D 12 -0.44 55.75 16.38
C GLY D 12 -1.81 55.21 16.04
N ARG D 13 -1.90 54.43 14.97
CA ARG D 13 -3.19 53.88 14.55
C ARG D 13 -3.71 52.89 15.57
N ILE D 14 -2.85 52.00 16.03
CA ILE D 14 -3.27 51.00 17.00
C ILE D 14 -3.55 51.66 18.34
N GLY D 15 -2.80 52.70 18.68
CA GLY D 15 -3.03 53.39 19.92
C GLY D 15 -4.32 54.18 19.92
N ARG D 16 -4.59 54.91 18.83
CA ARG D 16 -5.84 55.65 18.73
C ARG D 16 -7.03 54.74 18.70
N ASN D 17 -6.90 53.60 18.01
CA ASN D 17 -8.01 52.67 18.00
C ASN D 17 -8.19 52.00 19.35
N PHE D 18 -7.10 51.78 20.09
CA PHE D 18 -7.19 51.20 21.42
C PHE D 18 -7.89 52.16 22.37
N MET D 19 -7.53 53.44 22.28
CA MET D 19 -8.16 54.46 23.10
C MET D 19 -9.63 54.60 22.76
N ARG D 20 -9.97 54.56 21.48
CA ARG D 20 -11.36 54.68 21.08
C ARG D 20 -12.18 53.47 21.52
N CYS D 21 -11.58 52.28 21.46
CA CYS D 21 -12.27 51.08 21.92
C CYS D 21 -12.52 51.13 23.42
N TRP D 22 -11.54 51.58 24.19
CA TRP D 22 -11.72 51.68 25.63
C TRP D 22 -12.73 52.76 25.98
N LEU D 23 -12.81 53.81 25.18
CA LEU D 23 -13.87 54.77 25.36
C LEU D 23 -15.22 54.21 24.99
N GLN D 24 -15.28 53.17 24.16
CA GLN D 24 -16.56 52.58 23.87
C GLN D 24 -16.87 51.36 24.73
N ARG D 25 -15.92 50.90 25.54
CA ARG D 25 -16.14 49.75 26.41
C ARG D 25 -15.74 50.08 27.84
N LYS D 26 -16.19 51.24 28.32
CA LYS D 26 -15.65 51.78 29.57
C LYS D 26 -16.24 51.10 30.79
N ALA D 27 -17.53 50.78 30.77
CA ALA D 27 -18.20 50.35 31.99
C ALA D 27 -17.80 48.94 32.41
N ASN D 28 -17.54 48.07 31.45
CA ASN D 28 -17.19 46.69 31.75
C ASN D 28 -15.70 46.48 31.90
N SER D 29 -14.95 47.52 32.20
CA SER D 29 -13.49 47.49 32.11
C SER D 29 -12.87 47.47 33.50
N LYS D 30 -11.95 46.54 33.70
CA LYS D 30 -11.03 46.57 34.82
C LYS D 30 -9.78 47.38 34.50
N LEU D 31 -9.76 48.03 33.36
CA LEU D 31 -8.60 48.77 32.88
C LEU D 31 -8.91 50.25 32.89
N GLU D 32 -7.99 51.04 33.42
CA GLU D 32 -8.08 52.48 33.34
C GLU D 32 -6.83 52.99 32.64
N ILE D 33 -7.03 53.66 31.52
CA ILE D 33 -5.92 54.17 30.74
C ILE D 33 -5.44 55.45 31.40
N VAL D 34 -4.19 55.44 31.85
CA VAL D 34 -3.67 56.57 32.60
C VAL D 34 -2.45 57.21 31.96
N GLY D 35 -1.80 56.55 31.01
CA GLY D 35 -0.64 57.16 30.40
C GLY D 35 -0.47 56.84 28.94
N ILE D 36 -0.12 57.84 28.14
CA ILE D 36 0.24 57.62 26.75
C ILE D 36 1.52 58.39 26.49
N ASN D 37 2.26 57.97 25.47
CA ASN D 37 3.35 58.79 25.00
C ASN D 37 3.54 58.63 23.50
N ASP D 38 3.60 59.75 22.82
CA ASP D 38 3.85 59.76 21.39
C ASP D 38 4.99 60.74 21.17
N THR D 39 5.49 60.76 19.95
CA THR D 39 6.50 61.74 19.59
C THR D 39 5.90 63.11 19.28
N SER D 40 4.60 63.28 19.44
CA SER D 40 3.94 64.56 19.24
C SER D 40 3.56 65.18 20.57
N ASP D 41 3.29 66.47 20.52
CA ASP D 41 2.79 67.20 21.66
C ASP D 41 1.37 66.77 22.00
N PRO D 42 0.93 66.98 23.23
CA PRO D 42 -0.44 66.60 23.61
C PRO D 42 -1.54 67.43 22.96
N ARG D 43 -1.22 68.51 22.27
CA ARG D 43 -2.28 69.26 21.60
C ARG D 43 -2.68 68.57 20.30
N THR D 44 -1.74 67.95 19.62
CA THR D 44 -2.01 67.43 18.28
C THR D 44 -2.75 66.10 18.33
N ASN D 45 -2.29 65.19 19.19
CA ASN D 45 -2.84 63.85 19.19
C ASN D 45 -4.23 63.79 19.78
N ALA D 46 -4.64 64.78 20.56
CA ALA D 46 -6.04 64.85 20.95
C ALA D 46 -6.92 65.18 19.76
N HIS D 47 -6.44 66.06 18.88
CA HIS D 47 -7.14 66.33 17.63
C HIS D 47 -7.19 65.09 16.75
N LEU D 48 -6.07 64.38 16.66
CA LEU D 48 -6.05 63.14 15.88
C LEU D 48 -6.91 62.05 16.49
N LEU D 49 -7.12 62.10 17.80
CA LEU D 49 -8.04 61.15 18.40
C LEU D 49 -9.47 61.52 18.07
N LYS D 50 -9.81 62.81 18.14
CA LYS D 50 -11.20 63.19 17.93
C LYS D 50 -11.60 63.07 16.48
N TYR D 51 -10.76 63.52 15.57
CA TYR D 51 -11.09 63.53 14.15
C TYR D 51 -10.25 62.47 13.46
N ASP D 52 -10.78 61.26 13.42
CA ASP D 52 -10.13 60.20 12.66
C ASP D 52 -10.72 60.23 11.27
N SER D 53 -9.85 60.27 10.26
CA SER D 53 -10.33 60.30 8.89
C SER D 53 -10.75 58.93 8.38
N MET D 54 -10.77 57.92 9.24
CA MET D 54 -11.24 56.60 8.90
C MET D 54 -12.50 56.20 9.63
N LEU D 55 -12.58 56.52 10.92
CA LEU D 55 -13.74 56.18 11.70
C LEU D 55 -14.62 57.38 11.96
N GLY D 56 -14.40 58.46 11.25
CA GLY D 56 -15.23 59.63 11.39
C GLY D 56 -14.91 60.39 12.66
N ILE D 57 -15.78 61.35 12.95
CA ILE D 57 -15.64 62.16 14.15
C ILE D 57 -16.16 61.34 15.33
N PHE D 58 -15.40 61.32 16.40
CA PHE D 58 -15.88 60.68 17.61
C PHE D 58 -17.01 61.49 18.22
N GLN D 59 -18.01 60.80 18.74
CA GLN D 59 -19.28 61.44 19.07
C GLN D 59 -19.69 61.32 20.53
N ASP D 60 -19.32 60.24 21.21
CA ASP D 60 -19.92 59.93 22.50
C ASP D 60 -19.41 60.83 23.62
N ALA D 61 -18.11 61.13 23.62
CA ALA D 61 -17.50 61.86 24.71
C ALA D 61 -16.72 63.03 24.14
N GLU D 62 -16.45 64.00 25.01
CA GLU D 62 -15.75 65.20 24.60
C GLU D 62 -14.26 65.03 24.74
N ILE D 63 -13.54 65.51 23.74
CA ILE D 63 -12.09 65.40 23.69
C ILE D 63 -11.52 66.80 23.74
N THR D 64 -10.67 67.06 24.72
CA THR D 64 -9.90 68.28 24.75
C THR D 64 -8.57 68.00 25.41
N ALA D 65 -7.66 68.96 25.32
CA ALA D 65 -6.35 68.77 25.91
C ALA D 65 -5.71 70.12 26.18
N ASP D 66 -4.78 70.10 27.13
CA ASP D 66 -3.76 71.13 27.25
C ASP D 66 -2.41 70.43 27.24
N ASP D 67 -1.34 71.17 27.47
CA ASP D 67 0.00 70.66 27.21
C ASP D 67 0.49 69.62 28.20
N ASP D 68 -0.32 69.18 29.16
CA ASP D 68 0.19 68.21 30.12
C ASP D 68 -0.75 67.02 30.30
N CYS D 69 -2.03 67.22 30.03
CA CYS D 69 -3.01 66.16 30.19
C CYS D 69 -4.02 66.23 29.06
N ILE D 70 -4.80 65.17 28.91
CA ILE D 70 -5.85 65.09 27.92
C ILE D 70 -7.14 64.71 28.63
N TYR D 71 -8.17 65.51 28.44
CA TYR D 71 -9.47 65.25 29.04
C TYR D 71 -10.34 64.60 27.98
N ALA D 72 -10.58 63.31 28.13
CA ALA D 72 -11.47 62.55 27.28
C ALA D 72 -12.75 62.29 28.08
N GLY D 73 -13.81 63.03 27.73
CA GLY D 73 -15.10 62.85 28.37
C GLY D 73 -15.12 63.17 29.84
N GLY D 74 -14.33 64.13 30.27
CA GLY D 74 -14.14 64.38 31.68
C GLY D 74 -13.06 63.54 32.32
N HIS D 75 -12.78 62.36 31.76
CA HIS D 75 -11.75 61.49 32.29
C HIS D 75 -10.38 62.03 31.91
N ALA D 76 -9.52 62.27 32.89
CA ALA D 76 -8.19 62.78 32.62
C ALA D 76 -7.24 61.64 32.31
N VAL D 77 -6.28 61.90 31.42
CA VAL D 77 -5.22 60.94 31.14
C VAL D 77 -3.91 61.72 30.97
N LYS D 78 -2.85 61.17 31.55
CA LYS D 78 -1.55 61.78 31.46
C LYS D 78 -0.91 61.49 30.11
N CYS D 79 0.07 62.29 29.75
CA CYS D 79 0.71 62.21 28.45
C CYS D 79 2.07 62.88 28.50
N VAL D 80 3.03 62.24 27.84
CA VAL D 80 4.43 62.67 27.87
C VAL D 80 4.99 62.38 26.49
N SER D 81 6.23 62.79 26.24
CA SER D 81 6.87 62.55 24.95
C SER D 81 8.34 62.24 25.17
N ASP D 82 8.74 61.01 24.86
CA ASP D 82 10.15 60.64 24.89
C ASP D 82 10.35 59.41 24.02
N ARG D 83 11.48 59.38 23.33
CA ARG D 83 11.84 58.23 22.52
C ARG D 83 12.64 57.20 23.29
N ASN D 84 13.38 57.62 24.31
CA ASN D 84 14.04 56.68 25.18
C ASN D 84 13.00 56.07 26.10
N PRO D 85 12.82 54.75 26.11
CA PRO D 85 11.90 54.14 27.07
C PRO D 85 12.43 54.11 28.48
N GLU D 86 13.71 54.39 28.68
CA GLU D 86 14.31 54.29 30.01
C GLU D 86 14.09 55.54 30.85
N ASN D 87 13.70 56.65 30.24
CA ASN D 87 13.45 57.87 31.00
C ASN D 87 11.97 58.10 31.21
N LEU D 88 11.22 57.03 31.41
CA LEU D 88 9.78 57.26 31.42
C LEU D 88 9.17 57.05 32.80
N PRO D 89 8.26 57.94 33.19
CA PRO D 89 7.70 57.86 34.54
C PRO D 89 6.71 56.72 34.71
N TRP D 90 7.20 55.50 34.86
CA TRP D 90 6.24 54.41 35.03
C TRP D 90 5.90 54.16 36.48
N SER D 91 6.93 53.96 37.31
CA SER D 91 6.72 53.79 38.74
C SER D 91 6.19 55.06 39.37
N ALA D 92 6.49 56.22 38.79
CA ALA D 92 5.88 57.47 39.22
C ALA D 92 4.40 57.52 38.89
N TRP D 93 3.93 56.72 37.95
CA TRP D 93 2.52 56.72 37.60
C TRP D 93 1.80 55.45 38.03
N GLY D 94 2.53 54.43 38.47
CA GLY D 94 1.90 53.22 38.94
C GLY D 94 1.32 52.38 37.81
N ILE D 95 2.18 51.86 36.95
CA ILE D 95 1.77 51.23 35.70
C ILE D 95 1.95 49.74 35.81
N ASP D 96 0.85 49.00 35.72
CA ASP D 96 0.94 47.55 35.70
C ASP D 96 1.26 47.07 34.30
N LEU D 97 0.47 47.48 33.32
CA LEU D 97 0.56 46.98 31.97
C LEU D 97 0.75 48.14 31.00
N VAL D 98 1.82 48.07 30.22
CA VAL D 98 2.06 49.02 29.14
C VAL D 98 1.82 48.28 27.84
N ILE D 99 1.25 49.00 26.87
CA ILE D 99 0.84 48.44 25.60
C ILE D 99 1.82 48.96 24.57
N GLU D 100 2.78 48.12 24.20
CA GLU D 100 3.78 48.51 23.22
C GLU D 100 3.17 48.52 21.84
N ALA D 101 3.13 49.69 21.21
CA ALA D 101 2.53 49.82 19.90
C ALA D 101 3.32 50.76 18.99
N THR D 102 4.63 50.82 19.16
CA THR D 102 5.41 51.69 18.30
C THR D 102 5.94 50.97 17.08
N GLY D 103 5.93 49.64 17.07
CA GLY D 103 6.57 48.94 15.98
C GLY D 103 8.07 49.02 16.01
N VAL D 104 8.64 49.40 17.15
CA VAL D 104 10.07 49.56 17.29
C VAL D 104 10.67 48.53 18.23
N PHE D 105 9.96 48.16 19.28
CA PHE D 105 10.53 47.48 20.44
C PHE D 105 10.23 45.99 20.40
N THR D 106 10.27 45.41 19.20
CA THR D 106 9.85 44.04 18.97
C THR D 106 10.73 43.01 19.66
N SER D 107 11.97 43.34 19.98
CA SER D 107 12.81 42.38 20.67
C SER D 107 12.41 42.25 22.14
N ARG D 108 12.88 41.18 22.76
CA ARG D 108 12.71 41.04 24.21
C ARG D 108 13.51 42.11 24.95
N GLU D 109 14.74 42.37 24.48
CA GLU D 109 15.58 43.34 25.15
C GLU D 109 15.06 44.76 24.94
N GLY D 110 14.36 45.00 23.83
CA GLY D 110 13.80 46.31 23.60
C GLY D 110 12.59 46.52 24.48
N ALA D 111 11.70 45.52 24.50
CA ALA D 111 10.45 45.66 25.24
C ALA D 111 10.68 45.59 26.74
N SER D 112 11.73 44.90 27.17
CA SER D 112 12.03 44.78 28.59
C SER D 112 12.57 46.06 29.19
N LYS D 113 12.87 47.06 28.37
CA LYS D 113 13.28 48.36 28.88
C LYS D 113 12.18 49.02 29.69
N HIS D 114 10.92 48.77 29.33
CA HIS D 114 9.82 49.27 30.13
C HIS D 114 9.72 48.53 31.46
N LEU D 115 9.99 47.23 31.43
CA LEU D 115 9.99 46.46 32.67
C LEU D 115 11.08 46.94 33.60
N SER D 116 12.24 47.28 33.03
CA SER D 116 13.33 47.83 33.83
C SER D 116 12.98 49.21 34.35
N ALA D 117 12.34 50.03 33.52
CA ALA D 117 12.06 51.41 33.88
C ALA D 117 10.91 51.55 34.86
N GLY D 118 10.26 50.45 35.24
CA GLY D 118 9.29 50.52 36.31
C GLY D 118 7.88 50.14 35.92
N ALA D 119 7.74 49.28 34.91
CA ALA D 119 6.44 48.74 34.56
C ALA D 119 6.39 47.26 34.87
N LYS D 120 5.18 46.76 35.14
CA LYS D 120 5.06 45.39 35.64
C LYS D 120 4.83 44.37 34.52
N LYS D 121 3.94 44.67 33.58
CA LYS D 121 3.76 43.79 32.43
C LYS D 121 3.71 44.62 31.16
N VAL D 122 4.13 44.02 30.06
CA VAL D 122 4.10 44.66 28.75
C VAL D 122 3.40 43.75 27.77
N LEU D 123 2.46 44.29 27.03
CA LEU D 123 1.76 43.59 25.97
C LEU D 123 2.14 44.28 24.67
N ILE D 124 2.88 43.59 23.82
CA ILE D 124 3.38 44.19 22.60
C ILE D 124 2.51 43.74 21.44
N THR D 125 2.08 44.70 20.63
CA THR D 125 1.15 44.44 19.53
C THR D 125 1.91 44.27 18.22
N ALA D 126 2.79 43.27 18.20
CA ALA D 126 3.59 42.98 17.02
C ALA D 126 4.11 41.56 17.15
N PRO D 127 4.37 40.90 16.05
CA PRO D 127 5.09 39.63 16.15
C PRO D 127 6.53 39.88 16.53
N GLY D 128 6.88 39.58 17.76
CA GLY D 128 8.18 39.97 18.26
C GLY D 128 9.27 39.03 17.81
N LYS D 129 10.46 39.60 17.64
CA LYS D 129 11.63 38.76 17.44
C LYS D 129 11.95 37.99 18.71
N GLY D 130 12.46 36.79 18.53
CA GLY D 130 12.81 35.96 19.66
C GLY D 130 11.61 35.30 20.28
N ASN D 131 11.89 34.38 21.20
CA ASN D 131 10.87 33.52 21.79
C ASN D 131 10.07 34.31 22.83
N ILE D 132 9.24 35.21 22.34
CA ILE D 132 8.30 35.93 23.17
C ILE D 132 7.00 35.14 23.14
N PRO D 133 6.35 34.92 24.28
CA PRO D 133 5.11 34.13 24.28
C PRO D 133 3.98 34.90 23.60
N THR D 134 3.46 34.32 22.52
CA THR D 134 2.41 34.94 21.74
C THR D 134 1.05 34.33 22.05
N TYR D 135 0.02 35.17 22.05
CA TYR D 135 -1.30 34.74 22.45
C TYR D 135 -2.35 35.43 21.59
N VAL D 136 -3.28 34.65 21.06
CA VAL D 136 -4.37 35.14 20.23
C VAL D 136 -5.67 34.89 20.98
N VAL D 137 -6.50 35.92 21.09
CA VAL D 137 -7.80 35.76 21.71
C VAL D 137 -8.69 34.91 20.82
N GLY D 138 -9.22 33.83 21.37
CA GLY D 138 -10.04 32.91 20.62
C GLY D 138 -9.35 31.62 20.26
N VAL D 139 -8.03 31.54 20.44
CA VAL D 139 -7.32 30.31 20.17
C VAL D 139 -6.66 29.82 21.44
N ASN D 140 -5.73 30.60 21.96
CA ASN D 140 -4.98 30.21 23.13
C ASN D 140 -4.81 31.39 24.08
N HIS D 141 -5.87 32.13 24.30
CA HIS D 141 -5.81 33.18 25.29
C HIS D 141 -5.96 32.66 26.71
N HIS D 142 -6.17 31.36 26.89
CA HIS D 142 -6.24 30.78 28.22
C HIS D 142 -4.90 30.32 28.72
N THR D 143 -4.03 29.86 27.82
CA THR D 143 -2.87 29.07 28.19
C THR D 143 -1.65 29.92 28.49
N TYR D 144 -1.83 31.18 28.89
CA TYR D 144 -0.70 32.00 29.28
C TYR D 144 -0.46 31.85 30.77
N ASP D 145 0.79 31.80 31.15
CA ASP D 145 1.13 31.84 32.55
C ASP D 145 1.19 33.29 33.01
N PRO D 146 0.52 33.65 34.12
CA PRO D 146 0.48 35.06 34.53
C PRO D 146 1.81 35.61 35.01
N SER D 147 2.84 34.79 35.21
CA SER D 147 4.16 35.35 35.45
C SER D 147 4.85 35.78 34.16
N GLU D 148 4.32 35.40 33.00
CA GLU D 148 4.84 35.92 31.74
C GLU D 148 4.38 37.36 31.62
N ASP D 149 5.28 38.27 31.97
CA ASP D 149 4.99 39.70 31.94
C ASP D 149 5.14 40.31 30.57
N ILE D 150 5.97 39.71 29.72
CA ILE D 150 6.18 40.18 28.37
C ILE D 150 5.47 39.26 27.37
N VAL D 151 4.24 39.62 27.02
CA VAL D 151 3.45 38.81 26.11
C VAL D 151 3.33 39.56 24.80
N SER D 152 3.04 38.81 23.75
CA SER D 152 2.92 39.40 22.43
C SER D 152 1.63 38.94 21.76
N ASN D 153 0.85 39.89 21.31
CA ASN D 153 -0.15 39.59 20.31
C ASN D 153 0.54 39.55 18.96
N ALA D 154 0.03 38.71 18.07
CA ALA D 154 0.65 38.53 16.78
C ALA D 154 0.24 39.65 15.83
N SER D 155 0.54 39.50 14.55
CA SER D 155 0.07 40.48 13.59
C SER D 155 -1.42 40.32 13.37
N CYS D 156 -1.98 41.33 12.70
CA CYS D 156 -3.40 41.33 12.38
C CYS D 156 -3.77 40.20 11.43
N THR D 157 -2.87 39.87 10.51
CA THR D 157 -3.13 38.77 9.57
C THR D 157 -3.19 37.45 10.31
N THR D 158 -2.24 37.23 11.23
CA THR D 158 -2.26 36.03 12.04
C THR D 158 -3.47 36.01 12.95
N ASN D 159 -3.81 37.17 13.50
CA ASN D 159 -4.95 37.27 14.41
C ASN D 159 -6.26 37.00 13.69
N CYS D 160 -6.32 37.28 12.40
CA CYS D 160 -7.48 36.87 11.64
C CYS D 160 -7.43 35.40 11.27
N LEU D 161 -6.27 34.93 10.82
CA LEU D 161 -6.20 33.64 10.15
C LEU D 161 -6.27 32.48 11.13
N ALA D 162 -5.63 32.62 12.29
CA ALA D 162 -5.51 31.51 13.23
C ALA D 162 -6.82 30.94 13.77
N PRO D 163 -7.93 31.67 13.99
CA PRO D 163 -9.15 30.97 14.39
C PRO D 163 -9.72 30.07 13.31
N ILE D 164 -9.65 30.49 12.05
CA ILE D 164 -10.10 29.66 10.94
C ILE D 164 -9.25 28.40 10.84
N VAL D 165 -7.94 28.55 11.04
CA VAL D 165 -7.05 27.40 10.96
C VAL D 165 -7.28 26.48 12.15
N LYS D 166 -7.64 27.04 13.31
CA LYS D 166 -7.98 26.21 14.45
C LYS D 166 -9.23 25.37 14.19
N VAL D 167 -10.26 26.01 13.63
CA VAL D 167 -11.50 25.29 13.35
C VAL D 167 -11.28 24.20 12.31
N LEU D 168 -10.56 24.52 11.24
CA LEU D 168 -10.35 23.53 10.20
C LEU D 168 -9.37 22.46 10.61
N HIS D 169 -8.46 22.74 11.55
CA HIS D 169 -7.58 21.70 12.00
C HIS D 169 -8.28 20.76 12.96
N GLU D 170 -9.19 21.28 13.77
CA GLU D 170 -9.93 20.41 14.67
C GLU D 170 -10.95 19.57 13.92
N ALA D 171 -11.60 20.15 12.91
CA ALA D 171 -12.67 19.42 12.26
C ALA D 171 -12.14 18.48 11.18
N PHE D 172 -11.04 18.82 10.53
CA PHE D 172 -10.63 18.05 9.37
C PHE D 172 -9.20 17.55 9.46
N GLY D 173 -8.35 18.30 10.13
CA GLY D 173 -6.94 17.95 10.13
C GLY D 173 -6.25 18.52 8.91
N ILE D 174 -5.12 19.19 9.13
CA ILE D 174 -4.45 19.94 8.08
C ILE D 174 -3.09 19.31 7.85
N GLN D 175 -2.77 19.02 6.58
CA GLN D 175 -1.40 18.62 6.26
C GLN D 175 -0.55 19.85 6.00
N GLN D 176 -0.92 20.65 5.01
CA GLN D 176 -0.18 21.85 4.66
C GLN D 176 -1.16 22.98 4.45
N GLY D 177 -0.62 24.19 4.34
CA GLY D 177 -1.49 25.32 4.10
C GLY D 177 -0.79 26.58 3.66
N MET D 178 -1.29 27.19 2.60
CA MET D 178 -0.82 28.47 2.09
C MET D 178 -1.82 29.56 2.46
N MET D 179 -1.36 30.81 2.35
CA MET D 179 -2.25 31.93 2.47
C MET D 179 -1.73 33.07 1.62
N THR D 180 -2.62 33.97 1.22
CA THR D 180 -2.20 35.16 0.48
C THR D 180 -3.15 36.27 0.86
N THR D 181 -2.74 37.09 1.79
CA THR D 181 -3.62 38.14 2.28
C THR D 181 -3.49 39.38 1.41
N THR D 182 -4.62 39.85 0.92
CA THR D 182 -4.70 41.12 0.20
C THR D 182 -4.89 42.20 1.25
N HIS D 183 -3.83 42.91 1.55
CA HIS D 183 -3.68 43.68 2.77
C HIS D 183 -3.87 45.14 2.45
N SER D 184 -4.49 45.88 3.36
CA SER D 184 -4.58 47.31 3.16
C SER D 184 -3.23 47.94 3.41
N TYR D 185 -3.00 49.12 2.84
CA TYR D 185 -1.68 49.72 3.00
C TYR D 185 -1.53 50.28 4.40
N THR D 186 -0.36 50.04 4.98
CA THR D 186 -0.06 50.47 6.33
C THR D 186 0.86 51.68 6.31
N GLY D 187 1.16 52.20 7.48
CA GLY D 187 1.91 53.42 7.57
C GLY D 187 3.37 53.30 7.23
N ASP D 188 3.89 52.07 7.15
CA ASP D 188 5.32 51.89 6.89
C ASP D 188 5.71 52.24 5.47
N GLN D 189 4.78 52.16 4.53
CA GLN D 189 5.11 52.40 3.15
C GLN D 189 5.27 53.88 2.90
N ARG D 190 6.23 54.23 2.05
CA ARG D 190 6.40 55.62 1.73
C ARG D 190 5.33 56.03 0.74
N LEU D 191 4.91 57.28 0.84
CA LEU D 191 3.81 57.77 0.02
C LEU D 191 4.22 57.91 -1.43
N LEU D 192 5.20 58.76 -1.69
CA LEU D 192 5.80 58.73 -3.02
C LEU D 192 7.00 57.82 -2.96
N ASP D 193 7.68 57.68 -4.09
CA ASP D 193 8.79 56.75 -4.16
C ASP D 193 9.97 57.31 -3.39
N ALA D 194 10.10 56.94 -2.13
CA ALA D 194 11.15 57.47 -1.29
C ALA D 194 12.03 56.34 -0.80
N SER D 195 13.15 56.73 -0.21
CA SER D 195 14.16 55.79 0.20
C SER D 195 13.70 55.01 1.41
N HIS D 196 13.89 53.70 1.38
CA HIS D 196 13.34 52.84 2.41
C HIS D 196 14.23 51.61 2.52
N ARG D 197 14.17 50.96 3.68
CA ARG D 197 15.06 49.84 3.94
C ARG D 197 14.76 48.65 3.04
N ASP D 198 13.48 48.33 2.85
CA ASP D 198 13.08 47.30 1.91
C ASP D 198 12.58 47.96 0.64
N LEU D 199 12.95 47.37 -0.50
CA LEU D 199 12.73 48.02 -1.78
C LEU D 199 11.27 47.95 -2.21
N ARG D 200 10.57 46.88 -1.87
CA ARG D 200 9.18 46.77 -2.27
C ARG D 200 8.26 47.60 -1.40
N ARG D 201 8.72 48.08 -0.26
CA ARG D 201 7.97 49.06 0.48
C ARG D 201 8.41 50.46 0.16
N ALA D 202 9.44 50.62 -0.65
CA ALA D 202 9.91 51.95 -0.98
C ALA D 202 9.04 52.63 -2.02
N ARG D 203 8.16 51.90 -2.68
CA ARG D 203 7.47 52.46 -3.82
C ARG D 203 6.15 53.07 -3.35
N ALA D 204 5.41 53.65 -4.28
CA ALA D 204 4.25 54.45 -3.91
C ALA D 204 3.11 53.57 -3.45
N ALA D 205 2.41 54.01 -2.42
CA ALA D 205 1.38 53.18 -1.83
C ALA D 205 0.04 53.35 -2.50
N ALA D 206 -0.30 54.56 -2.92
CA ALA D 206 -1.60 54.78 -3.52
C ALA D 206 -1.67 54.28 -4.95
N MET D 207 -0.53 53.94 -5.54
CA MET D 207 -0.48 53.61 -6.95
C MET D 207 -0.40 52.13 -7.21
N ASN D 208 0.09 51.34 -6.26
CA ASN D 208 0.67 50.06 -6.60
C ASN D 208 0.12 48.93 -5.75
N ILE D 209 -0.02 47.77 -6.38
CA ILE D 209 -0.04 46.51 -5.66
C ILE D 209 1.41 46.20 -5.34
N VAL D 210 1.85 46.42 -4.11
CA VAL D 210 3.20 46.05 -3.74
C VAL D 210 3.14 44.71 -3.01
N PRO D 211 3.90 43.72 -3.42
CA PRO D 211 3.93 42.46 -2.71
C PRO D 211 4.97 42.52 -1.61
N THR D 212 4.77 41.66 -0.62
CA THR D 212 5.77 41.56 0.43
C THR D 212 5.73 40.15 0.98
N SER D 213 6.88 39.71 1.47
CA SER D 213 6.99 38.43 2.13
C SER D 213 6.79 38.63 3.62
N THR D 214 5.94 37.81 4.21
CA THR D 214 5.71 37.88 5.63
C THR D 214 5.89 36.50 6.25
N GLY D 215 6.31 36.51 7.51
CA GLY D 215 6.35 35.33 8.33
C GLY D 215 5.18 35.23 9.26
N ALA D 216 4.19 36.10 9.10
CA ALA D 216 3.04 36.09 9.99
C ALA D 216 2.14 34.89 9.76
N ALA D 217 2.27 34.22 8.62
CA ALA D 217 1.62 32.93 8.48
C ALA D 217 2.27 31.88 9.37
N LYS D 218 3.59 31.97 9.58
CA LYS D 218 4.25 31.02 10.45
C LYS D 218 3.92 31.23 11.91
N ALA D 219 3.41 32.40 12.28
CA ALA D 219 3.03 32.65 13.66
C ALA D 219 1.82 31.83 14.08
N VAL D 220 1.05 31.34 13.11
CA VAL D 220 0.01 30.37 13.43
C VAL D 220 0.65 29.09 13.94
N GLY D 221 1.82 28.73 13.39
CA GLY D 221 2.57 27.61 13.90
C GLY D 221 3.13 27.83 15.29
N LEU D 222 3.25 29.08 15.72
CA LEU D 222 3.53 29.32 17.12
C LEU D 222 2.28 29.12 17.96
N VAL D 223 1.18 29.78 17.58
CA VAL D 223 0.01 29.71 18.44
C VAL D 223 -0.73 28.38 18.31
N ILE D 224 -0.53 27.64 17.22
CA ILE D 224 -0.93 26.24 17.15
C ILE D 224 0.34 25.43 16.94
N PRO D 225 0.77 24.66 17.94
CA PRO D 225 2.13 24.10 17.91
C PRO D 225 2.32 22.98 16.90
N GLU D 226 1.30 22.17 16.67
CA GLU D 226 1.44 21.00 15.81
C GLU D 226 1.37 21.32 14.32
N LEU D 227 1.32 22.60 13.95
CA LEU D 227 1.31 22.99 12.55
C LEU D 227 2.50 23.85 12.18
N GLN D 228 3.51 23.94 13.05
CA GLN D 228 4.65 24.79 12.80
C GLN D 228 5.50 24.21 11.68
N GLY D 229 5.98 25.09 10.80
CA GLY D 229 6.69 24.65 9.63
C GLY D 229 5.81 24.11 8.53
N LYS D 230 4.51 24.31 8.63
CA LYS D 230 3.58 23.84 7.62
C LYS D 230 2.73 24.94 7.03
N LEU D 231 2.89 26.17 7.50
CA LEU D 231 2.05 27.27 7.07
C LEU D 231 2.93 28.41 6.62
N ASN D 232 2.73 28.89 5.40
CA ASN D 232 3.55 29.97 4.88
C ASN D 232 2.72 30.75 3.88
N GLY D 233 3.05 32.02 3.72
CA GLY D 233 2.29 32.82 2.76
C GLY D 233 2.85 34.19 2.57
N ILE D 234 2.35 34.87 1.54
CA ILE D 234 2.82 36.21 1.19
C ILE D 234 1.69 37.19 1.41
N ALA D 235 1.97 38.48 1.21
CA ALA D 235 0.97 39.51 1.38
C ALA D 235 1.00 40.46 0.20
N LEU D 236 -0.16 41.01 -0.11
CA LEU D 236 -0.30 41.96 -1.20
C LEU D 236 -0.92 43.23 -0.64
N ARG D 237 -0.20 44.33 -0.74
CA ARG D 237 -0.68 45.60 -0.27
C ARG D 237 -1.28 46.35 -1.44
N VAL D 238 -2.56 46.65 -1.35
CA VAL D 238 -3.28 47.29 -2.45
C VAL D 238 -3.79 48.62 -1.94
N PRO D 239 -4.04 49.57 -2.81
CA PRO D 239 -4.47 50.89 -2.34
C PRO D 239 -5.87 50.98 -1.76
N THR D 240 -6.16 50.25 -0.70
CA THR D 240 -7.31 50.52 0.12
C THR D 240 -6.83 50.93 1.50
N PRO D 241 -7.43 51.91 2.11
CA PRO D 241 -6.87 52.44 3.34
C PRO D 241 -7.14 51.59 4.57
N ASN D 242 -8.28 50.93 4.69
CA ASN D 242 -8.64 50.40 6.00
C ASN D 242 -8.65 48.89 6.09
N VAL D 243 -9.48 48.21 5.31
CA VAL D 243 -9.86 46.84 5.62
C VAL D 243 -9.10 45.93 4.68
N SER D 244 -9.08 44.63 4.97
CA SER D 244 -8.31 43.74 4.12
C SER D 244 -8.98 42.38 4.09
N VAL D 245 -8.55 41.55 3.17
CA VAL D 245 -9.07 40.19 3.05
C VAL D 245 -7.89 39.25 2.96
N VAL D 246 -8.07 38.05 3.51
CA VAL D 246 -7.03 37.04 3.49
C VAL D 246 -7.56 35.80 2.79
N ASP D 247 -6.81 35.35 1.80
CA ASP D 247 -7.05 34.08 1.15
C ASP D 247 -6.32 33.00 1.91
N PHE D 248 -6.90 31.82 1.97
CA PHE D 248 -6.28 30.73 2.71
C PHE D 248 -6.55 29.42 2.00
N VAL D 249 -5.47 28.78 1.56
CA VAL D 249 -5.52 27.49 0.89
C VAL D 249 -4.94 26.47 1.85
N ALA D 250 -5.76 25.54 2.30
CA ALA D 250 -5.28 24.44 3.12
C ALA D 250 -5.43 23.14 2.36
N GLN D 251 -4.58 22.20 2.72
CA GLN D 251 -4.65 20.84 2.20
C GLN D 251 -5.06 19.95 3.35
N VAL D 252 -6.37 19.76 3.50
CA VAL D 252 -6.88 18.88 4.54
C VAL D 252 -6.70 17.44 4.07
N GLU D 253 -6.84 16.51 5.00
CA GLU D 253 -6.75 15.10 4.67
C GLU D 253 -8.05 14.34 4.82
N LYS D 254 -8.95 14.78 5.69
CA LYS D 254 -10.28 14.20 5.72
C LYS D 254 -11.11 14.86 4.64
N PRO D 255 -11.53 14.13 3.61
CA PRO D 255 -12.17 14.78 2.46
C PRO D 255 -13.58 15.26 2.78
N THR D 256 -13.99 16.31 2.07
CA THR D 256 -15.27 16.96 2.31
C THR D 256 -15.63 17.80 1.09
N ILE D 257 -16.73 18.55 1.20
CA ILE D 257 -17.19 19.44 0.15
C ILE D 257 -17.25 20.87 0.65
N ALA D 258 -17.63 21.79 -0.23
CA ALA D 258 -17.59 23.21 0.09
C ALA D 258 -18.71 23.60 1.04
N GLU D 259 -19.82 22.88 1.03
CA GLU D 259 -20.92 23.26 1.92
C GLU D 259 -20.62 22.87 3.35
N GLN D 260 -19.88 21.78 3.54
CA GLN D 260 -19.70 21.23 4.87
C GLN D 260 -18.75 22.08 5.69
N VAL D 261 -17.71 22.64 5.06
CA VAL D 261 -16.80 23.51 5.79
C VAL D 261 -17.49 24.81 6.18
N ASN D 262 -18.43 25.28 5.35
CA ASN D 262 -19.23 26.43 5.71
C ASN D 262 -20.14 26.12 6.87
N GLN D 263 -20.69 24.90 6.90
CA GLN D 263 -21.51 24.48 8.02
C GLN D 263 -20.70 24.39 9.31
N VAL D 264 -19.48 23.87 9.22
CA VAL D 264 -18.61 23.73 10.38
C VAL D 264 -18.26 25.09 10.95
N ILE D 265 -17.88 26.02 10.08
CA ILE D 265 -17.51 27.33 10.56
C ILE D 265 -18.73 28.11 11.03
N LYS D 266 -19.90 27.83 10.45
CA LYS D 266 -21.11 28.52 10.89
C LYS D 266 -21.50 28.08 12.30
N GLU D 267 -21.40 26.80 12.60
CA GLU D 267 -21.73 26.39 13.96
C GLU D 267 -20.61 26.75 14.93
N ALA D 268 -19.36 26.81 14.46
CA ALA D 268 -18.28 27.26 15.32
C ALA D 268 -18.39 28.76 15.61
N SER D 269 -19.04 29.50 14.73
CA SER D 269 -19.33 30.90 14.99
C SER D 269 -20.35 31.08 16.09
N GLU D 270 -21.16 30.06 16.35
CA GLU D 270 -22.24 30.18 17.30
C GLU D 270 -22.00 29.40 18.58
N THR D 271 -20.96 28.56 18.64
CA THR D 271 -20.69 27.84 19.88
C THR D 271 -19.42 28.32 20.56
N THR D 272 -18.29 28.30 19.88
CA THR D 272 -17.01 28.54 20.51
C THR D 272 -16.37 29.85 20.09
N MET D 273 -16.38 30.16 18.81
CA MET D 273 -15.73 31.35 18.27
C MET D 273 -16.65 32.53 18.22
N LYS D 274 -17.67 32.56 19.09
CA LYS D 274 -18.63 33.66 19.12
C LYS D 274 -17.94 34.93 19.55
N GLY D 275 -18.12 35.99 18.77
CA GLY D 275 -17.39 37.21 18.98
C GLY D 275 -16.01 37.24 18.35
N ILE D 276 -15.54 36.11 17.84
CA ILE D 276 -14.27 36.08 17.14
C ILE D 276 -14.53 35.99 15.66
N ILE D 277 -15.26 34.96 15.24
CA ILE D 277 -15.56 34.72 13.85
C ILE D 277 -17.02 35.03 13.62
N HIS D 278 -17.30 35.94 12.72
CA HIS D 278 -18.65 36.16 12.25
C HIS D 278 -18.81 35.43 10.92
N TYR D 279 -20.03 35.03 10.62
CA TYR D 279 -20.31 34.29 9.40
C TYR D 279 -21.33 35.06 8.58
N SER D 280 -21.00 35.35 7.33
CA SER D 280 -21.81 36.22 6.49
C SER D 280 -22.11 35.53 5.17
N GLU D 281 -23.40 35.29 4.92
CA GLU D 281 -23.87 34.81 3.63
C GLU D 281 -24.44 35.92 2.77
N LEU D 282 -23.86 37.10 2.88
CA LEU D 282 -24.24 38.22 2.05
C LEU D 282 -23.16 38.43 0.98
N GLU D 283 -23.54 39.13 -0.08
CA GLU D 283 -22.55 39.51 -1.09
C GLU D 283 -22.00 40.90 -0.80
N LEU D 284 -21.37 41.03 0.36
CA LEU D 284 -20.82 42.32 0.72
C LEU D 284 -19.48 42.53 0.04
N VAL D 285 -18.94 43.73 0.23
CA VAL D 285 -17.65 44.13 -0.29
C VAL D 285 -16.87 44.71 0.87
N SER D 286 -15.69 45.25 0.58
CA SER D 286 -14.69 45.52 1.60
C SER D 286 -15.16 46.57 2.60
N SER D 287 -15.66 47.70 2.09
CA SER D 287 -15.98 48.82 2.96
C SER D 287 -17.19 48.58 3.84
N ASP D 288 -17.88 47.47 3.70
CA ASP D 288 -18.91 47.14 4.65
C ASP D 288 -18.36 46.40 5.86
N TYR D 289 -17.04 46.39 6.02
CA TYR D 289 -16.44 45.81 7.22
C TYR D 289 -15.58 46.81 7.96
N ARG D 290 -15.74 48.10 7.69
CA ARG D 290 -15.05 49.09 8.48
C ARG D 290 -15.74 49.19 9.83
N GLY D 291 -15.05 48.74 10.88
CA GLY D 291 -15.60 48.82 12.20
C GLY D 291 -16.35 47.60 12.66
N HIS D 292 -16.19 46.48 11.98
CA HIS D 292 -16.84 45.26 12.43
C HIS D 292 -16.11 44.73 13.65
N ASN D 293 -16.86 44.12 14.57
CA ASN D 293 -16.25 43.71 15.84
C ASN D 293 -15.55 42.37 15.77
N ALA D 294 -15.92 41.51 14.84
CA ALA D 294 -15.29 40.20 14.76
C ALA D 294 -13.91 40.31 14.13
N SER D 295 -13.03 39.39 14.51
CA SER D 295 -11.67 39.38 14.00
C SER D 295 -11.53 38.60 12.71
N SER D 296 -12.61 38.00 12.22
CA SER D 296 -12.62 37.36 10.90
C SER D 296 -14.06 37.21 10.48
N ILE D 297 -14.42 37.80 9.36
CA ILE D 297 -15.72 37.53 8.76
C ILE D 297 -15.46 36.58 7.61
N LEU D 298 -15.96 35.36 7.75
CA LEU D 298 -15.81 34.38 6.68
C LEU D 298 -16.75 34.71 5.54
N ASP D 299 -16.20 34.86 4.35
CA ASP D 299 -17.03 35.12 3.18
C ASP D 299 -17.54 33.78 2.66
N ALA D 300 -18.85 33.60 2.64
CA ALA D 300 -19.41 32.27 2.46
C ALA D 300 -19.42 31.85 1.00
N SER D 301 -19.71 32.78 0.10
CA SER D 301 -19.96 32.42 -1.28
C SER D 301 -18.71 32.04 -2.05
N LEU D 302 -17.52 32.22 -1.47
CA LEU D 302 -16.29 31.98 -2.20
C LEU D 302 -15.55 30.75 -1.72
N THR D 303 -16.08 30.04 -0.73
CA THR D 303 -15.41 28.88 -0.19
C THR D 303 -15.44 27.75 -1.21
N MET D 304 -14.30 27.15 -1.50
CA MET D 304 -14.34 26.09 -2.50
C MET D 304 -13.38 24.97 -2.19
N VAL D 305 -13.72 23.77 -2.65
CA VAL D 305 -12.98 22.55 -2.40
C VAL D 305 -12.76 21.85 -3.73
N LEU D 306 -11.50 21.56 -4.05
CA LEU D 306 -11.19 20.79 -5.24
C LEU D 306 -10.58 19.46 -4.86
N GLY D 307 -11.10 18.38 -5.43
CA GLY D 307 -10.57 17.06 -5.15
C GLY D 307 -10.84 16.55 -3.76
N GLY D 308 -11.73 17.18 -3.00
CA GLY D 308 -12.06 16.69 -1.68
C GLY D 308 -11.10 17.11 -0.59
N ASN D 309 -9.80 17.19 -0.91
CA ASN D 309 -8.76 17.37 0.09
C ASN D 309 -8.01 18.69 -0.09
N LEU D 310 -8.65 19.69 -0.65
CA LEU D 310 -7.99 20.96 -0.93
C LEU D 310 -9.02 22.07 -0.82
N VAL D 311 -8.92 22.86 0.25
CA VAL D 311 -9.94 23.82 0.60
C VAL D 311 -9.37 25.23 0.50
N LYS D 312 -10.21 26.17 0.09
CA LYS D 312 -9.89 27.59 0.05
C LYS D 312 -11.00 28.36 0.72
N VAL D 313 -10.63 29.17 1.70
CA VAL D 313 -11.54 30.12 2.30
C VAL D 313 -10.96 31.51 2.12
N VAL D 314 -11.82 32.51 2.24
CA VAL D 314 -11.38 33.89 2.30
C VAL D 314 -12.07 34.55 3.48
N ALA D 315 -11.36 35.47 4.11
CA ALA D 315 -11.86 36.08 5.33
C ALA D 315 -11.63 37.57 5.28
N TRP D 316 -12.70 38.33 5.39
CA TRP D 316 -12.56 39.76 5.59
C TRP D 316 -12.12 40.01 7.01
N TYR D 317 -11.26 41.01 7.20
CA TYR D 317 -10.91 41.42 8.55
C TYR D 317 -10.41 42.85 8.51
N ASP D 318 -10.72 43.58 9.57
CA ASP D 318 -10.28 44.96 9.69
C ASP D 318 -9.01 44.98 10.52
N ASN D 319 -7.92 45.37 9.92
CA ASN D 319 -6.65 45.32 10.62
C ASN D 319 -6.40 46.55 11.47
N GLU D 320 -7.35 47.46 11.57
CA GLU D 320 -7.19 48.59 12.44
C GLU D 320 -8.20 48.64 13.56
N TRP D 321 -9.35 48.01 13.40
CA TRP D 321 -10.36 48.04 14.45
C TRP D 321 -10.50 46.72 15.18
N GLY D 322 -10.66 45.63 14.43
CA GLY D 322 -10.78 44.34 15.06
C GLY D 322 -9.51 43.90 15.76
N TYR D 323 -8.37 44.29 15.23
CA TYR D 323 -7.11 43.96 15.90
C TYR D 323 -6.99 44.72 17.21
N SER D 324 -7.44 45.97 17.22
CA SER D 324 -7.48 46.72 18.47
C SER D 324 -8.46 46.10 19.45
N GLN D 325 -9.58 45.59 18.96
CA GLN D 325 -10.52 44.89 19.82
C GLN D 325 -9.89 43.66 20.44
N ARG D 326 -9.10 42.92 19.68
CA ARG D 326 -8.47 41.73 20.26
C ARG D 326 -7.36 42.11 21.23
N VAL D 327 -6.68 43.22 20.98
CA VAL D 327 -5.70 43.73 21.94
C VAL D 327 -6.37 44.08 23.25
N LEU D 328 -7.50 44.77 23.19
CA LEU D 328 -8.17 45.17 24.41
C LEU D 328 -8.80 43.98 25.12
N ASP D 329 -9.25 42.98 24.36
CA ASP D 329 -9.78 41.79 24.98
C ASP D 329 -8.68 40.99 25.67
N LEU D 330 -7.50 40.93 25.06
CA LEU D 330 -6.38 40.26 25.70
C LEU D 330 -5.92 41.02 26.94
N ALA D 331 -5.98 42.34 26.89
CA ALA D 331 -5.59 43.14 28.04
C ALA D 331 -6.55 42.95 29.20
N GLU D 332 -7.87 42.98 28.92
CA GLU D 332 -8.83 42.67 29.97
C GLU D 332 -8.73 41.24 30.47
N HIS D 333 -8.38 40.30 29.60
CA HIS D 333 -8.28 38.91 30.02
C HIS D 333 -7.03 38.68 30.84
N MET D 334 -6.00 39.49 30.65
CA MET D 334 -4.89 39.42 31.58
C MET D 334 -5.13 40.25 32.83
N ALA D 335 -6.06 41.19 32.78
CA ALA D 335 -6.46 41.85 34.02
C ALA D 335 -7.29 40.93 34.89
N ALA D 336 -8.12 40.08 34.27
CA ALA D 336 -8.97 39.17 35.04
C ALA D 336 -8.17 38.05 35.69
N HIS D 337 -6.96 37.79 35.20
CA HIS D 337 -6.11 36.80 35.85
C HIS D 337 -4.81 37.46 36.26
N TRP D 338 -4.91 38.63 36.88
CA TRP D 338 -3.73 39.30 37.41
C TRP D 338 -3.11 38.48 38.52
N ALA D 339 -1.78 38.42 38.53
CA ALA D 339 -1.05 37.74 39.59
C ALA D 339 -0.03 38.70 40.19
N MET E 3 33.37 73.11 -18.15
CA MET E 3 32.48 72.10 -17.58
C MET E 3 32.41 72.25 -16.07
N VAL E 4 31.20 72.25 -15.53
CA VAL E 4 30.96 72.58 -14.13
C VAL E 4 30.56 71.33 -13.37
N ARG E 5 31.34 70.98 -12.35
CA ARG E 5 31.07 69.81 -11.53
C ARG E 5 30.01 70.13 -10.49
N VAL E 6 28.87 69.44 -10.56
CA VAL E 6 27.73 69.76 -9.72
C VAL E 6 27.35 68.57 -8.86
N ALA E 7 26.57 68.87 -7.83
CA ALA E 7 26.22 67.90 -6.82
C ALA E 7 24.76 68.04 -6.45
N ILE E 8 24.22 67.01 -5.80
CA ILE E 8 22.82 66.93 -5.45
C ILE E 8 22.71 66.56 -3.98
N ASN E 9 22.10 67.42 -3.19
CA ASN E 9 21.85 67.11 -1.79
C ASN E 9 20.42 66.61 -1.67
N GLY E 10 20.28 65.33 -1.40
CA GLY E 10 18.98 64.75 -1.15
C GLY E 10 18.44 64.17 -2.42
N PHE E 11 18.47 62.85 -2.52
CA PHE E 11 18.12 62.21 -3.79
C PHE E 11 16.66 61.74 -3.74
N GLY E 12 15.78 62.71 -3.52
CA GLY E 12 14.37 62.44 -3.44
C GLY E 12 13.68 62.59 -4.77
N ARG E 13 12.45 63.10 -4.77
CA ARG E 13 11.70 63.26 -6.03
C ARG E 13 12.36 64.28 -6.93
N ILE E 14 12.74 65.42 -6.36
CA ILE E 14 13.36 66.46 -7.15
C ILE E 14 14.75 66.02 -7.60
N GLY E 15 15.45 65.27 -6.75
CA GLY E 15 16.77 64.80 -7.13
C GLY E 15 16.73 63.75 -8.22
N ARG E 16 15.81 62.78 -8.10
CA ARG E 16 15.68 61.77 -9.13
C ARG E 16 15.22 62.37 -10.45
N ASN E 17 14.32 63.34 -10.38
CA ASN E 17 13.91 64.00 -11.62
C ASN E 17 15.02 64.86 -12.19
N PHE E 18 15.85 65.45 -11.34
CA PHE E 18 16.98 66.24 -11.83
C PHE E 18 17.99 65.35 -12.53
N MET E 19 18.27 64.19 -11.93
CA MET E 19 19.18 63.23 -12.52
C MET E 19 18.64 62.70 -13.84
N ARG E 20 17.35 62.42 -13.90
CA ARG E 20 16.76 61.91 -15.13
C ARG E 20 16.75 62.96 -16.22
N CYS E 21 16.52 64.23 -15.85
CA CYS E 21 16.56 65.31 -16.83
C CYS E 21 17.96 65.49 -17.39
N TRP E 22 18.97 65.43 -16.53
CA TRP E 22 20.34 65.58 -17.00
C TRP E 22 20.76 64.38 -17.84
N LEU E 23 20.22 63.20 -17.54
CA LEU E 23 20.45 62.08 -18.43
C LEU E 23 19.73 62.24 -19.75
N GLN E 24 18.69 63.06 -19.81
CA GLN E 24 18.05 63.29 -21.10
C GLN E 24 18.53 64.55 -21.79
N ARG E 25 19.36 65.36 -21.15
CA ARG E 25 19.90 66.57 -21.75
C ARG E 25 21.41 66.63 -21.62
N LYS E 26 22.06 65.51 -21.94
CA LYS E 26 23.46 65.35 -21.60
C LYS E 26 24.38 66.11 -22.53
N ALA E 27 24.07 66.12 -23.84
CA ALA E 27 25.02 66.61 -24.82
C ALA E 27 25.16 68.13 -24.78
N ASN E 28 24.09 68.83 -24.48
CA ASN E 28 24.10 70.29 -24.48
C ASN E 28 24.46 70.86 -23.11
N SER E 29 25.12 70.09 -22.27
CA SER E 29 25.26 70.44 -20.86
C SER E 29 26.70 70.85 -20.56
N LYS E 30 26.83 71.98 -19.89
CA LYS E 30 28.07 72.38 -19.24
C LYS E 30 28.16 71.84 -17.83
N LEU E 31 27.22 70.99 -17.44
CA LEU E 31 27.13 70.46 -16.10
C LEU E 31 27.45 68.97 -16.13
N GLU E 32 28.29 68.53 -15.21
CA GLU E 32 28.53 67.12 -15.02
C GLU E 32 28.19 66.78 -13.57
N ILE E 33 27.24 65.88 -13.40
CA ILE E 33 26.81 65.49 -12.08
C ILE E 33 27.82 64.51 -11.52
N VAL E 34 28.46 64.88 -10.42
CA VAL E 34 29.53 64.06 -9.88
C VAL E 34 29.28 63.61 -8.46
N GLY E 35 28.32 64.20 -7.74
CA GLY E 35 28.08 63.76 -6.39
C GLY E 35 26.63 63.82 -5.97
N ILE E 36 26.16 62.79 -5.28
CA ILE E 36 24.85 62.82 -4.67
C ILE E 36 25.00 62.33 -3.24
N ASN E 37 24.05 62.68 -2.39
CA ASN E 37 23.96 62.05 -1.10
C ASN E 37 22.53 61.96 -0.62
N ASP E 38 22.15 60.77 -0.22
CA ASP E 38 20.83 60.54 0.33
C ASP E 38 21.04 59.83 1.65
N THR E 39 19.97 59.68 2.41
CA THR E 39 20.01 58.90 3.62
C THR E 39 19.94 57.40 3.36
N SER E 40 19.91 56.98 2.11
CA SER E 40 19.91 55.57 1.76
C SER E 40 21.26 55.15 1.22
N ASP E 41 21.47 53.85 1.21
CA ASP E 41 22.65 53.26 0.63
C ASP E 41 22.63 53.42 -0.90
N PRO E 42 23.78 53.34 -1.55
CA PRO E 42 23.82 53.47 -3.00
C PRO E 42 23.21 52.32 -3.76
N ARG E 43 22.86 51.21 -3.12
CA ARG E 43 22.20 50.14 -3.85
C ARG E 43 20.73 50.45 -4.09
N THR E 44 20.09 51.13 -3.16
CA THR E 44 18.65 51.30 -3.21
C THR E 44 18.26 52.41 -4.17
N ASN E 45 18.94 53.55 -4.09
CA ASN E 45 18.54 54.71 -4.86
C ASN E 45 18.85 54.57 -6.34
N ALA E 46 19.76 53.67 -6.72
CA ALA E 46 19.91 53.36 -8.13
C ALA E 46 18.69 52.63 -8.65
N HIS E 47 18.15 51.72 -7.85
CA HIS E 47 16.89 51.07 -8.21
C HIS E 47 15.76 52.08 -8.29
N LEU E 48 15.69 52.99 -7.33
CA LEU E 48 14.65 54.01 -7.36
C LEU E 48 14.85 54.98 -8.52
N LEU E 49 16.08 55.15 -8.98
CA LEU E 49 16.27 55.96 -10.17
C LEU E 49 15.79 55.22 -11.41
N LYS E 50 16.10 53.92 -11.52
CA LYS E 50 15.76 53.22 -12.73
C LYS E 50 14.27 52.95 -12.83
N TYR E 51 13.65 52.54 -11.74
CA TYR E 51 12.25 52.17 -11.75
C TYR E 51 11.48 53.25 -11.00
N ASP E 52 11.07 54.27 -11.70
CA ASP E 52 10.21 55.28 -11.12
C ASP E 52 8.77 54.86 -11.38
N SER E 53 7.96 54.83 -10.33
CA SER E 53 6.58 54.42 -10.49
C SER E 53 5.70 55.54 -11.03
N MET E 54 6.28 56.66 -11.42
CA MET E 54 5.56 57.75 -12.03
C MET E 54 5.96 57.99 -13.47
N LEU E 55 7.25 57.92 -13.78
CA LEU E 55 7.73 58.13 -15.11
C LEU E 55 8.10 56.83 -15.80
N GLY E 56 7.70 55.71 -15.23
CA GLY E 56 7.98 54.44 -15.84
C GLY E 56 9.43 54.02 -15.67
N ILE E 57 9.78 52.97 -16.39
CA ILE E 57 11.14 52.46 -16.38
C ILE E 57 11.99 53.35 -17.27
N PHE E 58 13.15 53.75 -16.78
CA PHE E 58 14.06 54.50 -17.62
C PHE E 58 14.65 53.58 -18.69
N GLN E 59 14.82 54.11 -19.88
CA GLN E 59 15.08 53.29 -21.05
C GLN E 59 16.36 53.59 -21.78
N ASP E 60 16.82 54.84 -21.76
CA ASP E 60 17.88 55.24 -22.68
C ASP E 60 19.25 54.72 -22.26
N ALA E 61 19.55 54.73 -20.97
CA ALA E 61 20.86 54.38 -20.48
C ALA E 61 20.73 53.32 -19.40
N GLU E 62 21.84 52.63 -19.14
CA GLU E 62 21.84 51.55 -18.17
C GLU E 62 22.19 52.08 -16.79
N ILE E 63 21.46 51.59 -15.80
CA ILE E 63 21.64 52.02 -14.43
C ILE E 63 22.11 50.81 -13.63
N THR E 64 23.26 50.95 -12.98
CA THR E 64 23.70 49.96 -12.02
C THR E 64 24.49 50.66 -10.94
N ALA E 65 24.78 49.93 -9.87
CA ALA E 65 25.53 50.51 -8.78
C ALA E 65 26.22 49.43 -7.98
N ASP E 66 27.27 49.84 -7.28
CA ASP E 66 27.80 49.11 -6.15
C ASP E 66 27.86 50.08 -4.99
N ASP E 67 28.43 49.65 -3.87
CA ASP E 67 28.29 50.39 -2.62
C ASP E 67 29.08 51.69 -2.54
N ASP E 68 29.76 52.12 -3.61
CA ASP E 68 30.54 53.35 -3.52
C ASP E 68 30.27 54.30 -4.67
N CYS E 69 29.85 53.76 -5.81
CA CYS E 69 29.59 54.59 -6.98
C CYS E 69 28.35 54.07 -7.69
N ILE E 70 27.82 54.89 -8.59
CA ILE E 70 26.68 54.54 -9.40
C ILE E 70 27.04 54.74 -10.86
N TYR E 71 26.88 53.72 -11.67
CA TYR E 71 27.17 53.78 -13.09
C TYR E 71 25.85 54.00 -13.82
N ALA E 72 25.66 55.21 -14.32
CA ALA E 72 24.52 55.58 -15.13
C ALA E 72 25.00 55.68 -16.57
N GLY E 73 24.66 54.67 -17.37
CA GLY E 73 25.00 54.67 -18.79
C GLY E 73 26.49 54.66 -19.07
N GLY E 74 27.26 54.00 -18.21
CA GLY E 74 28.70 54.06 -18.28
C GLY E 74 29.30 55.24 -17.55
N HIS E 75 28.54 56.32 -17.38
CA HIS E 75 29.03 57.48 -16.65
C HIS E 75 29.01 57.20 -15.16
N ALA E 76 30.15 57.36 -14.51
CA ALA E 76 30.24 57.12 -13.08
C ALA E 76 29.84 58.37 -12.31
N VAL E 77 29.20 58.16 -11.16
CA VAL E 77 28.89 59.25 -10.25
C VAL E 77 29.13 58.78 -8.83
N LYS E 78 29.74 59.66 -8.03
CA LYS E 78 30.02 59.34 -6.64
C LYS E 78 28.77 59.51 -5.80
N CYS E 79 28.79 58.90 -4.62
CA CYS E 79 27.63 58.88 -3.75
C CYS E 79 28.06 58.55 -2.34
N VAL E 80 27.45 59.24 -1.38
CA VAL E 80 27.81 59.15 0.03
C VAL E 80 26.51 59.29 0.81
N SER E 81 26.58 59.12 2.13
CA SER E 81 25.40 59.25 2.96
C SER E 81 25.80 59.92 4.27
N ASP E 82 25.27 61.13 4.51
CA ASP E 82 25.46 61.80 5.78
C ASP E 82 24.36 62.86 5.94
N ARG E 83 23.89 63.00 7.17
CA ARG E 83 22.91 64.04 7.47
C ARG E 83 23.55 65.34 7.88
N ASN E 84 24.74 65.30 8.46
CA ASN E 84 25.47 66.52 8.73
C ASN E 84 26.03 67.05 7.42
N PRO E 85 25.70 68.27 7.01
CA PRO E 85 26.31 68.83 5.81
C PRO E 85 27.76 69.24 6.00
N GLU E 86 28.23 69.30 7.25
CA GLU E 86 29.58 69.79 7.51
C GLU E 86 30.63 68.71 7.35
N ASN E 87 30.25 67.44 7.32
CA ASN E 87 31.21 66.37 7.13
C ASN E 87 31.22 65.87 5.71
N LEU E 88 31.03 66.75 4.73
CA LEU E 88 30.85 66.21 3.41
C LEU E 88 32.02 66.54 2.49
N PRO E 89 32.45 65.57 1.69
CA PRO E 89 33.63 65.77 0.84
C PRO E 89 33.35 66.67 -0.35
N TRP E 90 33.30 67.98 -0.14
CA TRP E 90 33.04 68.82 -1.29
C TRP E 90 34.32 69.28 -1.97
N SER E 91 35.24 69.86 -1.19
CA SER E 91 36.52 70.25 -1.74
C SER E 91 37.34 69.04 -2.16
N ALA E 92 37.09 67.88 -1.53
CA ALA E 92 37.70 66.64 -1.98
C ALA E 92 37.15 66.19 -3.32
N TRP E 93 35.98 66.67 -3.70
CA TRP E 93 35.41 66.29 -4.99
C TRP E 93 35.40 67.41 -6.00
N GLY E 94 35.71 68.64 -5.59
CA GLY E 94 35.76 69.75 -6.52
C GLY E 94 34.38 70.19 -6.98
N ILE E 95 33.58 70.72 -6.06
CA ILE E 95 32.17 70.98 -6.30
C ILE E 95 31.96 72.48 -6.43
N ASP E 96 31.52 72.91 -7.60
CA ASP E 96 31.16 74.32 -7.77
C ASP E 96 29.77 74.59 -7.24
N LEU E 97 28.80 73.82 -7.73
CA LEU E 97 27.40 74.06 -7.44
C LEU E 97 26.78 72.81 -6.83
N VAL E 98 26.20 72.96 -5.66
CA VAL E 98 25.44 71.90 -5.02
C VAL E 98 23.97 72.29 -5.10
N ILE E 99 23.12 71.30 -5.30
CA ILE E 99 21.70 71.49 -5.53
C ILE E 99 21.00 71.02 -4.28
N GLU E 100 20.60 71.96 -3.43
CA GLU E 100 19.94 71.62 -2.18
C GLU E 100 18.50 71.22 -2.47
N ALA E 101 18.17 69.97 -2.17
CA ALA E 101 16.84 69.46 -2.43
C ALA E 101 16.34 68.56 -1.31
N THR E 102 16.74 68.83 -0.07
CA THR E 102 16.25 68.02 1.02
C THR E 102 14.99 68.57 1.67
N GLY E 103 14.67 69.83 1.40
CA GLY E 103 13.58 70.45 2.12
C GLY E 103 13.88 70.72 3.57
N VAL E 104 15.16 70.71 3.94
CA VAL E 104 15.57 70.90 5.31
C VAL E 104 16.34 72.20 5.50
N PHE E 105 17.13 72.60 4.53
CA PHE E 105 18.18 73.59 4.71
C PHE E 105 17.74 74.94 4.15
N THR E 106 16.47 75.27 4.34
CA THR E 106 15.86 76.45 3.73
C THR E 106 16.43 77.76 4.24
N SER E 107 17.03 77.79 5.42
CA SER E 107 17.60 79.03 5.90
C SER E 107 18.90 79.34 5.18
N ARG E 108 19.34 80.60 5.30
CA ARG E 108 20.66 80.96 4.80
C ARG E 108 21.75 80.27 5.61
N GLU E 109 21.57 80.21 6.93
CA GLU E 109 22.58 79.59 7.77
C GLU E 109 22.62 78.09 7.58
N GLY E 110 21.50 77.48 7.20
CA GLY E 110 21.50 76.06 6.94
C GLY E 110 22.17 75.76 5.62
N ALA E 111 21.81 76.51 4.59
CA ALA E 111 22.34 76.25 3.25
C ALA E 111 23.79 76.64 3.14
N SER E 112 24.23 77.62 3.93
CA SER E 112 25.60 78.10 3.89
C SER E 112 26.57 77.11 4.51
N LYS E 113 26.07 76.06 5.16
CA LYS E 113 26.93 75.01 5.68
C LYS E 113 27.67 74.29 4.58
N HIS E 114 27.06 74.18 3.39
CA HIS E 114 27.76 73.60 2.26
C HIS E 114 28.84 74.53 1.74
N LEU E 115 28.55 75.83 1.76
CA LEU E 115 29.56 76.82 1.36
C LEU E 115 30.75 76.78 2.30
N SER E 116 30.47 76.60 3.59
CA SER E 116 31.55 76.48 4.56
C SER E 116 32.32 75.19 4.37
N ALA E 117 31.61 74.10 4.09
CA ALA E 117 32.23 72.78 4.00
C ALA E 117 33.00 72.58 2.70
N GLY E 118 33.00 73.56 1.80
CA GLY E 118 33.87 73.47 0.66
C GLY E 118 33.17 73.45 -0.68
N ALA E 119 31.99 74.05 -0.77
CA ALA E 119 31.29 74.19 -2.03
C ALA E 119 31.24 75.66 -2.42
N LYS E 120 31.17 75.92 -3.72
CA LYS E 120 31.30 77.30 -4.20
C LYS E 120 29.97 77.99 -4.37
N LYS E 121 28.98 77.33 -4.96
CA LYS E 121 27.64 77.90 -5.06
C LYS E 121 26.62 76.86 -4.68
N VAL E 122 25.49 77.32 -4.15
CA VAL E 122 24.39 76.44 -3.78
C VAL E 122 23.11 76.97 -4.41
N LEU E 123 22.37 76.09 -5.05
CA LEU E 123 21.07 76.40 -5.62
C LEU E 123 20.06 75.58 -4.84
N ILE E 124 19.21 76.24 -4.08
CA ILE E 124 18.26 75.54 -3.23
C ILE E 124 16.90 75.55 -3.89
N THR E 125 16.27 74.38 -3.96
CA THR E 125 15.01 74.20 -4.65
C THR E 125 13.84 74.29 -3.67
N ALA E 126 13.74 75.43 -3.01
CA ALA E 126 12.68 75.66 -2.06
C ALA E 126 12.55 77.16 -1.83
N PRO E 127 11.39 77.65 -1.47
CA PRO E 127 11.31 79.04 -1.03
C PRO E 127 11.98 79.19 0.32
N GLY E 128 13.15 79.80 0.33
CA GLY E 128 13.94 79.82 1.54
C GLY E 128 13.47 80.87 2.51
N LYS E 129 13.64 80.57 3.79
CA LYS E 129 13.45 81.59 4.81
C LYS E 129 14.55 82.64 4.70
N GLY E 130 14.18 83.87 5.01
CA GLY E 130 15.13 84.96 4.95
C GLY E 130 15.36 85.45 3.53
N ASN E 131 16.08 86.56 3.45
CA ASN E 131 16.26 87.25 2.17
C ASN E 131 17.31 86.54 1.33
N ILE E 132 16.90 85.39 0.81
CA ILE E 132 17.72 84.65 -0.14
C ILE E 132 17.28 85.11 -1.53
N PRO E 133 18.20 85.39 -2.44
CA PRO E 133 17.81 85.86 -3.77
C PRO E 133 17.15 84.75 -4.57
N THR E 134 15.89 84.97 -4.95
CA THR E 134 15.11 83.98 -5.67
C THR E 134 15.03 84.33 -7.14
N TYR E 135 15.07 83.30 -7.97
CA TYR E 135 15.10 83.48 -9.42
C TYR E 135 14.28 82.41 -10.11
N VAL E 136 13.43 82.85 -11.03
CA VAL E 136 12.56 81.98 -11.81
C VAL E 136 13.00 82.07 -13.26
N VAL E 137 13.21 80.92 -13.89
CA VAL E 137 13.55 80.91 -15.30
C VAL E 137 12.33 81.34 -16.12
N GLY E 138 12.51 82.36 -16.94
CA GLY E 138 11.45 82.91 -17.74
C GLY E 138 10.92 84.22 -17.23
N VAL E 139 11.30 84.63 -16.02
CA VAL E 139 10.87 85.92 -15.51
C VAL E 139 12.08 86.78 -15.25
N ASN E 140 12.92 86.34 -14.31
CA ASN E 140 14.09 87.11 -13.92
C ASN E 140 15.29 86.21 -13.74
N HIS E 141 15.50 85.29 -14.68
CA HIS E 141 16.70 84.50 -14.63
C HIS E 141 17.91 85.24 -15.18
N HIS E 142 17.75 86.47 -15.65
CA HIS E 142 18.86 87.26 -16.12
C HIS E 142 19.48 88.11 -15.02
N THR E 143 18.66 88.57 -14.08
CA THR E 143 19.02 89.65 -13.19
C THR E 143 19.71 89.17 -11.93
N TYR E 144 20.35 88.01 -11.96
CA TYR E 144 21.12 87.55 -10.80
C TYR E 144 22.54 88.04 -10.92
N ASP E 145 23.10 88.44 -9.82
CA ASP E 145 24.52 88.75 -9.78
C ASP E 145 25.30 87.46 -9.56
N PRO E 146 26.33 87.19 -10.37
CA PRO E 146 27.05 85.91 -10.24
C PRO E 146 27.87 85.78 -8.97
N SER E 147 28.05 86.84 -8.18
CA SER E 147 28.62 86.64 -6.86
C SER E 147 27.61 86.13 -5.85
N GLU E 148 26.32 86.16 -6.18
CA GLU E 148 25.32 85.54 -5.30
C GLU E 148 25.47 84.03 -5.45
N ASP E 149 26.17 83.43 -4.51
CA ASP E 149 26.43 82.00 -4.52
C ASP E 149 25.29 81.19 -3.95
N ILE E 150 24.47 81.78 -3.10
CA ILE E 150 23.32 81.12 -2.51
C ILE E 150 22.04 81.64 -3.15
N VAL E 151 21.58 80.96 -4.19
CA VAL E 151 20.38 81.37 -4.90
C VAL E 151 19.28 80.39 -4.59
N SER E 152 18.04 80.83 -4.78
CA SER E 152 16.90 79.97 -4.51
C SER E 152 15.94 80.01 -5.68
N ASN E 153 15.59 78.82 -6.17
CA ASN E 153 14.40 78.69 -6.97
C ASN E 153 13.21 78.63 -6.01
N ALA E 154 12.08 79.14 -6.47
CA ALA E 154 10.90 79.21 -5.62
C ALA E 154 10.20 77.86 -5.61
N SER E 155 8.98 77.83 -5.07
CA SER E 155 8.20 76.60 -5.14
C SER E 155 7.70 76.37 -6.55
N CYS E 156 7.21 75.15 -6.77
CA CYS E 156 6.65 74.77 -8.05
C CYS E 156 5.43 75.57 -8.41
N THR E 157 4.61 75.92 -7.41
CA THR E 157 3.43 76.73 -7.66
C THR E 157 3.81 78.13 -8.11
N THR E 158 4.79 78.72 -7.45
CA THR E 158 5.29 80.03 -7.85
C THR E 158 5.94 79.94 -9.21
N ASN E 159 6.68 78.86 -9.45
CA ASN E 159 7.39 78.70 -10.72
C ASN E 159 6.41 78.52 -11.87
N CYS E 160 5.24 77.98 -11.60
CA CYS E 160 4.22 77.97 -12.63
C CYS E 160 3.52 79.32 -12.76
N LEU E 161 3.18 79.93 -11.65
CA LEU E 161 2.25 81.05 -11.67
C LEU E 161 2.90 82.33 -12.16
N ALA E 162 4.15 82.56 -11.77
CA ALA E 162 4.81 83.83 -12.07
C ALA E 162 4.98 84.20 -13.54
N PRO E 163 5.17 83.28 -14.50
CA PRO E 163 5.18 83.75 -15.90
C PRO E 163 3.84 84.28 -16.38
N ILE E 164 2.74 83.65 -15.96
CA ILE E 164 1.41 84.13 -16.32
C ILE E 164 1.17 85.50 -15.70
N VAL E 165 1.61 85.69 -14.46
CA VAL E 165 1.42 86.98 -13.81
C VAL E 165 2.30 88.03 -14.44
N LYS E 166 3.47 87.64 -14.94
CA LYS E 166 4.32 88.58 -15.66
C LYS E 166 3.67 89.04 -16.95
N VAL E 167 3.11 88.10 -17.71
CA VAL E 167 2.46 88.45 -18.97
C VAL E 167 1.24 89.33 -18.74
N LEU E 168 0.41 88.97 -17.75
CA LEU E 168 -0.78 89.77 -17.50
C LEU E 168 -0.47 91.10 -16.85
N HIS E 169 0.65 91.21 -16.14
CA HIS E 169 0.99 92.50 -15.57
C HIS E 169 1.57 93.42 -16.63
N GLU E 170 2.32 92.88 -17.58
CA GLU E 170 2.85 93.72 -18.64
C GLU E 170 1.75 94.14 -19.61
N ALA E 171 0.82 93.24 -19.91
CA ALA E 171 -0.17 93.58 -20.93
C ALA E 171 -1.32 94.40 -20.37
N PHE E 172 -1.67 94.18 -19.10
CA PHE E 172 -2.90 94.80 -18.60
C PHE E 172 -2.69 95.61 -17.35
N GLY E 173 -1.72 95.21 -16.52
CA GLY E 173 -1.57 95.86 -15.25
C GLY E 173 -2.48 95.24 -14.22
N ILE E 174 -1.93 94.90 -13.07
CA ILE E 174 -2.64 94.13 -12.05
C ILE E 174 -2.78 94.99 -10.80
N GLN E 175 -4.00 95.09 -10.28
CA GLN E 175 -4.17 95.72 -8.98
C GLN E 175 -3.98 94.69 -7.88
N GLN E 176 -4.81 93.65 -7.88
CA GLN E 176 -4.74 92.61 -6.88
C GLN E 176 -4.84 91.26 -7.55
N GLY E 177 -4.57 90.21 -6.79
CA GLY E 177 -4.70 88.88 -7.37
C GLY E 177 -4.70 87.75 -6.37
N MET E 178 -5.65 86.86 -6.51
CA MET E 178 -5.76 85.64 -5.72
C MET E 178 -5.32 84.44 -6.55
N MET E 179 -5.06 83.34 -5.86
CA MET E 179 -4.83 82.08 -6.55
C MET E 179 -5.29 80.96 -5.64
N THR E 180 -5.61 79.82 -6.25
CA THR E 180 -5.97 78.64 -5.47
C THR E 180 -5.52 77.43 -6.27
N THR E 181 -4.36 76.91 -5.92
CA THR E 181 -3.80 75.81 -6.67
C THR E 181 -4.32 74.49 -6.13
N THR E 182 -4.86 73.68 -7.04
CA THR E 182 -5.27 72.32 -6.72
C THR E 182 -4.05 71.46 -6.93
N HIS E 183 -3.41 71.08 -5.84
CA HIS E 183 -2.04 70.61 -5.84
C HIS E 183 -2.03 69.10 -5.67
N SER E 184 -1.09 68.43 -6.32
CA SER E 184 -0.97 67.01 -6.11
C SER E 184 -0.35 66.76 -4.74
N TYR E 185 -0.58 65.58 -4.19
CA TYR E 185 -0.06 65.34 -2.86
C TYR E 185 1.44 65.11 -2.90
N THR E 186 2.13 65.70 -1.95
CA THR E 186 3.58 65.64 -1.87
C THR E 186 3.99 64.67 -0.78
N GLY E 187 5.30 64.48 -0.64
CA GLY E 187 5.78 63.49 0.29
C GLY E 187 5.68 63.88 1.74
N ASP E 188 5.41 65.14 2.04
CA ASP E 188 5.36 65.58 3.42
C ASP E 188 4.14 65.08 4.17
N GLN E 189 3.08 64.76 3.46
CA GLN E 189 1.85 64.33 4.13
C GLN E 189 1.99 62.91 4.60
N ARG E 190 1.42 62.62 5.76
CA ARG E 190 1.48 61.27 6.25
C ARG E 190 0.43 60.45 5.52
N LEU E 191 0.76 59.17 5.32
CA LEU E 191 -0.10 58.30 4.53
C LEU E 191 -1.38 57.98 5.26
N LEU E 192 -1.28 57.35 6.41
CA LEU E 192 -2.44 57.25 7.26
C LEU E 192 -2.40 58.41 8.24
N ASP E 193 -3.41 58.47 9.11
CA ASP E 193 -3.49 59.60 10.01
C ASP E 193 -2.43 59.48 11.09
N ALA E 194 -1.29 60.10 10.87
CA ALA E 194 -0.18 59.99 11.79
C ALA E 194 0.18 61.37 12.32
N SER E 195 1.02 61.36 13.35
CA SER E 195 1.36 62.57 14.06
C SER E 195 2.27 63.45 13.21
N HIS E 196 1.96 64.73 13.16
CA HIS E 196 2.66 65.63 12.26
C HIS E 196 2.62 67.02 12.86
N ARG E 197 3.57 67.86 12.43
CA ARG E 197 3.72 69.17 13.02
C ARG E 197 2.52 70.07 12.70
N ASP E 198 2.05 70.05 11.47
CA ASP E 198 0.83 70.76 11.10
C ASP E 198 -0.32 69.77 11.01
N LEU E 199 -1.48 70.20 11.50
CA LEU E 199 -2.60 69.28 11.68
C LEU E 199 -3.26 68.94 10.37
N ARG E 200 -3.32 69.87 9.43
CA ARG E 200 -3.96 69.58 8.16
C ARG E 200 -3.09 68.75 7.24
N ARG E 201 -1.81 68.62 7.53
CA ARG E 201 -1.00 67.65 6.81
C ARG E 201 -0.89 66.34 7.57
N ALA E 202 -1.45 66.28 8.76
CA ALA E 202 -1.39 65.05 9.54
C ALA E 202 -2.36 64.00 9.05
N ARG E 203 -3.32 64.37 8.21
CA ARG E 203 -4.39 63.46 7.88
C ARG E 203 -4.02 62.67 6.64
N ALA E 204 -4.90 61.76 6.24
CA ALA E 204 -4.56 60.82 5.18
C ALA E 204 -4.53 61.49 3.83
N ALA E 205 -3.55 61.12 3.02
CA ALA E 205 -3.35 61.79 1.76
C ALA E 205 -4.20 61.19 0.64
N ALA E 206 -4.36 59.88 0.63
CA ALA E 206 -5.12 59.25 -0.45
C ALA E 206 -6.61 59.44 -0.30
N MET E 207 -7.06 59.90 0.85
CA MET E 207 -8.47 59.96 1.15
C MET E 207 -9.06 61.36 1.01
N ASN E 208 -8.26 62.40 1.13
CA ASN E 208 -8.77 63.69 1.53
C ASN E 208 -8.32 64.80 0.61
N ILE E 209 -9.22 65.76 0.41
CA ILE E 209 -8.83 67.09 -0.01
C ILE E 209 -8.35 67.78 1.26
N VAL E 210 -7.05 67.90 1.46
CA VAL E 210 -6.54 68.64 2.61
C VAL E 210 -6.17 70.05 2.14
N PRO E 211 -6.67 71.08 2.79
CA PRO E 211 -6.28 72.42 2.42
C PRO E 211 -5.03 72.82 3.19
N THR E 212 -4.32 73.78 2.64
CA THR E 212 -3.17 74.31 3.34
C THR E 212 -2.97 75.76 2.94
N SER E 213 -2.41 76.53 3.86
CA SER E 213 -2.07 77.90 3.59
C SER E 213 -0.64 77.95 3.11
N THR E 214 -0.40 78.66 2.03
CA THR E 214 0.94 78.82 1.51
C THR E 214 1.25 80.29 1.30
N GLY E 215 2.52 80.62 1.43
CA GLY E 215 3.04 81.92 1.08
C GLY E 215 3.70 81.93 -0.27
N ALA E 216 3.58 80.84 -1.04
CA ALA E 216 4.24 80.76 -2.32
C ALA E 216 3.59 81.66 -3.36
N ALA E 217 2.36 82.12 -3.11
CA ALA E 217 1.81 83.17 -3.94
C ALA E 217 2.54 84.48 -3.70
N LYS E 218 2.98 84.74 -2.46
CA LYS E 218 3.70 85.97 -2.18
C LYS E 218 5.09 85.98 -2.78
N ALA E 219 5.64 84.82 -3.13
CA ALA E 219 6.95 84.76 -3.75
C ALA E 219 6.95 85.35 -5.15
N VAL E 220 5.78 85.46 -5.77
CA VAL E 220 5.68 86.21 -7.01
C VAL E 220 5.98 87.68 -6.74
N GLY E 221 5.56 88.17 -5.57
CA GLY E 221 5.92 89.51 -5.16
C GLY E 221 7.40 89.70 -4.88
N LEU E 222 8.12 88.62 -4.64
CA LEU E 222 9.57 88.72 -4.62
C LEU E 222 10.11 88.78 -6.03
N VAL E 223 9.71 87.84 -6.89
CA VAL E 223 10.32 87.82 -8.21
C VAL E 223 9.77 88.88 -9.13
N ILE E 224 8.59 89.42 -8.84
CA ILE E 224 8.11 90.66 -9.47
C ILE E 224 7.94 91.68 -8.35
N PRO E 225 8.79 92.71 -8.30
CA PRO E 225 8.86 93.54 -7.09
C PRO E 225 7.67 94.45 -6.89
N GLU E 226 7.08 94.95 -7.97
CA GLU E 226 6.01 95.93 -7.87
C GLU E 226 4.65 95.32 -7.56
N LEU E 227 4.58 94.02 -7.29
CA LEU E 227 3.33 93.38 -6.93
C LEU E 227 3.39 92.76 -5.54
N GLN E 228 4.41 93.07 -4.76
CA GLN E 228 4.56 92.46 -3.45
C GLN E 228 3.50 92.98 -2.50
N GLY E 229 2.95 92.09 -1.69
CA GLY E 229 1.84 92.44 -0.83
C GLY E 229 0.52 92.55 -1.54
N LYS E 230 0.43 92.08 -2.78
CA LYS E 230 -0.80 92.13 -3.53
C LYS E 230 -1.25 90.77 -4.02
N LEU E 231 -0.49 89.72 -3.75
CA LEU E 231 -0.79 88.39 -4.26
C LEU E 231 -0.80 87.41 -3.10
N ASN E 232 -1.90 86.68 -2.94
CA ASN E 232 -2.00 85.73 -1.86
C ASN E 232 -2.92 84.60 -2.29
N GLY E 233 -2.72 83.43 -1.70
CA GLY E 233 -3.57 82.33 -2.09
C GLY E 233 -3.33 81.09 -1.24
N ILE E 234 -4.25 80.14 -1.39
CA ILE E 234 -4.19 78.90 -0.62
C ILE E 234 -3.94 77.74 -1.57
N ALA E 235 -3.79 76.54 -1.02
CA ALA E 235 -3.55 75.38 -1.83
C ALA E 235 -4.45 74.25 -1.38
N LEU E 236 -4.83 73.39 -2.32
CA LEU E 236 -5.67 72.24 -2.05
C LEU E 236 -4.94 71.00 -2.53
N ARG E 237 -4.66 70.10 -1.62
CA ARG E 237 -3.98 68.86 -1.95
C ARG E 237 -5.04 67.78 -2.12
N VAL E 238 -5.10 67.23 -3.32
CA VAL E 238 -6.13 66.24 -3.66
C VAL E 238 -5.41 64.95 -4.01
N PRO E 239 -6.07 63.82 -3.89
CA PRO E 239 -5.39 62.56 -4.17
C PRO E 239 -5.04 62.25 -5.61
N THR E 240 -4.25 63.10 -6.25
CA THR E 240 -3.59 62.75 -7.49
C THR E 240 -2.10 62.72 -7.25
N PRO E 241 -1.39 61.77 -7.78
CA PRO E 241 0.01 61.63 -7.41
C PRO E 241 0.94 62.62 -8.09
N ASN E 242 0.71 63.02 -9.33
CA ASN E 242 1.78 63.69 -10.04
C ASN E 242 1.51 65.15 -10.36
N VAL E 243 0.46 65.46 -11.11
CA VAL E 243 0.38 66.74 -11.80
C VAL E 243 -0.61 67.61 -11.03
N SER E 244 -0.62 68.91 -11.31
CA SER E 244 -1.52 69.77 -10.56
C SER E 244 -1.97 70.90 -11.45
N VAL E 245 -2.98 71.63 -10.96
CA VAL E 245 -3.50 72.77 -11.69
C VAL E 245 -3.62 73.93 -10.72
N VAL E 246 -3.40 75.13 -11.22
CA VAL E 246 -3.47 76.33 -10.41
C VAL E 246 -4.52 77.26 -10.99
N ASP E 247 -5.46 77.67 -10.14
CA ASP E 247 -6.41 78.70 -10.47
C ASP E 247 -5.81 80.03 -10.12
N PHE E 248 -6.12 81.06 -10.91
CA PHE E 248 -5.57 82.37 -10.69
C PHE E 248 -6.60 83.43 -11.02
N VAL E 249 -6.99 84.19 -10.01
CA VAL E 249 -7.93 85.28 -10.15
C VAL E 249 -7.17 86.57 -9.99
N ALA E 250 -7.08 87.37 -11.04
CA ALA E 250 -6.48 88.68 -10.97
C ALA E 250 -7.53 89.75 -11.17
N GLN E 251 -7.27 90.91 -10.61
CA GLN E 251 -8.10 92.08 -10.81
C GLN E 251 -7.26 93.06 -11.62
N VAL E 252 -7.39 92.98 -12.94
CA VAL E 252 -6.70 93.91 -13.80
C VAL E 252 -7.45 95.23 -13.81
N GLU E 253 -6.81 96.28 -14.31
CA GLU E 253 -7.44 97.58 -14.41
C GLU E 253 -7.68 98.03 -15.84
N LYS E 254 -6.90 97.57 -16.79
CA LYS E 254 -7.24 97.84 -18.18
C LYS E 254 -8.25 96.81 -18.63
N PRO E 255 -9.48 97.21 -18.94
CA PRO E 255 -10.53 96.23 -19.18
C PRO E 255 -10.36 95.51 -20.51
N THR E 256 -10.87 94.29 -20.57
CA THR E 256 -10.71 93.41 -21.73
C THR E 256 -11.74 92.30 -21.66
N ILE E 257 -11.64 91.36 -22.61
CA ILE E 257 -12.52 90.20 -22.65
C ILE E 257 -11.70 88.92 -22.57
N ALA E 258 -12.41 87.79 -22.56
CA ALA E 258 -11.76 86.50 -22.35
C ALA E 258 -10.95 86.05 -23.55
N GLU E 259 -11.31 86.49 -24.74
CA GLU E 259 -10.57 86.05 -25.91
C GLU E 259 -9.24 86.77 -26.01
N GLN E 260 -9.19 88.01 -25.54
CA GLN E 260 -8.00 88.83 -25.75
C GLN E 260 -6.86 88.39 -24.86
N VAL E 261 -7.16 87.97 -23.63
CA VAL E 261 -6.10 87.50 -22.75
C VAL E 261 -5.54 86.17 -23.26
N ASN E 262 -6.39 85.35 -23.89
CA ASN E 262 -5.91 84.13 -24.53
C ASN E 262 -5.02 84.47 -25.71
N GLN E 263 -5.37 85.50 -26.47
CA GLN E 263 -4.54 85.93 -27.58
C GLN E 263 -3.19 86.45 -27.09
N VAL E 264 -3.19 87.21 -25.99
CA VAL E 264 -1.96 87.77 -25.43
C VAL E 264 -1.04 86.65 -24.97
N ILE E 265 -1.60 85.67 -24.26
CA ILE E 265 -0.75 84.60 -23.75
C ILE E 265 -0.34 83.67 -24.88
N LYS E 266 -1.16 83.56 -25.93
CA LYS E 266 -0.78 82.73 -27.07
C LYS E 266 0.40 83.33 -27.83
N GLU E 267 0.40 84.64 -28.02
CA GLU E 267 1.56 85.21 -28.71
C GLU E 267 2.77 85.31 -27.78
N ALA E 268 2.54 85.44 -26.47
CA ALA E 268 3.65 85.42 -25.53
C ALA E 268 4.26 84.03 -25.43
N SER E 269 3.48 82.99 -25.73
CA SER E 269 4.01 81.64 -25.80
C SER E 269 4.93 81.46 -26.99
N GLU E 270 4.81 82.29 -28.01
CA GLU E 270 5.55 82.13 -29.23
C GLU E 270 6.64 83.17 -29.41
N THR E 271 6.68 84.21 -28.59
CA THR E 271 7.73 85.21 -28.72
C THR E 271 8.73 85.15 -27.56
N THR E 272 8.26 85.31 -26.34
CA THR E 272 9.15 85.48 -25.20
C THR E 272 9.15 84.30 -24.26
N MET E 273 7.99 83.75 -23.93
CA MET E 273 7.87 82.67 -22.97
C MET E 273 7.94 81.31 -23.64
N LYS E 274 8.60 81.22 -24.79
CA LYS E 274 8.72 79.97 -25.51
C LYS E 274 9.56 78.98 -24.71
N GLY E 275 9.02 77.79 -24.52
CA GLY E 275 9.64 76.82 -23.64
C GLY E 275 9.28 77.00 -22.19
N ILE E 276 8.60 78.08 -21.83
CA ILE E 276 8.13 78.25 -20.47
C ILE E 276 6.65 78.00 -20.41
N ILE E 277 5.90 78.73 -21.21
CA ILE E 277 4.45 78.63 -21.24
C ILE E 277 4.06 77.96 -22.55
N HIS E 278 3.36 76.85 -22.45
CA HIS E 278 2.72 76.24 -23.59
C HIS E 278 1.26 76.65 -23.59
N TYR E 279 0.66 76.70 -24.78
CA TYR E 279 -0.72 77.10 -24.92
C TYR E 279 -1.49 75.99 -25.59
N SER E 280 -2.57 75.54 -24.95
CA SER E 280 -3.31 74.37 -25.39
C SER E 280 -4.78 74.69 -25.52
N GLU E 281 -5.31 74.59 -26.74
CA GLU E 281 -6.73 74.69 -27.00
C GLU E 281 -7.39 73.33 -27.15
N LEU E 282 -6.90 72.36 -26.42
CA LEU E 282 -7.50 71.04 -26.39
C LEU E 282 -8.28 70.88 -25.09
N GLU E 283 -9.21 69.93 -25.09
CA GLU E 283 -9.92 69.59 -23.86
C GLU E 283 -9.22 68.44 -23.14
N LEU E 284 -7.97 68.68 -22.76
CA LEU E 284 -7.23 67.65 -22.07
C LEU E 284 -7.61 67.61 -20.60
N VAL E 285 -7.05 66.62 -19.91
CA VAL E 285 -7.24 66.43 -18.49
C VAL E 285 -5.86 66.28 -17.89
N SER E 286 -5.81 65.98 -16.59
CA SER E 286 -4.59 66.14 -15.81
C SER E 286 -3.48 65.22 -16.27
N SER E 287 -3.78 63.94 -16.43
CA SER E 287 -2.74 62.97 -16.74
C SER E 287 -2.17 63.08 -18.13
N ASP E 288 -2.68 63.96 -18.96
CA ASP E 288 -2.01 64.23 -20.21
C ASP E 288 -0.95 65.30 -20.07
N TYR E 289 -0.56 65.64 -18.85
CA TYR E 289 0.54 66.56 -18.63
C TYR E 289 1.64 65.93 -17.78
N ARG E 290 1.65 64.62 -17.65
CA ARG E 290 2.77 63.98 -16.97
C ARG E 290 3.96 63.99 -17.90
N GLY E 291 4.97 64.77 -17.55
CA GLY E 291 6.17 64.83 -18.35
C GLY E 291 6.19 65.91 -19.39
N HIS E 292 5.31 66.90 -19.29
CA HIS E 292 5.34 67.99 -20.25
C HIS E 292 6.51 68.91 -19.89
N ASN E 293 7.11 69.50 -20.93
CA ASN E 293 8.34 70.27 -20.70
C ASN E 293 8.07 71.70 -20.25
N ALA E 294 6.92 72.25 -20.56
CA ALA E 294 6.65 73.62 -20.18
C ALA E 294 6.32 73.71 -18.70
N SER E 295 6.60 74.86 -18.12
CA SER E 295 6.34 75.08 -16.70
C SER E 295 4.95 75.61 -16.42
N SER E 296 4.16 75.84 -17.46
CA SER E 296 2.75 76.20 -17.30
C SER E 296 2.06 75.93 -18.63
N ILE E 297 1.07 75.07 -18.62
CA ILE E 297 0.21 74.93 -19.78
C ILE E 297 -1.06 75.67 -19.47
N LEU E 298 -1.32 76.75 -20.20
CA LEU E 298 -2.53 77.51 -20.01
C LEU E 298 -3.70 76.76 -20.61
N ASP E 299 -4.73 76.51 -19.80
CA ASP E 299 -5.91 75.86 -20.29
C ASP E 299 -6.82 76.91 -20.91
N ALA E 300 -7.10 76.78 -22.20
CA ALA E 300 -7.68 77.89 -22.94
C ALA E 300 -9.17 78.01 -22.71
N SER E 301 -9.87 76.88 -22.62
CA SER E 301 -11.32 76.90 -22.64
C SER E 301 -11.93 77.40 -21.34
N LEU E 302 -11.13 77.62 -20.30
CA LEU E 302 -11.67 77.97 -19.00
C LEU E 302 -11.38 79.41 -18.61
N THR E 303 -10.69 80.16 -19.46
CA THR E 303 -10.34 81.52 -19.14
C THR E 303 -11.57 82.40 -19.17
N MET E 304 -11.81 83.18 -18.12
CA MET E 304 -13.02 83.98 -18.14
C MET E 304 -12.81 85.33 -17.48
N VAL E 305 -13.59 86.30 -17.94
CA VAL E 305 -13.51 87.69 -17.50
C VAL E 305 -14.90 88.14 -17.13
N LEU E 306 -15.07 88.64 -15.91
CA LEU E 306 -16.34 89.21 -15.50
C LEU E 306 -16.18 90.70 -15.23
N GLY E 307 -17.07 91.50 -15.81
CA GLY E 307 -17.03 92.93 -15.61
C GLY E 307 -15.86 93.63 -16.25
N GLY E 308 -15.14 92.98 -17.15
CA GLY E 308 -14.05 93.62 -17.84
C GLY E 308 -12.74 93.65 -17.08
N ASN E 309 -12.80 93.81 -15.75
CA ASN E 309 -11.62 94.06 -14.94
C ASN E 309 -11.36 92.94 -13.94
N LEU E 310 -11.78 91.73 -14.25
CA LEU E 310 -11.64 90.62 -13.32
C LEU E 310 -11.44 89.34 -14.13
N VAL E 311 -10.22 88.82 -14.12
CA VAL E 311 -9.82 87.73 -15.00
C VAL E 311 -9.49 86.50 -14.16
N LYS E 312 -9.81 85.33 -14.71
CA LYS E 312 -9.46 84.05 -14.15
C LYS E 312 -8.84 83.18 -15.21
N VAL E 313 -7.64 82.68 -14.92
CA VAL E 313 -6.99 81.68 -15.75
C VAL E 313 -6.74 80.46 -14.90
N VAL E 314 -6.54 79.34 -15.57
CA VAL E 314 -6.09 78.12 -14.90
C VAL E 314 -4.92 77.56 -15.70
N ALA E 315 -3.98 76.96 -14.99
CA ALA E 315 -2.75 76.52 -15.61
C ALA E 315 -2.41 75.13 -15.10
N TRP E 316 -2.32 74.18 -16.02
CA TRP E 316 -1.76 72.89 -15.67
C TRP E 316 -0.27 73.03 -15.51
N TYR E 317 0.29 72.31 -14.54
CA TYR E 317 1.74 72.25 -14.43
C TYR E 317 2.12 71.00 -13.66
N ASP E 318 3.24 70.42 -14.06
CA ASP E 318 3.76 69.23 -13.41
C ASP E 318 4.78 69.66 -12.37
N ASN E 319 4.48 69.41 -11.11
CA ASN E 319 5.36 69.89 -10.08
C ASN E 319 6.50 68.94 -9.78
N GLU E 320 6.65 67.87 -10.55
CA GLU E 320 7.78 66.99 -10.38
C GLU E 320 8.68 66.94 -11.59
N TRP E 321 8.19 67.25 -12.77
CA TRP E 321 9.02 67.19 -13.95
C TRP E 321 9.39 68.56 -14.48
N GLY E 322 8.40 69.42 -14.66
CA GLY E 322 8.67 70.76 -15.17
C GLY E 322 9.45 71.59 -14.18
N TYR E 323 9.23 71.38 -12.89
CA TYR E 323 10.01 72.09 -11.90
C TYR E 323 11.46 71.66 -11.92
N SER E 324 11.70 70.37 -12.12
CA SER E 324 13.05 69.87 -12.30
C SER E 324 13.68 70.44 -13.56
N GLN E 325 12.90 70.59 -14.62
CA GLN E 325 13.40 71.20 -15.83
C GLN E 325 13.82 72.64 -15.60
N ARG E 326 13.04 73.38 -14.81
CA ARG E 326 13.43 74.76 -14.54
C ARG E 326 14.63 74.84 -13.63
N VAL E 327 14.78 73.88 -12.71
CA VAL E 327 15.97 73.81 -11.88
C VAL E 327 17.21 73.57 -12.73
N LEU E 328 17.11 72.65 -13.68
CA LEU E 328 18.27 72.36 -14.52
C LEU E 328 18.56 73.49 -15.48
N ASP E 329 17.52 74.19 -15.94
CA ASP E 329 17.74 75.34 -16.81
C ASP E 329 18.40 76.47 -16.05
N LEU E 330 18.00 76.67 -14.79
CA LEU E 330 18.65 77.70 -13.97
C LEU E 330 20.09 77.31 -13.66
N ALA E 331 20.35 76.03 -13.47
CA ALA E 331 21.71 75.58 -13.19
C ALA E 331 22.61 75.76 -14.41
N GLU E 332 22.13 75.39 -15.60
CA GLU E 332 22.88 75.66 -16.81
C GLU E 332 23.05 77.15 -17.07
N HIS E 333 22.05 77.95 -16.72
CA HIS E 333 22.15 79.38 -16.97
C HIS E 333 23.10 80.04 -16.01
N MET E 334 23.28 79.47 -14.82
CA MET E 334 24.34 79.97 -13.96
C MET E 334 25.69 79.37 -14.31
N ALA E 335 25.71 78.26 -15.02
CA ALA E 335 26.97 77.77 -15.55
C ALA E 335 27.45 78.63 -16.71
N ALA E 336 26.52 79.13 -17.53
CA ALA E 336 26.90 79.96 -18.66
C ALA E 336 27.40 81.33 -18.25
N HIS E 337 27.08 81.77 -17.03
CA HIS E 337 27.61 83.02 -16.54
C HIS E 337 28.37 82.77 -15.25
N TRP E 338 29.23 81.75 -15.27
CA TRP E 338 30.08 81.47 -14.13
C TRP E 338 31.07 82.61 -13.92
N ALA E 339 31.28 82.97 -12.66
CA ALA E 339 32.27 83.98 -12.32
C ALA E 339 33.24 83.41 -11.29
N MET F 3 26.80 -37.66 42.07
CA MET F 3 26.21 -38.75 41.30
C MET F 3 24.73 -38.86 41.61
N VAL F 4 23.91 -38.96 40.57
CA VAL F 4 22.46 -38.87 40.70
C VAL F 4 21.86 -40.24 40.43
N ARG F 5 21.13 -40.76 41.41
CA ARG F 5 20.48 -42.06 41.30
C ARG F 5 19.17 -41.91 40.55
N VAL F 6 19.07 -42.58 39.40
CA VAL F 6 17.92 -42.40 38.51
C VAL F 6 17.21 -43.73 38.28
N ALA F 7 15.99 -43.61 37.80
CA ALA F 7 15.10 -44.73 37.66
C ALA F 7 14.35 -44.64 36.35
N ILE F 8 13.78 -45.78 35.94
CA ILE F 8 13.10 -45.91 34.66
C ILE F 8 11.74 -46.52 34.89
N ASN F 9 10.68 -45.82 34.54
CA ASN F 9 9.33 -46.36 34.62
C ASN F 9 8.95 -46.86 33.25
N GLY F 10 8.87 -48.18 33.11
CA GLY F 10 8.40 -48.77 31.88
C GLY F 10 9.58 -49.14 31.03
N PHE F 11 9.92 -50.41 30.96
CA PHE F 11 11.14 -50.82 30.28
C PHE F 11 10.81 -51.26 28.86
N GLY F 12 10.21 -50.35 28.10
CA GLY F 12 9.82 -50.62 26.74
C GLY F 12 10.91 -50.24 25.75
N ARG F 13 10.51 -49.72 24.59
CA ARG F 13 11.49 -49.35 23.57
C ARG F 13 12.34 -48.18 24.03
N ILE F 14 11.70 -47.17 24.60
CA ILE F 14 12.44 -46.01 25.07
C ILE F 14 13.28 -46.37 26.28
N GLY F 15 12.78 -47.26 27.12
CA GLY F 15 13.54 -47.67 28.28
C GLY F 15 14.75 -48.52 27.92
N ARG F 16 14.57 -49.47 27.02
CA ARG F 16 15.69 -50.29 26.58
C ARG F 16 16.72 -49.46 25.84
N ASN F 17 16.28 -48.50 25.04
CA ASN F 17 17.25 -47.65 24.37
C ASN F 17 17.93 -46.71 25.35
N PHE F 18 17.22 -46.27 26.39
CA PHE F 18 17.83 -45.43 27.39
C PHE F 18 18.91 -46.18 28.16
N MET F 19 18.60 -47.43 28.51
CA MET F 19 19.56 -48.27 29.21
C MET F 19 20.76 -48.57 28.34
N ARG F 20 20.54 -48.82 27.05
CA ARG F 20 21.66 -49.11 26.16
C ARG F 20 22.52 -47.87 25.94
N CYS F 21 21.90 -46.69 25.87
CA CYS F 21 22.66 -45.46 25.73
C CYS F 21 23.51 -45.19 26.95
N TRP F 22 22.95 -45.41 28.14
CA TRP F 22 23.72 -45.19 29.35
C TRP F 22 24.83 -46.22 29.50
N LEU F 23 24.61 -47.43 28.98
CA LEU F 23 25.70 -48.38 28.92
C LEU F 23 26.76 -47.99 27.91
N GLN F 24 26.42 -47.16 26.94
CA GLN F 24 27.43 -46.70 26.01
C GLN F 24 28.01 -45.34 26.37
N ARG F 25 27.47 -44.66 27.38
CA ARG F 25 27.97 -43.36 27.81
C ARG F 25 28.21 -43.35 29.30
N LYS F 26 28.87 -44.40 29.81
CA LYS F 26 28.92 -44.63 31.24
C LYS F 26 29.93 -43.71 31.93
N ALA F 27 31.08 -43.48 31.32
CA ALA F 27 32.18 -42.82 32.02
C ALA F 27 31.91 -41.34 32.24
N ASN F 28 31.24 -40.69 31.31
CA ASN F 28 30.99 -39.26 31.40
C ASN F 28 29.68 -38.94 32.10
N SER F 29 29.18 -39.86 32.91
CA SER F 29 27.82 -39.76 33.42
C SER F 29 27.81 -39.41 34.89
N LYS F 30 27.01 -38.42 35.26
CA LYS F 30 26.64 -38.14 36.63
C LYS F 30 25.41 -38.94 37.04
N LEU F 31 24.96 -39.84 36.18
CA LEU F 31 23.74 -40.60 36.40
C LEU F 31 24.10 -42.05 36.62
N GLU F 32 23.51 -42.64 37.64
CA GLU F 32 23.62 -44.07 37.86
C GLU F 32 22.21 -44.66 37.86
N ILE F 33 21.97 -45.57 36.93
CA ILE F 33 20.66 -46.18 36.82
C ILE F 33 20.55 -47.26 37.88
N VAL F 34 19.60 -47.08 38.80
CA VAL F 34 19.49 -48.00 39.93
C VAL F 34 18.15 -48.69 40.00
N GLY F 35 17.14 -48.23 39.28
CA GLY F 35 15.85 -48.89 39.37
C GLY F 35 15.08 -48.90 38.07
N ILE F 36 14.48 -50.03 37.73
CA ILE F 36 13.56 -50.11 36.60
C ILE F 36 12.32 -50.85 37.08
N ASN F 37 11.22 -50.63 36.38
CA ASN F 37 10.05 -51.47 36.59
C ASN F 37 9.26 -51.64 35.31
N ASP F 38 8.99 -52.88 34.97
CA ASP F 38 8.17 -53.20 33.83
C ASP F 38 7.08 -54.13 34.32
N THR F 39 6.12 -54.40 33.46
CA THR F 39 5.11 -55.39 33.76
C THR F 39 5.59 -56.81 33.55
N SER F 40 6.85 -57.01 33.20
CA SER F 40 7.41 -58.33 33.04
C SER F 40 8.34 -58.66 34.19
N ASP F 41 8.62 -59.94 34.32
CA ASP F 41 9.57 -60.42 35.29
C ASP F 41 10.99 -60.00 34.90
N PRO F 42 11.91 -59.97 35.87
CA PRO F 42 13.29 -59.58 35.54
C PRO F 42 14.06 -60.59 34.71
N ARG F 43 13.54 -61.79 34.47
CA ARG F 43 14.25 -62.71 33.60
C ARG F 43 14.06 -62.36 32.13
N THR F 44 12.89 -61.84 31.78
CA THR F 44 12.56 -61.65 30.38
C THR F 44 13.19 -60.39 29.82
N ASN F 45 13.09 -59.29 30.57
CA ASN F 45 13.52 -58.01 30.04
C ASN F 45 15.04 -57.89 29.97
N ALA F 46 15.78 -58.71 30.71
CA ALA F 46 17.22 -58.76 30.49
C ALA F 46 17.54 -59.38 29.15
N HIS F 47 16.78 -60.43 28.77
CA HIS F 47 16.91 -60.99 27.45
C HIS F 47 16.55 -59.97 26.37
N LEU F 48 15.45 -59.25 26.59
CA LEU F 48 15.06 -58.22 25.63
C LEU F 48 16.04 -57.07 25.58
N LEU F 49 16.77 -56.83 26.66
CA LEU F 49 17.82 -55.82 26.60
C LEU F 49 18.99 -56.34 25.80
N LYS F 50 19.40 -57.59 26.01
CA LYS F 50 20.59 -58.08 25.34
C LYS F 50 20.35 -58.30 23.86
N TYR F 51 19.23 -58.90 23.50
CA TYR F 51 18.95 -59.24 22.12
C TYR F 51 17.86 -58.33 21.63
N ASP F 52 18.26 -57.18 21.10
CA ASP F 52 17.31 -56.29 20.46
C ASP F 52 17.27 -56.65 18.99
N SER F 53 16.07 -56.86 18.47
CA SER F 53 15.95 -57.21 17.06
C SER F 53 16.06 -56.02 16.13
N MET F 54 16.38 -54.85 16.66
CA MET F 54 16.60 -53.66 15.87
C MET F 54 18.03 -53.18 15.91
N LEU F 55 18.65 -53.21 17.07
CA LEU F 55 20.02 -52.77 17.23
C LEU F 55 20.99 -53.92 17.36
N GLY F 56 20.53 -55.13 17.06
CA GLY F 56 21.40 -56.27 17.11
C GLY F 56 21.67 -56.71 18.53
N ILE F 57 22.62 -57.63 18.64
CA ILE F 57 23.03 -58.14 19.94
C ILE F 57 23.94 -57.12 20.58
N PHE F 58 23.70 -56.82 21.85
CA PHE F 58 24.61 -55.94 22.56
C PHE F 58 25.92 -56.66 22.82
N GLN F 59 27.01 -55.93 22.72
CA GLN F 59 28.33 -56.54 22.64
C GLN F 59 29.30 -56.12 23.73
N ASP F 60 29.19 -54.90 24.24
CA ASP F 60 30.26 -54.35 25.06
C ASP F 60 30.29 -54.94 26.45
N ALA F 61 29.14 -55.17 27.06
CA ALA F 61 29.06 -55.60 28.44
C ALA F 61 28.16 -56.83 28.53
N GLU F 62 28.32 -57.57 29.61
CA GLU F 62 27.58 -58.80 29.80
C GLU F 62 26.26 -58.53 30.51
N ILE F 63 25.21 -59.17 30.02
CA ILE F 63 23.87 -59.00 30.55
C ILE F 63 23.44 -60.32 31.15
N THR F 64 23.08 -60.31 32.42
CA THR F 64 22.45 -61.46 33.04
C THR F 64 21.50 -60.96 34.10
N ALA F 65 20.68 -61.87 34.60
CA ALA F 65 19.72 -61.50 35.64
C ALA F 65 19.31 -62.72 36.44
N ASP F 66 18.85 -62.43 37.65
CA ASP F 66 18.03 -63.36 38.41
C ASP F 66 16.76 -62.61 38.80
N ASP F 67 15.92 -63.23 39.60
CA ASP F 67 14.56 -62.72 39.81
C ASP F 67 14.47 -61.46 40.66
N ASP F 68 15.59 -60.86 41.08
CA ASP F 68 15.48 -59.67 41.92
C ASP F 68 16.36 -58.53 41.43
N CYS F 69 17.43 -58.85 40.71
CA CYS F 69 18.33 -57.83 40.20
C CYS F 69 18.79 -58.21 38.81
N ILE F 70 19.39 -57.24 38.12
CA ILE F 70 19.93 -57.44 36.79
C ILE F 70 21.37 -56.98 36.80
N TYR F 71 22.27 -57.85 36.40
CA TYR F 71 23.69 -57.53 36.33
C TYR F 71 24.02 -57.18 34.88
N ALA F 72 24.23 -55.90 34.64
CA ALA F 72 24.67 -55.39 33.35
C ALA F 72 26.14 -55.05 33.47
N GLY F 73 26.99 -55.88 32.89
CA GLY F 73 28.42 -55.64 32.87
C GLY F 73 29.07 -55.62 34.25
N GLY F 74 28.57 -56.42 35.17
CA GLY F 74 28.98 -56.35 36.55
C GLY F 74 28.23 -55.33 37.37
N HIS F 75 27.69 -54.29 36.73
CA HIS F 75 26.93 -53.28 37.43
C HIS F 75 25.55 -53.81 37.77
N ALA F 76 25.19 -53.77 39.04
CA ALA F 76 23.90 -54.27 39.46
C ALA F 76 22.85 -53.18 39.33
N VAL F 77 21.63 -53.58 38.99
CA VAL F 77 20.49 -52.66 38.97
C VAL F 77 19.27 -53.37 39.52
N LYS F 78 18.52 -52.67 40.36
CA LYS F 78 17.32 -53.22 40.95
C LYS F 78 16.18 -53.19 39.95
N CYS F 79 15.17 -53.99 40.23
CA CYS F 79 14.05 -54.17 39.32
C CYS F 79 12.86 -54.75 40.06
N VAL F 80 11.68 -54.23 39.74
CA VAL F 80 10.45 -54.56 40.44
C VAL F 80 9.35 -54.55 39.38
N SER F 81 8.14 -54.95 39.77
CA SER F 81 7.02 -54.96 38.83
C SER F 81 5.76 -54.54 39.56
N ASP F 82 5.20 -53.39 39.18
CA ASP F 82 3.92 -52.94 39.71
C ASP F 82 3.32 -51.93 38.74
N ARG F 83 2.00 -52.00 38.59
CA ARG F 83 1.30 -51.03 37.77
C ARG F 83 0.84 -49.83 38.55
N ASN F 84 0.60 -49.97 39.84
CA ASN F 84 0.32 -48.82 40.69
C ASN F 84 1.62 -48.08 40.94
N PRO F 85 1.72 -46.80 40.57
CA PRO F 85 2.93 -46.04 40.90
C PRO F 85 3.02 -45.67 42.37
N GLU F 86 1.95 -45.84 43.13
CA GLU F 86 1.96 -45.42 44.52
C GLU F 86 2.56 -46.45 45.45
N ASN F 87 2.71 -47.70 45.01
CA ASN F 87 3.31 -48.73 45.84
C ASN F 87 4.76 -48.98 45.47
N LEU F 88 5.47 -47.93 45.10
CA LEU F 88 6.79 -48.23 44.57
C LEU F 88 7.91 -47.76 45.49
N PRO F 89 8.93 -48.57 45.66
CA PRO F 89 10.01 -48.22 46.60
C PRO F 89 10.91 -47.13 46.09
N TRP F 90 10.48 -45.88 46.16
CA TRP F 90 11.38 -44.84 45.67
C TRP F 90 12.27 -44.28 46.76
N SER F 91 11.66 -43.86 47.87
CA SER F 91 12.44 -43.38 49.00
C SER F 91 13.25 -44.52 49.63
N ALA F 92 12.78 -45.75 49.49
CA ALA F 92 13.56 -46.91 49.89
C ALA F 92 14.78 -47.11 49.02
N TRP F 93 14.78 -46.56 47.82
CA TRP F 93 15.92 -46.71 46.92
C TRP F 93 16.70 -45.41 46.73
N GLY F 94 16.17 -44.28 47.19
CA GLY F 94 16.88 -43.03 47.06
C GLY F 94 16.91 -42.51 45.64
N ILE F 95 15.74 -42.14 45.12
CA ILE F 95 15.57 -41.83 43.71
C ILE F 95 15.39 -40.34 43.55
N ASP F 96 16.32 -39.70 42.85
CA ASP F 96 16.16 -38.29 42.55
C ASP F 96 15.26 -38.11 41.34
N LEU F 97 15.60 -38.76 40.24
CA LEU F 97 14.95 -38.58 38.96
C LEU F 97 14.42 -39.91 38.45
N VAL F 98 13.13 -39.97 38.18
CA VAL F 98 12.51 -41.11 37.54
C VAL F 98 12.15 -40.70 36.12
N ILE F 99 12.30 -41.63 35.20
CA ILE F 99 12.13 -41.39 33.79
C ILE F 99 10.84 -42.07 33.39
N GLU F 100 9.77 -41.29 33.27
CA GLU F 100 8.48 -41.84 32.90
C GLU F 100 8.46 -42.18 31.43
N ALA F 101 8.29 -43.46 31.12
CA ALA F 101 8.30 -43.91 29.74
C ALA F 101 7.25 -44.98 29.48
N THR F 102 6.13 -44.94 30.18
CA THR F 102 5.10 -45.93 29.94
C THR F 102 4.08 -45.48 28.92
N GLY F 103 4.03 -44.20 28.60
CA GLY F 103 2.97 -43.71 27.75
C GLY F 103 1.62 -43.70 28.42
N VAL F 104 1.60 -43.79 29.74
CA VAL F 104 0.35 -43.84 30.49
C VAL F 104 0.15 -42.59 31.34
N PHE F 105 1.21 -42.04 31.89
CA PHE F 105 1.13 -41.10 32.99
C PHE F 105 1.33 -39.67 32.51
N THR F 106 0.77 -39.37 31.33
CA THR F 106 1.00 -38.10 30.65
C THR F 106 0.44 -36.90 31.40
N SER F 107 -0.55 -37.09 32.26
CA SER F 107 -1.06 -35.95 33.01
C SER F 107 -0.10 -35.53 34.11
N ARG F 108 -0.32 -34.32 34.61
CA ARG F 108 0.41 -33.89 35.79
C ARG F 108 0.04 -34.71 37.01
N GLU F 109 -1.25 -35.01 37.16
CA GLU F 109 -1.70 -35.76 38.31
C GLU F 109 -1.26 -37.22 38.24
N GLY F 110 -1.06 -37.73 37.02
CA GLY F 110 -0.58 -39.08 36.88
C GLY F 110 0.89 -39.16 37.20
N ALA F 111 1.66 -38.23 36.63
CA ALA F 111 3.10 -38.26 36.80
C ALA F 111 3.51 -37.86 38.20
N SER F 112 2.71 -37.04 38.87
CA SER F 112 3.01 -36.57 40.21
C SER F 112 2.84 -37.67 41.25
N LYS F 113 2.26 -38.81 40.88
CA LYS F 113 2.16 -39.94 41.78
C LYS F 113 3.52 -40.45 42.19
N HIS F 114 4.51 -40.36 41.30
CA HIS F 114 5.87 -40.74 41.67
C HIS F 114 6.47 -39.72 42.63
N LEU F 115 6.16 -38.45 42.43
CA LEU F 115 6.63 -37.42 43.35
C LEU F 115 6.04 -37.62 44.73
N SER F 116 4.77 -38.03 44.77
CA SER F 116 4.14 -38.32 46.05
C SER F 116 4.72 -39.58 46.68
N ALA F 117 5.00 -40.59 45.87
CA ALA F 117 5.46 -41.87 46.38
C ALA F 117 6.92 -41.84 46.81
N GLY F 118 7.62 -40.72 46.62
CA GLY F 118 8.94 -40.61 47.19
C GLY F 118 10.05 -40.40 46.17
N ALA F 119 9.74 -39.79 45.05
CA ALA F 119 10.74 -39.42 44.07
C ALA F 119 10.84 -37.90 44.00
N LYS F 120 12.04 -37.41 43.62
CA LYS F 120 12.29 -35.98 43.70
C LYS F 120 11.99 -35.25 42.40
N LYS F 121 12.42 -35.79 41.27
CA LYS F 121 12.08 -35.20 39.98
C LYS F 121 11.65 -36.30 39.03
N VAL F 122 10.78 -35.93 38.09
CA VAL F 122 10.29 -36.85 37.07
C VAL F 122 10.49 -36.20 35.70
N LEU F 123 11.06 -36.96 34.78
CA LEU F 123 11.23 -36.54 33.41
C LEU F 123 10.38 -37.48 32.58
N ILE F 124 9.32 -36.95 31.97
CA ILE F 124 8.39 -37.79 31.23
C ILE F 124 8.69 -37.65 29.74
N THR F 125 8.79 -38.79 29.07
CA THR F 125 9.16 -38.84 27.66
C THR F 125 7.92 -38.90 26.77
N ALA F 126 7.06 -37.90 26.91
CA ALA F 126 5.84 -37.83 26.12
C ALA F 126 5.37 -36.40 26.12
N PRO F 127 4.64 -35.99 25.11
CA PRO F 127 3.96 -34.69 25.21
C PRO F 127 2.82 -34.78 26.20
N GLY F 128 2.99 -34.19 27.37
CA GLY F 128 2.05 -34.38 28.42
C GLY F 128 0.81 -33.52 28.27
N LYS F 129 -0.31 -34.05 28.74
CA LYS F 129 -1.50 -33.22 28.86
C LYS F 129 -1.30 -32.17 29.93
N GLY F 130 -1.89 -31.02 29.72
CA GLY F 130 -1.78 -29.93 30.68
C GLY F 130 -0.46 -29.21 30.58
N ASN F 131 -0.38 -28.10 31.30
CA ASN F 131 0.76 -27.19 31.21
C ASN F 131 1.95 -27.76 31.98
N ILE F 132 2.54 -28.80 31.40
CA ILE F 132 3.77 -29.36 31.92
C ILE F 132 4.91 -28.66 31.18
N PRO F 133 5.97 -28.23 31.86
CA PRO F 133 7.05 -27.52 31.18
C PRO F 133 7.84 -28.48 30.29
N THR F 134 7.84 -28.19 28.99
CA THR F 134 8.50 -29.02 28.00
C THR F 134 9.83 -28.43 27.58
N TYR F 135 10.80 -29.31 27.36
CA TYR F 135 12.16 -28.86 27.05
C TYR F 135 12.78 -29.78 26.03
N VAL F 136 13.39 -29.18 25.01
CA VAL F 136 14.06 -29.90 23.93
C VAL F 136 15.53 -29.55 23.99
N VAL F 137 16.38 -30.58 23.98
CA VAL F 137 17.81 -30.34 23.97
C VAL F 137 18.21 -29.77 22.62
N GLY F 138 18.88 -28.62 22.65
CA GLY F 138 19.28 -27.93 21.44
C GLY F 138 18.43 -26.73 21.13
N VAL F 139 17.31 -26.55 21.80
CA VAL F 139 16.50 -25.36 21.58
C VAL F 139 16.40 -24.57 22.87
N ASN F 140 15.80 -25.17 23.88
CA ASN F 140 15.58 -24.49 25.15
C ASN F 140 15.87 -25.42 26.31
N HIS F 141 16.97 -26.15 26.24
CA HIS F 141 17.37 -26.95 27.38
C HIS F 141 18.06 -26.13 28.45
N HIS F 142 18.27 -24.84 28.23
CA HIS F 142 18.86 -23.98 29.25
C HIS F 142 17.82 -23.35 30.14
N THR F 143 16.64 -23.06 29.60
CA THR F 143 15.70 -22.15 30.23
C THR F 143 14.75 -22.85 31.19
N TYR F 144 15.14 -24.00 31.74
CA TYR F 144 14.30 -24.64 32.74
C TYR F 144 14.70 -24.16 34.12
N ASP F 145 13.71 -23.96 34.96
CA ASP F 145 13.97 -23.67 36.35
C ASP F 145 14.18 -24.99 37.09
N PRO F 146 15.26 -25.12 37.88
CA PRO F 146 15.52 -26.40 38.54
C PRO F 146 14.54 -26.77 39.64
N SER F 147 13.66 -25.87 40.06
CA SER F 147 12.58 -26.29 40.93
C SER F 147 11.44 -26.97 40.18
N GLU F 148 11.42 -26.87 38.85
CA GLU F 148 10.46 -27.63 38.06
C GLU F 148 10.89 -29.08 38.09
N ASP F 149 10.26 -29.85 38.97
CA ASP F 149 10.58 -31.25 39.15
C ASP F 149 9.89 -32.15 38.14
N ILE F 150 8.77 -31.71 37.58
CA ILE F 150 8.03 -32.46 36.58
C ILE F 150 8.23 -31.82 35.21
N VAL F 151 9.21 -32.31 34.48
CA VAL F 151 9.53 -31.77 33.16
C VAL F 151 9.13 -32.79 32.12
N SER F 152 8.92 -32.31 30.90
CA SER F 152 8.52 -33.19 29.81
C SER F 152 9.40 -32.95 28.60
N ASN F 153 9.97 -34.01 28.08
CA ASN F 153 10.45 -33.99 26.72
C ASN F 153 9.26 -34.22 25.81
N ALA F 154 9.32 -33.62 24.63
CA ALA F 154 8.21 -33.70 23.70
C ALA F 154 8.25 -35.03 22.95
N SER F 155 7.43 -35.15 21.91
CA SER F 155 7.52 -36.34 21.08
C SER F 155 8.78 -36.31 20.23
N CYS F 156 9.06 -37.47 19.64
CA CYS F 156 10.21 -37.62 18.76
C CYS F 156 10.11 -36.75 17.53
N THR F 157 8.89 -36.58 17.01
CA THR F 157 8.70 -35.74 15.84
C THR F 157 8.99 -34.29 16.16
N THR F 158 8.51 -33.82 17.31
CA THR F 158 8.80 -32.47 17.75
C THR F 158 10.27 -32.31 18.06
N ASN F 159 10.87 -33.34 18.66
CA ASN F 159 12.27 -33.29 19.02
C ASN F 159 13.15 -33.26 17.79
N CYS F 160 12.70 -33.83 16.69
CA CYS F 160 13.42 -33.64 15.44
C CYS F 160 13.15 -32.30 14.81
N LEU F 161 11.89 -31.88 14.78
CA LEU F 161 11.49 -30.77 13.94
C LEU F 161 11.91 -29.43 14.51
N ALA F 162 11.81 -29.28 15.83
CA ALA F 162 12.05 -27.98 16.46
C ALA F 162 13.43 -27.36 16.27
N PRO F 163 14.55 -28.09 16.17
CA PRO F 163 15.81 -27.39 15.87
C PRO F 163 15.85 -26.77 14.48
N ILE F 164 15.27 -27.46 13.49
CA ILE F 164 15.19 -26.92 12.14
C ILE F 164 14.32 -25.67 12.12
N VAL F 165 13.21 -25.70 12.86
CA VAL F 165 12.32 -24.56 12.91
C VAL F 165 12.97 -23.41 13.66
N LYS F 166 13.80 -23.71 14.66
CA LYS F 166 14.54 -22.67 15.34
C LYS F 166 15.54 -21.98 14.42
N VAL F 167 16.28 -22.78 13.63
CA VAL F 167 17.26 -22.20 12.72
C VAL F 167 16.58 -21.37 11.65
N LEU F 168 15.50 -21.89 11.06
CA LEU F 168 14.83 -21.13 10.01
C LEU F 168 14.06 -19.94 10.55
N HIS F 169 13.64 -19.96 11.81
CA HIS F 169 12.98 -18.80 12.34
C HIS F 169 13.96 -17.71 12.68
N GLU F 170 15.14 -18.09 13.15
CA GLU F 170 16.15 -17.07 13.45
C GLU F 170 16.73 -16.48 12.17
N ALA F 171 16.93 -17.30 11.15
CA ALA F 171 17.60 -16.79 9.95
C ALA F 171 16.64 -16.08 9.03
N PHE F 172 15.39 -16.50 8.98
CA PHE F 172 14.50 -15.98 7.95
C PHE F 172 13.22 -15.41 8.49
N GLY F 173 12.74 -15.95 9.62
CA GLY F 173 11.45 -15.53 10.11
C GLY F 173 10.35 -16.32 9.44
N ILE F 174 9.43 -16.86 10.25
CA ILE F 174 8.43 -17.79 9.77
C ILE F 174 7.06 -17.17 9.98
N GLN F 175 6.24 -17.14 8.94
CA GLN F 175 4.85 -16.76 9.12
C GLN F 175 4.02 -17.97 9.52
N GLN F 176 3.99 -18.98 8.67
CA GLN F 176 3.22 -20.19 8.93
C GLN F 176 4.08 -21.39 8.59
N GLY F 177 3.60 -22.56 8.98
CA GLY F 177 4.33 -23.77 8.67
C GLY F 177 3.58 -25.05 8.85
N MET F 178 3.63 -25.90 7.84
CA MET F 178 3.05 -27.23 7.87
C MET F 178 4.14 -28.28 8.03
N MET F 179 3.74 -29.48 8.40
CA MET F 179 4.67 -30.60 8.39
C MET F 179 3.87 -31.87 8.10
N THR F 180 4.56 -32.88 7.60
CA THR F 180 3.93 -34.17 7.37
C THR F 180 5.01 -35.23 7.56
N THR F 181 5.06 -35.81 8.74
CA THR F 181 6.10 -36.76 9.04
C THR F 181 5.68 -38.15 8.61
N THR F 182 6.53 -38.78 7.80
CA THR F 182 6.37 -40.18 7.42
C THR F 182 7.03 -40.99 8.51
N HIS F 183 6.20 -41.57 9.37
CA HIS F 183 6.62 -42.04 10.68
C HIS F 183 6.72 -43.55 10.66
N SER F 184 7.69 -44.10 11.37
CA SER F 184 7.76 -45.55 11.47
C SER F 184 6.65 -46.03 12.39
N TYR F 185 6.27 -47.30 12.25
CA TYR F 185 5.17 -47.78 13.07
C TYR F 185 5.62 -48.01 14.49
N THR F 186 4.79 -47.59 15.43
CA THR F 186 5.09 -47.67 16.84
C THR F 186 4.31 -48.82 17.46
N GLY F 187 4.54 -49.04 18.75
CA GLY F 187 3.94 -50.18 19.40
C GLY F 187 2.46 -50.06 19.67
N ASP F 188 1.91 -48.86 19.55
CA ASP F 188 0.49 -48.67 19.87
C ASP F 188 -0.43 -49.30 18.85
N GLN F 189 0.03 -49.47 17.62
CA GLN F 189 -0.84 -50.00 16.58
C GLN F 189 -1.02 -51.49 16.76
N ARG F 190 -2.21 -51.97 16.49
CA ARG F 190 -2.45 -53.39 16.58
C ARG F 190 -1.87 -54.07 15.35
N LEU F 191 -1.39 -55.28 15.55
CA LEU F 191 -0.70 -56.00 14.48
C LEU F 191 -1.67 -56.43 13.41
N LEU F 192 -2.62 -57.26 13.75
CA LEU F 192 -3.71 -57.49 12.83
C LEU F 192 -4.83 -56.53 13.17
N ASP F 193 -5.92 -56.61 12.41
CA ASP F 193 -7.00 -55.66 12.61
C ASP F 193 -7.73 -55.98 13.89
N ALA F 194 -7.34 -55.33 14.97
CA ALA F 194 -7.92 -55.61 16.28
C ALA F 194 -8.57 -54.35 16.83
N SER F 195 -9.34 -54.55 17.89
CA SER F 195 -10.14 -53.47 18.45
C SER F 195 -9.25 -52.48 19.16
N HIS F 196 -9.50 -51.20 18.92
CA HIS F 196 -8.61 -50.17 19.42
C HIS F 196 -9.43 -48.90 19.60
N ARG F 197 -8.93 -48.00 20.45
CA ARG F 197 -9.68 -46.81 20.81
C ARG F 197 -9.82 -45.87 19.62
N ASP F 198 -8.76 -45.67 18.86
CA ASP F 198 -8.82 -44.89 17.63
C ASP F 198 -8.87 -45.84 16.45
N LEU F 199 -9.69 -45.50 15.46
CA LEU F 199 -9.99 -46.43 14.38
C LEU F 199 -8.85 -46.54 13.39
N ARG F 200 -8.12 -45.45 13.15
CA ARG F 200 -7.02 -45.51 12.21
C ARG F 200 -5.80 -46.17 12.79
N ARG F 201 -5.73 -46.36 14.09
CA ARG F 201 -4.68 -47.19 14.65
C ARG F 201 -5.15 -48.60 14.87
N ALA F 202 -6.42 -48.88 14.62
CA ALA F 202 -6.94 -50.22 14.80
C ALA F 202 -6.53 -51.16 13.69
N ARG F 203 -6.04 -50.64 12.58
CA ARG F 203 -5.84 -51.47 11.41
C ARG F 203 -4.43 -52.04 11.42
N ALA F 204 -4.12 -52.85 10.43
CA ALA F 204 -2.87 -53.60 10.45
C ALA F 204 -1.68 -52.70 10.18
N ALA F 205 -0.60 -52.93 10.91
CA ALA F 205 0.55 -52.05 10.82
C ALA F 205 1.49 -52.44 9.71
N ALA F 206 1.68 -53.72 9.47
CA ALA F 206 2.63 -54.15 8.46
C ALA F 206 2.08 -53.98 7.06
N MET F 207 0.79 -53.72 6.92
CA MET F 207 0.14 -53.71 5.63
C MET F 207 -0.10 -52.31 5.10
N ASN F 208 -0.19 -51.31 5.97
CA ASN F 208 -0.92 -50.11 5.62
C ASN F 208 -0.12 -48.85 5.89
N ILE F 209 -0.31 -47.87 5.02
CA ILE F 209 -0.04 -46.49 5.36
C ILE F 209 -1.24 -46.04 6.18
N VAL F 210 -1.13 -45.96 7.49
CA VAL F 210 -2.22 -45.43 8.30
C VAL F 210 -1.93 -43.97 8.61
N PRO F 211 -2.84 -43.07 8.34
CA PRO F 211 -2.62 -41.67 8.71
C PRO F 211 -3.11 -41.43 10.12
N THR F 212 -2.57 -40.39 10.72
CA THR F 212 -3.04 -40.01 12.03
C THR F 212 -2.84 -38.52 12.20
N SER F 213 -3.71 -37.92 13.01
CA SER F 213 -3.60 -36.51 13.33
C SER F 213 -2.79 -36.40 14.61
N THR F 214 -1.82 -35.52 14.60
CA THR F 214 -1.02 -35.28 15.79
C THR F 214 -0.99 -33.79 16.11
N GLY F 215 -0.85 -33.50 17.39
CA GLY F 215 -0.60 -32.16 17.86
C GLY F 215 0.85 -31.92 18.18
N ALA F 216 1.73 -32.85 17.83
CA ALA F 216 3.13 -32.71 18.14
C ALA F 216 3.80 -31.63 17.30
N ALA F 217 3.19 -31.23 16.20
CA ALA F 217 3.65 -30.03 15.51
C ALA F 217 3.39 -28.79 16.34
N LYS F 218 2.28 -28.76 17.09
CA LYS F 218 1.98 -27.61 17.92
C LYS F 218 2.90 -27.50 19.11
N ALA F 219 3.56 -28.59 19.49
CA ALA F 219 4.50 -28.54 20.62
C ALA F 219 5.73 -27.71 20.31
N VAL F 220 6.02 -27.50 19.02
CA VAL F 220 7.04 -26.53 18.65
C VAL F 220 6.62 -25.14 19.09
N GLY F 221 5.32 -24.86 19.00
CA GLY F 221 4.78 -23.61 19.52
C GLY F 221 4.85 -23.48 21.02
N LEU F 222 4.98 -24.60 21.73
CA LEU F 222 5.31 -24.50 23.14
C LEU F 222 6.80 -24.20 23.32
N VAL F 223 7.66 -24.98 22.67
CA VAL F 223 9.09 -24.78 22.94
C VAL F 223 9.63 -23.55 22.23
N ILE F 224 8.98 -23.07 21.18
CA ILE F 224 9.25 -21.75 20.64
C ILE F 224 7.97 -20.92 20.79
N PRO F 225 7.95 -19.93 21.69
CA PRO F 225 6.68 -19.33 22.09
C PRO F 225 6.05 -18.46 21.03
N GLU F 226 6.84 -17.77 20.22
CA GLU F 226 6.30 -16.82 19.27
C GLU F 226 5.77 -17.45 17.99
N LEU F 227 5.72 -18.79 17.92
CA LEU F 227 5.17 -19.48 16.77
C LEU F 227 3.97 -20.33 17.13
N GLN F 228 3.42 -20.17 18.33
CA GLN F 228 2.32 -21.00 18.77
C GLN F 228 1.05 -20.64 18.00
N GLY F 229 0.29 -21.67 17.62
CA GLY F 229 -0.86 -21.46 16.77
C GLY F 229 -0.54 -21.22 15.32
N LYS F 230 0.69 -21.46 14.92
CA LYS F 230 1.11 -21.27 13.54
C LYS F 230 1.69 -22.52 12.91
N LEU F 231 1.79 -23.62 13.66
CA LEU F 231 2.43 -24.83 13.19
C LEU F 231 1.48 -25.99 13.41
N ASN F 232 1.20 -26.73 12.34
CA ASN F 232 0.29 -27.85 12.47
C ASN F 232 0.66 -28.89 11.42
N GLY F 233 0.34 -30.14 11.69
CA GLY F 233 0.69 -31.16 10.72
C GLY F 233 0.15 -32.52 11.09
N ILE F 234 0.22 -33.43 10.12
CA ILE F 234 -0.29 -34.78 10.29
C ILE F 234 0.87 -35.75 10.25
N ALA F 235 0.59 -37.03 10.47
CA ALA F 235 1.62 -38.04 10.45
C ALA F 235 1.15 -39.23 9.63
N LEU F 236 2.10 -39.90 8.99
CA LEU F 236 1.83 -41.08 8.18
C LEU F 236 2.68 -42.22 8.71
N ARG F 237 2.03 -43.27 9.16
CA ARG F 237 2.73 -44.44 9.67
C ARG F 237 2.81 -45.45 8.55
N VAL F 238 4.02 -45.80 8.16
CA VAL F 238 4.25 -46.70 7.04
C VAL F 238 4.99 -47.91 7.58
N PRO F 239 4.90 -49.04 6.91
CA PRO F 239 5.55 -50.24 7.45
C PRO F 239 7.06 -50.28 7.41
N THR F 240 7.73 -49.34 8.07
CA THR F 240 9.13 -49.48 8.38
C THR F 240 9.29 -49.55 9.88
N PRO F 241 10.13 -50.40 10.39
CA PRO F 241 10.14 -50.61 11.83
C PRO F 241 10.86 -49.53 12.62
N ASN F 242 11.91 -48.92 12.10
CA ASN F 242 12.75 -48.14 13.00
C ASN F 242 12.74 -46.64 12.72
N VAL F 243 13.14 -46.19 11.55
CA VAL F 243 13.56 -44.81 11.37
C VAL F 243 12.44 -44.10 10.64
N SER F 244 12.48 -42.77 10.62
CA SER F 244 11.39 -42.05 9.99
C SER F 244 11.92 -40.76 9.39
N VAL F 245 11.11 -40.13 8.56
CA VAL F 245 11.48 -38.87 7.93
C VAL F 245 10.32 -37.90 8.13
N VAL F 246 10.65 -36.64 8.27
CA VAL F 246 9.67 -35.59 8.47
C VAL F 246 9.79 -34.57 7.35
N ASP F 247 8.68 -34.32 6.68
CA ASP F 247 8.58 -33.23 5.72
C ASP F 247 8.18 -31.98 6.46
N PHE F 248 8.68 -30.84 6.00
CA PHE F 248 8.37 -29.58 6.67
C PHE F 248 8.26 -28.47 5.65
N VAL F 249 7.07 -27.90 5.56
CA VAL F 249 6.79 -26.80 4.66
C VAL F 249 6.61 -25.57 5.52
N ALA F 250 7.50 -24.60 5.38
CA ALA F 250 7.36 -23.32 6.04
C ALA F 250 7.10 -22.22 5.03
N GLN F 251 6.44 -21.18 5.47
CA GLN F 251 6.22 -19.98 4.68
C GLN F 251 7.04 -18.88 5.34
N VAL F 252 8.28 -18.73 4.89
CA VAL F 252 9.13 -17.67 5.41
C VAL F 252 8.71 -16.37 4.74
N GLU F 253 9.18 -15.25 5.30
CA GLU F 253 8.89 -13.95 4.72
C GLU F 253 10.11 -13.25 4.15
N LYS F 254 11.31 -13.53 4.66
CA LYS F 254 12.49 -13.03 4.01
C LYS F 254 12.85 -13.96 2.86
N PRO F 255 12.76 -13.50 1.61
CA PRO F 255 12.90 -14.42 0.47
C PRO F 255 14.33 -14.89 0.29
N THR F 256 14.46 -16.08 -0.28
CA THR F 256 15.75 -16.74 -0.45
C THR F 256 15.62 -17.85 -1.48
N ILE F 257 16.70 -18.60 -1.68
CA ILE F 257 16.72 -19.72 -2.60
C ILE F 257 17.07 -21.00 -1.85
N ALA F 258 17.08 -22.12 -2.58
CA ALA F 258 17.25 -23.42 -1.98
C ALA F 258 18.67 -23.66 -1.51
N GLU F 259 19.64 -23.01 -2.13
CA GLU F 259 21.02 -23.24 -1.72
C GLU F 259 21.32 -22.53 -0.42
N GLN F 260 20.68 -21.40 -0.19
CA GLN F 260 21.04 -20.55 0.94
C GLN F 260 20.55 -21.16 2.25
N VAL F 261 19.37 -21.78 2.24
CA VAL F 261 18.88 -22.42 3.46
C VAL F 261 19.73 -23.63 3.80
N ASN F 262 20.26 -24.32 2.79
CA ASN F 262 21.19 -25.41 3.03
C ASN F 262 22.48 -24.89 3.62
N GLN F 263 22.94 -23.72 3.15
CA GLN F 263 24.14 -23.11 3.70
C GLN F 263 23.92 -22.71 5.16
N VAL F 264 22.76 -22.15 5.46
CA VAL F 264 22.44 -21.70 6.82
C VAL F 264 22.41 -22.89 7.77
N ILE F 265 21.75 -23.97 7.36
CA ILE F 265 21.67 -25.13 8.24
C ILE F 265 23.00 -25.84 8.32
N LYS F 266 23.82 -25.76 7.27
CA LYS F 266 25.13 -26.39 7.31
C LYS F 266 26.05 -25.68 8.29
N GLU F 267 26.02 -24.34 8.31
CA GLU F 267 26.86 -23.67 9.29
C GLU F 267 26.26 -23.74 10.70
N ALA F 268 24.94 -23.85 10.80
CA ALA F 268 24.33 -24.04 12.11
C ALA F 268 24.62 -25.44 12.65
N SER F 269 24.88 -26.39 11.77
CA SER F 269 25.31 -27.71 12.19
C SER F 269 26.70 -27.70 12.79
N GLU F 270 27.50 -26.69 12.46
CA GLU F 270 28.89 -26.64 12.88
C GLU F 270 29.16 -25.59 13.94
N THR F 271 28.21 -24.70 14.23
CA THR F 271 28.42 -23.71 15.27
C THR F 271 27.57 -23.97 16.51
N THR F 272 26.27 -24.04 16.36
CA THR F 272 25.38 -24.08 17.51
C THR F 272 24.68 -25.41 17.69
N MET F 273 24.16 -25.98 16.61
CA MET F 273 23.40 -27.22 16.68
C MET F 273 24.29 -28.45 16.52
N LYS F 274 25.56 -28.34 16.87
CA LYS F 274 26.50 -29.44 16.74
C LYS F 274 26.11 -30.55 17.70
N GLY F 275 25.99 -31.77 17.18
CA GLY F 275 25.47 -32.87 17.94
C GLY F 275 23.97 -32.96 17.95
N ILE F 276 23.28 -31.95 17.43
CA ILE F 276 21.83 -32.01 17.34
C ILE F 276 21.44 -32.26 15.90
N ILE F 277 21.90 -31.39 15.00
CA ILE F 277 21.58 -31.48 13.59
C ILE F 277 22.84 -31.91 12.86
N HIS F 278 22.75 -33.02 12.15
CA HIS F 278 23.79 -33.40 11.22
C HIS F 278 23.36 -32.99 9.83
N TYR F 279 24.33 -32.74 8.97
CA TYR F 279 24.05 -32.30 7.61
C TYR F 279 24.68 -33.27 6.63
N SER F 280 23.87 -33.82 5.72
CA SER F 280 24.31 -34.90 4.84
C SER F 280 24.01 -34.54 3.41
N GLU F 281 25.06 -34.43 2.60
CA GLU F 281 24.93 -34.27 1.15
C GLU F 281 25.15 -35.57 0.42
N LEU F 282 24.73 -36.67 1.02
CA LEU F 282 24.77 -37.96 0.37
C LEU F 282 23.37 -38.35 -0.08
N GLU F 283 23.30 -39.27 -1.02
CA GLU F 283 22.00 -39.82 -1.42
C GLU F 283 21.68 -41.09 -0.63
N LEU F 284 21.59 -40.92 0.69
CA LEU F 284 21.30 -42.06 1.52
C LEU F 284 19.81 -42.36 1.52
N VAL F 285 19.46 -43.45 2.18
CA VAL F 285 18.08 -43.90 2.34
C VAL F 285 17.88 -44.16 3.80
N SER F 286 16.72 -44.68 4.16
CA SER F 286 16.24 -44.68 5.53
C SER F 286 17.11 -45.50 6.45
N SER F 287 17.41 -46.74 6.06
CA SER F 287 18.13 -47.64 6.94
C SER F 287 19.58 -47.28 7.16
N ASP F 288 20.09 -46.27 6.51
CA ASP F 288 21.41 -45.79 6.86
C ASP F 288 21.37 -44.78 7.98
N TYR F 289 20.23 -44.66 8.68
CA TYR F 289 20.15 -43.80 9.84
C TYR F 289 19.73 -44.57 11.07
N ARG F 290 19.82 -45.89 11.05
CA ARG F 290 19.56 -46.65 12.27
C ARG F 290 20.74 -46.47 13.20
N GLY F 291 20.53 -45.78 14.30
CA GLY F 291 21.58 -45.59 15.26
C GLY F 291 22.39 -44.34 15.09
N HIS F 292 21.92 -43.38 14.30
CA HIS F 292 22.65 -42.13 14.16
C HIS F 292 22.45 -41.31 15.42
N ASN F 293 23.48 -40.54 15.78
CA ASN F 293 23.45 -39.84 17.06
C ASN F 293 22.72 -38.51 17.00
N ALA F 294 22.63 -37.89 15.82
CA ALA F 294 21.96 -36.61 15.73
C ALA F 294 20.45 -36.78 15.77
N SER F 295 19.78 -35.76 16.25
CA SER F 295 18.32 -35.79 16.36
C SER F 295 17.62 -35.30 15.11
N SER F 296 18.37 -34.89 14.09
CA SER F 296 17.81 -34.55 12.79
C SER F 296 18.95 -34.58 11.78
N ILE F 297 18.84 -35.42 10.78
CA ILE F 297 19.75 -35.36 9.65
C ILE F 297 19.01 -34.66 8.53
N LEU F 298 19.46 -33.47 8.17
CA LEU F 298 18.84 -32.76 7.07
C LEU F 298 19.24 -33.38 5.76
N ASP F 299 18.26 -33.75 4.96
CA ASP F 299 18.54 -34.31 3.65
C ASP F 299 18.73 -33.15 2.67
N ALA F 300 19.91 -33.05 2.08
CA ALA F 300 20.28 -31.83 1.40
C ALA F 300 19.67 -31.74 0.01
N SER F 301 19.61 -32.86 -0.70
CA SER F 301 19.24 -32.83 -2.11
C SER F 301 17.77 -32.56 -2.35
N LEU F 302 16.94 -32.53 -1.31
CA LEU F 302 15.52 -32.41 -1.50
C LEU F 302 14.97 -31.07 -1.05
N THR F 303 15.84 -30.19 -0.55
CA THR F 303 15.39 -28.89 -0.06
C THR F 303 14.96 -28.02 -1.22
N MET F 304 13.77 -27.45 -1.15
CA MET F 304 13.34 -26.64 -2.29
C MET F 304 12.54 -25.43 -1.85
N VAL F 305 12.61 -24.39 -2.67
CA VAL F 305 11.99 -23.10 -2.42
C VAL F 305 11.20 -22.70 -3.65
N LEU F 306 9.92 -22.42 -3.49
CA LEU F 306 9.11 -21.92 -4.59
C LEU F 306 8.65 -20.52 -4.29
N GLY F 307 8.84 -19.62 -5.26
CA GLY F 307 8.42 -18.25 -5.09
C GLY F 307 9.20 -17.45 -4.08
N GLY F 308 10.36 -17.94 -3.63
CA GLY F 308 11.17 -17.19 -2.72
C GLY F 308 10.76 -17.31 -1.27
N ASN F 309 9.47 -17.38 -0.99
CA ASN F 309 8.93 -17.28 0.36
C ASN F 309 8.24 -18.57 0.81
N LEU F 310 8.65 -19.71 0.26
CA LEU F 310 7.98 -20.97 0.58
C LEU F 310 9.02 -22.07 0.50
N VAL F 311 9.40 -22.60 1.66
CA VAL F 311 10.52 -23.52 1.76
C VAL F 311 10.01 -24.88 2.23
N LYS F 312 10.65 -25.93 1.73
CA LYS F 312 10.41 -27.30 2.14
C LYS F 312 11.73 -27.97 2.44
N VAL F 313 11.84 -28.51 3.64
CA VAL F 313 12.96 -29.36 4.02
C VAL F 313 12.42 -30.72 4.41
N VAL F 314 13.29 -31.71 4.38
CA VAL F 314 12.98 -33.03 4.92
C VAL F 314 14.12 -33.44 5.82
N ALA F 315 13.79 -34.17 6.87
CA ALA F 315 14.76 -34.50 7.88
C ALA F 315 14.60 -35.95 8.27
N TRP F 316 15.66 -36.73 8.10
CA TRP F 316 15.68 -38.06 8.65
C TRP F 316 15.87 -37.97 10.14
N TYR F 317 15.21 -38.85 10.89
CA TYR F 317 15.48 -38.94 12.32
C TYR F 317 15.06 -40.31 12.81
N ASP F 318 15.81 -40.82 13.78
CA ASP F 318 15.53 -42.11 14.37
C ASP F 318 14.72 -41.88 15.63
N ASN F 319 13.49 -42.34 15.64
CA ASN F 319 12.63 -42.06 16.77
C ASN F 319 12.80 -43.06 17.90
N GLU F 320 13.75 -43.97 17.80
CA GLU F 320 14.02 -44.87 18.89
C GLU F 320 15.40 -44.73 19.47
N TRP F 321 16.36 -44.20 18.71
CA TRP F 321 17.71 -44.06 19.23
C TRP F 321 18.07 -42.62 19.52
N GLY F 322 17.86 -41.73 18.55
CA GLY F 322 18.17 -40.33 18.77
C GLY F 322 17.29 -39.68 19.81
N TYR F 323 16.04 -40.12 19.91
CA TYR F 323 15.17 -39.60 20.94
C TYR F 323 15.63 -40.04 22.31
N SER F 324 16.10 -41.27 22.42
CA SER F 324 16.69 -41.73 23.67
C SER F 324 17.95 -40.96 24.00
N GLN F 325 18.74 -40.62 22.98
CA GLN F 325 19.92 -39.80 23.21
C GLN F 325 19.56 -38.43 23.75
N ARG F 326 18.49 -37.84 23.23
CA ARG F 326 18.10 -36.53 23.74
C ARG F 326 17.50 -36.63 25.12
N VAL F 327 16.83 -37.73 25.43
CA VAL F 327 16.35 -37.96 26.80
C VAL F 327 17.52 -38.05 27.77
N LEU F 328 18.55 -38.79 27.40
CA LEU F 328 19.69 -38.94 28.30
C LEU F 328 20.49 -37.65 28.39
N ASP F 329 20.55 -36.87 27.32
CA ASP F 329 21.24 -35.60 27.39
C ASP F 329 20.49 -34.62 28.27
N LEU F 330 19.15 -34.63 28.20
CA LEU F 330 18.37 -33.78 29.08
C LEU F 330 18.49 -34.22 30.53
N ALA F 331 18.60 -35.52 30.76
CA ALA F 331 18.74 -36.03 32.11
C ALA F 331 20.09 -35.63 32.70
N GLU F 332 21.17 -35.78 31.92
CA GLU F 332 22.47 -35.31 32.37
C GLU F 332 22.52 -33.80 32.54
N HIS F 333 21.80 -33.06 31.71
CA HIS F 333 21.82 -31.62 31.81
C HIS F 333 21.02 -31.14 33.01
N MET F 334 20.04 -31.92 33.44
CA MET F 334 19.40 -31.58 34.70
C MET F 334 20.17 -32.12 35.89
N ALA F 335 21.04 -33.09 35.68
CA ALA F 335 21.95 -33.49 36.75
C ALA F 335 23.02 -32.44 36.98
N ALA F 336 23.48 -31.80 35.89
CA ALA F 336 24.52 -30.78 36.02
C ALA F 336 24.02 -29.51 36.68
N HIS F 337 22.71 -29.29 36.69
CA HIS F 337 22.15 -28.14 37.39
C HIS F 337 21.17 -28.62 38.44
N TRP F 338 21.56 -29.64 39.20
CA TRP F 338 20.74 -30.11 40.29
C TRP F 338 20.60 -29.03 41.35
N ALA F 339 19.39 -28.90 41.89
CA ALA F 339 19.14 -27.98 42.98
C ALA F 339 18.49 -28.72 44.15
N MET G 3 -34.33 -73.56 14.13
CA MET G 3 -33.34 -72.49 14.03
C MET G 3 -32.63 -72.31 15.37
N VAL G 4 -31.31 -72.24 15.33
CA VAL G 4 -30.49 -72.27 16.55
C VAL G 4 -29.89 -70.89 16.76
N ARG G 5 -30.17 -70.29 17.92
CA ARG G 5 -29.65 -68.98 18.26
C ARG G 5 -28.24 -69.12 18.81
N VAL G 6 -27.27 -68.51 18.12
CA VAL G 6 -25.87 -68.69 18.45
C VAL G 6 -25.22 -67.35 18.79
N ALA G 7 -24.07 -67.46 19.44
CA ALA G 7 -23.39 -66.30 19.97
C ALA G 7 -21.89 -66.42 19.72
N ILE G 8 -21.19 -65.30 19.83
CA ILE G 8 -19.77 -65.21 19.53
C ILE G 8 -19.08 -64.54 20.70
N ASN G 9 -18.16 -65.23 21.35
CA ASN G 9 -17.36 -64.63 22.40
C ASN G 9 -16.04 -64.18 21.80
N GLY G 10 -15.86 -62.88 21.68
CA GLY G 10 -14.60 -62.33 21.24
C GLY G 10 -14.67 -62.06 19.76
N PHE G 11 -14.82 -60.80 19.38
CA PHE G 11 -15.05 -60.48 17.99
C PHE G 11 -13.74 -60.10 17.31
N GLY G 12 -12.79 -61.03 17.36
CA GLY G 12 -11.49 -60.81 16.77
C GLY G 12 -11.41 -61.28 15.35
N ARG G 13 -10.28 -61.85 14.95
CA ARG G 13 -10.12 -62.32 13.57
C ARG G 13 -11.03 -63.48 13.27
N ILE G 14 -11.08 -64.45 14.19
CA ILE G 14 -11.92 -65.61 13.99
C ILE G 14 -13.38 -65.21 14.08
N GLY G 15 -13.70 -64.25 14.95
CA GLY G 15 -15.09 -63.82 15.06
C GLY G 15 -15.55 -63.04 13.85
N ARG G 16 -14.73 -62.13 13.35
CA ARG G 16 -15.08 -61.37 12.15
C ARG G 16 -15.19 -62.27 10.94
N ASN G 17 -14.30 -63.26 10.85
CA ASN G 17 -14.41 -64.18 9.74
C ASN G 17 -15.60 -65.10 9.88
N PHE G 18 -15.98 -65.45 11.10
CA PHE G 18 -17.17 -66.26 11.32
C PHE G 18 -18.42 -65.51 10.93
N MET G 19 -18.48 -64.23 11.30
CA MET G 19 -19.60 -63.38 10.96
C MET G 19 -19.69 -63.18 9.46
N ARG G 20 -18.55 -63.00 8.80
CA ARG G 20 -18.55 -62.80 7.36
C ARG G 20 -18.96 -64.07 6.63
N CYS G 21 -18.53 -65.23 7.14
CA CYS G 21 -18.91 -66.50 6.54
C CYS G 21 -20.41 -66.74 6.68
N TRP G 22 -20.98 -66.43 7.84
CA TRP G 22 -22.40 -66.61 8.02
C TRP G 22 -23.20 -65.62 7.19
N LEU G 23 -22.65 -64.43 6.96
CA LEU G 23 -23.27 -63.53 6.02
C LEU G 23 -23.16 -64.02 4.60
N GLN G 24 -22.20 -64.87 4.29
CA GLN G 24 -22.14 -65.42 2.94
C GLN G 24 -22.81 -66.78 2.81
N ARG G 25 -23.25 -67.38 3.91
CA ARG G 25 -23.93 -68.68 3.88
C ARG G 25 -25.24 -68.61 4.63
N LYS G 26 -26.02 -67.58 4.38
CA LYS G 26 -27.16 -67.27 5.23
C LYS G 26 -28.36 -68.18 4.94
N ALA G 27 -28.61 -68.49 3.68
CA ALA G 27 -29.86 -69.15 3.31
C ALA G 27 -29.89 -70.61 3.76
N ASN G 28 -28.75 -71.28 3.72
CA ASN G 28 -28.70 -72.69 4.06
C ASN G 28 -28.42 -72.92 5.54
N SER G 29 -28.70 -71.95 6.39
CA SER G 29 -28.24 -71.96 7.77
C SER G 29 -29.38 -72.24 8.72
N LYS G 30 -29.18 -73.18 9.62
CA LYS G 30 -30.01 -73.36 10.80
C LYS G 30 -29.54 -72.51 11.95
N LEU G 31 -28.56 -71.64 11.71
CA LEU G 31 -27.95 -70.82 12.74
C LEU G 31 -28.32 -69.38 12.52
N GLU G 32 -28.72 -68.70 13.58
CA GLU G 32 -28.94 -67.27 13.53
C GLU G 32 -28.05 -66.63 14.58
N ILE G 33 -27.15 -65.77 14.13
CA ILE G 33 -26.23 -65.10 15.03
C ILE G 33 -26.96 -63.98 15.72
N VAL G 34 -27.07 -64.06 17.05
CA VAL G 34 -27.86 -63.08 17.79
C VAL G 34 -27.06 -62.34 18.84
N GLY G 35 -25.86 -62.80 19.19
CA GLY G 35 -25.11 -62.09 20.19
C GLY G 35 -23.61 -62.12 19.97
N ILE G 36 -22.95 -60.99 20.14
CA ILE G 36 -21.50 -60.94 20.15
C ILE G 36 -21.07 -60.13 21.35
N ASN G 37 -19.83 -60.34 21.78
CA ASN G 37 -19.24 -59.44 22.76
C ASN G 37 -17.76 -59.32 22.55
N ASP G 38 -17.29 -58.08 22.47
CA ASP G 38 -15.88 -57.80 22.36
C ASP G 38 -15.56 -56.80 23.46
N THR G 39 -14.28 -56.54 23.64
CA THR G 39 -13.85 -55.51 24.55
C THR G 39 -13.96 -54.11 23.96
N SER G 40 -14.49 -53.98 22.76
CA SER G 40 -14.69 -52.69 22.13
C SER G 40 -16.18 -52.34 22.12
N ASP G 41 -16.43 -51.05 21.91
CA ASP G 41 -17.78 -50.56 21.75
C ASP G 41 -18.37 -51.06 20.44
N PRO G 42 -19.71 -51.07 20.34
CA PRO G 42 -20.34 -51.52 19.09
C PRO G 42 -20.15 -50.59 17.90
N ARG G 43 -19.62 -49.40 18.08
CA ARG G 43 -19.38 -48.55 16.92
C ARG G 43 -18.14 -48.97 16.17
N THR G 44 -17.13 -49.46 16.88
CA THR G 44 -15.84 -49.72 16.27
C THR G 44 -15.83 -51.03 15.50
N ASN G 45 -16.36 -52.07 16.11
CA ASN G 45 -16.25 -53.40 15.53
C ASN G 45 -17.16 -53.58 14.33
N ALA G 46 -18.18 -52.75 14.17
CA ALA G 46 -18.93 -52.77 12.92
C ALA G 46 -18.08 -52.22 11.79
N HIS G 47 -17.30 -51.18 12.06
CA HIS G 47 -16.34 -50.70 11.08
C HIS G 47 -15.30 -51.75 10.76
N LEU G 48 -14.78 -52.43 11.79
CA LEU G 48 -13.81 -53.49 11.56
C LEU G 48 -14.41 -54.66 10.83
N LEU G 49 -15.71 -54.89 10.97
CA LEU G 49 -16.35 -55.92 10.18
C LEU G 49 -16.47 -55.51 8.73
N LYS G 50 -16.85 -54.26 8.48
CA LYS G 50 -17.08 -53.86 7.10
C LYS G 50 -15.78 -53.70 6.34
N TYR G 51 -14.79 -53.08 6.94
CA TYR G 51 -13.53 -52.79 6.26
C TYR G 51 -12.47 -53.71 6.86
N ASP G 52 -12.35 -54.89 6.29
CA ASP G 52 -11.27 -55.77 6.66
C ASP G 52 -10.09 -55.50 5.75
N SER G 53 -8.92 -55.26 6.33
CA SER G 53 -7.76 -54.98 5.52
C SER G 53 -7.13 -56.23 4.93
N MET G 54 -7.77 -57.37 5.08
CA MET G 54 -7.31 -58.62 4.49
C MET G 54 -8.25 -59.15 3.44
N LEU G 55 -9.55 -59.08 3.69
CA LEU G 55 -10.54 -59.57 2.76
C LEU G 55 -11.23 -58.44 2.03
N GLY G 56 -10.69 -57.24 2.10
CA GLY G 56 -11.25 -56.12 1.40
C GLY G 56 -12.52 -55.61 2.05
N ILE G 57 -13.20 -54.73 1.34
CA ILE G 57 -14.44 -54.16 1.80
C ILE G 57 -15.54 -55.19 1.56
N PHE G 58 -16.38 -55.41 2.57
CA PHE G 58 -17.52 -56.28 2.38
C PHE G 58 -18.54 -55.60 1.47
N GLN G 59 -19.16 -56.38 0.62
CA GLN G 59 -19.92 -55.82 -0.49
C GLN G 59 -21.38 -56.22 -0.53
N ASP G 60 -21.74 -57.40 -0.05
CA ASP G 60 -23.06 -57.95 -0.32
C ASP G 60 -24.14 -57.28 0.50
N ALA G 61 -23.88 -56.99 1.77
CA ALA G 61 -24.88 -56.47 2.67
C ALA G 61 -24.37 -55.21 3.33
N GLU G 62 -25.29 -54.42 3.86
CA GLU G 62 -24.95 -53.15 4.47
C GLU G 62 -24.67 -53.34 5.94
N ILE G 63 -23.61 -52.68 6.41
CA ILE G 63 -23.19 -52.77 7.79
C ILE G 63 -23.35 -51.40 8.42
N THR G 64 -24.11 -51.34 9.50
CA THR G 64 -24.16 -50.13 10.31
C THR G 64 -24.39 -50.54 11.74
N ALA G 65 -24.24 -49.56 12.64
CA ALA G 65 -24.44 -49.85 14.05
C ALA G 65 -24.79 -48.59 14.80
N ASP G 66 -25.43 -48.78 15.94
CA ASP G 66 -25.48 -47.78 16.99
C ASP G 66 -25.00 -48.46 18.27
N ASP G 67 -25.08 -47.77 19.39
CA ASP G 67 -24.39 -48.21 20.60
C ASP G 67 -25.02 -49.42 21.29
N ASP G 68 -26.05 -50.05 20.72
CA ASP G 68 -26.66 -51.18 21.41
C ASP G 68 -26.85 -52.38 20.50
N CYS G 69 -26.97 -52.14 19.19
CA CYS G 69 -27.17 -53.22 18.24
C CYS G 69 -26.37 -52.93 16.98
N ILE G 70 -26.23 -53.96 16.15
CA ILE G 70 -25.54 -53.85 14.88
C ILE G 70 -26.47 -54.36 13.79
N TYR G 71 -26.71 -53.55 12.79
CA TYR G 71 -27.56 -53.92 11.67
C TYR G 71 -26.66 -54.35 10.53
N ALA G 72 -26.63 -55.65 10.28
CA ALA G 72 -25.91 -56.26 9.17
C ALA G 72 -26.95 -56.65 8.13
N GLY G 73 -27.02 -55.87 7.05
CA GLY G 73 -27.92 -56.17 5.95
C GLY G 73 -29.39 -56.15 6.32
N GLY G 74 -29.77 -55.27 7.23
CA GLY G 74 -31.10 -55.28 7.79
C GLY G 74 -31.28 -56.23 8.95
N HIS G 75 -30.46 -57.28 9.04
CA HIS G 75 -30.55 -58.24 10.13
C HIS G 75 -29.93 -57.62 11.37
N ALA G 76 -30.68 -57.58 12.46
CA ALA G 76 -30.18 -57.01 13.69
C ALA G 76 -29.42 -58.07 14.49
N VAL G 77 -28.39 -57.65 15.20
CA VAL G 77 -27.67 -58.52 16.12
C VAL G 77 -27.32 -57.73 17.36
N LYS G 78 -27.49 -58.37 18.51
CA LYS G 78 -27.19 -57.74 19.78
C LYS G 78 -25.69 -57.78 20.04
N CYS G 79 -25.25 -56.92 20.95
CA CYS G 79 -23.83 -56.75 21.22
C CYS G 79 -23.65 -56.10 22.58
N VAL G 80 -22.66 -56.58 23.32
CA VAL G 80 -22.42 -56.17 24.69
C VAL G 80 -20.90 -56.20 24.87
N SER G 81 -20.42 -55.74 26.03
CA SER G 81 -18.99 -55.73 26.30
C SER G 81 -18.77 -56.07 27.77
N ASP G 82 -18.14 -57.21 28.02
CA ASP G 82 -17.74 -57.58 29.38
C ASP G 82 -16.64 -58.62 29.30
N ARG G 83 -15.68 -58.51 30.21
CA ARG G 83 -14.62 -59.49 30.30
C ARG G 83 -14.96 -60.64 31.23
N ASN G 84 -15.81 -60.41 32.22
CA ASN G 84 -16.29 -61.51 33.04
C ASN G 84 -17.33 -62.29 32.24
N PRO G 85 -17.13 -63.58 32.00
CA PRO G 85 -18.16 -64.37 31.33
C PRO G 85 -19.37 -64.65 32.20
N GLU G 86 -19.28 -64.42 33.50
CA GLU G 86 -20.37 -64.76 34.41
C GLU G 86 -21.45 -63.70 34.46
N ASN G 87 -21.18 -62.49 33.98
CA ASN G 87 -22.18 -61.43 33.99
C ASN G 87 -22.81 -61.26 32.62
N LEU G 88 -22.99 -62.34 31.89
CA LEU G 88 -23.41 -62.14 30.52
C LEU G 88 -24.83 -62.59 30.27
N PRO G 89 -25.60 -61.82 29.53
CA PRO G 89 -27.02 -62.14 29.32
C PRO G 89 -27.22 -63.29 28.36
N TRP G 90 -27.02 -64.53 28.82
CA TRP G 90 -27.22 -65.62 27.88
C TRP G 90 -28.65 -66.15 27.92
N SER G 91 -29.13 -66.50 29.12
CA SER G 91 -30.50 -66.94 29.25
C SER G 91 -31.48 -65.81 28.95
N ALA G 92 -31.05 -64.56 29.15
CA ALA G 92 -31.85 -63.42 28.73
C ALA G 92 -31.93 -63.30 27.21
N TRP G 93 -31.01 -63.92 26.49
CA TRP G 93 -31.03 -63.86 25.04
C TRP G 93 -31.41 -65.19 24.40
N GLY G 94 -31.44 -66.28 25.17
CA GLY G 94 -31.82 -67.56 24.62
C GLY G 94 -30.75 -68.17 23.74
N ILE G 95 -29.62 -68.51 24.33
CA ILE G 95 -28.42 -68.89 23.59
C ILE G 95 -28.21 -70.38 23.73
N ASP G 96 -28.27 -71.09 22.60
CA ASP G 96 -27.95 -72.51 22.62
C ASP G 96 -26.46 -72.73 22.57
N LEU G 97 -25.81 -72.14 21.57
CA LEU G 97 -24.40 -72.37 21.29
C LEU G 97 -23.65 -71.05 21.29
N VAL G 98 -22.63 -70.96 22.11
CA VAL G 98 -21.72 -69.83 22.11
C VAL G 98 -20.40 -70.30 21.52
N ILE G 99 -19.77 -69.42 20.77
CA ILE G 99 -18.56 -69.73 20.02
C ILE G 99 -17.42 -69.03 20.73
N GLU G 100 -16.67 -69.78 21.52
CA GLU G 100 -15.57 -69.20 22.26
C GLU G 100 -14.40 -68.93 21.32
N ALA G 101 -14.04 -67.66 21.18
CA ALA G 101 -12.96 -67.30 20.27
C ALA G 101 -12.09 -66.20 20.85
N THR G 102 -11.92 -66.16 22.16
CA THR G 102 -11.06 -65.15 22.74
C THR G 102 -9.63 -65.61 22.91
N GLY G 103 -9.38 -66.91 22.83
CA GLY G 103 -8.06 -67.40 23.15
C GLY G 103 -7.72 -67.32 24.62
N VAL G 104 -8.72 -67.17 25.46
CA VAL G 104 -8.51 -67.02 26.89
C VAL G 104 -9.07 -68.21 27.66
N PHE G 105 -10.18 -68.78 27.23
CA PHE G 105 -11.00 -69.65 28.05
C PHE G 105 -10.77 -71.11 27.67
N THR G 106 -9.51 -71.46 27.39
CA THR G 106 -9.16 -72.76 26.85
C THR G 106 -9.40 -73.90 27.84
N SER G 107 -9.44 -73.63 29.13
CA SER G 107 -9.71 -74.71 30.07
C SER G 107 -11.18 -75.10 30.05
N ARG G 108 -11.45 -76.28 30.62
CA ARG G 108 -12.84 -76.68 30.81
C ARG G 108 -13.52 -75.77 31.82
N GLU G 109 -12.82 -75.43 32.89
CA GLU G 109 -13.42 -74.59 33.92
C GLU G 109 -13.61 -73.16 33.44
N GLY G 110 -12.79 -72.72 32.49
CA GLY G 110 -12.96 -71.39 31.94
C GLY G 110 -14.14 -71.36 31.00
N ALA G 111 -14.20 -72.35 30.11
CA ALA G 111 -15.23 -72.36 29.10
C ALA G 111 -16.59 -72.70 29.68
N SER G 112 -16.61 -73.45 30.78
CA SER G 112 -17.85 -73.85 31.42
C SER G 112 -18.52 -72.71 32.16
N LYS G 113 -17.85 -71.56 32.29
CA LYS G 113 -18.46 -70.38 32.87
C LYS G 113 -19.65 -69.89 32.04
N HIS G 114 -19.58 -70.08 30.72
CA HIS G 114 -20.71 -69.73 29.88
C HIS G 114 -21.86 -70.70 30.07
N LEU G 115 -21.53 -71.99 30.27
CA LEU G 115 -22.56 -72.98 30.56
C LEU G 115 -23.24 -72.67 31.87
N SER G 116 -22.48 -72.23 32.86
CA SER G 116 -23.06 -71.84 34.14
C SER G 116 -23.89 -70.58 34.00
N ALA G 117 -23.41 -69.62 33.20
CA ALA G 117 -24.09 -68.33 33.08
C ALA G 117 -25.34 -68.39 32.22
N GLY G 118 -25.67 -69.53 31.65
CA GLY G 118 -26.94 -69.67 30.98
C GLY G 118 -26.86 -69.97 29.51
N ALA G 119 -25.79 -70.64 29.08
CA ALA G 119 -25.68 -71.11 27.71
C ALA G 119 -25.72 -72.63 27.66
N LYS G 120 -26.19 -73.17 26.55
CA LYS G 120 -26.43 -74.61 26.49
C LYS G 120 -25.25 -75.39 25.95
N LYS G 121 -24.63 -74.93 24.87
CA LYS G 121 -23.44 -75.57 24.36
C LYS G 121 -22.40 -74.52 24.02
N VAL G 122 -21.13 -74.91 24.12
CA VAL G 122 -20.03 -74.02 23.80
C VAL G 122 -19.10 -74.75 22.83
N LEU G 123 -18.73 -74.07 21.75
CA LEU G 123 -17.78 -74.57 20.78
C LEU G 123 -16.58 -73.64 20.85
N ILE G 124 -15.46 -74.15 21.33
CA ILE G 124 -14.29 -73.33 21.53
C ILE G 124 -13.32 -73.55 20.37
N THR G 125 -12.84 -72.45 19.79
CA THR G 125 -11.99 -72.50 18.61
C THR G 125 -10.52 -72.43 19.01
N ALA G 126 -10.09 -73.40 19.81
CA ALA G 126 -8.71 -73.46 20.26
C ALA G 126 -8.44 -74.87 20.73
N PRO G 127 -7.21 -75.31 20.68
CA PRO G 127 -6.88 -76.58 21.35
C PRO G 127 -6.92 -76.39 22.85
N GLY G 128 -7.95 -76.92 23.49
CA GLY G 128 -8.16 -76.63 24.88
C GLY G 128 -7.28 -77.46 25.78
N LYS G 129 -6.92 -76.87 26.91
CA LYS G 129 -6.27 -77.64 27.96
C LYS G 129 -7.26 -78.63 28.55
N GLY G 130 -6.74 -79.79 28.95
CA GLY G 130 -7.56 -80.81 29.54
C GLY G 130 -8.33 -81.59 28.50
N ASN G 131 -8.96 -82.66 28.96
CA ASN G 131 -9.63 -83.61 28.08
C ASN G 131 -10.97 -83.05 27.61
N ILE G 132 -10.87 -82.07 26.72
CA ILE G 132 -12.05 -81.52 26.06
C ILE G 132 -12.20 -82.29 24.75
N PRO G 133 -13.41 -82.73 24.40
CA PRO G 133 -13.59 -83.51 23.17
C PRO G 133 -13.37 -82.65 21.95
N THR G 134 -12.38 -83.00 21.14
CA THR G 134 -12.01 -82.25 19.96
C THR G 134 -12.54 -82.92 18.70
N TYR G 135 -12.97 -82.09 17.75
CA TYR G 135 -13.59 -82.60 16.54
C TYR G 135 -13.18 -81.76 15.35
N VAL G 136 -12.79 -82.43 14.28
CA VAL G 136 -12.37 -81.80 13.03
C VAL G 136 -13.35 -82.20 11.96
N VAL G 137 -13.86 -81.20 11.23
CA VAL G 137 -14.76 -81.49 10.12
C VAL G 137 -13.98 -82.16 9.00
N GLY G 138 -14.44 -83.32 8.57
CA GLY G 138 -13.78 -84.09 7.55
C GLY G 138 -13.02 -85.29 8.08
N VAL G 139 -12.84 -85.38 9.39
CA VAL G 139 -12.17 -86.55 9.95
C VAL G 139 -13.12 -87.26 10.89
N ASN G 140 -13.52 -86.59 11.95
CA ASN G 140 -14.36 -87.19 12.96
C ASN G 140 -15.43 -86.22 13.41
N HIS G 141 -16.05 -85.53 12.48
CA HIS G 141 -17.18 -84.68 12.83
C HIS G 141 -18.46 -85.46 13.03
N HIS G 142 -18.45 -86.78 12.81
CA HIS G 142 -19.62 -87.59 13.05
C HIS G 142 -19.66 -88.13 14.46
N THR G 143 -18.51 -88.42 15.04
CA THR G 143 -18.42 -89.26 16.22
C THR G 143 -18.55 -88.47 17.52
N TYR G 144 -19.19 -87.31 17.51
CA TYR G 144 -19.43 -86.58 18.73
C TYR G 144 -20.75 -87.01 19.32
N ASP G 145 -20.78 -87.12 20.63
CA ASP G 145 -22.03 -87.34 21.32
C ASP G 145 -22.72 -86.00 21.55
N PRO G 146 -24.00 -85.86 21.21
CA PRO G 146 -24.66 -84.56 21.33
C PRO G 146 -24.89 -84.10 22.77
N SER G 147 -24.67 -84.94 23.77
CA SER G 147 -24.64 -84.43 25.13
C SER G 147 -23.32 -83.76 25.49
N GLU G 148 -22.29 -83.92 24.67
CA GLU G 148 -21.06 -83.18 24.88
C GLU G 148 -21.33 -81.73 24.47
N ASP G 149 -21.60 -80.90 25.46
CA ASP G 149 -21.92 -79.50 25.24
C ASP G 149 -20.68 -78.63 25.08
N ILE G 150 -19.55 -79.06 25.62
CA ILE G 150 -18.30 -78.34 25.52
C ILE G 150 -17.37 -79.07 24.53
N VAL G 151 -17.41 -78.65 23.28
CA VAL G 151 -16.61 -79.27 22.24
C VAL G 151 -15.52 -78.29 21.83
N SER G 152 -14.46 -78.83 21.25
CA SER G 152 -13.35 -77.99 20.82
C SER G 152 -12.97 -78.34 19.40
N ASN G 153 -12.91 -77.31 18.55
CA ASN G 153 -12.17 -77.43 17.33
C ASN G 153 -10.71 -77.21 17.65
N ALA G 154 -9.84 -77.87 16.90
CA ALA G 154 -8.41 -77.80 17.17
C ALA G 154 -7.83 -76.52 16.59
N SER G 155 -6.51 -76.42 16.55
CA SER G 155 -5.90 -75.28 15.89
C SER G 155 -6.04 -75.40 14.38
N CYS G 156 -5.74 -74.29 13.71
CA CYS G 156 -5.79 -74.23 12.26
C CYS G 156 -4.78 -75.15 11.62
N THR G 157 -3.61 -75.31 12.24
CA THR G 157 -2.60 -76.21 11.70
C THR G 157 -3.07 -77.65 11.78
N THR G 158 -3.65 -78.04 12.90
CA THR G 158 -4.20 -79.37 13.04
C THR G 158 -5.38 -79.57 12.11
N ASN G 159 -6.20 -78.53 11.96
CA ASN G 159 -7.37 -78.61 11.10
C ASN G 159 -6.98 -78.75 9.65
N CYS G 160 -5.82 -78.22 9.27
CA CYS G 160 -5.33 -78.50 7.93
C CYS G 160 -4.69 -79.86 7.83
N LEU G 161 -3.88 -80.23 8.81
CA LEU G 161 -2.99 -81.37 8.65
C LEU G 161 -3.72 -82.70 8.78
N ALA G 162 -4.68 -82.77 9.70
CA ALA G 162 -5.34 -84.04 9.99
C ALA G 162 -6.09 -84.72 8.84
N PRO G 163 -6.70 -84.03 7.87
CA PRO G 163 -7.28 -84.81 6.75
C PRO G 163 -6.23 -85.49 5.89
N ILE G 164 -5.10 -84.83 5.66
CA ILE G 164 -4.01 -85.45 4.90
C ILE G 164 -3.46 -86.66 5.64
N VAL G 165 -3.33 -86.55 6.97
CA VAL G 165 -2.83 -87.66 7.75
C VAL G 165 -3.84 -88.79 7.80
N LYS G 166 -5.13 -88.46 7.76
CA LYS G 166 -6.16 -89.49 7.69
C LYS G 166 -6.07 -90.27 6.39
N VAL G 167 -5.92 -89.55 5.27
CA VAL G 167 -5.85 -90.20 3.97
C VAL G 167 -4.61 -91.07 3.87
N LEU G 168 -3.46 -90.54 4.31
CA LEU G 168 -2.23 -91.32 4.21
C LEU G 168 -2.18 -92.45 5.21
N HIS G 169 -2.89 -92.35 6.33
CA HIS G 169 -2.90 -93.46 7.26
C HIS G 169 -3.81 -94.57 6.78
N GLU G 170 -4.92 -94.20 6.13
CA GLU G 170 -5.80 -95.24 5.60
C GLU G 170 -5.19 -95.92 4.38
N ALA G 171 -4.51 -95.17 3.53
CA ALA G 171 -4.02 -95.76 2.30
C ALA G 171 -2.71 -96.49 2.49
N PHE G 172 -1.86 -96.02 3.41
CA PHE G 172 -0.52 -96.56 3.48
C PHE G 172 -0.15 -97.06 4.87
N GLY G 173 -0.69 -96.45 5.89
CA GLY G 173 -0.28 -96.78 7.23
C GLY G 173 0.95 -95.99 7.61
N ILE G 174 0.92 -95.37 8.79
CA ILE G 174 1.95 -94.42 9.22
C ILE G 174 2.63 -94.99 10.44
N GLN G 175 3.96 -95.03 10.42
CA GLN G 175 4.69 -95.36 11.64
C GLN G 175 4.93 -94.11 12.45
N GLN G 176 5.63 -93.13 11.88
CA GLN G 176 5.94 -91.88 12.56
C GLN G 176 5.67 -90.74 11.61
N GLY G 177 5.70 -89.53 12.15
CA GLY G 177 5.50 -88.38 11.30
C GLY G 177 5.86 -87.05 11.93
N MET G 178 6.62 -86.25 11.21
CA MET G 178 6.99 -84.90 11.58
C MET G 178 6.19 -83.90 10.76
N MET G 179 6.18 -82.66 11.24
CA MET G 179 5.62 -81.58 10.45
C MET G 179 6.36 -80.30 10.80
N THR G 180 6.35 -79.34 9.88
CA THR G 180 6.94 -78.04 10.14
C THR G 180 6.13 -77.02 9.37
N THR G 181 5.20 -76.38 10.04
CA THR G 181 4.32 -75.45 9.36
C THR G 181 4.95 -74.07 9.32
N THR G 182 5.04 -73.51 8.12
CA THR G 182 5.46 -72.14 7.92
C THR G 182 4.22 -71.29 8.05
N HIS G 183 4.09 -70.63 9.19
CA HIS G 183 2.82 -70.11 9.66
C HIS G 183 2.80 -68.60 9.47
N SER G 184 1.64 -68.06 9.13
CA SER G 184 1.55 -66.61 9.06
C SER G 184 1.55 -66.03 10.47
N TYR G 185 1.93 -64.77 10.59
CA TYR G 185 2.00 -64.21 11.93
C TYR G 185 0.60 -63.93 12.46
N THR G 186 0.40 -64.26 13.73
CA THR G 186 -0.88 -64.10 14.38
C THR G 186 -0.85 -62.90 15.30
N GLY G 187 -1.98 -62.61 15.92
CA GLY G 187 -2.10 -61.42 16.72
C GLY G 187 -1.37 -61.48 18.05
N ASP G 188 -0.94 -62.66 18.47
CA ASP G 188 -0.30 -62.78 19.77
C ASP G 188 1.08 -62.18 19.81
N GLN G 189 1.75 -62.07 18.67
CA GLN G 189 3.12 -61.58 18.65
C GLN G 189 3.12 -60.07 18.80
N ARG G 190 4.10 -59.57 19.54
CA ARG G 190 4.19 -58.14 19.68
C ARG G 190 4.78 -57.55 18.41
N LEU G 191 4.36 -56.35 18.09
CA LEU G 191 4.75 -55.71 16.84
C LEU G 191 6.20 -55.30 16.88
N LEU G 192 6.56 -54.42 17.79
CA LEU G 192 7.96 -54.19 18.04
C LEU G 192 8.40 -55.09 19.17
N ASP G 193 9.67 -55.02 19.54
CA ASP G 193 10.19 -55.91 20.56
C ASP G 193 9.66 -55.49 21.91
N ALA G 194 8.57 -56.11 22.33
CA ALA G 194 7.94 -55.74 23.58
C ALA G 194 7.90 -56.94 24.51
N SER G 195 7.57 -56.65 25.76
CA SER G 195 7.61 -57.66 26.80
C SER G 195 6.48 -58.65 26.63
N HIS G 196 6.81 -59.94 26.75
CA HIS G 196 5.84 -60.97 26.44
C HIS G 196 6.19 -62.20 27.27
N ARG G 197 5.19 -63.06 27.47
CA ARG G 197 5.38 -64.20 28.36
C ARG G 197 6.37 -65.20 27.78
N ASP G 198 6.29 -65.48 26.48
CA ASP G 198 7.27 -66.32 25.82
C ASP G 198 8.22 -65.44 25.04
N LEU G 199 9.50 -65.80 25.09
CA LEU G 199 10.55 -64.92 24.57
C LEU G 199 10.59 -64.91 23.05
N ARG G 200 10.29 -66.04 22.41
CA ARG G 200 10.33 -66.07 20.96
C ARG G 200 9.12 -65.43 20.33
N ARG G 201 8.06 -65.16 21.09
CA ARG G 201 6.99 -64.34 20.58
C ARG G 201 7.14 -62.89 21.00
N ALA G 202 8.15 -62.59 21.80
CA ALA G 202 8.35 -61.22 22.23
C ALA G 202 8.98 -60.36 21.15
N ARG G 203 9.51 -60.95 20.11
CA ARG G 203 10.30 -60.19 19.17
C ARG G 203 9.41 -59.69 18.04
N ALA G 204 10.00 -58.94 17.12
CA ALA G 204 9.21 -58.24 16.12
C ALA G 204 8.65 -59.19 15.10
N ALA G 205 7.40 -58.96 14.71
CA ALA G 205 6.72 -59.88 13.82
C ALA G 205 7.00 -59.60 12.36
N ALA G 206 7.08 -58.33 11.98
CA ALA G 206 7.28 -58.01 10.58
C ALA G 206 8.71 -58.23 10.14
N MET G 207 9.62 -58.44 11.06
CA MET G 207 11.03 -58.50 10.75
C MET G 207 11.58 -59.92 10.69
N ASN G 208 10.94 -60.87 11.37
CA ASN G 208 11.64 -62.06 11.80
C ASN G 208 10.92 -63.33 11.43
N ILE G 209 11.69 -64.34 11.08
CA ILE G 209 11.23 -65.71 11.18
C ILE G 209 11.35 -66.07 12.65
N VAL G 210 10.26 -66.09 13.39
CA VAL G 210 10.31 -66.52 14.79
C VAL G 210 9.86 -67.98 14.85
N PRO G 211 10.63 -68.86 15.44
CA PRO G 211 10.19 -70.24 15.58
C PRO G 211 9.40 -70.39 16.87
N THR G 212 8.56 -71.41 16.90
CA THR G 212 7.85 -71.71 18.11
C THR G 212 7.58 -73.20 18.16
N SER G 213 7.49 -73.72 19.37
CA SER G 213 7.13 -75.10 19.58
C SER G 213 5.63 -75.18 19.77
N THR G 214 5.00 -76.11 19.07
CA THR G 214 3.57 -76.31 19.22
C THR G 214 3.29 -77.77 19.48
N GLY G 215 2.20 -78.00 20.21
CA GLY G 215 1.65 -79.32 20.40
C GLY G 215 0.48 -79.59 19.49
N ALA G 216 0.22 -78.71 18.52
CA ALA G 216 -0.92 -78.90 17.65
C ALA G 216 -0.71 -80.03 16.67
N ALA G 217 0.53 -80.48 16.48
CA ALA G 217 0.74 -81.73 15.76
C ALA G 217 0.24 -82.92 16.57
N LYS G 218 0.37 -82.87 17.89
CA LYS G 218 -0.11 -83.96 18.72
C LYS G 218 -1.61 -84.04 18.77
N ALA G 219 -2.31 -82.95 18.43
CA ALA G 219 -3.76 -82.97 18.42
C ALA G 219 -4.32 -83.86 17.33
N VAL G 220 -3.52 -84.16 16.31
CA VAL G 220 -3.90 -85.18 15.34
C VAL G 220 -3.98 -86.52 16.04
N GLY G 221 -3.11 -86.77 17.01
CA GLY G 221 -3.19 -87.97 17.82
C GLY G 221 -4.39 -88.02 18.72
N LEU G 222 -5.01 -86.86 18.99
CA LEU G 222 -6.31 -86.89 19.62
C LEU G 222 -7.39 -87.24 18.62
N VAL G 223 -7.43 -86.54 17.50
CA VAL G 223 -8.54 -86.78 16.57
C VAL G 223 -8.36 -88.06 15.77
N ILE G 224 -7.14 -88.58 15.66
CA ILE G 224 -6.91 -89.93 15.19
C ILE G 224 -6.24 -90.69 16.32
N PRO G 225 -6.94 -91.64 16.97
CA PRO G 225 -6.45 -92.18 18.24
C PRO G 225 -5.25 -93.08 18.12
N GLU G 226 -5.14 -93.84 17.04
CA GLU G 226 -4.08 -94.82 16.91
C GLU G 226 -2.75 -94.22 16.47
N LEU G 227 -2.64 -92.90 16.39
CA LEU G 227 -1.38 -92.26 16.05
C LEU G 227 -0.88 -91.34 17.15
N GLN G 228 -1.46 -91.41 18.33
CA GLN G 228 -1.09 -90.51 19.42
C GLN G 228 0.30 -90.87 19.93
N GLY G 229 1.09 -89.83 20.21
CA GLY G 229 2.47 -90.05 20.58
C GLY G 229 3.38 -90.38 19.43
N LYS G 230 2.92 -90.20 18.21
CA LYS G 230 3.72 -90.49 17.03
C LYS G 230 3.86 -89.28 16.11
N LEU G 231 3.23 -88.17 16.43
CA LEU G 231 3.22 -87.00 15.57
C LEU G 231 3.67 -85.79 16.37
N ASN G 232 4.69 -85.10 15.87
CA ASN G 232 5.19 -83.94 16.58
C ASN G 232 5.79 -82.98 15.56
N GLY G 233 5.80 -81.70 15.90
CA GLY G 233 6.35 -80.75 14.95
C GLY G 233 6.42 -79.35 15.52
N ILE G 234 7.14 -78.50 14.80
CA ILE G 234 7.36 -77.12 15.21
C ILE G 234 6.68 -76.20 14.23
N ALA G 235 6.70 -74.90 14.50
CA ALA G 235 6.09 -73.92 13.63
C ALA G 235 7.04 -72.77 13.40
N LEU G 236 6.94 -72.17 12.23
CA LEU G 236 7.76 -71.03 11.85
C LEU G 236 6.84 -69.90 11.46
N ARG G 237 6.93 -68.80 12.17
CA ARG G 237 6.11 -67.64 11.88
C ARG G 237 6.94 -66.68 11.05
N VAL G 238 6.47 -66.40 9.84
CA VAL G 238 7.21 -65.57 8.90
C VAL G 238 6.35 -64.36 8.59
N PRO G 239 6.94 -63.27 8.18
CA PRO G 239 6.14 -62.06 7.94
C PRO G 239 5.22 -62.08 6.73
N THR G 240 4.27 -63.01 6.69
CA THR G 240 3.14 -62.91 5.80
C THR G 240 1.88 -62.76 6.62
N PRO G 241 0.97 -61.92 6.23
CA PRO G 241 -0.15 -61.63 7.13
C PRO G 241 -1.24 -62.69 7.14
N ASN G 242 -1.52 -63.38 6.03
CA ASN G 242 -2.75 -64.14 5.99
C ASN G 242 -2.57 -65.64 5.93
N VAL G 243 -1.92 -66.17 4.90
CA VAL G 243 -2.06 -67.57 4.55
C VAL G 243 -0.79 -68.29 5.01
N SER G 244 -0.84 -69.61 5.05
CA SER G 244 0.33 -70.32 5.54
C SER G 244 0.44 -71.65 4.82
N VAL G 245 1.59 -72.30 4.97
CA VAL G 245 1.81 -73.60 4.38
C VAL G 245 2.38 -74.52 5.45
N VAL G 246 2.03 -75.79 5.36
CA VAL G 246 2.49 -76.78 6.32
C VAL G 246 3.25 -77.87 5.58
N ASP G 247 4.47 -78.11 6.02
CA ASP G 247 5.26 -79.24 5.57
C ASP G 247 4.92 -80.44 6.43
N PHE G 248 4.93 -81.62 5.83
CA PHE G 248 4.59 -82.82 6.56
C PHE G 248 5.43 -83.97 6.07
N VAL G 249 6.25 -84.51 6.97
CA VAL G 249 7.10 -85.65 6.70
C VAL G 249 6.53 -86.84 7.46
N ALA G 250 6.06 -87.84 6.73
CA ALA G 250 5.61 -89.07 7.35
C ALA G 250 6.53 -90.21 6.96
N GLN G 251 6.59 -91.20 7.83
CA GLN G 251 7.32 -92.43 7.58
C GLN G 251 6.27 -93.52 7.42
N VAL G 252 5.83 -93.74 6.19
CA VAL G 252 4.88 -94.81 5.93
C VAL G 252 5.63 -96.12 5.91
N GLU G 253 4.89 -97.23 5.98
CA GLU G 253 5.49 -98.55 5.92
C GLU G 253 5.15 -99.33 4.66
N LYS G 254 4.01 -99.05 4.03
CA LYS G 254 3.75 -99.64 2.73
C LYS G 254 4.43 -98.79 1.67
N PRO G 255 5.44 -99.31 0.99
CA PRO G 255 6.25 -98.46 0.10
C PRO G 255 5.49 -98.05 -1.15
N THR G 256 5.87 -96.90 -1.69
CA THR G 256 5.20 -96.30 -2.83
C THR G 256 6.11 -95.24 -3.45
N ILE G 257 5.58 -94.55 -4.46
CA ILE G 257 6.30 -93.47 -5.13
C ILE G 257 5.53 -92.16 -5.00
N ALA G 258 6.11 -91.10 -5.54
CA ALA G 258 5.56 -89.76 -5.37
C ALA G 258 4.30 -89.56 -6.18
N GLU G 259 4.15 -90.27 -7.30
CA GLU G 259 2.97 -90.07 -8.11
C GLU G 259 1.75 -90.73 -7.48
N GLN G 260 1.96 -91.83 -6.77
CA GLN G 260 0.85 -92.61 -6.28
C GLN G 260 0.15 -91.92 -5.11
N VAL G 261 0.92 -91.27 -4.25
CA VAL G 261 0.29 -90.54 -3.15
C VAL G 261 -0.48 -89.35 -3.66
N ASN G 262 -0.03 -88.73 -4.75
CA ASN G 262 -0.79 -87.67 -5.39
C ASN G 262 -2.07 -88.20 -5.98
N GLN G 263 -2.01 -89.40 -6.57
CA GLN G 263 -3.21 -90.03 -7.09
C GLN G 263 -4.21 -90.35 -5.99
N VAL G 264 -3.71 -90.85 -4.86
CA VAL G 264 -4.56 -91.20 -3.73
C VAL G 264 -5.27 -89.97 -3.19
N ILE G 265 -4.51 -88.89 -3.00
CA ILE G 265 -5.12 -87.68 -2.45
C ILE G 265 -6.02 -87.02 -3.49
N LYS G 266 -5.71 -87.19 -4.78
CA LYS G 266 -6.57 -86.61 -5.80
C LYS G 266 -7.93 -87.30 -5.85
N GLU G 267 -7.95 -88.62 -5.73
CA GLU G 267 -9.25 -89.27 -5.72
C GLU G 267 -9.95 -89.11 -4.37
N ALA G 268 -9.19 -88.95 -3.29
CA ALA G 268 -9.82 -88.66 -2.00
C ALA G 268 -10.40 -87.26 -1.96
N SER G 269 -9.87 -86.35 -2.79
CA SER G 269 -10.44 -85.03 -2.93
C SER G 269 -11.78 -85.07 -3.63
N GLU G 270 -12.05 -86.12 -4.40
CA GLU G 270 -13.25 -86.20 -5.20
C GLU G 270 -14.26 -87.21 -4.68
N THR G 271 -13.90 -88.03 -3.70
CA THR G 271 -14.86 -88.97 -3.15
C THR G 271 -15.28 -88.61 -1.73
N THR G 272 -14.33 -88.50 -0.81
CA THR G 272 -14.66 -88.38 0.59
C THR G 272 -14.33 -87.01 1.17
N MET G 273 -13.17 -86.47 0.85
CA MET G 273 -12.72 -85.20 1.40
C MET G 273 -13.13 -84.02 0.54
N LYS G 274 -14.21 -84.18 -0.22
CA LYS G 274 -14.68 -83.10 -1.09
C LYS G 274 -15.16 -81.94 -0.26
N GLY G 275 -14.65 -80.74 -0.58
CA GLY G 275 -14.90 -79.58 0.23
C GLY G 275 -13.95 -79.43 1.40
N ILE G 276 -13.13 -80.44 1.68
CA ILE G 276 -12.14 -80.33 2.73
C ILE G 276 -10.78 -80.14 2.10
N ILE G 277 -10.38 -81.08 1.25
CA ILE G 277 -9.09 -81.05 0.59
C ILE G 277 -9.32 -80.72 -0.87
N HIS G 278 -8.69 -79.64 -1.32
CA HIS G 278 -8.63 -79.34 -2.74
C HIS G 278 -7.28 -79.81 -3.25
N TYR G 279 -7.23 -80.15 -4.53
CA TYR G 279 -6.01 -80.66 -5.15
C TYR G 279 -5.64 -79.75 -6.30
N SER G 280 -4.42 -79.23 -6.29
CA SER G 280 -3.99 -78.22 -7.25
C SER G 280 -2.69 -78.64 -7.90
N GLU G 281 -2.74 -78.83 -9.22
CA GLU G 281 -1.54 -79.07 -10.02
C GLU G 281 -1.08 -77.82 -10.73
N LEU G 282 -1.26 -76.67 -10.10
CA LEU G 282 -0.76 -75.41 -10.63
C LEU G 282 0.47 -75.00 -9.84
N GLU G 283 1.27 -74.13 -10.45
CA GLU G 283 2.40 -73.56 -9.73
C GLU G 283 2.02 -72.24 -9.06
N LEU G 284 1.06 -72.33 -8.15
CA LEU G 284 0.62 -71.13 -7.47
C LEU G 284 1.57 -70.79 -6.34
N VAL G 285 1.30 -69.64 -5.72
CA VAL G 285 2.05 -69.14 -4.59
C VAL G 285 1.05 -68.79 -3.52
N SER G 286 1.53 -68.21 -2.42
CA SER G 286 0.76 -68.12 -1.19
C SER G 286 -0.50 -67.28 -1.34
N SER G 287 -0.35 -66.09 -1.90
CA SER G 287 -1.47 -65.16 -1.94
C SER G 287 -2.56 -65.55 -2.91
N ASP G 288 -2.40 -66.62 -3.66
CA ASP G 288 -3.52 -67.13 -4.42
C ASP G 288 -4.37 -68.08 -3.61
N TYR G 289 -4.20 -68.13 -2.30
CA TYR G 289 -5.06 -68.91 -1.45
C TYR G 289 -5.74 -68.06 -0.38
N ARG G 290 -5.76 -66.75 -0.55
CA ARG G 290 -6.52 -65.91 0.36
C ARG G 290 -7.99 -66.09 0.05
N GLY G 291 -8.72 -66.72 0.96
CA GLY G 291 -10.14 -66.89 0.77
C GLY G 291 -10.54 -68.18 0.09
N HIS G 292 -9.65 -69.16 0.03
CA HIS G 292 -10.01 -70.43 -0.54
C HIS G 292 -10.89 -71.19 0.45
N ASN G 293 -11.84 -71.97 -0.07
CA ASN G 293 -12.81 -72.59 0.82
C ASN G 293 -12.33 -73.91 1.42
N ALA G 294 -11.37 -74.57 0.79
CA ALA G 294 -10.91 -75.84 1.32
C ALA G 294 -9.97 -75.61 2.50
N SER G 295 -9.93 -76.58 3.39
CA SER G 295 -9.10 -76.49 4.59
C SER G 295 -7.70 -77.01 4.38
N SER G 296 -7.39 -77.51 3.18
CA SER G 296 -6.04 -77.90 2.81
C SER G 296 -5.97 -77.96 1.30
N ILE G 297 -5.11 -77.17 0.69
CA ILE G 297 -4.82 -77.33 -0.72
C ILE G 297 -3.49 -78.05 -0.81
N LEU G 298 -3.52 -79.27 -1.31
CA LEU G 298 -2.29 -80.03 -1.48
C LEU G 298 -1.51 -79.49 -2.66
N ASP G 299 -0.27 -79.12 -2.43
CA ASP G 299 0.57 -78.65 -3.52
C ASP G 299 1.19 -79.87 -4.19
N ALA G 300 0.89 -80.04 -5.48
CA ALA G 300 1.18 -81.31 -6.12
C ALA G 300 2.63 -81.45 -6.52
N SER G 301 3.24 -80.37 -6.99
CA SER G 301 4.56 -80.46 -7.59
C SER G 301 5.68 -80.69 -6.59
N LEU G 302 5.40 -80.63 -5.29
CA LEU G 302 6.44 -80.71 -4.30
C LEU G 302 6.41 -82.00 -3.51
N THR G 303 5.46 -82.88 -3.80
CA THR G 303 5.35 -84.13 -3.07
C THR G 303 6.50 -85.04 -3.41
N MET G 304 7.19 -85.58 -2.41
CA MET G 304 8.32 -86.43 -2.75
C MET G 304 8.48 -87.58 -1.78
N VAL G 305 9.05 -88.66 -2.29
CA VAL G 305 9.22 -89.92 -1.57
C VAL G 305 10.67 -90.35 -1.72
N LEU G 306 11.34 -90.57 -0.60
CA LEU G 306 12.70 -91.10 -0.63
C LEU G 306 12.74 -92.48 0.00
N GLY G 307 13.35 -93.43 -0.70
CA GLY G 307 13.46 -94.77 -0.18
C GLY G 307 12.17 -95.55 -0.10
N GLY G 308 11.11 -95.07 -0.74
CA GLY G 308 9.86 -95.80 -0.75
C GLY G 308 9.00 -95.60 0.47
N ASN G 309 9.61 -95.46 1.64
CA ASN G 309 8.90 -95.45 2.92
C ASN G 309 9.01 -94.12 3.66
N LEU G 310 9.20 -93.04 2.93
CA LEU G 310 9.41 -91.74 3.56
C LEU G 310 8.82 -90.67 2.65
N VAL G 311 7.69 -90.10 3.04
CA VAL G 311 6.92 -89.22 2.18
C VAL G 311 6.91 -87.81 2.78
N LYS G 312 6.90 -86.82 1.90
CA LYS G 312 6.76 -85.42 2.26
C LYS G 312 5.70 -84.79 1.39
N VAL G 313 4.72 -84.18 2.03
CA VAL G 313 3.73 -83.37 1.35
C VAL G 313 3.80 -81.96 1.93
N VAL G 314 3.28 -81.01 1.17
CA VAL G 314 3.08 -79.66 1.68
C VAL G 314 1.67 -79.24 1.34
N ALA G 315 1.08 -78.45 2.21
CA ALA G 315 -0.31 -78.09 2.07
C ALA G 315 -0.48 -76.61 2.36
N TRP G 316 -0.99 -75.89 1.37
CA TRP G 316 -1.42 -74.53 1.63
C TRP G 316 -2.70 -74.55 2.42
N TYR G 317 -2.85 -73.61 3.35
CA TYR G 317 -4.11 -73.45 4.04
C TYR G 317 -4.21 -72.05 4.59
N ASP G 318 -5.42 -71.52 4.58
CA ASP G 318 -5.68 -70.18 5.09
C ASP G 318 -6.15 -70.31 6.53
N ASN G 319 -5.36 -69.81 7.46
CA ASN G 319 -5.70 -69.99 8.85
C ASN G 319 -6.67 -68.95 9.37
N GLU G 320 -7.16 -68.09 8.51
CA GLU G 320 -8.17 -67.13 8.94
C GLU G 320 -9.50 -67.29 8.25
N TRP G 321 -9.53 -67.89 7.07
CA TRP G 321 -10.79 -68.05 6.36
C TRP G 321 -11.27 -69.50 6.35
N GLY G 322 -10.40 -70.42 5.97
CA GLY G 322 -10.78 -71.82 5.94
C GLY G 322 -11.05 -72.37 7.32
N TYR G 323 -10.32 -71.89 8.32
CA TYR G 323 -10.58 -72.32 9.68
C TYR G 323 -11.92 -71.83 10.16
N SER G 324 -12.29 -70.61 9.79
CA SER G 324 -13.61 -70.11 10.10
C SER G 324 -14.68 -70.89 9.38
N GLN G 325 -14.40 -71.32 8.14
CA GLN G 325 -15.34 -72.18 7.43
C GLN G 325 -15.54 -73.50 8.13
N ARG G 326 -14.48 -74.07 8.67
CA ARG G 326 -14.65 -75.34 9.37
C ARG G 326 -15.35 -75.15 10.70
N VAL G 327 -15.14 -74.01 11.35
CA VAL G 327 -15.89 -73.69 12.56
C VAL G 327 -17.38 -73.60 12.27
N LEU G 328 -17.74 -72.90 11.19
CA LEU G 328 -19.15 -72.75 10.86
C LEU G 328 -19.75 -74.06 10.38
N ASP G 329 -18.97 -74.89 9.71
CA ASP G 329 -19.48 -76.19 9.30
C ASP G 329 -19.70 -77.10 10.50
N LEU G 330 -18.81 -77.03 11.49
CA LEU G 330 -19.01 -77.81 12.70
C LEU G 330 -20.20 -77.30 13.49
N ALA G 331 -20.42 -75.99 13.48
CA ALA G 331 -21.56 -75.42 14.18
C ALA G 331 -22.87 -75.84 13.54
N GLU G 332 -22.95 -75.76 12.20
CA GLU G 332 -24.13 -76.27 11.51
C GLU G 332 -24.31 -77.77 11.68
N HIS G 333 -23.22 -78.51 11.76
CA HIS G 333 -23.35 -79.96 11.89
C HIS G 333 -23.77 -80.34 13.30
N MET G 334 -23.47 -79.51 14.28
CA MET G 334 -24.05 -79.74 15.59
C MET G 334 -25.44 -79.17 15.71
N ALA G 335 -25.81 -78.24 14.84
CA ALA G 335 -27.21 -77.83 14.80
C ALA G 335 -28.08 -78.91 14.17
N ALA G 336 -27.56 -79.62 13.18
CA ALA G 336 -28.33 -80.65 12.51
C ALA G 336 -28.53 -81.88 13.40
N HIS G 337 -27.72 -82.05 14.43
CA HIS G 337 -27.93 -83.13 15.37
C HIS G 337 -28.11 -82.55 16.77
N TRP G 338 -28.94 -81.52 16.88
CA TRP G 338 -29.26 -80.96 18.17
C TRP G 338 -30.01 -81.97 19.02
N ALA G 339 -29.67 -82.02 20.30
CA ALA G 339 -30.35 -82.88 21.25
C ALA G 339 -30.84 -82.06 22.43
N MET H 3 -15.76 -49.91 -34.11
CA MET H 3 -14.94 -50.67 -33.16
C MET H 3 -13.47 -50.48 -33.48
N VAL H 4 -12.67 -50.18 -32.45
CA VAL H 4 -11.28 -49.78 -32.63
C VAL H 4 -10.37 -50.89 -32.13
N ARG H 5 -9.52 -51.39 -33.02
CA ARG H 5 -8.58 -52.45 -32.70
C ARG H 5 -7.36 -51.86 -32.01
N VAL H 6 -7.13 -52.26 -30.76
CA VAL H 6 -6.08 -51.65 -29.94
C VAL H 6 -5.08 -52.70 -29.50
N ALA H 7 -3.92 -52.21 -29.08
CA ALA H 7 -2.80 -53.05 -28.75
C ALA H 7 -2.11 -52.54 -27.49
N ILE H 8 -1.30 -53.41 -26.89
CA ILE H 8 -0.64 -53.14 -25.63
C ILE H 8 0.84 -53.45 -25.78
N ASN H 9 1.68 -52.46 -25.58
CA ASN H 9 3.11 -52.66 -25.59
C ASN H 9 3.58 -52.81 -24.15
N GLY H 10 3.97 -54.01 -23.79
CA GLY H 10 4.54 -54.25 -22.49
C GLY H 10 3.47 -54.72 -21.55
N PHE H 11 3.45 -56.01 -21.26
CA PHE H 11 2.35 -56.57 -20.49
C PHE H 11 2.74 -56.67 -19.01
N GLY H 12 3.09 -55.51 -18.45
CA GLY H 12 3.49 -55.44 -17.06
C GLY H 12 2.33 -55.17 -16.15
N ARG H 13 2.56 -54.36 -15.10
CA ARG H 13 1.50 -54.06 -14.15
C ARG H 13 0.40 -53.24 -14.79
N ILE H 14 0.79 -52.22 -15.54
CA ILE H 14 -0.20 -51.37 -16.19
C ILE H 14 -0.89 -52.14 -17.29
N GLY H 15 -0.18 -53.01 -17.98
CA GLY H 15 -0.79 -53.80 -19.03
C GLY H 15 -1.77 -54.83 -18.50
N ARG H 16 -1.38 -55.54 -17.44
CA ARG H 16 -2.28 -56.52 -16.85
C ARG H 16 -3.50 -55.84 -16.25
N ASN H 17 -3.32 -54.68 -15.64
CA ASN H 17 -4.48 -53.98 -15.11
C ASN H 17 -5.35 -53.42 -16.22
N PHE H 18 -4.74 -53.02 -17.34
CA PHE H 18 -5.52 -52.54 -18.48
C PHE H 18 -6.36 -53.65 -19.07
N MET H 19 -5.75 -54.83 -19.20
CA MET H 19 -6.46 -55.99 -19.71
C MET H 19 -7.57 -56.41 -18.78
N ARG H 20 -7.33 -56.37 -17.47
CA ARG H 20 -8.36 -56.75 -16.52
C ARG H 20 -9.50 -55.74 -16.50
N CYS H 21 -9.19 -54.45 -16.66
CA CYS H 21 -10.23 -53.44 -16.72
C CYS H 21 -11.10 -53.60 -17.96
N TRP H 22 -10.47 -53.89 -19.10
CA TRP H 22 -11.24 -54.09 -20.32
C TRP H 22 -12.06 -55.36 -20.24
N LEU H 23 -11.57 -56.37 -19.54
CA LEU H 23 -12.41 -57.53 -19.29
C LEU H 23 -13.54 -57.23 -18.34
N GLN H 24 -13.43 -56.18 -17.53
CA GLN H 24 -14.56 -55.83 -16.68
C GLN H 24 -15.43 -54.74 -17.26
N ARG H 25 -15.05 -54.13 -18.38
CA ARG H 25 -15.84 -53.10 -19.03
C ARG H 25 -16.04 -53.41 -20.50
N LYS H 26 -16.41 -54.65 -20.80
CA LYS H 26 -16.38 -55.14 -22.16
C LYS H 26 -17.56 -54.64 -22.99
N ALA H 27 -18.75 -54.58 -22.39
CA ALA H 27 -19.95 -54.35 -23.18
C ALA H 27 -20.05 -52.91 -23.67
N ASN H 28 -19.57 -51.96 -22.88
CA ASN H 28 -19.68 -50.56 -23.23
C ASN H 28 -18.47 -50.06 -24.01
N SER H 29 -17.74 -50.95 -24.66
CA SER H 29 -16.43 -50.62 -25.20
C SER H 29 -16.48 -50.55 -26.71
N LYS H 30 -15.94 -49.47 -27.26
CA LYS H 30 -15.61 -49.37 -28.67
C LYS H 30 -14.22 -49.90 -28.96
N LEU H 31 -13.57 -50.49 -27.96
CA LEU H 31 -12.21 -50.96 -28.07
C LEU H 31 -12.20 -52.47 -28.02
N GLU H 32 -11.46 -53.08 -28.92
CA GLU H 32 -11.22 -54.51 -28.88
C GLU H 32 -9.71 -54.74 -28.81
N ILE H 33 -9.27 -55.37 -27.74
CA ILE H 33 -7.86 -55.62 -27.54
C ILE H 33 -7.47 -56.82 -28.40
N VAL H 34 -6.57 -56.59 -29.35
CA VAL H 34 -6.22 -57.62 -30.31
C VAL H 34 -4.74 -57.97 -30.29
N GLY H 35 -3.88 -57.16 -29.68
CA GLY H 35 -2.48 -57.50 -29.67
C GLY H 35 -1.76 -57.09 -28.40
N ILE H 36 -0.91 -57.96 -27.89
CA ILE H 36 -0.03 -57.61 -26.79
C ILE H 36 1.36 -58.09 -27.14
N ASN H 37 2.36 -57.50 -26.52
CA ASN H 37 3.70 -58.07 -26.60
C ASN H 37 4.48 -57.80 -25.32
N ASP H 38 5.04 -58.86 -24.78
CA ASP H 38 5.88 -58.76 -23.61
C ASP H 38 7.17 -59.48 -23.95
N THR H 39 8.15 -59.35 -23.07
CA THR H 39 9.38 -60.09 -23.22
C THR H 39 9.26 -61.53 -22.74
N SER H 40 8.08 -61.96 -22.34
CA SER H 40 7.84 -63.33 -21.93
C SER H 40 7.05 -64.08 -22.99
N ASP H 41 7.09 -65.40 -22.89
CA ASP H 41 6.31 -66.26 -23.73
C ASP H 41 4.82 -66.12 -23.40
N PRO H 42 3.94 -66.49 -24.33
CA PRO H 42 2.49 -66.40 -24.05
C PRO H 42 1.98 -67.39 -23.03
N ARG H 43 2.77 -68.36 -22.59
CA ARG H 43 2.27 -69.26 -21.57
C ARG H 43 2.34 -68.62 -20.19
N THR H 44 3.34 -67.78 -19.96
CA THR H 44 3.59 -67.27 -18.62
C THR H 44 2.65 -66.12 -18.29
N ASN H 45 2.50 -65.18 -19.21
CA ASN H 45 1.77 -63.97 -18.92
C ASN H 45 0.26 -64.21 -18.83
N ALA H 46 -0.24 -65.31 -19.40
CA ALA H 46 -1.63 -65.66 -19.15
C ALA H 46 -1.82 -66.10 -17.71
N HIS H 47 -0.85 -66.83 -17.17
CA HIS H 47 -0.87 -67.17 -15.76
C HIS H 47 -0.78 -65.92 -14.90
N LEU H 48 0.12 -65.01 -15.26
CA LEU H 48 0.22 -63.76 -14.51
C LEU H 48 -1.01 -62.89 -14.64
N LEU H 49 -1.75 -63.02 -15.73
CA LEU H 49 -3.01 -62.31 -15.83
C LEU H 49 -4.05 -62.94 -14.93
N LYS H 50 -4.12 -64.26 -14.90
CA LYS H 50 -5.19 -64.91 -14.13
C LYS H 50 -4.93 -64.80 -12.63
N TYR H 51 -3.70 -65.04 -12.20
CA TYR H 51 -3.38 -65.05 -10.80
C TYR H 51 -2.56 -63.81 -10.49
N ASP H 52 -3.24 -62.73 -10.17
CA ASP H 52 -2.55 -61.53 -9.72
C ASP H 52 -2.46 -61.61 -8.21
N SER H 53 -1.25 -61.42 -7.68
CA SER H 53 -1.07 -61.49 -6.24
C SER H 53 -1.49 -60.20 -5.54
N MET H 54 -2.08 -59.26 -6.26
CA MET H 54 -2.60 -58.03 -5.69
C MET H 54 -4.10 -57.93 -5.78
N LEU H 55 -4.67 -58.32 -6.92
CA LEU H 55 -6.10 -58.25 -7.12
C LEU H 55 -6.75 -59.61 -7.02
N GLY H 56 -6.03 -60.60 -6.51
CA GLY H 56 -6.59 -61.91 -6.34
C GLY H 56 -6.71 -62.65 -7.66
N ILE H 57 -7.41 -63.77 -7.58
CA ILE H 57 -7.66 -64.60 -8.76
C ILE H 57 -8.78 -63.96 -9.55
N PHE H 58 -8.58 -63.83 -10.86
CA PHE H 58 -9.67 -63.34 -11.70
C PHE H 58 -10.76 -64.39 -11.80
N GLN H 59 -12.00 -63.94 -11.80
CA GLN H 59 -13.13 -64.83 -11.59
C GLN H 59 -14.14 -64.86 -12.71
N ASP H 60 -14.32 -63.75 -13.43
CA ASP H 60 -15.47 -63.63 -14.32
C ASP H 60 -15.33 -64.46 -15.59
N ALA H 61 -14.14 -64.50 -16.16
CA ALA H 61 -13.92 -65.14 -17.44
C ALA H 61 -12.76 -66.11 -17.32
N GLU H 62 -12.70 -67.05 -18.26
CA GLU H 62 -11.69 -68.08 -18.24
C GLU H 62 -10.46 -67.63 -19.02
N ILE H 63 -9.30 -67.90 -18.45
CA ILE H 63 -8.03 -67.51 -19.03
C ILE H 63 -7.27 -68.78 -19.38
N THR H 64 -6.90 -68.90 -20.64
CA THR H 64 -5.99 -69.95 -21.06
C THR H 64 -5.16 -69.44 -22.21
N ALA H 65 -4.13 -70.20 -22.56
CA ALA H 65 -3.27 -69.79 -23.66
C ALA H 65 -2.56 -70.99 -24.25
N ASP H 66 -2.15 -70.83 -25.50
CA ASP H 66 -1.12 -71.65 -26.10
C ASP H 66 -0.06 -70.70 -26.63
N ASP H 67 0.93 -71.23 -27.34
CA ASP H 67 2.12 -70.46 -27.66
C ASP H 67 1.92 -69.39 -28.72
N ASP H 68 0.71 -69.16 -29.23
CA ASP H 68 0.54 -68.15 -30.26
C ASP H 68 -0.60 -67.18 -29.96
N CYS H 69 -1.57 -67.62 -29.18
CA CYS H 69 -2.71 -66.78 -28.85
C CYS H 69 -3.10 -67.00 -27.40
N ILE H 70 -3.92 -66.09 -26.89
CA ILE H 70 -4.43 -66.18 -25.52
C ILE H 70 -5.95 -66.09 -25.59
N TYR H 71 -6.62 -67.06 -25.01
CA TYR H 71 -8.07 -67.09 -24.97
C TYR H 71 -8.51 -66.59 -23.60
N ALA H 72 -9.03 -65.37 -23.59
CA ALA H 72 -9.60 -64.75 -22.40
C ALA H 72 -11.11 -64.80 -22.55
N GLY H 73 -11.75 -65.71 -21.82
CA GLY H 73 -13.20 -65.82 -21.81
C GLY H 73 -13.80 -66.20 -23.15
N GLY H 74 -13.09 -67.01 -23.93
CA GLY H 74 -13.48 -67.28 -25.28
C GLY H 74 -12.98 -66.28 -26.29
N HIS H 75 -12.72 -65.04 -25.86
CA HIS H 75 -12.21 -64.01 -26.75
C HIS H 75 -10.74 -64.26 -27.02
N ALA H 76 -10.37 -64.35 -28.28
CA ALA H 76 -8.98 -64.59 -28.64
C ALA H 76 -8.24 -63.27 -28.71
N VAL H 77 -6.95 -63.29 -28.35
CA VAL H 77 -6.09 -62.15 -28.51
C VAL H 77 -4.71 -62.63 -28.96
N LYS H 78 -4.13 -61.92 -29.91
CA LYS H 78 -2.83 -62.26 -30.43
C LYS H 78 -1.75 -61.77 -29.47
N CYS H 79 -0.56 -62.36 -29.62
CA CYS H 79 0.54 -62.09 -28.71
C CYS H 79 1.85 -62.48 -29.38
N VAL H 80 2.86 -61.65 -29.18
CA VAL H 80 4.16 -61.79 -29.83
C VAL H 80 5.20 -61.33 -28.81
N SER H 81 6.47 -61.48 -29.15
CA SER H 81 7.55 -61.06 -28.25
C SER H 81 8.67 -60.47 -29.07
N ASP H 82 8.93 -59.18 -28.91
CA ASP H 82 10.08 -58.54 -29.53
C ASP H 82 10.39 -57.26 -28.79
N ARG H 83 11.68 -56.97 -28.65
CA ARG H 83 12.12 -55.73 -28.02
C ARG H 83 12.28 -54.61 -29.02
N ASN H 84 12.58 -54.93 -30.27
CA ASN H 84 12.60 -53.92 -31.30
C ASN H 84 11.16 -53.56 -31.66
N PRO H 85 10.75 -52.30 -31.52
CA PRO H 85 9.40 -51.93 -31.96
C PRO H 85 9.25 -51.86 -33.47
N GLU H 86 10.35 -51.90 -34.21
CA GLU H 86 10.28 -51.75 -35.66
C GLU H 86 9.96 -53.05 -36.37
N ASN H 87 10.11 -54.19 -35.71
CA ASN H 87 9.79 -55.47 -36.34
C ASN H 87 8.44 -55.98 -35.90
N LEU H 88 7.48 -55.10 -35.69
CA LEU H 88 6.26 -55.60 -35.10
C LEU H 88 5.09 -55.59 -36.07
N PRO H 89 4.30 -56.64 -36.07
CA PRO H 89 3.20 -56.74 -37.04
C PRO H 89 2.04 -55.83 -36.70
N TRP H 90 2.16 -54.54 -37.01
CA TRP H 90 1.03 -53.68 -36.69
C TRP H 90 0.05 -53.56 -37.84
N SER H 91 0.56 -53.20 -39.02
CA SER H 91 -0.29 -53.14 -40.21
C SER H 91 -0.78 -54.53 -40.60
N ALA H 92 -0.03 -55.57 -40.25
CA ALA H 92 -0.51 -56.93 -40.44
C ALA H 92 -1.66 -57.26 -39.51
N TRP H 93 -1.81 -56.52 -38.42
CA TRP H 93 -2.90 -56.78 -37.49
C TRP H 93 -3.97 -55.71 -37.52
N GLY H 94 -3.73 -54.58 -38.18
CA GLY H 94 -4.72 -53.53 -38.27
C GLY H 94 -4.90 -52.78 -36.97
N ILE H 95 -3.87 -52.05 -36.54
CA ILE H 95 -3.82 -51.47 -35.21
C ILE H 95 -4.00 -49.97 -35.32
N ASP H 96 -5.09 -49.47 -34.73
CA ASP H 96 -5.27 -48.03 -34.69
C ASP H 96 -4.48 -47.42 -33.55
N LEU H 97 -4.67 -47.94 -32.34
CA LEU H 97 -4.11 -47.36 -31.14
C LEU H 97 -3.29 -48.42 -30.41
N VAL H 98 -2.03 -48.11 -30.15
CA VAL H 98 -1.17 -48.95 -29.34
C VAL H 98 -0.95 -48.21 -28.02
N ILE H 99 -0.89 -48.98 -26.94
CA ILE H 99 -0.81 -48.45 -25.60
C ILE H 99 0.61 -48.71 -25.11
N GLU H 100 1.43 -47.69 -25.16
CA GLU H 100 2.81 -47.84 -24.73
C GLU H 100 2.88 -47.89 -23.21
N ALA H 101 3.35 -49.03 -22.69
CA ALA H 101 3.42 -49.20 -21.25
C ALA H 101 4.69 -49.92 -20.83
N THR H 102 5.77 -49.74 -21.55
CA THR H 102 7.01 -50.39 -21.15
C THR H 102 7.86 -49.54 -20.25
N GLY H 103 7.60 -48.24 -20.17
CA GLY H 103 8.50 -47.37 -19.44
C GLY H 103 9.82 -47.15 -20.12
N VAL H 104 9.90 -47.47 -21.42
CA VAL H 104 11.13 -47.35 -22.16
C VAL H 104 11.05 -46.27 -23.23
N PHE H 105 9.89 -46.09 -23.84
CA PHE H 105 9.77 -45.38 -25.11
C PHE H 105 9.22 -43.97 -24.88
N THR H 106 9.66 -43.34 -23.78
CA THR H 106 9.11 -42.06 -23.34
C THR H 106 9.39 -40.91 -24.30
N SER H 107 10.41 -41.00 -25.14
CA SER H 107 10.65 -39.93 -26.08
C SER H 107 9.65 -39.96 -27.21
N ARG H 108 9.58 -38.85 -27.94
CA ARG H 108 8.79 -38.81 -29.16
C ARG H 108 9.38 -39.73 -30.22
N GLU H 109 10.70 -39.72 -30.35
CA GLU H 109 11.34 -40.55 -31.36
C GLU H 109 11.27 -42.03 -31.00
N GLY H 110 11.18 -42.34 -29.71
CA GLY H 110 11.03 -43.73 -29.32
C GLY H 110 9.63 -44.21 -29.59
N ALA H 111 8.64 -43.41 -29.19
CA ALA H 111 7.25 -43.82 -29.31
C ALA H 111 6.80 -43.79 -30.75
N SER H 112 7.39 -42.92 -31.57
CA SER H 112 7.02 -42.80 -32.97
C SER H 112 7.48 -43.98 -33.81
N LYS H 113 8.30 -44.87 -33.24
CA LYS H 113 8.70 -46.08 -33.93
C LYS H 113 7.51 -46.98 -34.22
N HIS H 114 6.51 -46.96 -33.34
CA HIS H 114 5.28 -47.71 -33.60
C HIS H 114 4.47 -47.07 -34.71
N LEU H 115 4.47 -45.74 -34.76
CA LEU H 115 3.78 -45.04 -35.83
C LEU H 115 4.44 -45.34 -37.17
N SER H 116 5.77 -45.43 -37.17
CA SER H 116 6.48 -45.78 -38.38
C SER H 116 6.23 -47.23 -38.76
N ALA H 117 6.19 -48.12 -37.78
CA ALA H 117 6.06 -49.54 -38.04
C ALA H 117 4.64 -49.95 -38.43
N GLY H 118 3.69 -49.02 -38.44
CA GLY H 118 2.40 -49.33 -38.98
C GLY H 118 1.25 -49.21 -38.01
N ALA H 119 1.39 -48.35 -37.01
CA ALA H 119 0.29 -48.06 -36.10
C ALA H 119 -0.18 -46.63 -36.29
N LYS H 120 -1.46 -46.39 -35.99
CA LYS H 120 -2.05 -45.10 -36.32
C LYS H 120 -1.97 -44.10 -35.18
N LYS H 121 -2.27 -44.52 -33.96
CA LYS H 121 -2.12 -43.65 -32.80
C LYS H 121 -1.45 -44.40 -31.67
N VAL H 122 -0.72 -43.67 -30.83
CA VAL H 122 -0.06 -44.26 -29.68
C VAL H 122 -0.42 -43.44 -28.45
N LEU H 123 -0.83 -44.15 -27.40
CA LEU H 123 -1.11 -43.54 -26.10
C LEU H 123 -0.08 -44.08 -25.14
N ILE H 124 0.80 -43.22 -24.67
CA ILE H 124 1.89 -43.65 -23.80
C ILE H 124 1.53 -43.33 -22.37
N THR H 125 1.69 -44.32 -21.50
CA THR H 125 1.31 -44.20 -20.09
C THR H 125 2.51 -43.82 -19.23
N ALA H 126 3.10 -42.66 -19.56
CA ALA H 126 4.25 -42.17 -18.82
C ALA H 126 4.37 -40.69 -19.09
N PRO H 127 4.96 -39.93 -18.19
CA PRO H 127 5.29 -38.55 -18.53
C PRO H 127 6.45 -38.54 -19.51
N GLY H 128 6.16 -38.23 -20.77
CA GLY H 128 7.16 -38.37 -21.80
C GLY H 128 8.13 -37.23 -21.82
N LYS H 129 9.36 -37.53 -22.20
CA LYS H 129 10.32 -36.49 -22.49
C LYS H 129 9.90 -35.73 -23.74
N GLY H 130 10.18 -34.43 -23.75
CA GLY H 130 9.84 -33.60 -24.88
C GLY H 130 8.38 -33.22 -24.89
N ASN H 131 8.05 -32.31 -25.79
CA ASN H 131 6.73 -31.69 -25.84
C ASN H 131 5.73 -32.66 -26.48
N ILE H 132 5.39 -33.69 -25.70
CA ILE H 132 4.35 -34.62 -26.09
C ILE H 132 3.06 -34.10 -25.46
N PRO H 133 1.95 -34.06 -26.19
CA PRO H 133 0.70 -33.54 -25.62
C PRO H 133 0.15 -34.47 -24.55
N THR H 134 0.04 -33.97 -23.34
CA THR H 134 -0.42 -34.75 -22.20
C THR H 134 -1.86 -34.43 -21.86
N TYR H 135 -2.59 -35.45 -21.47
CA TYR H 135 -4.02 -35.30 -21.21
C TYR H 135 -4.44 -36.15 -20.02
N VAL H 136 -5.18 -35.55 -19.12
CA VAL H 136 -5.69 -36.19 -17.92
C VAL H 136 -7.19 -36.24 -18.01
N VAL H 137 -7.77 -37.41 -17.80
CA VAL H 137 -9.22 -37.54 -17.80
C VAL H 137 -9.78 -36.85 -16.56
N GLY H 138 -10.69 -35.92 -16.78
CA GLY H 138 -11.28 -35.14 -15.71
C GLY H 138 -10.76 -33.73 -15.64
N VAL H 139 -9.70 -33.40 -16.36
CA VAL H 139 -9.21 -32.03 -16.37
C VAL H 139 -9.27 -31.49 -17.78
N ASN H 140 -8.52 -32.10 -18.68
CA ASN H 140 -8.44 -31.62 -20.05
C ASN H 140 -8.47 -32.79 -21.02
N HIS H 141 -9.36 -33.74 -20.79
CA HIS H 141 -9.53 -34.80 -21.76
C HIS H 141 -10.38 -34.38 -22.95
N HIS H 142 -10.89 -33.16 -22.96
CA HIS H 142 -11.65 -32.67 -24.10
C HIS H 142 -10.77 -31.98 -25.12
N THR H 143 -9.72 -31.31 -24.66
CA THR H 143 -9.01 -30.33 -25.47
C THR H 143 -7.89 -30.94 -26.30
N TYR H 144 -7.97 -32.22 -26.63
CA TYR H 144 -6.99 -32.82 -27.51
C TYR H 144 -7.46 -32.69 -28.95
N ASP H 145 -6.52 -32.41 -29.83
CA ASP H 145 -6.82 -32.46 -31.24
C ASP H 145 -6.69 -33.89 -31.74
N PRO H 146 -7.69 -34.42 -32.46
CA PRO H 146 -7.62 -35.82 -32.88
C PRO H 146 -6.55 -36.13 -33.91
N SER H 147 -5.91 -35.13 -34.51
CA SER H 147 -4.73 -35.43 -35.31
C SER H 147 -3.49 -35.66 -34.47
N GLU H 148 -3.52 -35.33 -33.18
CA GLU H 148 -2.41 -35.68 -32.30
C GLU H 148 -2.48 -37.18 -32.06
N ASP H 149 -1.67 -37.92 -32.80
CA ASP H 149 -1.63 -39.36 -32.72
C ASP H 149 -0.77 -39.87 -31.58
N ILE H 150 0.19 -39.08 -31.14
CA ILE H 150 1.07 -39.44 -30.04
C ILE H 150 0.69 -38.63 -28.79
N VAL H 151 -0.17 -39.21 -27.96
CA VAL H 151 -0.63 -38.54 -26.76
C VAL H 151 -0.02 -39.22 -25.56
N SER H 152 0.03 -38.51 -24.45
CA SER H 152 0.61 -39.04 -23.23
C SER H 152 -0.32 -38.81 -22.07
N ASN H 153 -0.63 -39.87 -21.36
CA ASN H 153 -1.14 -39.73 -20.01
C ASN H 153 0.06 -39.49 -19.09
N ALA H 154 -0.18 -38.73 -18.04
CA ALA H 154 0.91 -38.37 -17.13
C ALA H 154 1.17 -39.51 -16.16
N SER H 155 1.96 -39.24 -15.13
CA SER H 155 2.15 -40.24 -14.10
C SER H 155 0.91 -40.37 -13.24
N CYS H 156 0.89 -41.44 -12.45
CA CYS H 156 -0.21 -41.71 -11.54
C CYS H 156 -0.34 -40.63 -10.47
N THR H 157 0.78 -40.08 -10.02
CA THR H 157 0.74 -39.02 -9.02
C THR H 157 0.11 -37.77 -9.60
N THR H 158 0.50 -37.41 -10.82
CA THR H 158 -0.10 -36.27 -11.49
C THR H 158 -1.56 -36.53 -11.79
N ASN H 159 -1.88 -37.77 -12.18
CA ASN H 159 -3.25 -38.13 -12.52
C ASN H 159 -4.15 -38.09 -11.29
N CYS H 160 -3.58 -38.33 -10.11
CA CYS H 160 -4.36 -38.10 -8.91
C CYS H 160 -4.44 -36.64 -8.53
N LEU H 161 -3.32 -35.93 -8.61
CA LEU H 161 -3.22 -34.62 -7.99
C LEU H 161 -3.93 -33.55 -8.78
N ALA H 162 -3.84 -33.61 -10.10
CA ALA H 162 -4.37 -32.54 -10.95
C ALA H 162 -5.87 -32.26 -10.84
N PRO H 163 -6.79 -33.21 -10.60
CA PRO H 163 -8.18 -32.79 -10.39
C PRO H 163 -8.39 -31.96 -9.14
N ILE H 164 -7.70 -32.30 -8.06
CA ILE H 164 -7.79 -31.53 -6.83
C ILE H 164 -7.23 -30.12 -7.05
N VAL H 165 -6.13 -30.01 -7.79
CA VAL H 165 -5.55 -28.71 -8.06
C VAL H 165 -6.44 -27.92 -8.99
N LYS H 166 -7.15 -28.58 -9.90
CA LYS H 166 -8.11 -27.88 -10.75
C LYS H 166 -9.25 -27.31 -9.94
N VAL H 167 -9.80 -28.10 -9.01
CA VAL H 167 -10.91 -27.63 -8.20
C VAL H 167 -10.48 -26.48 -7.31
N LEU H 168 -9.32 -26.60 -6.66
CA LEU H 168 -8.87 -25.54 -5.77
C LEU H 168 -8.40 -24.32 -6.53
N HIS H 169 -7.96 -24.46 -7.77
CA HIS H 169 -7.58 -23.27 -8.52
C HIS H 169 -8.80 -22.54 -9.03
N GLU H 170 -9.85 -23.27 -9.39
CA GLU H 170 -11.06 -22.60 -9.85
C GLU H 170 -11.79 -21.95 -8.69
N ALA H 171 -11.82 -22.60 -7.53
CA ALA H 171 -12.62 -22.06 -6.44
C ALA H 171 -11.88 -20.97 -5.67
N PHE H 172 -10.56 -21.07 -5.57
CA PHE H 172 -9.84 -20.18 -4.67
C PHE H 172 -8.73 -19.41 -5.34
N GLY H 173 -8.11 -20.01 -6.35
CA GLY H 173 -6.95 -19.40 -6.94
C GLY H 173 -5.70 -19.77 -6.17
N ILE H 174 -4.67 -20.20 -6.88
CA ILE H 174 -3.48 -20.76 -6.28
C ILE H 174 -2.30 -19.87 -6.62
N GLN H 175 -1.53 -19.47 -5.61
CA GLN H 175 -0.27 -18.80 -5.89
C GLN H 175 0.84 -19.81 -6.09
N GLN H 176 1.09 -20.63 -5.06
CA GLN H 176 2.13 -21.64 -5.12
C GLN H 176 1.59 -22.93 -4.57
N GLY H 177 2.34 -24.01 -4.75
CA GLY H 177 1.91 -25.27 -4.20
C GLY H 177 2.96 -26.35 -4.18
N MET H 178 3.10 -26.99 -3.03
CA MET H 178 3.99 -28.13 -2.83
C MET H 178 3.17 -29.41 -2.78
N MET H 179 3.86 -30.53 -2.93
CA MET H 179 3.24 -31.82 -2.70
C MET H 179 4.30 -32.79 -2.22
N THR H 180 3.87 -33.83 -1.51
CA THR H 180 4.79 -34.87 -1.08
C THR H 180 4.01 -36.17 -1.05
N THR H 181 4.12 -36.95 -2.11
CA THR H 181 3.35 -38.17 -2.22
C THR H 181 4.08 -39.32 -1.54
N THR H 182 3.39 -39.98 -0.63
CA THR H 182 3.88 -41.20 -0.01
C THR H 182 3.46 -42.33 -0.92
N HIS H 183 4.42 -42.84 -1.68
CA HIS H 183 4.16 -43.62 -2.87
C HIS H 183 4.43 -45.08 -2.58
N SER H 184 3.63 -45.96 -3.16
CA SER H 184 3.92 -47.38 -2.99
C SER H 184 5.13 -47.74 -3.84
N TYR H 185 5.81 -48.83 -3.48
CA TYR H 185 7.00 -49.16 -4.23
C TYR H 185 6.65 -49.74 -5.58
N THR H 186 7.38 -49.31 -6.58
CA THR H 186 7.15 -49.71 -7.96
C THR H 186 8.20 -50.73 -8.38
N GLY H 187 8.05 -51.23 -9.60
CA GLY H 187 8.92 -52.29 -10.05
C GLY H 187 10.33 -51.87 -10.37
N ASP H 188 10.58 -50.56 -10.48
CA ASP H 188 11.91 -50.09 -10.85
C ASP H 188 12.93 -50.29 -9.76
N GLN H 189 12.51 -50.35 -8.51
CA GLN H 189 13.46 -50.45 -7.41
C GLN H 189 13.98 -51.86 -7.32
N ARG H 190 15.26 -51.98 -6.99
CA ARG H 190 15.82 -53.30 -6.84
C ARG H 190 15.40 -53.86 -5.50
N LEU H 191 15.23 -55.18 -5.46
CA LEU H 191 14.71 -55.83 -4.28
C LEU H 191 15.73 -55.83 -3.15
N LEU H 192 16.87 -56.44 -3.37
CA LEU H 192 17.97 -56.23 -2.45
C LEU H 192 18.83 -55.11 -2.97
N ASP H 193 19.89 -54.79 -2.24
CA ASP H 193 20.70 -53.65 -2.63
C ASP H 193 21.52 -54.01 -3.85
N ALA H 194 21.02 -53.68 -5.02
CA ALA H 194 21.67 -54.04 -6.26
C ALA H 194 22.01 -52.78 -7.04
N SER H 195 22.83 -52.97 -8.07
CA SER H 195 23.36 -51.86 -8.83
C SER H 195 22.27 -51.24 -9.69
N HIS H 196 22.20 -49.92 -9.68
CA HIS H 196 21.10 -49.24 -10.34
C HIS H 196 21.59 -47.87 -10.76
N ARG H 197 20.90 -47.29 -11.75
CA ARG H 197 21.35 -46.03 -12.33
C ARG H 197 21.24 -44.89 -11.33
N ASP H 198 20.14 -44.82 -10.59
CA ASP H 198 20.00 -43.85 -9.53
C ASP H 198 20.23 -44.52 -8.19
N LEU H 199 20.94 -43.82 -7.31
CA LEU H 199 21.42 -44.44 -6.08
C LEU H 199 20.31 -44.64 -5.05
N ARG H 200 19.35 -43.73 -5.01
CA ARG H 200 18.27 -43.89 -4.05
C ARG H 200 17.24 -44.93 -4.46
N ARG H 201 17.25 -45.36 -5.71
CA ARG H 201 16.45 -46.51 -6.10
C ARG H 201 17.26 -47.78 -6.07
N ALA H 202 18.55 -47.69 -5.79
CA ALA H 202 19.38 -48.88 -5.75
C ALA H 202 19.19 -49.67 -4.47
N ARG H 203 18.55 -49.10 -3.47
CA ARG H 203 18.54 -49.73 -2.17
C ARG H 203 17.31 -50.60 -2.04
N ALA H 204 17.18 -51.28 -0.92
CA ALA H 204 16.16 -52.31 -0.78
C ALA H 204 14.78 -51.69 -0.65
N ALA H 205 13.81 -52.31 -1.31
CA ALA H 205 12.47 -51.73 -1.36
C ALA H 205 11.62 -52.12 -0.17
N ALA H 206 11.74 -53.35 0.30
CA ALA H 206 10.90 -53.80 1.40
C ALA H 206 11.36 -53.26 2.73
N MET H 207 12.55 -52.67 2.79
CA MET H 207 13.14 -52.27 4.05
C MET H 207 13.03 -50.79 4.31
N ASN H 208 12.89 -49.97 3.28
CA ASN H 208 13.30 -48.59 3.38
C ASN H 208 12.23 -47.62 2.91
N ILE H 209 12.16 -46.49 3.59
CA ILE H 209 11.57 -45.29 3.01
C ILE H 209 12.64 -44.72 2.11
N VAL H 210 12.55 -44.91 0.80
CA VAL H 210 13.50 -44.29 -0.11
C VAL H 210 12.87 -43.03 -0.68
N PRO H 211 13.53 -41.89 -0.58
CA PRO H 211 12.99 -40.68 -1.18
C PRO H 211 13.43 -40.58 -2.63
N THR H 212 12.67 -39.83 -3.40
CA THR H 212 13.07 -39.58 -4.77
C THR H 212 12.52 -38.23 -5.19
N SER H 213 13.24 -37.60 -6.10
CA SER H 213 12.80 -36.35 -6.68
C SER H 213 12.02 -36.66 -7.95
N THR H 214 10.86 -36.05 -8.08
CA THR H 214 10.05 -36.23 -9.27
C THR H 214 9.67 -34.88 -9.84
N GLY H 215 9.50 -34.86 -11.15
CA GLY H 215 8.94 -33.73 -11.86
C GLY H 215 7.48 -33.90 -12.18
N ALA H 216 6.85 -34.95 -11.64
CA ALA H 216 5.45 -35.21 -11.95
C ALA H 216 4.53 -34.19 -11.30
N ALA H 217 5.01 -33.46 -10.30
CA ALA H 217 4.24 -32.31 -9.83
C ALA H 217 4.21 -31.21 -10.87
N LYS H 218 5.30 -31.04 -11.63
CA LYS H 218 5.33 -30.01 -12.67
C LYS H 218 4.44 -30.36 -13.84
N ALA H 219 4.07 -31.62 -14.01
CA ALA H 219 3.18 -32.00 -15.10
C ALA H 219 1.78 -31.45 -14.92
N VAL H 220 1.42 -31.08 -13.68
CA VAL H 220 0.18 -30.34 -13.48
C VAL H 220 0.28 -28.99 -14.16
N GLY H 221 1.46 -28.40 -14.16
CA GLY H 221 1.69 -27.16 -14.89
C GLY H 221 1.62 -27.33 -16.39
N LEU H 222 1.78 -28.56 -16.88
CA LEU H 222 1.47 -28.80 -18.28
C LEU H 222 -0.03 -28.90 -18.48
N VAL H 223 -0.71 -29.73 -17.69
CA VAL H 223 -2.13 -29.94 -17.96
C VAL H 223 -2.97 -28.77 -17.47
N ILE H 224 -2.48 -27.96 -16.54
CA ILE H 224 -3.07 -26.66 -16.24
C ILE H 224 -2.02 -25.60 -16.57
N PRO H 225 -2.23 -24.81 -17.62
CA PRO H 225 -1.13 -24.00 -18.15
C PRO H 225 -0.75 -22.83 -17.28
N GLU H 226 -1.70 -22.22 -16.59
CA GLU H 226 -1.44 -21.00 -15.83
C GLU H 226 -0.79 -21.27 -14.48
N LEU H 227 -0.43 -22.52 -14.17
CA LEU H 227 0.25 -22.82 -12.93
C LEU H 227 1.63 -23.42 -13.14
N GLN H 228 2.15 -23.34 -14.37
CA GLN H 228 3.44 -23.95 -14.67
C GLN H 228 4.55 -23.17 -14.01
N GLY H 229 5.53 -23.89 -13.47
CA GLY H 229 6.59 -23.27 -12.71
C GLY H 229 6.18 -22.86 -11.31
N LYS H 230 5.03 -23.32 -10.83
CA LYS H 230 4.55 -22.98 -9.52
C LYS H 230 4.28 -24.21 -8.66
N LEU H 231 4.46 -25.41 -9.20
CA LEU H 231 4.12 -26.64 -8.50
C LEU H 231 5.32 -27.55 -8.53
N ASN H 232 5.76 -27.99 -7.36
CA ASN H 232 6.92 -28.87 -7.30
C ASN H 232 6.78 -29.75 -6.07
N GLY H 233 7.39 -30.93 -6.12
CA GLY H 233 7.28 -31.81 -4.97
C GLY H 233 8.14 -33.04 -5.12
N ILE H 234 8.27 -33.75 -4.00
CA ILE H 234 9.09 -34.95 -3.94
C ILE H 234 8.21 -36.15 -3.69
N ALA H 235 8.78 -37.34 -3.69
CA ALA H 235 8.03 -38.56 -3.45
C ALA H 235 8.76 -39.42 -2.46
N LEU H 236 7.99 -40.18 -1.69
CA LEU H 236 8.52 -41.10 -0.69
C LEU H 236 7.97 -42.48 -0.99
N ARG H 237 8.87 -43.41 -1.24
CA ARG H 237 8.49 -44.78 -1.53
C ARG H 237 8.63 -45.57 -0.25
N VAL H 238 7.53 -46.13 0.22
CA VAL H 238 7.49 -46.83 1.49
C VAL H 238 7.08 -48.27 1.20
N PRO H 239 7.43 -49.20 2.04
CA PRO H 239 7.10 -50.60 1.75
C PRO H 239 5.64 -51.00 1.83
N THR H 240 4.78 -50.39 1.03
CA THR H 240 3.46 -50.91 0.77
C THR H 240 3.36 -51.28 -0.68
N PRO H 241 2.76 -52.39 -1.02
CA PRO H 241 2.84 -52.85 -2.40
C PRO H 241 1.90 -52.14 -3.35
N ASN H 242 0.71 -51.71 -2.93
CA ASN H 242 -0.27 -51.33 -3.93
C ASN H 242 -0.62 -49.85 -3.94
N VAL H 243 -1.15 -49.31 -2.85
CA VAL H 243 -1.89 -48.06 -2.91
C VAL H 243 -0.99 -46.98 -2.34
N SER H 244 -1.34 -45.72 -2.56
CA SER H 244 -0.49 -44.65 -2.09
C SER H 244 -1.33 -43.45 -1.72
N VAL H 245 -0.70 -42.51 -1.04
CA VAL H 245 -1.38 -41.28 -0.63
C VAL H 245 -0.49 -40.11 -1.03
N VAL H 246 -1.12 -39.01 -1.39
CA VAL H 246 -0.41 -37.80 -1.78
C VAL H 246 -0.80 -36.66 -0.87
N ASP H 247 0.19 -36.03 -0.27
CA ASP H 247 0.01 -34.81 0.47
C ASP H 247 0.12 -33.65 -0.49
N PHE H 248 -0.65 -32.60 -0.23
CA PHE H 248 -0.64 -31.44 -1.11
C PHE H 248 -0.82 -30.19 -0.31
N VAL H 249 0.19 -29.32 -0.35
CA VAL H 249 0.17 -28.04 0.33
C VAL H 249 0.07 -26.97 -0.74
N ALA H 250 -1.03 -26.24 -0.75
CA ALA H 250 -1.18 -25.12 -1.64
C ALA H 250 -1.24 -23.82 -0.84
N GLN H 251 -0.82 -22.75 -1.48
CA GLN H 251 -0.93 -21.42 -0.92
C GLN H 251 -1.97 -20.68 -1.75
N VAL H 252 -3.21 -20.76 -1.31
CA VAL H 252 -4.28 -20.04 -1.98
C VAL H 252 -4.22 -18.58 -1.57
N GLU H 253 -4.91 -17.72 -2.31
CA GLU H 253 -4.97 -16.31 -1.98
C GLU H 253 -6.34 -15.84 -1.53
N LYS H 254 -7.41 -16.49 -1.93
CA LYS H 254 -8.71 -16.17 -1.36
C LYS H 254 -8.85 -16.94 -0.06
N PRO H 255 -8.90 -16.26 1.09
CA PRO H 255 -8.85 -16.96 2.37
C PRO H 255 -10.12 -17.72 2.66
N THR H 256 -9.97 -18.80 3.44
CA THR H 256 -11.07 -19.71 3.76
C THR H 256 -10.70 -20.55 4.96
N ILE H 257 -11.58 -21.49 5.31
CA ILE H 257 -11.35 -22.41 6.42
C ILE H 257 -11.34 -23.84 5.92
N ALA H 258 -11.10 -24.77 6.84
CA ALA H 258 -10.93 -26.17 6.48
C ALA H 258 -12.25 -26.82 6.09
N GLU H 259 -13.36 -26.34 6.61
CA GLU H 259 -14.64 -26.96 6.27
C GLU H 259 -15.07 -26.59 4.87
N GLN H 260 -14.72 -25.38 4.44
CA GLN H 260 -15.25 -24.87 3.17
C GLN H 260 -14.60 -25.56 1.99
N VAL H 261 -13.30 -25.87 2.08
CA VAL H 261 -12.65 -26.57 0.98
C VAL H 261 -13.17 -28.00 0.88
N ASN H 262 -13.53 -28.60 2.02
CA ASN H 262 -14.17 -29.91 1.99
C ASN H 262 -15.54 -29.83 1.35
N GLN H 263 -16.28 -28.75 1.61
CA GLN H 263 -17.57 -28.55 0.98
C GLN H 263 -17.44 -28.38 -0.53
N VAL H 264 -16.42 -27.61 -0.95
CA VAL H 264 -16.19 -27.36 -2.37
C VAL H 264 -15.86 -28.65 -3.09
N ILE H 265 -14.97 -29.45 -2.51
CA ILE H 265 -14.58 -30.69 -3.18
C ILE H 265 -15.70 -31.71 -3.09
N LYS H 266 -16.54 -31.64 -2.06
CA LYS H 266 -17.66 -32.56 -1.96
C LYS H 266 -18.70 -32.28 -3.03
N GLU H 267 -18.99 -31.01 -3.29
CA GLU H 267 -19.96 -30.75 -4.36
C GLU H 267 -19.32 -30.92 -5.73
N ALA H 268 -18.01 -30.71 -5.84
CA ALA H 268 -17.34 -30.98 -7.11
C ALA H 268 -17.27 -32.47 -7.40
N SER H 269 -17.31 -33.31 -6.35
CA SER H 269 -17.40 -34.74 -6.53
C SER H 269 -18.74 -35.16 -7.08
N GLU H 270 -19.77 -34.34 -6.92
CA GLU H 270 -21.11 -34.71 -7.32
C GLU H 270 -21.61 -33.96 -8.54
N THR H 271 -20.89 -32.93 -9.00
CA THR H 271 -21.31 -32.23 -10.20
C THR H 271 -20.40 -32.49 -11.39
N THR H 272 -19.12 -32.22 -11.25
CA THR H 272 -18.23 -32.23 -12.40
C THR H 272 -17.22 -33.37 -12.35
N MET H 273 -16.60 -33.61 -11.20
CA MET H 273 -15.57 -34.62 -11.07
C MET H 273 -16.14 -35.96 -10.67
N LYS H 274 -17.39 -36.23 -11.00
CA LYS H 274 -18.03 -37.49 -10.67
C LYS H 274 -17.37 -38.63 -11.42
N GLY H 275 -16.98 -39.66 -10.68
CA GLY H 275 -16.18 -40.72 -11.25
C GLY H 275 -14.70 -40.45 -11.27
N ILE H 276 -14.28 -39.22 -10.97
CA ILE H 276 -12.87 -38.91 -10.89
C ILE H 276 -12.47 -38.81 -9.43
N ILE H 277 -13.14 -37.92 -8.70
CA ILE H 277 -12.84 -37.68 -7.30
C ILE H 277 -13.97 -38.27 -6.48
N HIS H 278 -13.64 -39.17 -5.59
CA HIS H 278 -14.57 -39.63 -4.58
C HIS H 278 -14.29 -38.89 -3.30
N TYR H 279 -15.31 -38.71 -2.47
CA TYR H 279 -15.18 -37.99 -1.22
C TYR H 279 -15.58 -38.90 -0.07
N SER H 280 -14.69 -39.07 0.90
CA SER H 280 -14.87 -40.04 1.97
C SER H 280 -14.70 -39.37 3.32
N GLU H 281 -15.76 -39.38 4.11
CA GLU H 281 -15.71 -38.93 5.49
C GLU H 281 -15.61 -40.09 6.46
N LEU H 282 -14.93 -41.15 6.06
CA LEU H 282 -14.67 -42.28 6.93
C LEU H 282 -13.23 -42.22 7.41
N GLU H 283 -12.96 -42.92 8.49
CA GLU H 283 -11.59 -43.07 8.96
C GLU H 283 -10.95 -44.33 8.39
N LEU H 284 -10.87 -44.38 7.07
CA LEU H 284 -10.29 -45.55 6.45
C LEU H 284 -8.77 -45.48 6.48
N VAL H 285 -8.15 -46.55 6.02
CA VAL H 285 -6.71 -46.67 5.92
C VAL H 285 -6.41 -47.13 4.51
N SER H 286 -5.15 -47.41 4.23
CA SER H 286 -4.65 -47.54 2.86
C SER H 286 -5.29 -48.70 2.13
N SER H 287 -5.28 -49.87 2.74
CA SER H 287 -5.73 -51.07 2.05
C SER H 287 -7.23 -51.12 1.81
N ASP H 288 -7.99 -50.16 2.28
CA ASP H 288 -9.37 -50.09 1.87
C ASP H 288 -9.54 -49.31 0.59
N TYR H 289 -8.46 -49.04 -0.14
CA TYR H 289 -8.57 -48.41 -1.44
C TYR H 289 -7.94 -49.27 -2.53
N ARG H 290 -7.71 -50.54 -2.27
CA ARG H 290 -7.24 -51.42 -3.34
C ARG H 290 -8.41 -51.70 -4.26
N GLY H 291 -8.35 -51.19 -5.47
CA GLY H 291 -9.39 -51.44 -6.43
C GLY H 291 -10.50 -50.40 -6.46
N HIS H 292 -10.28 -49.24 -5.87
CA HIS H 292 -11.28 -48.20 -5.94
C HIS H 292 -11.27 -47.58 -7.33
N ASN H 293 -12.45 -47.18 -7.80
CA ASN H 293 -12.55 -46.72 -9.19
C ASN H 293 -12.16 -45.27 -9.37
N ALA H 294 -12.25 -44.45 -8.33
CA ALA H 294 -11.93 -43.04 -8.48
C ALA H 294 -10.41 -42.85 -8.52
N SER H 295 -9.99 -41.79 -9.19
CA SER H 295 -8.58 -41.49 -9.32
C SER H 295 -8.04 -40.65 -8.20
N SER H 296 -8.89 -40.25 -7.25
CA SER H 296 -8.46 -39.56 -6.04
C SER H 296 -9.58 -39.68 -5.03
N ILE H 297 -9.29 -40.27 -3.90
CA ILE H 297 -10.22 -40.23 -2.78
C ILE H 297 -9.69 -39.20 -1.82
N LEU H 298 -10.42 -38.11 -1.66
CA LEU H 298 -10.03 -37.07 -0.73
C LEU H 298 -10.29 -37.53 0.69
N ASP H 299 -9.27 -37.50 1.53
CA ASP H 299 -9.45 -37.87 2.92
C ASP H 299 -9.92 -36.64 3.67
N ALA H 300 -11.10 -36.73 4.26
CA ALA H 300 -11.77 -35.51 4.72
C ALA H 300 -11.24 -35.04 6.06
N SER H 301 -10.92 -35.97 6.96
CA SER H 301 -10.61 -35.61 8.33
C SER H 301 -9.25 -34.94 8.49
N LEU H 302 -8.43 -34.91 7.45
CA LEU H 302 -7.07 -34.41 7.58
C LEU H 302 -6.87 -33.08 6.89
N THR H 303 -7.90 -32.53 6.26
CA THR H 303 -7.78 -31.28 5.53
C THR H 303 -7.59 -30.14 6.51
N MET H 304 -6.57 -29.32 6.31
CA MET H 304 -6.38 -28.24 7.28
C MET H 304 -5.89 -26.96 6.62
N VAL H 305 -6.24 -25.85 7.24
CA VAL H 305 -5.93 -24.51 6.74
C VAL H 305 -5.29 -23.73 7.87
N LEU H 306 -4.11 -23.18 7.63
CA LEU H 306 -3.47 -22.31 8.61
C LEU H 306 -3.36 -20.90 8.06
N GLY H 307 -3.78 -19.92 8.84
CA GLY H 307 -3.70 -18.54 8.43
C GLY H 307 -4.63 -18.15 7.31
N GLY H 308 -5.61 -18.98 6.99
CA GLY H 308 -6.58 -18.62 5.96
C GLY H 308 -6.12 -18.89 4.55
N ASN H 309 -4.83 -18.70 4.27
CA ASN H 309 -4.31 -18.72 2.91
C ASN H 309 -3.32 -19.86 2.69
N LEU H 310 -3.44 -20.95 3.43
CA LEU H 310 -2.49 -22.04 3.33
C LEU H 310 -3.22 -23.33 3.63
N VAL H 311 -3.44 -24.13 2.59
CA VAL H 311 -4.31 -25.31 2.67
C VAL H 311 -3.47 -26.56 2.45
N LYS H 312 -3.86 -27.62 3.14
CA LYS H 312 -3.29 -28.94 2.97
C LYS H 312 -4.39 -29.96 2.83
N VAL H 313 -4.34 -30.72 1.75
CA VAL H 313 -5.21 -31.86 1.55
C VAL H 313 -4.35 -33.10 1.41
N VAL H 314 -4.95 -34.25 1.62
CA VAL H 314 -4.33 -35.53 1.32
C VAL H 314 -5.31 -36.36 0.52
N ALA H 315 -4.78 -37.16 -0.38
CA ALA H 315 -5.63 -37.90 -1.30
C ALA H 315 -5.11 -39.31 -1.42
N TRP H 316 -5.96 -40.28 -1.08
CA TRP H 316 -5.64 -41.65 -1.39
C TRP H 316 -5.82 -41.88 -2.88
N TYR H 317 -4.95 -42.69 -3.47
CA TYR H 317 -5.15 -43.10 -4.84
C TYR H 317 -4.40 -44.38 -5.09
N ASP H 318 -4.98 -45.23 -5.94
CA ASP H 318 -4.39 -46.49 -6.30
C ASP H 318 -3.63 -46.31 -7.60
N ASN H 319 -2.32 -46.44 -7.55
CA ASN H 319 -1.54 -46.17 -8.73
C ASN H 319 -1.43 -47.37 -9.66
N GLU H 320 -2.13 -48.44 -9.38
CA GLU H 320 -2.15 -49.57 -10.29
C GLU H 320 -3.51 -49.87 -10.85
N TRP H 321 -4.58 -49.47 -10.18
CA TRP H 321 -5.91 -49.75 -10.69
C TRP H 321 -6.60 -48.51 -11.23
N GLY H 322 -6.63 -47.44 -10.43
CA GLY H 322 -7.28 -46.22 -10.89
C GLY H 322 -6.55 -45.58 -12.04
N TYR H 323 -5.23 -45.71 -12.08
CA TYR H 323 -4.49 -45.18 -13.22
C TYR H 323 -4.80 -45.95 -14.48
N SER H 324 -4.95 -47.27 -14.36
CA SER H 324 -5.38 -48.07 -15.49
C SER H 324 -6.79 -47.71 -15.93
N GLN H 325 -7.66 -47.39 -14.97
CA GLN H 325 -8.99 -46.93 -15.31
C GLN H 325 -8.95 -45.63 -16.09
N ARG H 326 -8.07 -44.72 -15.72
CA ARG H 326 -8.01 -43.46 -16.45
C ARG H 326 -7.38 -43.66 -17.82
N VAL H 327 -6.45 -44.60 -17.95
CA VAL H 327 -5.90 -44.95 -19.26
C VAL H 327 -6.99 -45.48 -20.17
N LEU H 328 -7.82 -46.38 -19.65
CA LEU H 328 -8.87 -46.96 -20.48
C LEU H 328 -9.96 -45.94 -20.78
N ASP H 329 -10.22 -45.02 -19.86
CA ASP H 329 -11.20 -43.99 -20.15
C ASP H 329 -10.68 -43.02 -21.20
N LEU H 330 -9.39 -42.70 -21.17
CA LEU H 330 -8.82 -41.86 -22.19
C LEU H 330 -8.80 -42.57 -23.54
N ALA H 331 -8.57 -43.88 -23.53
CA ALA H 331 -8.57 -44.64 -24.78
C ALA H 331 -9.95 -44.69 -25.39
N GLU H 332 -10.99 -44.96 -24.57
CA GLU H 332 -12.35 -44.90 -25.08
C GLU H 332 -12.75 -43.50 -25.51
N HIS H 333 -12.25 -42.47 -24.83
CA HIS H 333 -12.62 -41.12 -25.20
C HIS H 333 -11.93 -40.68 -26.48
N MET H 334 -10.78 -41.25 -26.78
CA MET H 334 -10.22 -41.01 -28.10
C MET H 334 -10.80 -41.93 -29.15
N ALA H 335 -11.41 -43.03 -28.75
CA ALA H 335 -12.17 -43.81 -29.71
C ALA H 335 -13.47 -43.11 -30.11
N ALA H 336 -14.10 -42.42 -29.15
CA ALA H 336 -15.34 -41.73 -29.43
C ALA H 336 -15.15 -40.51 -30.30
N HIS H 337 -13.93 -39.99 -30.39
CA HIS H 337 -13.65 -38.89 -31.30
C HIS H 337 -12.56 -39.29 -32.26
N TRP H 338 -12.68 -40.49 -32.83
CA TRP H 338 -11.74 -40.94 -33.83
C TRP H 338 -11.84 -40.07 -35.07
N ALA H 339 -10.69 -39.75 -35.65
CA ALA H 339 -10.64 -38.99 -36.89
C ALA H 339 -9.81 -39.76 -37.92
N MET I 3 51.74 -64.14 -1.52
CA MET I 3 50.52 -63.36 -1.58
C MET I 3 49.82 -63.59 -2.92
N VAL I 4 48.52 -63.84 -2.89
CA VAL I 4 47.77 -64.29 -4.06
C VAL I 4 46.85 -63.17 -4.49
N ARG I 5 47.01 -62.72 -5.74
CA ARG I 5 46.20 -61.66 -6.31
C ARG I 5 44.88 -62.24 -6.79
N VAL I 6 43.77 -61.78 -6.20
CA VAL I 6 42.47 -62.36 -6.49
C VAL I 6 41.51 -61.31 -7.03
N ALA I 7 40.45 -61.80 -7.64
CA ALA I 7 39.50 -60.97 -8.35
C ALA I 7 38.09 -61.41 -8.07
N ILE I 8 37.13 -60.54 -8.36
CA ILE I 8 35.72 -60.77 -8.06
C ILE I 8 34.93 -60.49 -9.32
N ASN I 9 34.21 -61.49 -9.81
CA ASN I 9 33.32 -61.30 -10.94
C ASN I 9 31.92 -61.10 -10.41
N GLY I 10 31.42 -59.88 -10.52
CA GLY I 10 30.04 -59.60 -10.16
C GLY I 10 30.02 -59.06 -8.75
N PHE I 11 29.82 -57.76 -8.60
CA PHE I 11 29.93 -57.16 -7.28
C PHE I 11 28.55 -57.00 -6.67
N GLY I 12 27.86 -58.13 -6.54
CA GLY I 12 26.54 -58.16 -5.98
C GLY I 12 26.54 -58.37 -4.49
N ARG I 13 25.56 -59.13 -3.98
CA ARG I 13 25.49 -59.38 -2.55
C ARG I 13 26.66 -60.21 -2.07
N ILE I 14 26.97 -61.28 -2.80
CA ILE I 14 28.07 -62.13 -2.41
C ILE I 14 29.38 -61.41 -2.59
N GLY I 15 29.48 -60.57 -3.62
CA GLY I 15 30.71 -59.82 -3.82
C GLY I 15 30.94 -58.75 -2.78
N ARG I 16 29.89 -58.01 -2.43
CA ARG I 16 30.02 -56.99 -1.39
C ARG I 16 30.31 -57.61 -0.05
N ASN I 17 29.69 -58.76 0.24
CA ASN I 17 29.99 -59.42 1.49
C ASN I 17 31.39 -60.01 1.50
N PHE I 18 31.87 -60.47 0.34
CA PHE I 18 33.23 -60.99 0.26
C PHE I 18 34.24 -59.89 0.48
N MET I 19 34.00 -58.73 -0.11
CA MET I 19 34.86 -57.58 0.07
C MET I 19 34.86 -57.10 1.51
N ARG I 20 33.68 -57.09 2.14
CA ARG I 20 33.60 -56.65 3.53
C ARG I 20 34.28 -57.64 4.46
N CYS I 21 34.17 -58.94 4.17
CA CYS I 21 34.85 -59.95 4.98
C CYS I 21 36.36 -59.82 4.86
N TRP I 22 36.86 -59.59 3.65
CA TRP I 22 38.29 -59.44 3.48
C TRP I 22 38.79 -58.16 4.11
N LEU I 23 37.96 -57.12 4.14
CA LEU I 23 38.31 -55.94 4.90
C LEU I 23 38.28 -56.19 6.39
N GLN I 24 37.56 -57.19 6.85
CA GLN I 24 37.60 -57.49 8.28
C GLN I 24 38.58 -58.60 8.62
N ARG I 25 39.19 -59.25 7.65
CA ARG I 25 40.17 -60.30 7.90
C ARG I 25 41.44 -60.06 7.12
N LYS I 26 41.93 -58.82 7.17
CA LYS I 26 42.99 -58.39 6.27
C LYS I 26 44.35 -58.92 6.69
N ALA I 27 44.65 -58.93 7.99
CA ALA I 27 46.01 -59.18 8.44
C ALA I 27 46.42 -60.63 8.26
N ASN I 28 45.47 -61.56 8.42
CA ASN I 28 45.78 -62.98 8.34
C ASN I 28 45.61 -63.52 6.93
N SER I 29 45.68 -62.67 5.92
CA SER I 29 45.26 -63.04 4.57
C SER I 29 46.48 -63.17 3.67
N LYS I 30 46.53 -64.28 2.95
CA LYS I 30 47.41 -64.45 1.80
C LYS I 30 46.77 -63.96 0.52
N LEU I 31 45.61 -63.33 0.63
CA LEU I 31 44.84 -62.89 -0.52
C LEU I 31 44.84 -61.37 -0.56
N GLU I 32 45.09 -60.82 -1.72
CA GLU I 32 44.94 -59.39 -1.93
C GLU I 32 43.95 -59.19 -3.07
N ILE I 33 42.86 -58.51 -2.77
CA ILE I 33 41.82 -58.27 -3.75
C ILE I 33 42.26 -57.13 -4.65
N VAL I 34 42.44 -57.41 -5.93
CA VAL I 34 42.97 -56.41 -6.84
C VAL I 34 42.05 -56.09 -7.98
N GLY I 35 41.01 -56.88 -8.24
CA GLY I 35 40.13 -56.56 -9.34
C GLY I 35 38.68 -56.93 -9.09
N ILE I 36 37.76 -56.04 -9.46
CA ILE I 36 36.35 -56.36 -9.44
C ILE I 36 35.76 -55.91 -10.76
N ASN I 37 34.64 -56.49 -11.12
CA ASN I 37 33.87 -55.95 -12.23
C ASN I 37 32.39 -56.17 -12.02
N ASP I 38 31.63 -55.10 -12.17
CA ASP I 38 30.20 -55.16 -12.08
C ASP I 38 29.66 -54.48 -13.32
N THR I 39 28.37 -54.58 -13.53
CA THR I 39 27.72 -53.85 -14.61
C THR I 39 27.47 -52.40 -14.27
N SER I 40 27.91 -51.94 -13.10
CA SER I 40 27.77 -50.55 -12.72
C SER I 40 29.12 -49.84 -12.80
N ASP I 41 29.04 -48.52 -12.83
CA ASP I 41 30.22 -47.68 -12.77
C ASP I 41 30.88 -47.78 -11.41
N PRO I 42 32.17 -47.44 -11.32
CA PRO I 42 32.86 -47.50 -10.02
C PRO I 42 32.41 -46.45 -9.01
N ARG I 43 31.61 -45.47 -9.39
CA ARG I 43 31.14 -44.53 -8.39
C ARG I 43 30.01 -45.11 -7.56
N THR I 44 29.18 -45.95 -8.16
CA THR I 44 27.97 -46.41 -7.49
C THR I 44 28.27 -47.54 -6.51
N ASN I 45 29.06 -48.51 -6.93
CA ASN I 45 29.26 -49.69 -6.13
C ASN I 45 30.15 -49.42 -4.92
N ALA I 46 30.94 -48.35 -4.93
CA ALA I 46 31.63 -47.96 -3.71
C ALA I 46 30.64 -47.46 -2.68
N HIS I 47 29.63 -46.72 -3.12
CA HIS I 47 28.55 -46.32 -2.23
C HIS I 47 27.79 -47.52 -1.71
N LEU I 48 27.49 -48.48 -2.59
CA LEU I 48 26.81 -49.69 -2.16
C LEU I 48 27.67 -50.55 -1.24
N LEU I 49 28.98 -50.44 -1.36
CA LEU I 49 29.83 -51.14 -0.42
C LEU I 49 29.81 -50.46 0.93
N LYS I 50 29.86 -49.13 0.96
CA LYS I 50 29.95 -48.45 2.24
C LYS I 50 28.62 -48.49 2.98
N TYR I 51 27.53 -48.26 2.29
CA TYR I 51 26.22 -48.18 2.93
C TYR I 51 25.44 -49.41 2.53
N ASP I 52 25.59 -50.48 3.29
CA ASP I 52 24.78 -51.66 3.10
C ASP I 52 23.55 -51.52 3.96
N SER I 53 22.37 -51.70 3.37
CA SER I 53 21.15 -51.58 4.13
C SER I 53 20.83 -52.82 4.95
N MET I 54 21.74 -53.78 4.99
CA MET I 54 21.59 -54.97 5.80
C MET I 54 22.61 -55.07 6.90
N LEU I 55 23.85 -54.72 6.62
CA LEU I 55 24.91 -54.78 7.61
C LEU I 55 25.28 -53.40 8.13
N GLY I 56 24.45 -52.41 7.85
CA GLY I 56 24.71 -51.08 8.34
C GLY I 56 25.83 -50.40 7.58
N ILE I 57 26.23 -49.26 8.13
CA ILE I 57 27.32 -48.48 7.55
C ILE I 57 28.62 -49.15 7.95
N PHE I 58 29.52 -49.32 6.98
CA PHE I 58 30.83 -49.83 7.31
C PHE I 58 31.63 -48.78 8.06
N GLN I 59 32.40 -49.21 9.03
CA GLN I 59 32.96 -48.31 10.01
C GLN I 59 34.48 -48.31 10.09
N ASP I 60 35.13 -49.43 9.82
CA ASP I 60 36.53 -49.57 10.17
C ASP I 60 37.45 -48.81 9.22
N ALA I 61 37.15 -48.82 7.94
CA ALA I 61 38.02 -48.23 6.94
C ALA I 61 37.23 -47.27 6.07
N GLU I 62 37.95 -46.38 5.40
CA GLU I 62 37.31 -45.37 4.58
C GLU I 62 37.13 -45.87 3.16
N ILE I 63 35.96 -45.59 2.61
CA ILE I 63 35.60 -46.02 1.27
C ILE I 63 35.43 -44.79 0.41
N THR I 64 36.19 -44.72 -0.68
CA THR I 64 35.96 -43.69 -1.68
C THR I 64 36.32 -44.27 -3.03
N ALA I 65 35.97 -43.54 -4.08
CA ALA I 65 36.28 -44.00 -5.42
C ALA I 65 36.31 -42.84 -6.39
N ASP I 66 37.02 -43.06 -7.48
CA ASP I 66 36.85 -42.30 -8.70
C ASP I 66 36.58 -43.28 -9.83
N ASP I 67 36.52 -42.79 -11.05
CA ASP I 67 36.00 -43.60 -12.16
C ASP I 67 36.93 -44.71 -12.62
N ASP I 68 38.07 -44.95 -11.99
CA ASP I 68 38.95 -46.00 -12.47
C ASP I 68 39.41 -46.93 -11.36
N CYS I 69 39.43 -46.44 -10.12
CA CYS I 69 39.87 -47.26 -9.01
C CYS I 69 38.99 -46.97 -7.81
N ILE I 70 39.09 -47.83 -6.80
CA ILE I 70 38.36 -47.68 -5.55
C ILE I 70 39.35 -47.76 -4.41
N TYR I 71 39.36 -46.75 -3.56
CA TYR I 71 40.23 -46.69 -2.42
C TYR I 71 39.44 -47.14 -1.20
N ALA I 72 39.73 -48.34 -0.73
CA ALA I 72 39.15 -48.90 0.48
C ALA I 72 40.22 -48.83 1.56
N GLY I 73 40.07 -47.89 2.49
CA GLY I 73 40.98 -47.75 3.60
C GLY I 73 42.40 -47.43 3.22
N GLY I 74 42.59 -46.66 2.15
CA GLY I 74 43.89 -46.44 1.58
C GLY I 74 44.33 -47.51 0.61
N HIS I 75 43.80 -48.71 0.72
CA HIS I 75 44.15 -49.79 -0.19
C HIS I 75 43.44 -49.58 -1.52
N ALA I 76 44.19 -49.54 -2.60
CA ALA I 76 43.60 -49.34 -3.91
C ALA I 76 43.16 -50.67 -4.50
N VAL I 77 42.07 -50.65 -5.25
CA VAL I 77 41.62 -51.82 -5.99
C VAL I 77 41.11 -51.37 -7.35
N LYS I 78 41.48 -52.14 -8.38
CA LYS I 78 41.05 -51.84 -9.73
C LYS I 78 39.63 -52.29 -9.95
N CYS I 79 39.01 -51.73 -10.99
CA CYS I 79 37.61 -51.98 -11.27
C CYS I 79 37.31 -51.64 -12.71
N VAL I 80 36.49 -52.47 -13.34
CA VAL I 80 36.18 -52.38 -14.76
C VAL I 80 34.73 -52.81 -14.91
N SER I 81 34.19 -52.69 -16.12
CA SER I 81 32.81 -53.09 -16.37
C SER I 81 32.72 -53.73 -17.74
N ASP I 82 32.40 -55.01 -17.80
CA ASP I 82 32.15 -55.70 -19.05
C ASP I 82 31.33 -56.95 -18.78
N ARG I 83 30.41 -57.25 -19.67
CA ARG I 83 29.62 -58.46 -19.58
C ARG I 83 30.26 -59.63 -20.29
N ASN I 84 31.05 -59.38 -21.32
CA ASN I 84 31.83 -60.43 -21.95
C ASN I 84 32.99 -60.78 -21.04
N PRO I 85 33.11 -62.03 -20.58
CA PRO I 85 34.29 -62.40 -19.80
C PRO I 85 35.55 -62.53 -20.62
N GLU I 86 35.45 -62.54 -21.94
CA GLU I 86 36.61 -62.76 -22.79
C GLU I 86 37.39 -61.48 -23.04
N ASN I 87 36.83 -60.32 -22.79
CA ASN I 87 37.54 -59.06 -22.99
C ASN I 87 38.05 -58.50 -21.68
N LEU I 88 38.49 -59.37 -20.77
CA LEU I 88 38.80 -58.82 -19.48
C LEU I 88 40.29 -58.87 -19.17
N PRO I 89 40.81 -57.80 -18.59
CA PRO I 89 42.26 -57.73 -18.35
C PRO I 89 42.72 -58.60 -17.20
N TRP I 90 42.84 -59.91 -17.44
CA TRP I 90 43.28 -60.74 -16.33
C TRP I 90 44.79 -60.90 -16.29
N SER I 91 45.37 -61.31 -17.41
CA SER I 91 46.82 -61.41 -17.49
C SER I 91 47.47 -60.04 -17.41
N ALA I 92 46.76 -59.00 -17.82
CA ALA I 92 47.23 -57.63 -17.61
C ALA I 92 47.24 -57.24 -16.15
N TRP I 93 46.48 -57.93 -15.31
CA TRP I 93 46.46 -57.62 -13.90
C TRP I 93 47.12 -58.68 -13.04
N GLY I 94 47.45 -59.84 -13.61
CA GLY I 94 48.12 -60.87 -12.84
C GLY I 94 47.21 -61.56 -11.85
N ILE I 95 46.21 -62.28 -12.36
CA ILE I 95 45.13 -62.81 -11.54
C ILE I 95 45.29 -64.31 -11.41
N ASP I 96 45.50 -64.77 -10.18
CA ASP I 96 45.55 -66.20 -9.95
C ASP I 96 44.14 -66.78 -9.83
N LEU I 97 43.34 -66.20 -8.94
CA LEU I 97 42.03 -66.73 -8.61
C LEU I 97 40.99 -65.66 -8.82
N VAL I 98 39.99 -65.97 -9.63
CA VAL I 98 38.83 -65.12 -9.82
C VAL I 98 37.65 -65.79 -9.13
N ILE I 99 36.80 -64.98 -8.53
CA ILE I 99 35.69 -65.45 -7.73
C ILE I 99 34.43 -65.19 -8.53
N GLU I 100 33.92 -66.22 -9.16
CA GLU I 100 32.72 -66.07 -9.98
C GLU I 100 31.50 -65.95 -9.07
N ALA I 101 30.83 -64.81 -9.15
CA ALA I 101 29.68 -64.57 -8.31
C ALA I 101 28.57 -63.84 -9.06
N THR I 102 28.43 -64.08 -10.35
CA THR I 102 27.37 -63.43 -11.09
C THR I 102 26.10 -64.26 -11.15
N GLY I 103 26.17 -65.54 -10.84
CA GLY I 103 25.02 -66.39 -11.05
C GLY I 103 24.72 -66.66 -12.50
N VAL I 104 25.68 -66.41 -13.38
CA VAL I 104 25.49 -66.57 -14.80
C VAL I 104 26.34 -67.70 -15.37
N PHE I 105 27.54 -67.88 -14.85
CA PHE I 105 28.58 -68.65 -15.52
C PHE I 105 28.71 -70.04 -14.89
N THR I 106 27.57 -70.62 -14.53
CA THR I 106 27.54 -71.88 -13.78
C THR I 106 28.07 -73.07 -14.54
N SER I 107 28.08 -73.02 -15.87
CA SER I 107 28.64 -74.15 -16.61
C SER I 107 30.15 -74.15 -16.54
N ARG I 108 30.73 -75.30 -16.90
CA ARG I 108 32.18 -75.37 -17.05
C ARG I 108 32.65 -74.51 -18.21
N GLU I 109 31.91 -74.54 -19.32
CA GLU I 109 32.31 -73.77 -20.48
C GLU I 109 32.13 -72.28 -20.26
N GLY I 110 31.19 -71.90 -19.39
CA GLY I 110 31.01 -70.50 -19.09
C GLY I 110 32.12 -70.01 -18.18
N ALA I 111 32.40 -70.78 -17.13
CA ALA I 111 33.39 -70.35 -16.15
C ALA I 111 34.79 -70.44 -16.69
N SER I 112 35.03 -71.35 -17.64
CA SER I 112 36.35 -71.53 -18.22
C SER I 112 36.74 -70.40 -19.16
N LYS I 113 35.81 -69.49 -19.47
CA LYS I 113 36.13 -68.32 -20.26
C LYS I 113 37.12 -67.42 -19.55
N HIS I 114 37.07 -67.38 -18.21
CA HIS I 114 38.06 -66.62 -17.46
C HIS I 114 39.42 -67.30 -17.51
N LEU I 115 39.41 -68.63 -17.48
CA LEU I 115 40.67 -69.38 -17.60
C LEU I 115 41.29 -69.14 -18.96
N SER I 116 40.47 -69.08 -19.99
CA SER I 116 40.97 -68.79 -21.33
C SER I 116 41.46 -67.35 -21.42
N ALA I 117 40.74 -66.42 -20.80
CA ALA I 117 41.06 -65.01 -20.92
C ALA I 117 42.26 -64.60 -20.09
N GLY I 118 42.85 -65.51 -19.32
CA GLY I 118 44.10 -65.20 -18.67
C GLY I 118 44.06 -65.27 -17.16
N ALA I 119 43.17 -66.09 -16.60
CA ALA I 119 43.14 -66.31 -15.17
C ALA I 119 43.55 -67.75 -14.87
N LYS I 120 44.12 -67.95 -13.68
CA LYS I 120 44.71 -69.25 -13.37
C LYS I 120 43.75 -70.20 -12.67
N LYS I 121 43.00 -69.72 -11.69
CA LYS I 121 41.98 -70.55 -11.05
C LYS I 121 40.71 -69.75 -10.90
N VAL I 122 39.58 -70.45 -10.90
CA VAL I 122 38.28 -69.82 -10.72
C VAL I 122 37.54 -70.58 -9.62
N LEU I 123 36.99 -69.83 -8.68
CA LEU I 123 36.16 -70.38 -7.61
C LEU I 123 34.76 -69.81 -7.83
N ILE I 124 33.83 -70.65 -8.19
CA ILE I 124 32.49 -70.21 -8.51
C ILE I 124 31.57 -70.46 -7.32
N THR I 125 30.82 -69.44 -6.94
CA THR I 125 29.97 -69.48 -5.75
C THR I 125 28.54 -69.85 -6.13
N ALA I 126 28.40 -71.02 -6.75
CA ALA I 126 27.09 -71.50 -7.16
C ALA I 126 27.19 -72.99 -7.36
N PRO I 127 26.10 -73.72 -7.22
CA PRO I 127 26.11 -75.12 -7.65
C PRO I 127 26.15 -75.19 -9.16
N GLY I 128 27.30 -75.55 -9.71
CA GLY I 128 27.48 -75.46 -11.14
C GLY I 128 26.84 -76.62 -11.86
N LYS I 129 26.38 -76.35 -13.08
CA LYS I 129 25.98 -77.43 -13.97
C LYS I 129 27.20 -78.23 -14.39
N GLY I 130 26.99 -79.53 -14.57
CA GLY I 130 28.06 -80.40 -14.98
C GLY I 130 28.98 -80.77 -13.83
N ASN I 131 29.86 -81.71 -14.11
CA ASN I 131 30.72 -82.30 -13.09
C ASN I 131 31.86 -81.35 -12.75
N ILE I 132 31.50 -80.28 -12.04
CA ILE I 132 32.49 -79.36 -11.51
C ILE I 132 32.79 -79.83 -10.10
N PRO I 133 34.06 -79.88 -9.69
CA PRO I 133 34.39 -80.37 -8.34
C PRO I 133 33.93 -79.38 -7.28
N THR I 134 33.03 -79.84 -6.42
CA THR I 134 32.46 -79.00 -5.37
C THR I 134 33.09 -79.28 -4.03
N TYR I 135 33.28 -78.23 -3.24
CA TYR I 135 33.98 -78.34 -1.97
C TYR I 135 33.34 -77.44 -0.94
N VAL I 136 33.08 -78.00 0.24
CA VAL I 136 32.48 -77.29 1.36
C VAL I 136 33.51 -77.23 2.47
N VAL I 137 33.74 -76.03 3.01
CA VAL I 137 34.64 -75.89 4.14
C VAL I 137 34.03 -76.52 5.37
N GLY I 138 34.74 -77.44 5.98
CA GLY I 138 34.26 -78.16 7.13
C GLY I 138 33.84 -79.58 6.83
N VAL I 139 33.73 -79.96 5.56
CA VAL I 139 33.38 -81.32 5.23
C VAL I 139 34.51 -81.93 4.42
N ASN I 140 34.76 -81.37 3.24
CA ASN I 140 35.76 -81.91 2.35
C ASN I 140 36.56 -80.79 1.71
N HIS I 141 36.97 -79.81 2.50
CA HIS I 141 37.86 -78.78 1.98
C HIS I 141 39.30 -79.26 1.91
N HIS I 142 39.61 -80.47 2.35
CA HIS I 142 40.95 -81.00 2.24
C HIS I 142 41.17 -81.75 0.95
N THR I 143 40.14 -82.41 0.44
CA THR I 143 40.29 -83.43 -0.58
C THR I 143 40.25 -82.87 -1.98
N TYR I 144 40.60 -81.61 -2.18
CA TYR I 144 40.68 -81.06 -3.53
C TYR I 144 42.08 -81.24 -4.06
N ASP I 145 42.17 -81.57 -5.33
CA ASP I 145 43.46 -81.59 -5.98
C ASP I 145 43.80 -80.18 -6.46
N PRO I 146 45.00 -79.67 -6.16
CA PRO I 146 45.31 -78.29 -6.52
C PRO I 146 45.46 -78.03 -8.01
N SER I 147 45.49 -79.07 -8.85
CA SER I 147 45.38 -78.83 -10.28
C SER I 147 43.95 -78.58 -10.73
N GLU I 148 42.96 -78.85 -9.87
CA GLU I 148 41.58 -78.48 -10.20
C GLU I 148 41.48 -76.96 -10.05
N ASP I 149 41.56 -76.28 -11.18
CA ASP I 149 41.51 -74.83 -11.22
C ASP I 149 40.10 -74.28 -11.18
N ILE I 150 39.13 -75.07 -11.62
CA ILE I 150 37.73 -74.68 -11.62
C ILE I 150 36.99 -75.42 -10.52
N VAL I 151 36.89 -74.79 -9.36
CA VAL I 151 36.23 -75.41 -8.22
C VAL I 151 34.93 -74.68 -7.96
N SER I 152 34.02 -75.35 -7.28
CA SER I 152 32.72 -74.76 -6.98
C SER I 152 32.39 -74.93 -5.52
N ASN I 153 32.06 -73.84 -4.87
CA ASN I 153 31.33 -73.91 -3.62
C ASN I 153 29.87 -74.13 -3.96
N ALA I 154 29.17 -74.84 -3.09
CA ALA I 154 27.78 -75.18 -3.35
C ALA I 154 26.88 -73.99 -2.99
N SER I 155 25.58 -74.23 -2.95
CA SER I 155 24.69 -73.18 -2.48
C SER I 155 24.81 -73.00 -0.99
N CYS I 156 24.22 -71.90 -0.52
CA CYS I 156 24.22 -71.58 0.90
C CYS I 156 23.46 -72.60 1.71
N THR I 157 22.38 -73.15 1.15
CA THR I 157 21.61 -74.16 1.85
C THR I 157 22.42 -75.43 2.02
N THR I 158 23.11 -75.84 0.96
CA THR I 158 23.98 -77.00 1.05
C THR I 158 25.14 -76.74 1.99
N ASN I 159 25.67 -75.52 1.94
CA ASN I 159 26.80 -75.16 2.78
C ASN I 159 26.41 -75.13 4.25
N CYS I 160 25.16 -74.85 4.54
CA CYS I 160 24.71 -75.01 5.92
C CYS I 160 24.42 -76.45 6.27
N LEU I 161 23.76 -77.18 5.38
CA LEU I 161 23.17 -78.46 5.75
C LEU I 161 24.22 -79.55 5.84
N ALA I 162 25.19 -79.55 4.93
CA ALA I 162 26.16 -80.64 4.86
C ALA I 162 27.01 -80.91 6.09
N PRO I 163 27.42 -79.93 6.93
CA PRO I 163 28.13 -80.33 8.15
C PRO I 163 27.26 -81.09 9.14
N ILE I 164 25.99 -80.71 9.27
CA ILE I 164 25.08 -81.44 10.14
C ILE I 164 24.87 -82.85 9.62
N VAL I 165 24.75 -83.00 8.31
CA VAL I 165 24.56 -84.33 7.74
C VAL I 165 25.82 -85.15 7.88
N LYS I 166 26.99 -84.52 7.83
CA LYS I 166 28.23 -85.24 8.06
C LYS I 166 28.31 -85.76 9.49
N VAL I 167 27.95 -84.93 10.46
CA VAL I 167 28.01 -85.34 11.86
C VAL I 167 27.02 -86.46 12.12
N LEU I 168 25.78 -86.33 11.63
CA LEU I 168 24.79 -87.35 11.87
C LEU I 168 25.05 -88.62 11.08
N HIS I 169 25.74 -88.53 9.95
CA HIS I 169 26.05 -89.75 9.24
C HIS I 169 27.20 -90.49 9.89
N GLU I 170 28.16 -89.77 10.45
CA GLU I 170 29.25 -90.43 11.13
C GLU I 170 28.81 -91.03 12.46
N ALA I 171 27.93 -90.32 13.17
CA ALA I 171 27.58 -90.80 14.50
C ALA I 171 26.49 -91.86 14.46
N PHE I 172 25.58 -91.78 13.49
CA PHE I 172 24.40 -92.65 13.53
C PHE I 172 24.21 -93.45 12.27
N GLY I 173 24.62 -92.91 11.14
CA GLY I 173 24.33 -93.57 9.88
C GLY I 173 22.96 -93.18 9.39
N ILE I 174 22.88 -92.79 8.13
CA ILE I 174 21.66 -92.23 7.56
C ILE I 174 21.17 -93.15 6.45
N GLN I 175 19.89 -93.52 6.51
CA GLN I 175 19.30 -94.22 5.38
C GLN I 175 18.77 -93.22 4.36
N GLN I 176 17.84 -92.37 4.76
CA GLN I 176 17.26 -91.38 3.88
C GLN I 176 17.21 -90.05 4.61
N GLY I 177 16.90 -89.00 3.86
CA GLY I 177 16.78 -87.71 4.50
C GLY I 177 16.12 -86.64 3.65
N MET I 178 15.16 -85.95 4.24
CA MET I 178 14.47 -84.81 3.64
C MET I 178 14.99 -83.52 4.25
N MET I 179 14.70 -82.42 3.57
CA MET I 179 14.93 -81.12 4.15
C MET I 179 13.92 -80.13 3.60
N THR I 180 13.68 -79.07 4.33
CA THR I 180 12.78 -78.02 3.85
C THR I 180 13.29 -76.71 4.43
N THR I 181 14.05 -75.98 3.64
CA THR I 181 14.66 -74.76 4.13
C THR I 181 13.69 -73.60 3.93
N THR I 182 13.44 -72.88 5.03
CA THR I 182 12.68 -71.64 4.99
C THR I 182 13.68 -70.54 4.69
N HIS I 183 13.68 -70.08 3.45
CA HIS I 183 14.79 -69.35 2.87
C HIS I 183 14.42 -67.88 2.80
N SER I 184 15.41 -67.01 3.01
CA SER I 184 15.13 -65.60 2.83
C SER I 184 15.03 -65.28 1.36
N TYR I 185 14.35 -64.21 1.01
CA TYR I 185 14.18 -63.92 -0.40
C TYR I 185 15.47 -63.39 -0.99
N THR I 186 15.79 -63.87 -2.18
CA THR I 186 17.01 -63.53 -2.88
C THR I 186 16.70 -62.55 -4.00
N GLY I 187 17.76 -62.10 -4.67
CA GLY I 187 17.59 -61.07 -5.68
C GLY I 187 16.94 -61.53 -6.95
N ASP I 188 16.83 -62.84 -7.16
CA ASP I 188 16.27 -63.34 -8.41
C ASP I 188 14.77 -63.13 -8.53
N GLN I 189 14.08 -63.00 -7.42
CA GLN I 189 12.64 -62.85 -7.46
C GLN I 189 12.26 -61.45 -7.88
N ARG I 190 11.21 -61.34 -8.66
CA ARG I 190 10.77 -60.03 -9.06
C ARG I 190 10.01 -59.39 -7.91
N LEU I 191 10.12 -58.08 -7.80
CA LEU I 191 9.54 -57.36 -6.68
C LEU I 191 8.03 -57.33 -6.77
N LEU I 192 7.49 -56.74 -7.81
CA LEU I 192 6.09 -56.93 -8.07
C LEU I 192 5.93 -58.09 -9.03
N ASP I 193 4.69 -58.39 -9.37
CA ASP I 193 4.44 -59.55 -10.21
C ASP I 193 4.88 -59.26 -11.63
N ALA I 194 6.10 -59.63 -11.96
CA ALA I 194 6.66 -59.35 -13.27
C ALA I 194 7.02 -60.64 -13.97
N SER I 195 7.30 -60.50 -15.26
CA SER I 195 7.55 -61.66 -16.10
C SER I 195 8.88 -62.29 -15.77
N HIS I 196 8.89 -63.62 -15.66
CA HIS I 196 10.07 -64.31 -15.19
C HIS I 196 10.06 -65.70 -15.78
N ARG I 197 11.25 -66.31 -15.86
CA ARG I 197 11.37 -67.60 -16.52
C ARG I 197 10.65 -68.70 -15.76
N ASP I 198 10.76 -68.73 -14.44
CA ASP I 198 10.00 -69.65 -13.62
C ASP I 198 8.83 -68.91 -12.99
N LEU I 199 7.68 -69.58 -12.95
CA LEU I 199 6.43 -68.92 -12.58
C LEU I 199 6.35 -68.66 -11.10
N ARG I 200 6.90 -69.54 -10.27
CA ARG I 200 6.83 -69.33 -8.84
C ARG I 200 7.83 -68.30 -8.34
N ARG I 201 8.80 -67.93 -9.16
CA ARG I 201 9.63 -66.79 -8.81
C ARG I 201 9.13 -65.53 -9.48
N ALA I 202 8.11 -65.62 -10.30
CA ALA I 202 7.59 -64.44 -10.96
C ALA I 202 6.73 -63.59 -10.05
N ARG I 203 6.34 -64.11 -8.91
CA ARG I 203 5.34 -63.42 -8.10
C ARG I 203 6.05 -62.52 -7.09
N ALA I 204 5.27 -61.80 -6.31
CA ALA I 204 5.83 -60.75 -5.46
C ALA I 204 6.58 -61.35 -4.29
N ALA I 205 7.72 -60.75 -3.97
CA ALA I 205 8.58 -61.31 -2.95
C ALA I 205 8.21 -60.85 -1.56
N ALA I 206 7.80 -59.59 -1.41
CA ALA I 206 7.49 -59.09 -0.08
C ALA I 206 6.14 -59.59 0.43
N MET I 207 5.34 -60.17 -0.43
CA MET I 207 3.98 -60.53 -0.10
C MET I 207 3.80 -62.00 0.22
N ASN I 208 4.67 -62.86 -0.29
CA ASN I 208 4.30 -64.25 -0.49
C ASN I 208 5.31 -65.21 0.08
N ILE I 209 4.81 -66.32 0.61
CA ILE I 209 5.60 -67.53 0.74
C ILE I 209 5.61 -68.16 -0.63
N VAL I 210 6.69 -68.03 -1.38
CA VAL I 210 6.78 -68.69 -2.68
C VAL I 210 7.59 -69.97 -2.49
N PRO I 211 7.07 -71.11 -2.91
CA PRO I 211 7.85 -72.34 -2.81
C PRO I 211 8.68 -72.51 -4.07
N THR I 212 9.75 -73.27 -3.93
CA THR I 212 10.56 -73.59 -5.08
C THR I 212 11.19 -74.95 -4.87
N SER I 213 11.44 -75.63 -5.98
CA SER I 213 12.14 -76.90 -5.95
C SER I 213 13.61 -76.64 -6.15
N THR I 214 14.43 -77.24 -5.30
CA THR I 214 15.87 -77.10 -5.44
C THR I 214 16.52 -78.47 -5.45
N GLY I 215 17.64 -78.54 -6.14
CA GLY I 215 18.51 -79.69 -6.10
C GLY I 215 19.68 -79.51 -5.18
N ALA I 216 19.69 -78.44 -4.39
CA ALA I 216 20.81 -78.17 -3.51
C ALA I 216 20.87 -79.14 -2.34
N ALA I 217 19.77 -79.84 -2.05
CA ALA I 217 19.86 -80.96 -1.13
C ALA I 217 20.66 -82.11 -1.72
N LYS I 218 20.56 -82.31 -3.03
CA LYS I 218 21.31 -83.38 -3.66
C LYS I 218 22.80 -83.09 -3.73
N ALA I 219 23.19 -81.82 -3.59
CA ALA I 219 24.60 -81.48 -3.60
C ALA I 219 25.34 -82.00 -2.37
N VAL I 220 24.60 -82.31 -1.30
CA VAL I 220 25.20 -83.02 -0.19
C VAL I 220 25.64 -84.40 -0.64
N GLY I 221 24.86 -85.02 -1.53
CA GLY I 221 25.27 -86.28 -2.13
C GLY I 221 26.48 -86.17 -3.02
N LEU I 222 26.79 -84.98 -3.50
CA LEU I 222 28.08 -84.79 -4.15
C LEU I 222 29.19 -84.68 -3.11
N VAL I 223 29.02 -83.80 -2.12
CA VAL I 223 30.12 -83.60 -1.20
C VAL I 223 30.25 -84.72 -0.18
N ILE I 224 29.19 -85.49 0.05
CA ILE I 224 29.29 -86.77 0.75
C ILE I 224 28.87 -87.86 -0.23
N PRO I 225 29.79 -88.69 -0.71
CA PRO I 225 29.49 -89.54 -1.86
C PRO I 225 28.55 -90.68 -1.56
N GLU I 226 28.60 -91.24 -0.36
CA GLU I 226 27.81 -92.42 -0.05
C GLU I 226 26.36 -92.12 0.30
N LEU I 227 25.92 -90.87 0.15
CA LEU I 227 24.53 -90.51 0.40
C LEU I 227 23.85 -89.94 -0.84
N GLN I 228 24.47 -90.08 -2.00
CA GLN I 228 23.91 -89.51 -3.22
C GLN I 228 22.67 -90.28 -3.64
N GLY I 229 21.67 -89.54 -4.08
CA GLY I 229 20.39 -90.15 -4.40
C GLY I 229 19.55 -90.50 -3.19
N LYS I 230 19.92 -90.00 -2.02
CA LYS I 230 19.18 -90.26 -0.80
C LYS I 230 18.72 -89.00 -0.10
N LEU I 231 19.07 -87.83 -0.63
CA LEU I 231 18.75 -86.56 0.02
C LEU I 231 18.05 -85.66 -0.96
N ASN I 232 16.87 -85.17 -0.58
CA ASN I 232 16.13 -84.31 -1.48
C ASN I 232 15.28 -83.38 -0.63
N GLY I 233 14.96 -82.22 -1.19
CA GLY I 233 14.17 -81.28 -0.42
C GLY I 233 13.77 -80.07 -1.21
N ILE I 234 12.83 -79.32 -0.65
CA ILE I 234 12.29 -78.13 -1.30
C ILE I 234 12.69 -76.90 -0.49
N ALA I 235 12.35 -75.72 -1.00
CA ALA I 235 12.68 -74.48 -0.31
C ALA I 235 11.47 -73.59 -0.27
N LEU I 236 11.37 -72.78 0.78
CA LEU I 236 10.28 -71.84 0.96
C LEU I 236 10.90 -70.46 1.14
N ARG I 237 10.56 -69.55 0.25
CA ARG I 237 11.05 -68.20 0.30
C ARG I 237 9.99 -67.35 0.98
N VAL I 238 10.33 -66.76 2.10
CA VAL I 238 9.38 -65.99 2.90
C VAL I 238 9.91 -64.57 2.98
N PRO I 239 9.05 -63.61 3.21
CA PRO I 239 9.53 -62.21 3.22
C PRO I 239 10.39 -61.80 4.39
N THR I 240 11.53 -62.43 4.58
CA THR I 240 12.57 -61.90 5.42
C THR I 240 13.79 -61.59 4.56
N PRO I 241 14.45 -60.49 4.78
CA PRO I 241 15.49 -60.09 3.84
C PRO I 241 16.79 -60.83 4.01
N ASN I 242 17.20 -61.23 5.20
CA ASN I 242 18.59 -61.63 5.35
C ASN I 242 18.78 -63.10 5.68
N VAL I 243 18.25 -63.59 6.79
CA VAL I 243 18.73 -64.83 7.38
C VAL I 243 17.70 -65.90 7.08
N SER I 244 18.07 -67.16 7.27
CA SER I 244 17.13 -68.21 6.94
C SER I 244 17.34 -69.39 7.88
N VAL I 245 16.40 -70.32 7.85
CA VAL I 245 16.48 -71.51 8.67
C VAL I 245 16.19 -72.71 7.79
N VAL I 246 16.84 -73.82 8.09
CA VAL I 246 16.67 -75.04 7.33
C VAL I 246 16.18 -76.14 8.26
N ASP I 247 15.07 -76.76 7.88
CA ASP I 247 14.57 -77.95 8.54
C ASP I 247 15.22 -79.15 7.89
N PHE I 248 15.49 -80.18 8.70
CA PHE I 248 16.14 -81.36 8.18
C PHE I 248 15.60 -82.59 8.88
N VAL I 249 14.97 -83.46 8.11
CA VAL I 249 14.43 -84.72 8.58
C VAL I 249 15.28 -85.83 8.03
N ALA I 250 15.97 -86.55 8.91
CA ALA I 250 16.73 -87.71 8.52
C ALA I 250 16.11 -88.95 9.11
N GLN I 251 16.32 -90.07 8.43
CA GLN I 251 15.92 -91.37 8.90
C GLN I 251 17.20 -92.13 9.22
N VAL I 252 17.64 -92.01 10.47
CA VAL I 252 18.82 -92.75 10.91
C VAL I 252 18.42 -94.19 11.17
N GLU I 253 19.40 -95.07 11.29
CA GLU I 253 19.16 -96.46 11.59
C GLU I 253 19.65 -96.89 12.95
N LYS I 254 20.66 -96.25 13.51
CA LYS I 254 21.02 -96.51 14.88
C LYS I 254 20.12 -95.69 15.78
N PRO I 255 19.25 -96.32 16.57
CA PRO I 255 18.24 -95.55 17.30
C PRO I 255 18.83 -94.77 18.45
N THR I 256 18.15 -93.67 18.79
CA THR I 256 18.63 -92.73 19.79
C THR I 256 17.47 -91.85 20.24
N ILE I 257 17.78 -90.88 21.09
CA ILE I 257 16.80 -89.91 21.57
C ILE I 257 17.22 -88.49 21.22
N ALA I 258 16.38 -87.54 21.57
CA ALA I 258 16.58 -86.15 21.16
C ALA I 258 17.73 -85.51 21.90
N GLU I 259 18.02 -85.95 23.11
CA GLU I 259 19.09 -85.32 23.87
C GLU I 259 20.45 -85.75 23.34
N GLN I 260 20.55 -86.98 22.84
CA GLN I 260 21.83 -87.53 22.47
C GLN I 260 22.36 -86.91 21.20
N VAL I 261 21.49 -86.61 20.24
CA VAL I 261 21.94 -85.96 19.02
C VAL I 261 22.39 -84.54 19.30
N ASN I 262 21.75 -83.88 20.27
CA ASN I 262 22.21 -82.57 20.70
C ASN I 262 23.57 -82.66 21.36
N GLN I 263 23.79 -83.71 22.14
CA GLN I 263 25.10 -83.92 22.77
C GLN I 263 26.18 -84.17 21.71
N VAL I 264 25.85 -84.96 20.69
CA VAL I 264 26.79 -85.28 19.62
C VAL I 264 27.18 -84.03 18.87
N ILE I 265 26.18 -83.22 18.50
CA ILE I 265 26.49 -82.02 17.75
C ILE I 265 27.16 -80.97 18.63
N LYS I 266 26.88 -80.99 19.94
CA LYS I 266 27.54 -80.05 20.83
C LYS I 266 29.01 -80.36 20.98
N GLU I 267 29.37 -81.64 21.09
CA GLU I 267 30.80 -81.94 21.17
C GLU I 267 31.47 -81.83 19.81
N ALA I 268 30.73 -82.05 18.73
CA ALA I 268 31.30 -81.85 17.40
C ALA I 268 31.51 -80.37 17.11
N SER I 269 30.75 -79.50 17.77
CA SER I 269 30.97 -78.07 17.68
C SER I 269 32.26 -77.66 18.35
N GLU I 270 32.76 -78.46 19.28
CA GLU I 270 33.92 -78.09 20.06
C GLU I 270 35.16 -78.88 19.71
N THR I 271 35.04 -79.94 18.90
CA THR I 271 36.22 -80.69 18.51
C THR I 271 36.59 -80.49 17.04
N THR I 272 35.67 -80.78 16.14
CA THR I 272 35.99 -80.82 14.72
C THR I 272 35.35 -79.70 13.93
N MET I 273 34.08 -79.42 14.16
CA MET I 273 33.34 -78.42 13.41
C MET I 273 33.42 -77.05 14.04
N LYS I 274 34.49 -76.79 14.79
CA LYS I 274 34.65 -75.50 15.45
C LYS I 274 34.85 -74.41 14.42
N GLY I 275 34.06 -73.35 14.54
CA GLY I 275 34.02 -72.33 13.53
C GLY I 275 33.11 -72.62 12.37
N ILE I 276 32.57 -73.82 12.29
CA ILE I 276 31.61 -74.16 11.25
C ILE I 276 30.23 -74.20 11.86
N ILE I 277 30.06 -75.05 12.87
CA ILE I 277 28.77 -75.23 13.54
C ILE I 277 28.86 -74.60 14.90
N HIS I 278 27.99 -73.66 15.17
CA HIS I 278 27.81 -73.15 16.52
C HIS I 278 26.60 -73.84 17.13
N TYR I 279 26.61 -73.96 18.45
CA TYR I 279 25.53 -74.63 19.16
C TYR I 279 24.92 -73.65 20.15
N SER I 280 23.61 -73.46 20.05
CA SER I 280 22.92 -72.44 20.83
C SER I 280 21.74 -73.06 21.57
N GLU I 281 21.79 -73.00 22.91
CA GLU I 281 20.68 -73.39 23.75
C GLU I 281 19.89 -72.19 24.24
N LEU I 282 19.79 -71.16 23.41
CA LEU I 282 18.99 -69.99 23.72
C LEU I 282 17.72 -70.05 22.90
N GLU I 283 16.71 -69.30 23.34
CA GLU I 283 15.49 -69.17 22.57
C GLU I 283 15.56 -67.93 21.67
N LEU I 284 16.53 -67.93 20.77
CA LEU I 284 16.69 -66.81 19.89
C LEU I 284 15.71 -66.90 18.73
N VAL I 285 15.70 -65.85 17.91
CA VAL I 285 14.88 -65.76 16.72
C VAL I 285 15.80 -65.37 15.59
N SER I 286 15.22 -65.12 14.42
CA SER I 286 15.97 -65.06 13.17
C SER I 286 16.98 -63.93 13.16
N SER I 287 16.53 -62.72 13.50
CA SER I 287 17.37 -61.55 13.37
C SER I 287 18.51 -61.49 14.37
N ASP I 288 18.59 -62.42 15.30
CA ASP I 288 19.78 -62.50 16.11
C ASP I 288 20.87 -63.32 15.47
N TYR I 289 20.74 -63.63 14.19
CA TYR I 289 21.81 -64.32 13.47
C TYR I 289 22.27 -63.52 12.27
N ARG I 290 21.96 -62.24 12.21
CA ARG I 290 22.52 -61.41 11.15
C ARG I 290 23.98 -61.15 11.46
N GLY I 291 24.86 -61.73 10.67
CA GLY I 291 26.28 -61.51 10.87
C GLY I 291 26.96 -62.52 11.75
N HIS I 292 26.35 -63.66 11.98
CA HIS I 292 27.00 -64.69 12.77
C HIS I 292 28.06 -65.36 11.91
N ASN I 293 29.16 -65.78 12.55
CA ASN I 293 30.29 -66.29 11.78
C ASN I 293 30.15 -67.76 11.41
N ALA I 294 29.39 -68.53 12.16
CA ALA I 294 29.25 -69.94 11.87
C ALA I 294 28.33 -70.16 10.68
N SER I 295 28.56 -71.24 9.97
CA SER I 295 27.76 -71.57 8.79
C SER I 295 26.53 -72.39 9.12
N SER I 296 26.32 -72.72 10.40
CA SER I 296 25.09 -73.37 10.85
C SER I 296 25.01 -73.18 12.34
N ILE I 297 23.96 -72.55 12.82
CA ILE I 297 23.68 -72.52 14.23
C ILE I 297 22.58 -73.53 14.47
N LEU I 298 22.89 -74.60 15.18
CA LEU I 298 21.88 -75.59 15.49
C LEU I 298 20.96 -75.07 16.58
N ASP I 299 19.67 -75.08 16.31
CA ASP I 299 18.70 -74.64 17.31
C ASP I 299 18.39 -75.84 18.20
N ALA I 300 18.68 -75.71 19.48
CA ALA I 300 18.71 -76.88 20.34
C ALA I 300 17.33 -77.31 20.78
N SER I 301 16.45 -76.35 21.07
CA SER I 301 15.17 -76.65 21.70
C SER I 301 14.18 -77.33 20.77
N LEU I 302 14.48 -77.42 19.48
CA LEU I 302 13.51 -77.94 18.53
C LEU I 302 13.89 -79.29 17.98
N THR I 303 15.02 -79.85 18.41
CA THR I 303 15.46 -81.13 17.90
C THR I 303 14.55 -82.23 18.42
N MET I 304 14.05 -83.09 17.53
CA MET I 304 13.16 -84.12 18.04
C MET I 304 13.33 -85.42 17.28
N VAL I 305 13.02 -86.52 17.99
CA VAL I 305 13.19 -87.88 17.49
C VAL I 305 11.90 -88.61 17.74
N LEU I 306 11.32 -89.19 16.69
CA LEU I 306 10.13 -90.03 16.84
C LEU I 306 10.47 -91.46 16.46
N GLY I 307 10.09 -92.40 17.32
CA GLY I 307 10.32 -93.79 17.05
C GLY I 307 11.77 -94.22 17.09
N GLY I 308 12.67 -93.40 17.62
CA GLY I 308 14.05 -93.78 17.74
C GLY I 308 14.87 -93.58 16.48
N ASN I 309 14.28 -93.80 15.31
CA ASN I 309 15.00 -93.85 14.05
C ASN I 309 14.58 -92.74 13.09
N LEU I 310 14.11 -91.62 13.62
CA LEU I 310 13.61 -90.54 12.77
C LEU I 310 13.88 -89.22 13.48
N VAL I 311 14.84 -88.46 12.97
CA VAL I 311 15.35 -87.28 13.64
C VAL I 311 15.03 -86.05 12.80
N LYS I 312 14.76 -84.95 13.50
CA LYS I 312 14.56 -83.65 12.90
C LYS I 312 15.40 -82.62 13.64
N VAL I 313 16.22 -81.91 12.88
CA VAL I 313 16.95 -80.76 13.39
C VAL I 313 16.56 -79.55 12.57
N VAL I 314 16.80 -78.38 13.14
CA VAL I 314 16.67 -77.13 12.42
C VAL I 314 17.93 -76.31 12.65
N ALA I 315 18.33 -75.57 11.63
CA ALA I 315 19.58 -74.85 11.69
C ALA I 315 19.39 -73.46 11.16
N TRP I 316 19.68 -72.47 11.98
CA TRP I 316 19.75 -71.11 11.49
C TRP I 316 21.02 -70.95 10.69
N TYR I 317 20.96 -70.17 9.61
CA TYR I 317 22.17 -69.83 8.88
C TYR I 317 21.92 -68.56 8.10
N ASP I 318 22.96 -67.76 7.99
CA ASP I 318 22.90 -66.51 7.25
C ASP I 318 23.43 -66.77 5.85
N ASN I 319 22.57 -66.64 4.86
CA ASN I 319 22.98 -66.98 3.52
C ASN I 319 23.67 -65.82 2.81
N GLU I 320 23.92 -64.72 3.49
CA GLU I 320 24.66 -63.64 2.89
C GLU I 320 25.97 -63.35 3.58
N TRP I 321 26.12 -63.70 4.84
CA TRP I 321 27.35 -63.42 5.55
C TRP I 321 28.18 -64.67 5.80
N GLY I 322 27.55 -65.71 6.37
CA GLY I 322 28.27 -66.94 6.62
C GLY I 322 28.70 -67.64 5.35
N TYR I 323 27.90 -67.53 4.30
CA TYR I 323 28.31 -68.13 3.03
C TYR I 323 29.50 -67.40 2.45
N SER I 324 29.54 -66.08 2.60
CA SER I 324 30.71 -65.32 2.19
C SER I 324 31.92 -65.68 3.02
N GLN I 325 31.72 -65.94 4.31
CA GLN I 325 32.81 -66.40 5.16
C GLN I 325 33.36 -67.73 4.69
N ARG I 326 32.49 -68.64 4.27
CA ARG I 326 32.99 -69.92 3.81
C ARG I 326 33.67 -69.80 2.45
N VAL I 327 33.20 -68.87 1.62
CA VAL I 327 33.88 -68.59 0.35
C VAL I 327 35.28 -68.08 0.60
N LEU I 328 35.43 -67.16 1.53
CA LEU I 328 36.74 -66.60 1.81
C LEU I 328 37.64 -67.61 2.50
N ASP I 329 37.07 -68.48 3.32
CA ASP I 329 37.87 -69.52 3.94
C ASP I 329 38.35 -70.54 2.92
N LEU I 330 37.50 -70.87 1.95
CA LEU I 330 37.92 -71.77 0.88
C LEU I 330 38.97 -71.12 0.00
N ALA I 331 38.86 -69.82 -0.22
CA ALA I 331 39.84 -69.12 -1.04
C ALA I 331 41.19 -69.07 -0.34
N GLU I 332 41.21 -68.75 0.95
CA GLU I 332 42.46 -68.81 1.70
C GLU I 332 43.01 -70.22 1.80
N HIS I 333 42.15 -71.23 1.88
CA HIS I 333 42.63 -72.59 1.98
C HIS I 333 43.17 -73.09 0.67
N MET I 334 42.71 -72.55 -0.45
CA MET I 334 43.36 -72.85 -1.71
C MET I 334 44.57 -71.98 -1.94
N ALA I 335 44.68 -70.86 -1.26
CA ALA I 335 45.92 -70.10 -1.30
C ALA I 335 47.02 -70.80 -0.52
N ALA I 336 46.66 -71.43 0.60
CA ALA I 336 47.65 -72.12 1.42
C ALA I 336 48.17 -73.38 0.76
N HIS I 337 47.45 -73.92 -0.21
CA HIS I 337 47.96 -75.07 -0.96
C HIS I 337 48.03 -74.72 -2.43
N TRP I 338 48.57 -73.55 -2.74
CA TRP I 338 48.78 -73.16 -4.12
C TRP I 338 49.78 -74.08 -4.78
N ALA I 339 49.50 -74.45 -6.02
CA ALA I 339 50.42 -75.25 -6.82
C ALA I 339 50.71 -74.54 -8.14
N ARG J 7 -18.35 10.68 -32.13
CA ARG J 7 -19.31 9.64 -31.79
C ARG J 7 -20.66 10.23 -31.42
N VAL J 8 -21.68 9.39 -31.46
CA VAL J 8 -23.03 9.78 -31.09
C VAL J 8 -23.49 8.84 -29.99
N VAL J 9 -23.90 9.40 -28.86
CA VAL J 9 -24.46 8.61 -27.77
C VAL J 9 -25.94 8.96 -27.66
N LEU J 10 -26.69 8.09 -26.99
CA LEU J 10 -28.13 8.26 -26.98
C LEU J 10 -28.71 7.82 -25.64
N ILE J 11 -29.65 8.62 -25.13
CA ILE J 11 -30.24 8.44 -23.82
C ILE J 11 -31.76 8.50 -23.94
N GLY J 12 -32.43 7.44 -23.51
CA GLY J 12 -33.88 7.35 -23.60
C GLY J 12 -34.53 7.55 -22.24
N VAL J 13 -35.47 8.49 -22.18
CA VAL J 13 -36.22 8.81 -20.98
C VAL J 13 -37.69 8.55 -21.28
N ALA J 14 -38.39 7.90 -20.36
CA ALA J 14 -39.79 7.58 -20.59
C ALA J 14 -40.63 8.02 -19.41
N GLY J 15 -41.67 8.82 -19.67
CA GLY J 15 -42.59 9.24 -18.63
C GLY J 15 -43.61 10.24 -19.13
N ASP J 16 -44.76 10.34 -18.48
CA ASP J 16 -45.80 11.28 -18.89
C ASP J 16 -45.77 12.57 -18.06
N SER J 17 -44.58 13.00 -17.66
CA SER J 17 -44.40 14.24 -16.91
C SER J 17 -44.38 15.47 -17.79
N GLY J 18 -44.76 15.35 -19.06
CA GLY J 18 -44.64 16.44 -20.00
C GLY J 18 -43.25 16.48 -20.58
N CYS J 19 -43.14 16.58 -21.90
CA CYS J 19 -41.82 16.51 -22.52
C CYS J 19 -41.08 17.83 -22.29
N GLY J 20 -39.89 17.73 -21.70
CA GLY J 20 -39.20 18.92 -21.25
C GLY J 20 -39.86 19.60 -20.07
N LYS J 21 -40.69 18.87 -19.31
CA LYS J 21 -41.45 19.45 -18.22
C LYS J 21 -41.17 18.74 -16.90
N SER J 22 -40.04 18.06 -16.81
CA SER J 22 -39.63 17.39 -15.59
C SER J 22 -38.24 17.84 -15.20
N THR J 23 -37.99 17.84 -13.90
CA THR J 23 -36.75 18.38 -13.38
C THR J 23 -35.57 17.44 -13.54
N PHE J 24 -35.81 16.20 -13.95
CA PHE J 24 -34.69 15.29 -14.23
C PHE J 24 -33.87 15.79 -15.40
N LEU J 25 -34.54 16.37 -16.39
CA LEU J 25 -33.81 17.02 -17.48
C LEU J 25 -33.06 18.23 -16.99
N ARG J 26 -33.59 18.91 -15.98
CA ARG J 26 -32.90 20.07 -15.41
C ARG J 26 -31.65 19.63 -14.68
N ARG J 27 -31.71 18.49 -13.99
CA ARG J 27 -30.54 17.99 -13.28
C ARG J 27 -29.50 17.48 -14.27
N LEU J 28 -29.96 16.89 -15.38
CA LEU J 28 -29.03 16.55 -16.46
C LEU J 28 -28.41 17.78 -17.08
N ALA J 29 -29.16 18.88 -17.15
CA ALA J 29 -28.60 20.12 -17.67
C ALA J 29 -27.55 20.67 -16.74
N ASP J 30 -27.79 20.58 -15.43
CA ASP J 30 -26.78 20.98 -14.46
C ASP J 30 -25.57 20.06 -14.50
N LEU J 31 -25.75 18.82 -14.92
CA LEU J 31 -24.65 17.87 -14.92
C LEU J 31 -23.80 17.97 -16.19
N PHE J 32 -24.42 17.75 -17.33
CA PHE J 32 -23.71 17.84 -18.61
C PHE J 32 -23.56 19.29 -19.04
N GLY J 33 -24.67 19.95 -19.30
CA GLY J 33 -24.69 21.25 -19.95
C GLY J 33 -25.42 21.14 -21.29
N GLU J 34 -26.17 22.19 -21.62
CA GLU J 34 -26.92 22.22 -22.87
C GLU J 34 -26.01 22.47 -24.07
N ASP J 35 -24.75 22.82 -23.82
CA ASP J 35 -23.76 22.78 -24.87
C ASP J 35 -23.47 21.35 -25.31
N PHE J 36 -23.32 20.43 -24.35
CA PHE J 36 -22.92 19.08 -24.72
C PHE J 36 -24.12 18.22 -25.11
N MET J 37 -25.32 18.55 -24.64
CA MET J 37 -26.49 17.77 -24.99
C MET J 37 -27.58 18.64 -25.59
N THR J 38 -28.45 17.99 -26.36
CA THR J 38 -29.63 18.63 -26.89
C THR J 38 -30.85 17.83 -26.47
N VAL J 39 -32.00 18.49 -26.45
CA VAL J 39 -33.24 17.89 -25.99
C VAL J 39 -34.14 17.65 -27.19
N ILE J 40 -34.74 16.47 -27.25
CA ILE J 40 -35.70 16.11 -28.30
C ILE J 40 -36.99 15.67 -27.63
N CYS J 41 -38.03 16.48 -27.72
CA CYS J 41 -39.36 16.00 -27.34
C CYS J 41 -39.85 15.00 -28.37
N LEU J 42 -40.76 14.12 -27.92
CA LEU J 42 -41.29 13.09 -28.80
C LEU J 42 -42.79 13.19 -29.01
N ASP J 43 -43.42 14.28 -28.56
CA ASP J 43 -44.75 14.60 -29.04
C ASP J 43 -44.73 15.21 -30.43
N ASP J 44 -43.56 15.54 -30.95
CA ASP J 44 -43.46 16.16 -32.27
C ASP J 44 -43.77 15.20 -33.41
N TYR J 45 -43.59 13.90 -33.21
CA TYR J 45 -43.80 12.94 -34.28
C TYR J 45 -45.22 12.41 -34.33
N HIS J 46 -46.19 13.19 -33.86
CA HIS J 46 -47.58 12.79 -33.95
C HIS J 46 -48.03 12.72 -35.40
N SER J 47 -48.91 11.77 -35.70
CA SER J 47 -49.38 11.60 -37.06
C SER J 47 -50.30 12.74 -37.45
N LEU J 48 -51.42 12.90 -36.76
CA LEU J 48 -52.34 13.98 -37.05
C LEU J 48 -52.80 14.61 -35.74
N ASP J 49 -53.71 15.57 -35.88
CA ASP J 49 -53.96 16.56 -34.85
C ASP J 49 -55.05 16.13 -33.88
N ARG J 50 -55.34 17.02 -32.92
CA ARG J 50 -56.41 16.80 -31.94
C ARG J 50 -57.78 16.84 -32.59
N LYS J 51 -57.89 17.51 -33.72
CA LYS J 51 -59.08 17.38 -34.56
C LYS J 51 -59.22 15.94 -35.05
N GLN J 52 -58.14 15.39 -35.61
CA GLN J 52 -58.20 13.99 -36.05
C GLN J 52 -58.15 13.03 -34.89
N ARG J 53 -57.68 13.45 -33.72
CA ARG J 53 -57.85 12.62 -32.53
C ARG J 53 -59.32 12.53 -32.16
N LYS J 54 -60.05 13.62 -32.33
CA LYS J 54 -61.47 13.59 -31.99
C LYS J 54 -62.26 12.86 -33.06
N GLU J 55 -61.83 12.97 -34.32
CA GLU J 55 -62.51 12.26 -35.40
C GLU J 55 -62.24 10.77 -35.32
N MET J 56 -60.98 10.37 -35.13
CA MET J 56 -60.62 8.97 -35.02
C MET J 56 -60.93 8.39 -33.64
N GLY J 57 -61.28 9.24 -32.68
CA GLY J 57 -61.62 8.77 -31.35
C GLY J 57 -60.46 8.17 -30.60
N ILE J 58 -59.26 8.76 -30.74
CA ILE J 58 -58.04 8.11 -30.31
C ILE J 58 -57.21 9.10 -29.49
N THR J 59 -56.47 8.58 -28.51
CA THR J 59 -55.64 9.41 -27.65
C THR J 59 -54.31 9.70 -28.34
N ALA J 60 -53.41 10.36 -27.62
CA ALA J 60 -52.06 10.58 -28.09
C ALA J 60 -51.12 9.47 -27.67
N LEU J 61 -51.64 8.27 -27.48
CA LEU J 61 -50.87 7.16 -26.96
C LEU J 61 -50.87 5.98 -27.92
N ASP J 62 -51.49 6.12 -29.07
CA ASP J 62 -51.68 5.02 -30.01
C ASP J 62 -50.38 4.77 -30.77
N PRO J 63 -49.99 3.49 -30.94
CA PRO J 63 -48.99 3.16 -31.95
C PRO J 63 -49.39 3.47 -33.38
N ARG J 64 -50.67 3.74 -33.66
CA ARG J 64 -51.00 4.36 -34.94
C ARG J 64 -50.61 5.83 -34.95
N ALA J 65 -50.67 6.49 -33.81
CA ALA J 65 -50.71 7.94 -33.76
C ALA J 65 -49.38 8.61 -34.03
N ASN J 66 -48.32 7.86 -34.31
CA ASN J 66 -47.02 8.47 -34.57
C ASN J 66 -46.42 7.87 -35.83
N ASN J 67 -45.66 8.69 -36.53
CA ASN J 67 -44.86 8.17 -37.65
C ASN J 67 -43.60 7.60 -37.04
N PHE J 68 -43.67 6.33 -36.65
CA PHE J 68 -42.56 5.67 -35.99
C PHE J 68 -41.41 5.35 -36.93
N ASP J 69 -41.62 5.45 -38.24
CA ASP J 69 -40.56 5.12 -39.16
C ASP J 69 -39.71 6.32 -39.51
N LEU J 70 -40.32 7.50 -39.66
CA LEU J 70 -39.55 8.69 -40.00
C LEU J 70 -38.71 9.15 -38.81
N MET J 71 -39.22 8.98 -37.59
CA MET J 71 -38.40 9.22 -36.41
C MET J 71 -37.22 8.25 -36.36
N TYR J 72 -37.41 7.02 -36.84
CA TYR J 72 -36.31 6.07 -36.87
C TYR J 72 -35.28 6.46 -37.91
N GLU J 73 -35.75 7.00 -39.04
CA GLU J 73 -34.82 7.43 -40.08
C GLU J 73 -34.00 8.62 -39.63
N GLN J 74 -34.63 9.58 -38.96
CA GLN J 74 -33.86 10.68 -38.39
C GLN J 74 -32.95 10.21 -37.26
N ILE J 75 -33.38 9.20 -36.51
CA ILE J 75 -32.58 8.72 -35.40
C ILE J 75 -31.34 7.99 -35.90
N LYS J 76 -31.51 7.23 -36.99
CA LYS J 76 -30.35 6.57 -37.57
C LYS J 76 -29.44 7.57 -38.27
N ALA J 77 -30.03 8.61 -38.87
CA ALA J 77 -29.22 9.66 -39.47
C ALA J 77 -28.51 10.52 -38.42
N LEU J 78 -28.99 10.49 -37.18
CA LEU J 78 -28.28 11.14 -36.09
C LEU J 78 -26.92 10.52 -35.84
N LYS J 79 -26.82 9.19 -36.01
CA LYS J 79 -25.54 8.51 -35.80
C LYS J 79 -24.53 8.90 -36.87
N ASN J 80 -24.99 9.22 -38.06
CA ASN J 80 -24.11 9.50 -39.20
C ASN J 80 -23.63 10.95 -39.24
N GLY J 81 -24.07 11.79 -38.31
CA GLY J 81 -23.53 13.13 -38.15
C GLY J 81 -24.33 14.24 -38.79
N GLU J 82 -25.25 13.92 -39.70
CA GLU J 82 -25.94 14.94 -40.48
C GLU J 82 -26.97 15.67 -39.62
N SER J 83 -27.22 16.93 -39.97
CA SER J 83 -28.20 17.73 -39.25
C SER J 83 -29.61 17.27 -39.60
N ILE J 84 -30.35 16.85 -38.60
CA ILE J 84 -31.68 16.32 -38.83
C ILE J 84 -32.68 17.45 -38.97
N MET J 85 -33.85 17.12 -39.54
CA MET J 85 -34.91 18.05 -39.89
C MET J 85 -36.16 17.55 -39.19
N LYS J 86 -36.37 17.97 -37.95
CA LYS J 86 -37.49 17.30 -37.32
C LYS J 86 -38.71 18.20 -37.24
N PRO J 87 -39.90 17.63 -37.47
CA PRO J 87 -41.14 18.41 -37.37
C PRO J 87 -41.45 18.77 -35.93
N ILE J 88 -42.43 19.66 -35.77
CA ILE J 88 -42.78 20.19 -34.44
C ILE J 88 -44.30 20.17 -34.29
N TYR J 89 -44.77 19.50 -33.25
CA TYR J 89 -46.17 19.56 -32.83
C TYR J 89 -46.47 20.95 -32.30
N ASN J 90 -47.27 21.72 -33.02
CA ASN J 90 -47.78 22.97 -32.49
C ASN J 90 -48.73 22.65 -31.35
N HIS J 91 -48.30 22.93 -30.13
CA HIS J 91 -48.98 22.42 -28.95
C HIS J 91 -50.28 23.14 -28.65
N GLU J 92 -50.37 24.44 -28.93
CA GLU J 92 -51.57 25.19 -28.61
C GLU J 92 -52.70 24.84 -29.57
N THR J 93 -52.38 24.67 -30.84
CA THR J 93 -53.37 24.35 -31.86
C THR J 93 -53.56 22.86 -32.04
N GLY J 94 -52.62 22.05 -31.58
CA GLY J 94 -52.65 20.64 -31.92
C GLY J 94 -52.09 20.32 -33.28
N THR J 95 -51.67 21.32 -34.05
CA THR J 95 -51.24 21.12 -35.41
C THR J 95 -49.74 20.87 -35.48
N ILE J 96 -49.21 20.89 -36.69
CA ILE J 96 -47.82 20.48 -36.94
C ILE J 96 -47.10 21.62 -37.64
N ASP J 97 -45.97 22.05 -37.06
CA ASP J 97 -45.10 23.02 -37.71
C ASP J 97 -44.36 22.36 -38.86
N PRO J 98 -44.13 23.08 -39.97
CA PRO J 98 -43.02 22.75 -40.85
C PRO J 98 -41.71 22.66 -40.08
N PRO J 99 -40.85 21.69 -40.42
CA PRO J 99 -39.82 21.23 -39.49
C PRO J 99 -38.71 22.24 -39.26
N GLU J 100 -37.90 21.94 -38.25
CA GLU J 100 -36.69 22.71 -37.94
C GLU J 100 -35.46 21.85 -38.14
N LYS J 101 -34.45 22.45 -38.77
CA LYS J 101 -33.17 21.79 -39.01
C LYS J 101 -32.29 22.02 -37.78
N VAL J 102 -32.09 20.97 -37.00
CA VAL J 102 -31.24 21.02 -35.82
C VAL J 102 -30.07 20.06 -36.04
N ASP J 103 -28.99 20.31 -35.33
CA ASP J 103 -27.79 19.54 -35.55
C ASP J 103 -27.54 18.57 -34.39
N PRO J 104 -26.84 17.46 -34.64
CA PRO J 104 -26.43 16.60 -33.53
C PRO J 104 -25.38 17.26 -32.65
N ASN J 105 -25.12 16.61 -31.52
CA ASN J 105 -24.29 17.16 -30.46
C ASN J 105 -23.44 16.01 -29.92
N HIS J 106 -22.77 16.23 -28.79
CA HIS J 106 -22.06 15.13 -28.15
C HIS J 106 -23.03 14.14 -27.54
N VAL J 107 -24.08 14.63 -26.89
CA VAL J 107 -25.06 13.80 -26.23
C VAL J 107 -26.42 14.10 -26.83
N ILE J 108 -27.16 13.06 -27.18
CA ILE J 108 -28.50 13.21 -27.72
C ILE J 108 -29.45 12.50 -26.78
N VAL J 109 -30.52 13.17 -26.40
CA VAL J 109 -31.52 12.54 -25.55
C VAL J 109 -32.77 12.31 -26.37
N ILE J 110 -33.57 11.36 -25.91
CA ILE J 110 -34.87 11.04 -26.50
C ILE J 110 -35.84 10.89 -25.35
N GLU J 111 -36.93 11.65 -25.38
CA GLU J 111 -37.88 11.51 -24.30
C GLU J 111 -39.29 11.77 -24.78
N GLY J 112 -40.21 10.91 -24.35
CA GLY J 112 -41.60 11.04 -24.72
C GLY J 112 -42.41 9.88 -24.15
N LEU J 113 -43.63 9.74 -24.66
CA LEU J 113 -44.46 8.62 -24.24
C LEU J 113 -44.02 7.31 -24.86
N HIS J 114 -43.52 7.32 -26.09
CA HIS J 114 -42.98 6.13 -26.72
C HIS J 114 -41.56 6.38 -27.19
N PRO J 115 -40.58 6.40 -26.29
CA PRO J 115 -39.19 6.42 -26.74
C PRO J 115 -38.66 5.03 -27.00
N LEU J 116 -39.40 4.01 -26.58
CA LEU J 116 -38.87 2.68 -26.46
C LEU J 116 -39.81 1.65 -27.07
N TYR J 117 -40.98 2.09 -27.57
CA TYR J 117 -41.95 1.17 -28.13
C TYR J 117 -41.43 0.51 -29.41
N ASP J 118 -40.69 1.27 -30.21
CA ASP J 118 -40.01 0.67 -31.34
C ASP J 118 -38.86 -0.20 -30.85
N GLU J 119 -38.60 -1.27 -31.58
CA GLU J 119 -37.63 -2.26 -31.19
C GLU J 119 -36.30 -2.07 -31.87
N ARG J 120 -36.32 -1.51 -33.07
CA ARG J 120 -35.09 -1.12 -33.73
C ARG J 120 -34.42 0.06 -33.03
N VAL J 121 -35.21 1.02 -32.52
CA VAL J 121 -34.60 2.06 -31.72
C VAL J 121 -34.27 1.54 -30.33
N ARG J 122 -34.95 0.48 -29.88
CA ARG J 122 -34.57 -0.17 -28.64
C ARG J 122 -33.22 -0.86 -28.81
N SER J 123 -32.94 -1.32 -30.02
CA SER J 123 -31.61 -1.75 -30.39
C SER J 123 -30.67 -0.57 -30.62
N LEU J 124 -31.20 0.64 -30.77
CA LEU J 124 -30.34 1.80 -30.99
C LEU J 124 -29.99 2.56 -29.71
N ILE J 125 -30.89 2.61 -28.74
CA ILE J 125 -30.70 3.46 -27.56
C ILE J 125 -29.60 2.90 -26.67
N ASP J 126 -28.64 3.76 -26.32
CA ASP J 126 -27.48 3.33 -25.55
C ASP J 126 -27.79 3.20 -24.07
N PHE J 127 -28.73 3.98 -23.56
CA PHE J 127 -29.10 3.88 -22.15
C PHE J 127 -30.52 4.39 -21.97
N SER J 128 -31.28 3.67 -21.17
CA SER J 128 -32.73 3.87 -21.11
C SER J 128 -33.17 4.11 -19.68
N VAL J 129 -34.19 4.95 -19.52
CA VAL J 129 -34.78 5.25 -18.22
C VAL J 129 -36.29 5.32 -18.39
N TYR J 130 -37.01 4.46 -17.70
CA TYR J 130 -38.43 4.68 -17.51
C TYR J 130 -38.61 5.43 -16.20
N LEU J 131 -39.66 6.21 -16.10
CA LEU J 131 -39.92 6.94 -14.87
C LEU J 131 -41.37 6.71 -14.48
N ASP J 132 -41.59 5.91 -13.46
CA ASP J 132 -42.93 5.53 -13.04
C ASP J 132 -43.41 6.45 -11.93
N ILE J 133 -44.72 6.57 -11.84
CA ILE J 133 -45.38 7.42 -10.85
C ILE J 133 -46.56 6.62 -10.33
N SER J 134 -46.73 6.57 -9.01
CA SER J 134 -47.94 5.95 -8.53
C SER J 134 -49.11 6.92 -8.66
N ASP J 135 -50.32 6.35 -8.70
CA ASP J 135 -51.51 7.15 -8.99
C ASP J 135 -51.85 8.10 -7.84
N ASP J 136 -51.42 7.78 -6.63
CA ASP J 136 -51.71 8.64 -5.49
C ASP J 136 -51.00 9.97 -5.61
N VAL J 137 -49.71 9.95 -5.95
CA VAL J 137 -48.99 11.20 -6.09
C VAL J 137 -49.31 11.84 -7.43
N LYS J 138 -49.87 11.07 -8.37
CA LYS J 138 -50.53 11.69 -9.52
C LYS J 138 -51.65 12.60 -9.07
N ILE J 139 -52.52 12.08 -8.19
CA ILE J 139 -53.63 12.88 -7.68
C ILE J 139 -53.11 14.05 -6.85
N ALA J 140 -52.08 13.81 -6.05
CA ALA J 140 -51.50 14.88 -5.24
C ALA J 140 -50.78 15.93 -6.08
N TRP J 141 -50.30 15.58 -7.26
CA TRP J 141 -49.73 16.58 -8.14
C TRP J 141 -50.78 17.29 -8.97
N LYS J 142 -51.88 16.62 -9.32
CA LYS J 142 -52.94 17.32 -10.04
C LYS J 142 -53.73 18.24 -9.13
N ILE J 143 -53.80 17.94 -7.84
CA ILE J 143 -54.41 18.87 -6.88
C ILE J 143 -53.57 20.14 -6.79
N LYS J 144 -52.24 19.99 -6.77
CA LYS J 144 -51.38 21.17 -6.83
C LYS J 144 -51.46 21.85 -8.19
N ARG J 145 -51.75 21.08 -9.25
CA ARG J 145 -51.85 21.62 -10.59
C ARG J 145 -53.07 22.53 -10.74
N ASP J 146 -54.22 22.09 -10.25
CA ASP J 146 -55.44 22.87 -10.36
C ASP J 146 -55.72 23.72 -9.13
N MET J 147 -54.83 23.68 -8.14
CA MET J 147 -54.93 24.50 -6.94
C MET J 147 -54.08 25.75 -7.05
N ALA J 148 -52.84 25.63 -7.54
CA ALA J 148 -52.00 26.79 -7.74
C ALA J 148 -52.51 27.65 -8.88
N GLU J 149 -53.04 27.02 -9.94
CA GLU J 149 -53.61 27.77 -11.04
C GLU J 149 -55.00 28.31 -10.70
N ARG J 150 -55.68 27.68 -9.73
CA ARG J 150 -57.05 27.99 -9.31
C ARG J 150 -58.02 27.91 -10.49
N GLY J 151 -57.81 26.93 -11.37
CA GLY J 151 -58.68 26.78 -12.52
C GLY J 151 -60.06 26.26 -12.19
N HIS J 152 -60.22 25.65 -11.00
CA HIS J 152 -61.46 25.01 -10.54
C HIS J 152 -61.91 23.94 -11.54
N SER J 153 -61.08 22.91 -11.68
CA SER J 153 -61.41 21.79 -12.55
C SER J 153 -61.15 20.47 -11.86
N TYR J 154 -61.08 20.48 -10.54
CA TYR J 154 -60.71 19.33 -9.73
C TYR J 154 -61.85 18.32 -9.66
N GLU J 155 -61.50 17.13 -9.17
CA GLU J 155 -62.30 16.00 -8.67
C GLU J 155 -63.13 15.30 -9.72
N ASP J 156 -63.17 15.79 -10.96
CA ASP J 156 -63.55 14.99 -12.09
C ASP J 156 -62.32 14.62 -12.89
N VAL J 157 -61.20 15.30 -12.63
CA VAL J 157 -59.91 14.81 -13.10
C VAL J 157 -59.56 13.49 -12.41
N ILE J 158 -60.11 13.26 -11.22
CA ILE J 158 -60.07 11.94 -10.60
C ILE J 158 -60.70 10.91 -11.52
N ALA J 159 -61.84 11.24 -12.13
CA ALA J 159 -62.43 10.33 -13.09
C ALA J 159 -61.73 10.38 -14.44
N SER J 160 -60.90 11.39 -14.69
CA SER J 160 -60.07 11.35 -15.88
C SER J 160 -58.91 10.39 -15.70
N ILE J 161 -58.46 10.20 -14.46
CA ILE J 161 -57.33 9.32 -14.17
C ILE J 161 -57.62 7.88 -14.59
N ASN J 162 -58.69 7.31 -14.05
CA ASN J 162 -58.99 5.91 -14.35
C ASN J 162 -59.51 5.70 -15.77
N ALA J 163 -59.94 6.77 -16.43
CA ALA J 163 -60.25 6.67 -17.85
C ALA J 163 -58.99 6.72 -18.69
N ARG J 164 -57.98 7.46 -18.24
CA ARG J 164 -56.69 7.46 -18.91
C ARG J 164 -55.92 6.18 -18.64
N ARG J 165 -56.30 5.48 -17.56
CA ARG J 165 -55.59 4.30 -17.08
C ARG J 165 -55.46 3.13 -18.06
N PRO J 166 -56.54 2.57 -18.63
CA PRO J 166 -56.46 1.17 -19.08
C PRO J 166 -55.61 0.95 -20.31
N ASP J 167 -55.75 1.83 -21.30
CA ASP J 167 -54.89 1.74 -22.47
C ASP J 167 -53.46 2.14 -22.16
N PHE J 168 -53.27 3.01 -21.16
CA PHE J 168 -51.93 3.41 -20.75
C PHE J 168 -51.13 2.22 -20.24
N MET J 169 -51.79 1.34 -19.48
CA MET J 169 -51.15 0.12 -19.04
C MET J 169 -50.90 -0.83 -20.19
N ALA J 170 -51.67 -0.72 -21.26
CA ALA J 170 -51.40 -1.54 -22.44
C ALA J 170 -50.32 -0.90 -23.30
N TYR J 171 -50.37 0.41 -23.46
CA TYR J 171 -49.50 1.05 -24.43
C TYR J 171 -48.10 1.30 -23.88
N ILE J 172 -48.01 1.81 -22.65
CA ILE J 172 -46.78 2.40 -22.15
C ILE J 172 -46.06 1.47 -21.18
N ASP J 173 -46.79 0.96 -20.19
CA ASP J 173 -46.19 0.16 -19.14
C ASP J 173 -45.45 -1.11 -19.56
N PRO J 174 -45.73 -1.78 -20.68
CA PRO J 174 -44.80 -2.83 -21.11
C PRO J 174 -43.47 -2.32 -21.66
N GLN J 175 -43.24 -1.01 -21.77
CA GLN J 175 -41.91 -0.55 -22.13
C GLN J 175 -40.92 -0.73 -21.00
N LYS J 176 -41.40 -0.74 -19.75
CA LYS J 176 -40.48 -0.81 -18.62
C LYS J 176 -39.86 -2.19 -18.50
N GLN J 177 -40.43 -3.19 -19.18
CA GLN J 177 -39.80 -4.50 -19.28
C GLN J 177 -38.57 -4.51 -20.16
N TYR J 178 -38.20 -3.37 -20.75
CA TYR J 178 -37.00 -3.28 -21.56
C TYR J 178 -36.11 -2.12 -21.18
N ALA J 179 -36.55 -1.25 -20.28
CA ALA J 179 -35.69 -0.17 -19.82
C ALA J 179 -34.64 -0.71 -18.86
N ASP J 180 -33.59 0.07 -18.65
CA ASP J 180 -32.57 -0.29 -17.68
C ASP J 180 -33.03 0.07 -16.28
N VAL J 181 -33.28 1.35 -16.06
CA VAL J 181 -33.53 1.90 -14.75
C VAL J 181 -34.96 2.41 -14.73
N VAL J 182 -35.72 2.04 -13.72
CA VAL J 182 -37.08 2.54 -13.57
C VAL J 182 -37.28 3.06 -12.16
N LEU J 183 -37.71 4.29 -12.05
CA LEU J 183 -37.88 4.95 -10.76
C LEU J 183 -39.35 4.98 -10.42
N GLN J 184 -39.75 4.24 -9.41
CA GLN J 184 -41.11 4.32 -8.90
C GLN J 184 -41.17 5.28 -7.73
N ILE J 185 -42.27 6.01 -7.63
CA ILE J 185 -42.47 6.98 -6.57
C ILE J 185 -43.78 6.63 -5.88
N LEU J 186 -43.74 6.40 -4.58
CA LEU J 186 -44.86 5.89 -3.83
C LEU J 186 -45.22 6.84 -2.70
N PRO J 187 -46.42 6.73 -2.14
CA PRO J 187 -46.69 7.40 -0.87
C PRO J 187 -45.82 6.83 0.22
N SER J 188 -45.43 7.68 1.16
CA SER J 188 -44.52 7.26 2.22
C SER J 188 -45.27 6.44 3.26
N GLN J 189 -44.77 5.23 3.48
CA GLN J 189 -45.22 4.42 4.61
C GLN J 189 -44.77 5.02 5.94
N LEU J 190 -43.72 5.83 5.93
CA LEU J 190 -43.15 6.32 7.18
C LEU J 190 -44.03 7.38 7.82
N ALA J 191 -44.43 8.40 7.06
CA ALA J 191 -45.20 9.50 7.59
C ALA J 191 -46.66 9.36 7.17
N LYS J 192 -47.57 9.58 8.11
CA LYS J 192 -48.99 9.38 7.87
C LYS J 192 -49.83 10.64 8.01
N GLU J 193 -49.50 11.50 8.97
CA GLU J 193 -50.31 12.69 9.25
C GLU J 193 -49.72 13.84 8.44
N GLU J 194 -49.86 13.74 7.12
CA GLU J 194 -49.59 14.83 6.20
C GLU J 194 -50.64 14.76 5.11
N LYS J 195 -50.54 15.67 4.14
CA LYS J 195 -51.20 15.41 2.88
C LYS J 195 -50.40 14.37 2.11
N VAL J 196 -51.07 13.72 1.15
CA VAL J 196 -50.57 12.48 0.61
C VAL J 196 -49.39 12.66 -0.36
N GLY J 197 -48.96 13.89 -0.60
CA GLY J 197 -47.86 14.08 -1.53
C GLY J 197 -46.65 14.83 -1.02
N ASN J 198 -46.47 14.94 0.30
CA ASN J 198 -45.33 15.68 0.80
C ASN J 198 -44.04 14.85 0.69
N ILE J 199 -44.01 13.71 1.36
CA ILE J 199 -42.81 12.89 1.48
C ILE J 199 -42.99 11.67 0.60
N LEU J 200 -42.00 11.37 -0.22
CA LEU J 200 -42.10 10.32 -1.21
C LEU J 200 -41.31 9.09 -0.76
N ARG J 201 -41.78 7.93 -1.19
CA ARG J 201 -41.12 6.65 -0.95
C ARG J 201 -40.66 6.18 -2.31
N VAL J 202 -39.43 6.48 -2.65
CA VAL J 202 -38.97 6.31 -4.02
C VAL J 202 -38.03 5.13 -4.11
N ARG J 203 -37.97 4.53 -5.28
CA ARG J 203 -37.16 3.35 -5.45
C ARG J 203 -36.71 3.23 -6.89
N MET J 204 -35.43 2.96 -7.10
CA MET J 204 -34.88 2.91 -8.45
C MET J 204 -34.50 1.47 -8.80
N LEU J 205 -35.46 0.76 -9.36
CA LEU J 205 -35.26 -0.61 -9.80
C LEU J 205 -34.32 -0.57 -10.99
N GLN J 206 -33.07 -0.94 -10.77
CA GLN J 206 -32.07 -0.94 -11.81
C GLN J 206 -31.73 -2.37 -12.18
N ARG J 207 -31.29 -2.55 -13.42
CA ARG J 207 -31.18 -3.87 -14.02
C ARG J 207 -29.72 -4.26 -14.18
N GLU J 208 -29.42 -5.51 -13.89
CA GLU J 208 -28.08 -6.05 -14.09
C GLU J 208 -27.90 -6.43 -15.56
N GLY J 209 -26.85 -7.19 -15.85
CA GLY J 209 -26.69 -7.67 -17.21
C GLY J 209 -25.79 -6.82 -18.06
N ILE J 210 -26.38 -5.92 -18.83
CA ILE J 210 -25.75 -5.08 -19.85
C ILE J 210 -24.54 -4.35 -19.30
N PRO J 211 -23.36 -4.57 -19.88
CA PRO J 211 -22.12 -4.12 -19.25
C PRO J 211 -21.97 -2.60 -19.32
N GLY J 212 -21.02 -2.11 -18.55
CA GLY J 212 -20.84 -0.69 -18.33
C GLY J 212 -21.69 -0.18 -17.20
N PHE J 213 -22.97 -0.54 -17.19
CA PHE J 213 -23.86 -0.18 -16.11
C PHE J 213 -23.58 -1.08 -14.92
N GLU J 214 -22.94 -0.54 -13.91
CA GLU J 214 -22.94 -1.20 -12.63
C GLU J 214 -24.25 -0.89 -11.92
N PRO J 215 -24.59 -1.69 -10.92
CA PRO J 215 -25.56 -1.23 -9.93
C PRO J 215 -24.88 -0.37 -8.88
N VAL J 216 -25.70 0.29 -8.09
CA VAL J 216 -25.25 1.02 -6.90
C VAL J 216 -25.80 0.30 -5.68
N TYR J 217 -24.92 -0.40 -4.97
CA TYR J 217 -25.34 -1.29 -3.91
C TYR J 217 -25.03 -0.68 -2.56
N LEU J 218 -25.95 -0.86 -1.63
CA LEU J 218 -25.79 -0.37 -0.27
C LEU J 218 -25.24 -1.49 0.59
N PHE J 219 -23.92 -1.45 0.81
CA PHE J 219 -23.10 -2.25 1.72
C PHE J 219 -22.88 -3.70 1.30
N ASP J 220 -23.59 -4.18 0.29
CA ASP J 220 -23.50 -5.57 -0.13
C ASP J 220 -24.24 -5.74 -1.44
N GLU J 221 -23.64 -6.48 -2.35
CA GLU J 221 -24.36 -6.82 -3.57
C GLU J 221 -25.26 -8.00 -3.27
N GLY J 222 -26.56 -7.79 -3.37
CA GLY J 222 -27.46 -8.93 -3.45
C GLY J 222 -27.81 -9.59 -2.15
N SER J 223 -28.22 -8.79 -1.17
CA SER J 223 -28.81 -9.28 0.06
C SER J 223 -29.55 -8.12 0.68
N THR J 224 -30.86 -8.27 0.92
CA THR J 224 -31.69 -7.13 1.26
C THR J 224 -31.35 -6.56 2.62
N ILE J 225 -31.21 -5.23 2.67
CA ILE J 225 -30.65 -4.51 3.79
C ILE J 225 -31.38 -3.19 3.98
N THR J 226 -32.08 -3.04 5.09
CA THR J 226 -32.90 -1.86 5.33
C THR J 226 -32.25 -1.03 6.40
N TRP J 227 -31.62 0.07 5.99
CA TRP J 227 -30.76 0.84 6.86
C TRP J 227 -31.39 2.17 7.21
N ILE J 228 -31.34 2.51 8.49
CA ILE J 228 -31.76 3.80 9.02
C ILE J 228 -30.53 4.51 9.57
N PRO J 229 -30.11 5.64 9.00
CA PRO J 229 -28.86 6.29 9.40
C PRO J 229 -28.96 7.13 10.66
N CYS J 230 -30.03 7.03 11.43
CA CYS J 230 -30.16 7.75 12.68
C CYS J 230 -29.30 7.11 13.74
N GLY J 231 -28.75 7.92 14.63
CA GLY J 231 -28.06 7.31 15.75
C GLY J 231 -27.01 8.14 16.44
N ARG J 232 -25.82 7.54 16.58
CA ARG J 232 -24.76 8.15 17.37
C ARG J 232 -24.19 9.39 16.69
N LYS J 233 -24.27 9.47 15.38
CA LYS J 233 -23.66 10.57 14.67
C LYS J 233 -24.63 11.45 13.91
N LEU J 234 -25.91 11.10 13.87
CA LEU J 234 -26.91 11.93 13.23
C LEU J 234 -28.12 12.04 14.14
N THR J 235 -28.52 13.27 14.42
CA THR J 235 -29.70 13.54 15.24
C THR J 235 -30.87 13.71 14.28
N CYS J 236 -31.69 12.67 14.15
CA CYS J 236 -32.73 12.67 13.14
C CYS J 236 -33.94 13.48 13.56
N SER J 237 -34.46 14.27 12.63
CA SER J 237 -35.69 15.03 12.83
C SER J 237 -36.87 14.12 12.58
N TYR J 238 -38.04 14.69 12.56
CA TYR J 238 -39.18 13.87 12.19
C TYR J 238 -39.42 13.95 10.69
N PRO J 239 -39.54 12.83 9.99
CA PRO J 239 -39.42 11.47 10.52
C PRO J 239 -38.06 10.85 10.26
N GLY J 240 -37.17 11.58 9.62
CA GLY J 240 -35.89 11.02 9.28
C GLY J 240 -35.98 10.14 8.04
N ILE J 241 -34.88 9.50 7.76
CA ILE J 241 -34.76 8.71 6.54
C ILE J 241 -34.88 7.24 6.94
N ARG J 242 -35.30 6.41 6.00
CA ARG J 242 -35.26 4.96 6.17
C ARG J 242 -34.92 4.38 4.80
N LEU J 243 -33.68 4.03 4.58
CA LEU J 243 -33.33 3.48 3.29
C LEU J 243 -33.79 2.03 3.17
N SER J 244 -33.44 1.45 2.04
CA SER J 244 -33.65 0.04 1.78
C SER J 244 -32.72 -0.36 0.66
N TYR J 245 -32.77 -1.63 0.31
CA TYR J 245 -32.02 -2.26 -0.76
C TYR J 245 -32.59 -3.65 -0.87
N GLY J 246 -32.40 -4.28 -2.01
CA GLY J 246 -32.78 -5.66 -2.15
C GLY J 246 -32.52 -6.17 -3.53
N PRO J 247 -31.96 -7.36 -3.62
CA PRO J 247 -31.98 -8.05 -4.90
C PRO J 247 -33.38 -8.53 -5.17
N ASP J 248 -33.71 -8.64 -6.44
CA ASP J 248 -35.07 -8.98 -6.84
C ASP J 248 -35.00 -9.45 -8.28
N GLU J 249 -36.10 -10.03 -8.76
CA GLU J 249 -36.24 -10.37 -10.17
C GLU J 249 -37.56 -9.80 -10.65
N TYR J 250 -37.48 -8.66 -11.30
CA TYR J 250 -38.66 -7.95 -11.78
C TYR J 250 -38.92 -8.33 -13.24
N TYR J 251 -40.14 -8.80 -13.51
CA TYR J 251 -40.55 -9.33 -14.82
C TYR J 251 -39.64 -10.44 -15.31
N GLY J 252 -39.11 -11.23 -14.38
CA GLY J 252 -38.12 -12.23 -14.74
C GLY J 252 -36.81 -11.61 -15.22
N HIS J 253 -36.34 -10.58 -14.54
CA HIS J 253 -35.08 -9.97 -14.92
C HIS J 253 -34.28 -9.60 -13.69
N PRO J 254 -32.98 -9.86 -13.69
CA PRO J 254 -32.18 -9.61 -12.49
C PRO J 254 -31.98 -8.12 -12.21
N VAL J 255 -32.68 -7.65 -11.19
CA VAL J 255 -32.71 -6.24 -10.83
C VAL J 255 -32.19 -6.10 -9.40
N SER J 256 -32.04 -4.85 -8.98
CA SER J 256 -31.52 -4.54 -7.66
C SER J 256 -32.16 -3.24 -7.21
N VAL J 257 -33.23 -3.32 -6.43
CA VAL J 257 -33.93 -2.12 -6.02
C VAL J 257 -33.14 -1.41 -4.94
N LEU J 258 -32.91 -0.12 -5.13
CA LEU J 258 -32.38 0.77 -4.12
C LEU J 258 -33.44 1.79 -3.80
N GLU J 259 -33.74 1.98 -2.51
CA GLU J 259 -34.99 2.58 -2.11
C GLU J 259 -34.80 3.52 -0.94
N VAL J 260 -35.44 4.68 -1.00
CA VAL J 260 -35.30 5.71 0.02
C VAL J 260 -36.67 6.20 0.42
N ASP J 261 -36.93 6.26 1.71
CA ASP J 261 -38.11 6.93 2.25
C ASP J 261 -37.65 7.97 3.24
N GLY J 262 -38.18 9.19 3.11
CA GLY J 262 -37.93 10.22 4.09
C GLY J 262 -37.73 11.56 3.44
N ARG J 263 -37.36 12.54 4.27
CA ARG J 263 -37.17 13.92 3.84
C ARG J 263 -35.83 14.42 4.35
N PHE J 264 -34.99 14.86 3.44
CA PHE J 264 -33.68 15.38 3.81
C PHE J 264 -33.85 16.78 4.37
N GLU J 265 -33.57 16.94 5.65
CA GLU J 265 -33.81 18.22 6.32
C GLU J 265 -32.58 19.10 6.40
N LYS J 266 -31.39 18.53 6.25
CA LYS J 266 -30.17 19.29 6.46
C LYS J 266 -29.06 18.64 5.66
N LEU J 267 -27.82 19.02 5.95
CA LEU J 267 -26.66 18.69 5.14
C LEU J 267 -25.96 17.40 5.55
N ASP J 268 -25.72 17.23 6.84
CA ASP J 268 -24.91 16.11 7.29
C ASP J 268 -25.63 14.78 7.07
N GLU J 269 -26.96 14.76 7.19
CA GLU J 269 -27.69 13.55 6.88
C GLU J 269 -27.71 13.25 5.39
N LEU J 270 -27.36 14.21 4.54
CA LEU J 270 -27.28 13.91 3.12
C LEU J 270 -25.86 13.60 2.67
N ILE J 271 -24.85 14.02 3.42
CA ILE J 271 -23.49 13.57 3.09
C ILE J 271 -23.22 12.21 3.71
N TYR J 272 -23.83 11.91 4.85
CA TYR J 272 -23.56 10.65 5.53
C TYR J 272 -24.15 9.49 4.76
N ILE J 273 -25.25 9.71 4.07
CA ILE J 273 -25.79 8.66 3.22
C ILE J 273 -24.91 8.47 2.02
N GLU J 274 -24.42 9.56 1.44
CA GLU J 274 -23.66 9.45 0.21
C GLU J 274 -22.29 8.84 0.45
N SER J 275 -21.76 8.93 1.67
CA SER J 275 -20.47 8.31 1.93
C SER J 275 -20.53 6.80 1.93
N HIS J 276 -21.72 6.19 1.99
CA HIS J 276 -21.86 4.76 2.15
C HIS J 276 -22.43 4.05 0.93
N LEU J 277 -22.99 4.77 -0.02
CA LEU J 277 -23.30 4.14 -1.29
C LEU J 277 -22.02 3.75 -2.00
N SER J 278 -22.13 2.76 -2.88
CA SER J 278 -20.97 2.18 -3.51
C SER J 278 -21.23 2.02 -5.00
N ASN J 279 -20.12 2.00 -5.77
CA ASN J 279 -20.12 2.04 -7.23
C ASN J 279 -20.96 3.18 -7.78
N THR J 280 -20.93 4.31 -7.09
CA THR J 280 -21.71 5.44 -7.55
C THR J 280 -21.02 6.21 -8.66
N SER J 281 -19.77 5.86 -8.98
CA SER J 281 -19.01 6.40 -10.10
C SER J 281 -18.86 7.91 -10.03
N THR J 282 -18.17 8.35 -8.97
CA THR J 282 -17.78 9.74 -8.81
C THR J 282 -16.27 9.87 -8.93
N LYS J 283 -15.83 10.91 -9.62
CA LYS J 283 -14.44 11.31 -9.60
C LYS J 283 -14.13 12.26 -8.45
N HIS J 284 -15.10 12.51 -7.59
CA HIS J 284 -15.06 13.62 -6.66
C HIS J 284 -15.81 13.21 -5.39
N TYR J 285 -15.22 13.44 -4.23
CA TYR J 285 -15.88 13.09 -2.98
C TYR J 285 -17.06 14.00 -2.75
N GLY J 286 -18.20 13.42 -2.35
CA GLY J 286 -19.39 14.20 -2.09
C GLY J 286 -20.01 14.88 -3.29
N GLU J 287 -19.64 14.42 -4.50
CA GLU J 287 -20.08 15.07 -5.72
C GLU J 287 -21.58 14.99 -5.88
N VAL J 288 -22.19 13.93 -5.36
CA VAL J 288 -23.63 13.79 -5.41
C VAL J 288 -24.30 14.81 -4.49
N THR J 289 -23.67 15.12 -3.36
CA THR J 289 -24.23 16.13 -2.48
C THR J 289 -24.10 17.51 -3.08
N GLU J 290 -22.99 17.78 -3.78
CA GLU J 290 -22.85 19.05 -4.47
C GLU J 290 -23.88 19.18 -5.57
N LEU J 291 -24.13 18.10 -6.30
CA LEU J 291 -25.14 18.13 -7.34
C LEU J 291 -26.55 18.20 -6.77
N LEU J 292 -26.75 17.78 -5.53
CA LEU J 292 -28.02 18.05 -4.88
C LEU J 292 -28.16 19.53 -4.54
N LEU J 293 -27.10 20.13 -4.02
CA LEU J 293 -27.24 21.47 -3.48
C LEU J 293 -26.73 22.56 -4.40
N LYS J 294 -26.51 22.27 -5.68
CA LYS J 294 -26.36 23.37 -6.62
C LYS J 294 -27.69 24.03 -6.93
N HIS J 295 -28.80 23.35 -6.66
CA HIS J 295 -30.13 23.89 -6.92
C HIS J 295 -31.01 23.50 -5.74
N ARG J 296 -31.06 24.38 -4.74
CA ARG J 296 -31.92 24.12 -3.60
C ARG J 296 -33.39 24.36 -3.91
N ASP J 297 -33.67 25.06 -5.00
CA ASP J 297 -35.04 25.43 -5.33
C ASP J 297 -35.78 24.39 -6.15
N TYR J 298 -35.09 23.39 -6.67
CA TYR J 298 -35.73 22.40 -7.53
C TYR J 298 -36.74 21.59 -6.74
N PRO J 299 -37.89 21.25 -7.33
CA PRO J 299 -38.85 20.42 -6.62
C PRO J 299 -38.31 19.02 -6.43
N GLY J 300 -38.46 18.52 -5.22
CA GLY J 300 -37.99 17.18 -4.93
C GLY J 300 -36.52 17.08 -4.57
N SER J 301 -35.87 18.18 -4.22
CA SER J 301 -34.50 18.07 -3.76
C SER J 301 -34.43 17.57 -2.33
N ASP J 302 -35.45 17.87 -1.53
CA ASP J 302 -35.48 17.54 -0.12
C ASP J 302 -35.85 16.09 0.14
N ASN J 303 -36.19 15.32 -0.89
CA ASN J 303 -36.49 13.91 -0.70
C ASN J 303 -35.69 13.07 -1.69
N GLY J 304 -35.97 11.78 -1.74
CA GLY J 304 -35.10 10.89 -2.47
C GLY J 304 -35.21 10.96 -3.97
N SER J 305 -36.21 11.69 -4.48
CA SER J 305 -36.37 11.81 -5.93
C SER J 305 -35.18 12.52 -6.54
N GLY J 306 -34.78 13.64 -5.94
CA GLY J 306 -33.59 14.32 -6.37
C GLY J 306 -32.31 13.54 -6.12
N LEU J 307 -32.33 12.62 -5.17
CA LEU J 307 -31.17 11.75 -5.01
C LEU J 307 -31.08 10.77 -6.16
N PHE J 308 -32.20 10.13 -6.48
CA PHE J 308 -32.16 9.04 -7.44
C PHE J 308 -31.97 9.55 -8.86
N GLN J 309 -32.56 10.69 -9.17
CA GLN J 309 -32.41 11.27 -10.50
C GLN J 309 -30.96 11.61 -10.79
N VAL J 310 -30.28 12.19 -9.82
CA VAL J 310 -28.89 12.52 -10.07
C VAL J 310 -28.02 11.28 -9.99
N LEU J 311 -28.45 10.23 -9.29
CA LEU J 311 -27.70 8.99 -9.35
C LEU J 311 -27.78 8.36 -10.72
N THR J 312 -28.97 8.38 -11.32
CA THR J 312 -29.13 7.87 -12.67
C THR J 312 -28.36 8.71 -13.67
N GLY J 313 -28.36 10.03 -13.50
CA GLY J 313 -27.58 10.88 -14.38
C GLY J 313 -26.09 10.67 -14.21
N LEU J 314 -25.66 10.31 -13.01
CA LEU J 314 -24.26 10.03 -12.80
C LEU J 314 -23.88 8.70 -13.44
N LYS J 315 -24.81 7.75 -13.46
CA LYS J 315 -24.57 6.54 -14.23
C LYS J 315 -24.58 6.85 -15.73
N MET J 316 -25.30 7.88 -16.14
CA MET J 316 -25.22 8.29 -17.54
C MET J 316 -23.87 8.87 -17.88
N ARG J 317 -23.26 9.61 -16.94
CA ARG J 317 -21.87 10.01 -17.10
C ARG J 317 -20.96 8.80 -17.24
N ALA J 318 -21.23 7.76 -16.46
CA ALA J 318 -20.43 6.55 -16.54
C ALA J 318 -20.56 5.89 -17.90
N THR J 319 -21.78 5.81 -18.42
CA THR J 319 -21.99 5.21 -19.74
C THR J 319 -21.37 6.05 -20.84
N TYR J 320 -21.40 7.37 -20.68
CA TYR J 320 -20.79 8.25 -21.67
C TYR J 320 -19.27 8.11 -21.67
N GLU J 321 -18.69 7.93 -20.49
CA GLU J 321 -17.25 7.73 -20.44
C GLU J 321 -16.87 6.34 -20.95
N ARG J 322 -17.77 5.38 -20.80
CA ARG J 322 -17.53 4.08 -21.41
C ARG J 322 -17.62 4.15 -22.92
N LEU J 323 -18.55 4.96 -23.45
CA LEU J 323 -18.73 5.05 -24.89
C LEU J 323 -17.70 5.93 -25.58
N THR J 324 -17.06 6.85 -24.88
CA THR J 324 -16.11 7.75 -25.50
C THR J 324 -14.67 7.49 -25.07
N SER J 325 -14.44 6.44 -24.31
CA SER J 325 -13.12 6.02 -23.77
C SER J 325 -12.43 7.13 -22.99
N ARG K 7 14.48 20.43 29.33
CA ARG K 7 15.68 19.62 29.17
C ARG K 7 16.84 20.44 28.67
N VAL K 8 18.04 19.90 28.83
CA VAL K 8 19.26 20.54 28.36
C VAL K 8 19.96 19.56 27.45
N VAL K 9 20.24 19.99 26.22
CA VAL K 9 21.00 19.19 25.27
C VAL K 9 22.35 19.87 25.06
N LEU K 10 23.30 19.10 24.55
CA LEU K 10 24.66 19.62 24.45
C LEU K 10 25.36 19.11 23.21
N ILE K 11 26.09 20.01 22.54
CA ILE K 11 26.72 19.75 21.26
C ILE K 11 28.18 20.20 21.35
N GLY K 12 29.11 19.29 21.09
CA GLY K 12 30.53 19.58 21.16
C GLY K 12 31.13 19.69 19.77
N VAL K 13 31.80 20.80 19.53
CA VAL K 13 32.48 21.08 18.27
C VAL K 13 33.97 21.24 18.57
N ALA K 14 34.82 20.64 17.77
CA ALA K 14 36.25 20.72 18.01
C ALA K 14 36.98 21.14 16.74
N GLY K 15 37.78 22.20 16.84
CA GLY K 15 38.60 22.63 15.73
C GLY K 15 39.32 23.93 16.01
N ASP K 16 40.43 24.20 15.32
CA ASP K 16 41.18 25.43 15.52
C ASP K 16 40.86 26.50 14.48
N SER K 17 39.61 26.54 14.04
CA SER K 17 39.15 27.54 13.09
C SER K 17 38.80 28.86 13.73
N GLY K 18 39.17 29.07 15.00
CA GLY K 18 38.77 30.25 15.73
C GLY K 18 37.40 30.05 16.33
N CYS K 19 37.24 30.35 17.62
CA CYS K 19 35.96 30.07 18.26
C CYS K 19 34.93 31.10 17.81
N GLY K 20 33.81 30.61 17.28
CA GLY K 20 32.85 31.49 16.64
C GLY K 20 33.35 32.09 15.35
N LYS K 21 34.35 31.47 14.71
CA LYS K 21 34.97 32.01 13.52
C LYS K 21 34.90 31.03 12.36
N SER K 22 33.96 30.09 12.42
CA SER K 22 33.77 29.13 11.34
C SER K 22 32.32 29.14 10.92
N THR K 23 32.11 28.84 9.64
CA THR K 23 30.77 28.96 9.07
C THR K 23 29.87 27.80 9.42
N PHE K 24 30.40 26.75 10.04
CA PHE K 24 29.54 25.66 10.49
C PHE K 24 28.59 26.13 11.58
N LEU K 25 29.07 27.04 12.44
CA LEU K 25 28.20 27.67 13.41
C LEU K 25 27.17 28.56 12.73
N ARG K 26 27.53 29.15 11.60
CA ARG K 26 26.59 29.98 10.87
C ARG K 26 25.49 29.12 10.24
N ARG K 27 25.86 27.92 9.77
CA ARG K 27 24.86 27.03 9.20
C ARG K 27 23.96 26.46 10.28
N LEU K 28 24.52 26.21 11.47
CA LEU K 28 23.70 25.86 12.61
C LEU K 28 22.77 26.99 13.03
N ALA K 29 23.22 28.23 12.87
CA ALA K 29 22.37 29.37 13.18
C ALA K 29 21.23 29.47 12.19
N ASP K 30 21.51 29.21 10.91
CA ASP K 30 20.45 29.16 9.92
C ASP K 30 19.51 27.99 10.14
N LEU K 31 19.98 26.93 10.78
CA LEU K 31 19.15 25.76 10.97
C LEU K 31 18.28 25.86 12.23
N PHE K 32 18.91 26.02 13.38
CA PHE K 32 18.18 26.15 14.62
C PHE K 32 17.66 27.57 14.80
N GLY K 33 18.57 28.52 14.91
CA GLY K 33 18.27 29.88 15.32
C GLY K 33 18.95 30.19 16.63
N GLU K 34 19.42 31.44 16.76
CA GLU K 34 20.11 31.87 17.96
C GLU K 34 19.14 32.10 19.11
N ASP K 35 17.84 32.08 18.83
CA ASP K 35 16.87 31.99 19.90
C ASP K 35 16.93 30.63 20.60
N PHE K 36 17.04 29.55 19.82
CA PHE K 36 16.99 28.23 20.44
C PHE K 36 18.34 27.77 20.95
N MET K 37 19.43 28.31 20.39
CA MET K 37 20.75 27.92 20.85
C MET K 37 21.58 29.12 21.26
N THR K 38 22.57 28.87 22.10
CA THR K 38 23.55 29.86 22.49
C THR K 38 24.93 29.32 22.19
N VAL K 39 25.88 30.23 22.03
CA VAL K 39 27.24 29.89 21.65
C VAL K 39 28.15 30.10 22.84
N ILE K 40 29.03 29.13 23.10
CA ILE K 40 30.02 29.22 24.16
C ILE K 40 31.39 28.99 23.56
N CYS K 41 32.20 30.04 23.48
CA CYS K 41 33.61 29.84 23.16
C CYS K 41 34.32 29.19 24.33
N LEU K 42 35.42 28.50 24.04
CA LEU K 42 36.17 27.80 25.07
C LEU K 42 37.60 28.32 25.22
N ASP K 43 37.94 29.42 24.57
CA ASP K 43 39.14 30.15 24.95
C ASP K 43 38.94 30.97 26.21
N ASP K 44 37.71 31.09 26.70
CA ASP K 44 37.44 31.89 27.88
C ASP K 44 37.95 31.25 29.16
N TYR K 45 38.10 29.94 29.21
CA TYR K 45 38.52 29.27 30.43
C TYR K 45 40.02 29.13 30.53
N HIS K 46 40.78 30.02 29.90
CA HIS K 46 42.23 30.00 30.04
C HIS K 46 42.64 30.30 31.47
N SER K 47 43.73 29.67 31.90
CA SER K 47 44.21 29.87 33.26
C SER K 47 44.80 31.26 33.43
N LEU K 48 45.87 31.55 32.69
CA LEU K 48 46.48 32.87 32.75
C LEU K 48 46.80 33.35 31.34
N ASP K 49 47.45 34.51 31.28
CA ASP K 49 47.45 35.33 30.09
C ASP K 49 48.64 35.03 29.18
N ARG K 50 48.72 35.76 28.07
CA ARG K 50 49.82 35.64 27.12
C ARG K 50 51.13 36.13 27.71
N LYS K 51 51.05 37.02 28.72
CA LYS K 51 52.22 37.32 29.53
C LYS K 51 52.70 36.08 30.27
N GLN K 52 51.78 35.38 30.94
CA GLN K 52 52.17 34.16 31.61
C GLN K 52 52.39 33.01 30.66
N ARG K 53 51.85 33.09 29.44
CA ARG K 53 52.25 32.13 28.42
C ARG K 53 53.70 32.33 28.02
N LYS K 54 54.14 33.58 27.98
CA LYS K 54 55.52 33.86 27.63
C LYS K 54 56.45 33.54 28.78
N GLU K 55 55.98 33.77 30.02
CA GLU K 55 56.79 33.46 31.18
C GLU K 55 56.90 31.95 31.39
N MET K 56 55.78 31.22 31.30
CA MET K 56 55.79 29.78 31.45
C MET K 56 56.24 29.06 30.19
N GLY K 57 56.40 29.78 29.08
CA GLY K 57 56.87 29.18 27.84
C GLY K 57 55.90 28.20 27.25
N ILE K 58 54.61 28.48 27.31
CA ILE K 58 53.59 27.49 27.02
C ILE K 58 52.56 28.07 26.06
N THR K 59 52.00 27.22 25.21
CA THR K 59 51.01 27.65 24.24
C THR K 59 49.63 27.71 24.90
N ALA K 60 48.61 28.00 24.09
CA ALA K 60 47.24 27.96 24.55
C ALA K 60 46.62 26.59 24.37
N LEU K 61 47.42 25.54 24.37
CA LEU K 61 46.95 24.20 24.09
C LEU K 61 47.23 23.24 25.24
N ASP K 62 47.76 23.73 26.33
CA ASP K 62 48.20 22.92 27.44
C ASP K 62 46.99 22.48 28.27
N PRO K 63 46.94 21.21 28.67
CA PRO K 63 46.02 20.83 29.75
C PRO K 63 46.32 21.48 31.10
N ARG K 64 47.48 22.10 31.28
CA ARG K 64 47.61 23.00 32.43
C ARG K 64 46.87 24.30 32.19
N ALA K 65 46.79 24.74 30.94
CA ALA K 65 46.47 26.13 30.63
C ALA K 65 45.00 26.49 30.80
N ASN K 66 44.15 25.56 31.25
CA ASN K 66 42.75 25.86 31.43
C ASN K 66 42.29 25.37 32.79
N ASN K 67 41.32 26.09 33.35
CA ASN K 67 40.67 25.60 34.56
C ASN K 67 39.59 24.63 34.10
N PHE K 68 40.00 23.37 33.93
CA PHE K 68 39.09 22.35 33.43
C PHE K 68 38.03 21.93 34.45
N ASP K 69 38.19 22.30 35.71
CA ASP K 69 37.22 21.89 36.70
C ASP K 69 36.09 22.89 36.84
N LEU K 70 36.39 24.19 36.78
CA LEU K 70 35.33 25.18 36.91
C LEU K 70 34.43 25.22 35.68
N MET K 71 35.01 24.95 34.49
CA MET K 71 34.17 24.77 33.31
C MET K 71 33.27 23.55 33.47
N TYR K 72 33.75 22.51 34.16
CA TYR K 72 32.92 21.33 34.38
C TYR K 72 31.80 21.65 35.36
N GLU K 73 32.10 22.47 36.36
CA GLU K 73 31.08 22.83 37.33
C GLU K 73 29.99 23.68 36.70
N GLN K 74 30.38 24.64 35.85
CA GLN K 74 29.37 25.39 35.11
C GLN K 74 28.63 24.52 34.12
N ILE K 75 29.31 23.53 33.54
CA ILE K 75 28.67 22.67 32.55
C ILE K 75 27.66 21.76 33.21
N LYS K 76 27.98 21.26 34.41
CA LYS K 76 27.00 20.46 35.13
C LYS K 76 25.86 21.32 35.66
N ALA K 77 26.15 22.56 36.05
CA ALA K 77 25.10 23.47 36.47
C ALA K 77 24.22 23.92 35.30
N LEU K 78 24.72 23.79 34.07
CA LEU K 78 23.90 24.03 32.89
C LEU K 78 22.74 23.06 32.82
N LYS K 79 22.96 21.80 33.21
CA LYS K 79 21.91 20.80 33.17
C LYS K 79 20.80 21.10 34.17
N ASN K 80 21.15 21.75 35.28
CA ASN K 80 20.20 22.01 36.35
C ASN K 80 19.38 23.27 36.16
N GLY K 81 19.61 24.02 35.07
CA GLY K 81 18.77 25.12 34.69
C GLY K 81 19.25 26.50 35.11
N GLU K 82 20.21 26.58 36.03
CA GLU K 82 20.60 27.86 36.60
C GLU K 82 21.44 28.66 35.61
N SER K 83 21.36 29.98 35.72
CA SER K 83 22.12 30.85 34.83
C SER K 83 23.58 30.83 35.23
N ILE K 84 24.44 30.44 34.30
CA ILE K 84 25.85 30.30 34.60
C ILE K 84 26.55 31.66 34.51
N MET K 85 27.74 31.72 35.08
CA MET K 85 28.52 32.94 35.24
C MET K 85 29.88 32.64 34.62
N LYS K 86 30.01 32.88 33.31
CA LYS K 86 31.27 32.40 32.79
C LYS K 86 32.24 33.55 32.52
N PRO K 87 33.52 33.34 32.82
CA PRO K 87 34.53 34.37 32.55
C PRO K 87 34.77 34.54 31.07
N ILE K 88 35.50 35.59 30.71
CA ILE K 88 35.74 35.94 29.32
C ILE K 88 37.22 36.27 29.13
N TYR K 89 37.86 35.56 28.21
CA TYR K 89 39.21 35.89 27.77
C TYR K 89 39.16 37.20 26.98
N ASN K 90 39.74 38.25 27.53
CA ASN K 90 39.92 39.49 26.77
C ASN K 90 40.95 39.21 25.68
N HIS K 91 40.49 39.15 24.44
CA HIS K 91 41.30 38.62 23.36
C HIS K 91 42.39 39.59 22.90
N GLU K 92 42.14 40.89 22.95
CA GLU K 92 43.13 41.84 22.47
C GLU K 92 44.29 41.96 23.44
N THR K 93 43.99 41.95 24.73
CA THR K 93 45.01 42.07 25.76
C THR K 93 45.57 40.73 26.21
N GLY K 94 44.87 39.63 25.93
CA GLY K 94 45.23 38.37 26.51
C GLY K 94 44.74 38.16 27.92
N THR K 95 44.08 39.16 28.50
CA THR K 95 43.68 39.11 29.89
C THR K 95 42.29 38.50 30.03
N ILE K 96 41.73 38.61 31.23
CA ILE K 96 40.50 37.92 31.60
C ILE K 96 39.50 38.95 32.10
N ASP K 97 38.32 38.97 31.48
CA ASP K 97 37.22 39.80 31.96
C ASP K 97 36.63 39.20 33.23
N PRO K 98 36.21 40.02 34.20
CA PRO K 98 35.19 39.59 35.16
C PRO K 98 33.97 39.04 34.44
N PRO K 99 33.37 37.98 34.98
CA PRO K 99 32.51 37.10 34.16
C PRO K 99 31.18 37.75 33.79
N GLU K 100 30.49 37.09 32.87
CA GLU K 100 29.15 37.46 32.45
C GLU K 100 28.16 36.38 32.84
N LYS K 101 27.01 36.80 33.37
CA LYS K 101 25.93 35.91 33.75
C LYS K 101 25.05 35.69 32.53
N VAL K 102 25.13 34.50 31.95
CA VAL K 102 24.32 34.12 30.81
C VAL K 102 23.43 32.96 31.22
N ASP K 103 22.34 32.81 30.50
CA ASP K 103 21.35 31.81 30.89
C ASP K 103 21.37 30.63 29.93
N PRO K 104 20.97 29.45 30.38
CA PRO K 104 20.82 28.32 29.45
C PRO K 104 19.64 28.52 28.50
N ASN K 105 19.59 27.64 27.52
CA ASN K 105 18.66 27.77 26.40
C ASN K 105 18.13 26.37 26.09
N HIS K 106 17.45 26.21 24.96
CA HIS K 106 17.05 24.87 24.53
C HIS K 106 18.24 24.06 24.09
N VAL K 107 19.15 24.67 23.34
CA VAL K 107 20.33 24.00 22.81
C VAL K 107 21.55 24.74 23.31
N ILE K 108 22.52 24.00 23.82
CA ILE K 108 23.77 24.57 24.29
C ILE K 108 24.88 23.95 23.48
N VAL K 109 25.78 24.79 22.96
CA VAL K 109 26.91 24.29 22.21
C VAL K 109 28.16 24.52 23.03
N ILE K 110 29.18 23.74 22.73
CA ILE K 110 30.50 23.85 23.33
C ILE K 110 31.51 23.74 22.20
N GLU K 111 32.36 24.74 22.06
CA GLU K 111 33.35 24.66 21.00
C GLU K 111 34.65 25.34 21.40
N GLY K 112 35.75 24.67 21.10
CA GLY K 112 37.07 25.20 21.41
C GLY K 112 38.13 24.20 21.03
N LEU K 113 39.34 24.45 21.54
CA LEU K 113 40.45 23.52 21.31
C LEU K 113 40.32 22.27 22.15
N HIS K 114 39.82 22.38 23.38
CA HIS K 114 39.56 21.22 24.22
C HIS K 114 38.12 21.19 24.68
N PRO K 115 37.18 20.81 23.81
CA PRO K 115 35.83 20.57 24.28
C PRO K 115 35.65 19.16 24.80
N LEU K 116 36.63 18.30 24.54
CA LEU K 116 36.46 16.87 24.69
C LEU K 116 37.61 16.24 25.45
N TYR K 117 38.62 17.04 25.83
CA TYR K 117 39.78 16.50 26.53
C TYR K 117 39.41 15.98 27.90
N ASP K 118 38.49 16.65 28.58
CA ASP K 118 37.96 16.11 29.81
C ASP K 118 37.07 14.92 29.52
N GLU K 119 37.06 13.97 30.44
CA GLU K 119 36.38 12.70 30.25
C GLU K 119 35.03 12.68 30.92
N ARG K 120 34.88 13.44 32.00
CA ARG K 120 33.57 13.63 32.61
C ARG K 120 32.66 14.46 31.72
N VAL K 121 33.20 15.47 31.04
CA VAL K 121 32.36 16.17 30.07
C VAL K 121 32.21 15.34 28.81
N ARG K 122 33.13 14.43 28.54
CA ARG K 122 32.95 13.49 27.45
C ARG K 122 31.82 12.53 27.77
N SER K 123 31.63 12.24 29.05
CA SER K 123 30.44 11.57 29.52
C SER K 123 29.23 12.49 29.56
N LEU K 124 29.44 13.81 29.47
CA LEU K 124 28.32 14.74 29.51
C LEU K 124 27.81 15.14 28.13
N ILE K 125 28.70 15.25 27.13
CA ILE K 125 28.32 15.80 25.83
C ILE K 125 27.41 14.83 25.09
N ASP K 126 26.28 15.35 24.61
CA ASP K 126 25.28 14.51 23.96
C ASP K 126 25.64 14.20 22.51
N PHE K 127 26.36 15.09 21.84
CA PHE K 127 26.79 14.83 20.47
C PHE K 127 28.03 15.63 20.16
N SER K 128 28.97 15.00 19.49
CA SER K 128 30.32 15.53 19.37
C SER K 128 30.72 15.61 17.90
N VAL K 129 31.50 16.63 17.57
CA VAL K 129 32.03 16.83 16.22
C VAL K 129 33.46 17.31 16.34
N TYR K 130 34.39 16.55 15.80
CA TYR K 130 35.72 17.07 15.54
C TYR K 130 35.73 17.59 14.12
N LEU K 131 36.56 18.58 13.85
CA LEU K 131 36.66 19.11 12.49
C LEU K 131 38.12 19.19 12.12
N ASP K 132 38.56 18.29 11.25
CA ASP K 132 39.96 18.19 10.88
C ASP K 132 40.22 18.99 9.61
N ILE K 133 41.46 19.41 9.47
CA ILE K 133 41.91 20.20 8.33
C ILE K 133 43.26 19.65 7.92
N SER K 134 43.46 19.40 6.63
CA SER K 134 44.81 19.03 6.24
C SER K 134 45.69 20.26 6.17
N ASP K 135 47.00 20.03 6.28
CA ASP K 135 47.95 21.13 6.39
C ASP K 135 48.07 21.91 5.08
N ASP K 136 47.75 21.29 3.96
CA ASP K 136 47.84 21.97 2.67
C ASP K 136 46.82 23.09 2.57
N VAL K 137 45.58 22.81 2.93
CA VAL K 137 44.57 23.85 2.87
C VAL K 137 44.68 24.78 4.07
N LYS K 138 45.41 24.36 5.12
CA LYS K 138 45.86 25.31 6.13
C LYS K 138 46.74 26.37 5.50
N ILE K 139 47.73 25.94 4.70
CA ILE K 139 48.61 26.88 4.02
C ILE K 139 47.83 27.71 3.01
N ALA K 140 46.90 27.09 2.30
CA ALA K 140 46.11 27.82 1.33
C ALA K 140 45.13 28.80 1.98
N TRP K 141 44.73 28.55 3.22
CA TRP K 141 43.91 29.52 3.92
C TRP K 141 44.73 30.60 4.58
N LYS K 142 45.96 30.30 5.00
CA LYS K 142 46.79 31.35 5.58
C LYS K 142 47.35 32.27 4.49
N ILE K 143 47.53 31.77 3.27
CA ILE K 143 47.90 32.63 2.16
C ILE K 143 46.77 33.62 1.85
N LYS K 144 45.52 33.15 1.90
CA LYS K 144 44.40 34.07 1.77
C LYS K 144 44.28 34.97 2.99
N ARG K 145 44.72 34.50 4.15
CA ARG K 145 44.66 35.29 5.37
C ARG K 145 45.61 36.47 5.33
N ASP K 146 46.84 36.25 4.90
CA ASP K 146 47.83 37.32 4.84
C ASP K 146 47.92 37.97 3.46
N MET K 147 47.09 37.53 2.51
CA MET K 147 47.00 38.14 1.20
C MET K 147 45.86 39.14 1.10
N ALA K 148 44.69 38.79 1.64
CA ALA K 148 43.58 39.73 1.65
C ALA K 148 43.84 40.88 2.60
N GLU K 149 44.48 40.59 3.73
CA GLU K 149 44.84 41.66 4.66
C GLU K 149 46.05 42.44 4.21
N ARG K 150 46.89 41.84 3.34
CA ARG K 150 48.14 42.40 2.85
C ARG K 150 49.08 42.79 4.00
N GLY K 151 49.10 41.96 5.04
CA GLY K 151 49.96 42.24 6.18
C GLY K 151 51.43 42.01 5.92
N HIS K 152 51.76 41.27 4.85
CA HIS K 152 53.13 40.88 4.49
C HIS K 152 53.81 40.16 5.64
N SER K 153 53.26 38.99 5.98
CA SER K 153 53.83 38.16 7.04
C SER K 153 53.93 36.71 6.59
N TYR K 154 53.88 36.48 5.29
CA TYR K 154 53.83 35.14 4.72
C TYR K 154 55.18 34.45 4.81
N GLU K 155 55.15 33.13 4.54
CA GLU K 155 56.22 32.18 4.22
C GLU K 155 57.18 31.90 5.37
N ASP K 156 57.06 32.61 6.49
CA ASP K 156 57.60 32.13 7.75
C ASP K 156 56.48 31.61 8.63
N VAL K 157 55.24 31.95 8.28
CA VAL K 157 54.10 31.24 8.86
C VAL K 157 54.10 29.78 8.42
N ILE K 158 54.72 29.48 7.28
CA ILE K 158 55.03 28.11 6.91
C ILE K 158 55.87 27.44 7.99
N ALA K 159 56.88 28.14 8.49
CA ALA K 159 57.65 27.60 9.59
C ALA K 159 56.94 27.71 10.92
N SER K 160 55.89 28.51 11.01
CA SER K 160 55.06 28.48 12.20
C SER K 160 54.17 27.25 12.24
N ILE K 161 53.81 26.73 11.05
CA ILE K 161 52.94 25.56 10.96
C ILE K 161 53.57 24.36 11.62
N ASN K 162 54.76 23.96 11.16
CA ASN K 162 55.38 22.76 11.70
C ASN K 162 55.91 22.95 13.12
N ALA K 163 56.06 24.19 13.57
CA ALA K 163 56.35 24.42 14.98
C ALA K 163 55.10 24.31 15.82
N ARG K 164 53.95 24.69 15.27
CA ARG K 164 52.69 24.49 15.97
C ARG K 164 52.27 23.03 15.94
N ARG K 165 52.82 22.27 15.00
CA ARG K 165 52.43 20.88 14.76
C ARG K 165 52.59 19.91 15.93
N PRO K 166 53.76 19.75 16.57
CA PRO K 166 54.01 18.46 17.26
C PRO K 166 53.22 18.28 18.53
N ASP K 167 53.12 19.32 19.35
CA ASP K 167 52.29 19.24 20.53
C ASP K 167 50.81 19.20 20.20
N PHE K 168 50.43 19.80 19.07
CA PHE K 168 49.04 19.78 18.61
C PHE K 168 48.58 18.37 18.34
N MET K 169 49.44 17.55 17.74
CA MET K 169 49.14 16.15 17.54
C MET K 169 49.11 15.39 18.84
N ALA K 170 49.81 15.87 19.87
CA ALA K 170 49.73 15.24 21.17
C ALA K 170 48.50 15.73 21.93
N TYR K 171 48.22 17.03 21.85
CA TYR K 171 47.19 17.60 22.72
C TYR K 171 45.80 17.37 22.17
N ILE K 172 45.60 17.62 20.88
CA ILE K 172 44.27 17.79 20.30
C ILE K 172 43.83 16.56 19.53
N ASP K 173 44.69 16.07 18.64
CA ASP K 173 44.32 14.98 17.76
C ASP K 173 43.91 13.66 18.42
N PRO K 174 44.33 13.30 19.64
CA PRO K 174 43.67 12.15 20.27
C PRO K 174 42.25 12.40 20.74
N GLN K 175 41.70 13.61 20.62
CA GLN K 175 40.29 13.78 20.94
C GLN K 175 39.39 13.16 19.87
N LYS K 176 39.89 13.05 18.64
CA LYS K 176 39.05 12.55 17.56
C LYS K 176 38.78 11.05 17.70
N GLN K 177 39.56 10.36 18.53
CA GLN K 177 39.29 8.98 18.89
C GLN K 177 38.07 8.84 19.78
N TYR K 178 37.42 9.92 20.16
CA TYR K 178 36.23 9.86 20.97
C TYR K 178 35.08 10.68 20.42
N ALA K 179 35.31 11.47 19.37
CA ALA K 179 34.22 12.19 18.74
C ALA K 179 33.36 11.24 17.92
N ASP K 180 32.15 11.68 17.61
CA ASP K 180 31.27 10.91 16.74
C ASP K 180 31.65 11.12 15.28
N VAL K 181 31.57 12.37 14.83
CA VAL K 181 31.72 12.71 13.44
C VAL K 181 32.97 13.55 13.30
N VAL K 182 33.82 13.20 12.35
CA VAL K 182 35.03 13.99 12.08
C VAL K 182 35.12 14.27 10.59
N LEU K 183 35.23 15.54 10.25
CA LEU K 183 35.26 15.97 8.86
C LEU K 183 36.69 16.31 8.49
N GLN K 184 37.28 15.53 7.60
CA GLN K 184 38.58 15.85 7.06
C GLN K 184 38.42 16.56 5.74
N ILE K 185 39.31 17.51 5.48
CA ILE K 185 39.29 18.29 4.26
C ILE K 185 40.65 18.17 3.62
N LEU K 186 40.70 17.71 2.38
CA LEU K 186 41.93 17.36 1.71
C LEU K 186 42.06 18.15 0.42
N PRO K 187 43.26 18.24 -0.15
CA PRO K 187 43.38 18.72 -1.51
C PRO K 187 42.70 17.76 -2.47
N SER K 188 42.14 18.32 -3.54
CA SER K 188 41.39 17.50 -4.47
C SER K 188 42.33 16.71 -5.37
N GLN K 189 42.16 15.40 -5.37
CA GLN K 189 42.81 14.54 -6.34
C GLN K 189 42.27 14.76 -7.75
N LEU K 190 41.04 15.28 -7.86
CA LEU K 190 40.40 15.39 -9.16
C LEU K 190 41.00 16.50 -10.00
N ALA K 191 41.12 17.69 -9.44
CA ALA K 191 41.61 18.84 -10.18
C ALA K 191 43.04 19.15 -9.78
N LYS K 192 43.89 19.41 -10.77
CA LYS K 192 45.31 19.61 -10.53
C LYS K 192 45.80 20.99 -10.92
N GLU K 193 45.30 21.56 -12.00
CA GLU K 193 45.79 22.85 -12.51
C GLU K 193 44.93 23.94 -11.90
N GLU K 194 45.06 24.11 -10.59
CA GLU K 194 44.50 25.26 -9.88
C GLU K 194 45.51 25.64 -8.81
N LYS K 195 45.16 26.66 -8.02
CA LYS K 195 45.84 26.80 -6.75
C LYS K 195 45.32 25.74 -5.79
N VAL K 196 46.11 25.47 -4.74
CA VAL K 196 45.92 24.25 -3.98
C VAL K 196 44.72 24.31 -3.04
N GLY K 197 43.98 25.41 -3.00
CA GLY K 197 42.85 25.50 -2.09
C GLY K 197 41.50 25.82 -2.70
N ASN K 198 41.33 25.64 -4.01
CA ASN K 198 40.05 25.97 -4.61
C ASN K 198 39.01 24.89 -4.33
N ILE K 199 39.27 23.66 -4.78
CA ILE K 199 38.31 22.57 -4.72
C ILE K 199 38.78 21.62 -3.63
N LEU K 200 37.87 21.23 -2.76
CA LEU K 200 38.21 20.42 -1.60
C LEU K 200 37.76 18.98 -1.79
N ARG K 201 38.50 18.07 -1.18
CA ARG K 201 38.18 16.65 -1.17
C ARG K 201 37.82 16.33 0.27
N VAL K 202 36.55 16.37 0.57
CA VAL K 202 36.11 16.34 1.96
C VAL K 202 35.49 15.00 2.28
N ARG K 203 35.55 14.63 3.55
CA ARG K 203 35.07 13.32 3.94
C ARG K 203 34.63 13.36 5.40
N MET K 204 33.46 12.83 5.68
CA MET K 204 32.90 12.88 7.03
C MET K 204 32.88 11.49 7.63
N LEU K 205 33.98 11.15 8.29
CA LEU K 205 34.11 9.87 8.98
C LEU K 205 33.18 9.88 10.16
N GLN K 206 32.06 9.18 10.03
CA GLN K 206 31.07 9.12 11.09
C GLN K 206 31.08 7.74 11.72
N ARG K 207 30.68 7.68 12.98
CA ARG K 207 30.89 6.51 13.81
C ARG K 207 29.56 5.80 14.07
N GLU K 208 29.59 4.48 14.01
CA GLU K 208 28.42 3.68 14.35
C GLU K 208 28.31 3.53 15.87
N GLY K 209 27.49 2.60 16.31
CA GLY K 209 27.42 2.35 17.74
C GLY K 209 26.31 3.09 18.43
N ILE K 210 26.66 4.23 19.03
CA ILE K 210 25.80 5.05 19.89
C ILE K 210 24.46 5.36 19.25
N PRO K 211 23.36 4.95 19.88
CA PRO K 211 22.06 4.97 19.22
C PRO K 211 21.55 6.38 19.02
N GLY K 212 20.51 6.48 18.20
CA GLY K 212 19.99 7.76 17.74
C GLY K 212 20.71 8.25 16.51
N PHE K 213 22.04 8.22 16.54
CA PHE K 213 22.84 8.59 15.38
C PHE K 213 22.82 7.45 14.38
N GLU K 214 22.08 7.63 13.31
CA GLU K 214 22.27 6.76 12.17
C GLU K 214 23.48 7.24 11.38
N PRO K 215 24.03 6.40 10.53
CA PRO K 215 24.88 6.90 9.46
C PRO K 215 24.03 7.36 8.29
N VAL K 216 24.67 8.06 7.36
CA VAL K 216 24.08 8.41 6.09
C VAL K 216 24.81 7.65 4.99
N TYR K 217 24.15 6.64 4.44
CA TYR K 217 24.80 5.71 3.55
C TYR K 217 24.38 5.97 2.12
N LEU K 218 25.33 5.85 1.21
CA LEU K 218 25.08 6.05 -0.21
C LEU K 218 24.84 4.69 -0.84
N PHE K 219 23.56 4.36 -1.03
CA PHE K 219 22.99 3.22 -1.76
C PHE K 219 23.12 1.87 -1.10
N ASP K 220 23.91 1.77 -0.02
CA ASP K 220 24.16 0.50 0.64
C ASP K 220 24.89 0.76 1.94
N GLU K 221 24.48 0.08 2.98
CA GLU K 221 25.23 0.14 4.23
C GLU K 221 26.40 -0.82 4.12
N GLY K 222 27.61 -0.28 4.14
CA GLY K 222 28.75 -1.12 4.41
C GLY K 222 29.29 -1.90 3.23
N SER K 223 29.51 -1.20 2.13
CA SER K 223 30.24 -1.75 0.98
C SER K 223 30.67 -0.57 0.15
N THR K 224 31.97 -0.44 -0.09
CA THR K 224 32.50 0.79 -0.65
C THR K 224 32.06 1.01 -2.09
N ILE K 225 31.60 2.23 -2.37
CA ILE K 225 30.90 2.58 -3.59
C ILE K 225 31.29 3.99 -4.03
N THR K 226 31.95 4.10 -5.16
CA THR K 226 32.46 5.38 -5.63
C THR K 226 31.64 5.83 -6.82
N TRP K 227 30.76 6.79 -6.59
CA TRP K 227 29.74 7.16 -7.56
C TRP K 227 30.03 8.51 -8.17
N ILE K 228 29.92 8.60 -9.49
CA ILE K 228 30.03 9.83 -10.25
C ILE K 228 28.67 10.10 -10.87
N PRO K 229 27.98 11.18 -10.50
CA PRO K 229 26.62 11.41 -10.98
C PRO K 229 26.52 12.02 -12.38
N CYS K 230 27.60 12.04 -13.14
CA CYS K 230 27.57 12.53 -14.51
C CYS K 230 26.91 11.52 -15.42
N GLY K 231 26.20 12.00 -16.42
CA GLY K 231 25.72 11.05 -17.40
C GLY K 231 24.50 11.45 -18.20
N ARG K 232 23.50 10.56 -18.19
CA ARG K 232 22.34 10.75 -19.05
C ARG K 232 21.46 11.90 -18.59
N LYS K 233 21.50 12.24 -17.32
CA LYS K 233 20.62 13.26 -16.81
C LYS K 233 21.33 14.47 -16.24
N LEU K 234 22.65 14.45 -16.17
CA LEU K 234 23.41 15.61 -15.71
C LEU K 234 24.56 15.85 -16.66
N THR K 235 24.65 17.08 -17.16
CA THR K 235 25.75 17.48 -18.04
C THR K 235 26.82 18.11 -17.15
N CYS K 236 27.87 17.34 -16.86
CA CYS K 236 28.85 17.79 -15.89
C CYS K 236 29.83 18.78 -16.49
N SER K 237 30.12 19.82 -15.73
CA SER K 237 31.12 20.81 -16.10
C SER K 237 32.50 20.29 -15.70
N TYR K 238 33.48 21.12 -15.82
CA TYR K 238 34.79 20.68 -15.33
C TYR K 238 34.96 21.10 -13.88
N PRO K 239 35.34 20.18 -12.99
CA PRO K 239 35.57 18.77 -13.27
C PRO K 239 34.40 17.88 -12.87
N GLY K 240 33.35 18.47 -12.35
CA GLY K 240 32.24 17.68 -11.88
C GLY K 240 32.52 17.09 -10.51
N ILE K 241 31.61 16.25 -10.09
CA ILE K 241 31.67 15.69 -8.76
C ILE K 241 32.15 14.25 -8.88
N ARG K 242 32.74 13.73 -7.82
CA ARG K 242 33.07 12.32 -7.73
C ARG K 242 32.86 11.93 -6.27
N LEU K 243 31.73 11.32 -5.96
CA LEU K 243 31.51 10.94 -4.58
C LEU K 243 32.30 9.69 -4.23
N SER K 244 32.10 9.25 -2.99
CA SER K 244 32.64 8.01 -2.49
C SER K 244 31.81 7.60 -1.29
N TYR K 245 32.17 6.47 -0.73
CA TYR K 245 31.58 5.88 0.46
C TYR K 245 32.47 4.71 0.80
N GLY K 246 32.42 4.27 2.03
CA GLY K 246 33.13 3.08 2.41
C GLY K 246 32.97 2.77 3.87
N PRO K 247 32.73 1.51 4.19
CA PRO K 247 32.89 1.09 5.57
C PRO K 247 34.37 1.03 5.88
N ASP K 248 34.68 1.25 7.14
CA ASP K 248 36.07 1.32 7.56
C ASP K 248 36.09 1.11 9.07
N GLU K 249 37.29 0.92 9.61
CA GLU K 249 37.48 0.88 11.06
C GLU K 249 38.61 1.83 11.39
N TYR K 250 38.23 3.04 11.84
CA TYR K 250 39.20 4.08 12.15
C TYR K 250 39.51 4.04 13.64
N TYR K 251 40.80 3.94 13.97
CA TYR K 251 41.31 3.78 15.33
C TYR K 251 40.68 2.58 16.04
N GLY K 252 40.38 1.53 15.29
CA GLY K 252 39.66 0.40 15.84
C GLY K 252 38.24 0.74 16.23
N HIS K 253 37.53 1.49 15.39
CA HIS K 253 36.16 1.83 15.69
C HIS K 253 35.32 1.76 14.43
N PRO K 254 34.12 1.19 14.51
CA PRO K 254 33.31 1.02 13.30
C PRO K 254 32.75 2.33 12.76
N VAL K 255 33.33 2.77 11.66
CA VAL K 255 33.03 4.05 11.05
C VAL K 255 32.51 3.81 9.64
N SER K 256 32.07 4.89 9.01
CA SER K 256 31.52 4.81 7.66
C SER K 256 31.82 6.14 6.97
N VAL K 257 32.89 6.17 6.19
CA VAL K 257 33.28 7.43 5.56
C VAL K 257 32.36 7.71 4.39
N LEU K 258 31.82 8.92 4.36
CA LEU K 258 31.10 9.45 3.20
C LEU K 258 31.89 10.64 2.68
N GLU K 259 32.15 10.64 1.38
CA GLU K 259 33.23 11.46 0.85
C GLU K 259 32.82 12.09 -0.47
N VAL K 260 33.16 13.37 -0.64
CA VAL K 260 32.80 14.13 -1.81
C VAL K 260 34.02 14.87 -2.33
N ASP K 261 34.27 14.76 -3.62
CA ASP K 261 35.26 15.59 -4.28
C ASP K 261 34.58 16.30 -5.45
N GLY K 262 34.78 17.61 -5.55
CA GLY K 262 34.31 18.35 -6.69
C GLY K 262 33.77 19.70 -6.29
N ARG K 263 33.19 20.39 -7.27
CA ARG K 263 32.65 21.74 -7.09
C ARG K 263 31.24 21.78 -7.64
N PHE K 264 30.29 22.16 -6.80
CA PHE K 264 28.90 22.26 -7.22
C PHE K 264 28.73 23.54 -8.02
N GLU K 265 28.44 23.40 -9.32
CA GLU K 265 28.39 24.55 -10.21
C GLU K 265 26.97 25.07 -10.42
N LYS K 266 25.96 24.27 -10.14
CA LYS K 266 24.59 24.64 -10.44
C LYS K 266 23.66 23.89 -9.51
N LEU K 267 22.38 23.90 -9.84
CA LEU K 267 21.31 23.45 -8.96
C LEU K 267 20.96 21.97 -9.11
N ASP K 268 20.80 21.51 -10.34
CA ASP K 268 20.31 20.16 -10.55
C ASP K 268 21.33 19.11 -10.13
N GLU K 269 22.61 19.41 -10.28
CA GLU K 269 23.62 18.48 -9.77
C GLU K 269 23.68 18.47 -8.25
N LEU K 270 23.09 19.45 -7.58
CA LEU K 270 23.05 19.40 -6.13
C LEU K 270 21.75 18.84 -5.60
N ILE K 271 20.68 18.85 -6.39
CA ILE K 271 19.48 18.14 -5.95
C ILE K 271 19.55 16.67 -6.31
N TYR K 272 20.26 16.34 -7.39
CA TYR K 272 20.31 14.95 -7.83
C TYR K 272 21.16 14.13 -6.88
N ILE K 273 22.16 14.73 -6.27
CA ILE K 273 22.92 14.02 -5.26
C ILE K 273 22.09 13.83 -4.01
N GLU K 274 21.33 14.85 -3.63
CA GLU K 274 20.59 14.78 -2.38
C GLU K 274 19.42 13.82 -2.47
N SER K 275 18.92 13.55 -3.68
CA SER K 275 17.82 12.60 -3.78
C SER K 275 18.26 11.17 -3.52
N HIS K 276 19.56 10.89 -3.51
CA HIS K 276 20.06 9.53 -3.40
C HIS K 276 20.75 9.21 -2.10
N LEU K 277 21.10 10.20 -1.30
CA LEU K 277 21.54 9.91 0.04
C LEU K 277 20.38 9.34 0.85
N SER K 278 20.71 8.59 1.88
CA SER K 278 19.72 7.86 2.65
C SER K 278 19.97 8.03 4.13
N ASN K 279 18.89 7.89 4.91
CA ASN K 279 18.85 8.18 6.35
C ASN K 279 19.37 9.57 6.67
N THR K 280 19.07 10.52 5.78
CA THR K 280 19.53 11.87 6.01
C THR K 280 18.66 12.63 6.98
N SER K 281 17.53 12.05 7.39
CA SER K 281 16.63 12.57 8.42
C SER K 281 16.12 13.97 8.07
N THR K 282 15.36 14.02 6.99
CA THR K 282 14.64 15.22 6.58
C THR K 282 13.15 14.99 6.72
N LYS K 283 12.45 15.99 7.22
CA LYS K 283 11.00 16.02 7.17
C LYS K 283 10.49 16.65 5.87
N HIS K 284 11.39 16.98 4.96
CA HIS K 284 11.10 17.86 3.83
C HIS K 284 11.95 17.42 2.65
N TYR K 285 11.34 17.28 1.48
CA TYR K 285 12.09 16.90 0.30
C TYR K 285 13.02 18.02 -0.13
N GLY K 286 14.26 17.67 -0.43
CA GLY K 286 15.24 18.66 -0.86
C GLY K 286 15.64 19.68 0.19
N GLU K 287 15.37 19.36 1.46
CA GLU K 287 15.62 20.31 2.54
C GLU K 287 17.09 20.63 2.67
N VAL K 288 17.95 19.68 2.33
CA VAL K 288 19.37 19.91 2.36
C VAL K 288 19.78 20.88 1.27
N THR K 289 19.12 20.82 0.12
CA THR K 289 19.45 21.77 -0.94
C THR K 289 18.96 23.17 -0.60
N GLU K 290 17.80 23.26 0.06
CA GLU K 290 17.33 24.56 0.53
C GLU K 290 18.28 25.14 1.56
N LEU K 291 18.77 24.30 2.47
CA LEU K 291 19.73 24.76 3.46
C LEU K 291 21.08 25.08 2.85
N LEU K 292 21.41 24.50 1.70
CA LEU K 292 22.58 24.97 0.99
C LEU K 292 22.37 26.34 0.38
N LEU K 293 21.20 26.57 -0.21
CA LEU K 293 21.00 27.77 -1.00
C LEU K 293 20.23 28.86 -0.26
N LYS K 294 20.06 28.75 1.04
CA LYS K 294 19.62 29.93 1.79
C LYS K 294 20.74 30.94 1.94
N HIS K 295 21.98 30.53 1.77
CA HIS K 295 23.14 31.42 1.89
C HIS K 295 24.10 31.05 0.78
N ARG K 296 23.96 31.72 -0.36
CA ARG K 296 24.88 31.48 -1.46
C ARG K 296 26.24 32.11 -1.22
N ASP K 297 26.32 33.05 -0.29
CA ASP K 297 27.54 33.81 -0.07
C ASP K 297 28.50 33.14 0.90
N TYR K 298 28.06 32.11 1.61
CA TYR K 298 28.92 31.49 2.62
C TYR K 298 30.11 30.82 1.96
N PRO K 299 31.29 30.89 2.58
CA PRO K 299 32.46 30.22 1.99
C PRO K 299 32.28 28.71 2.07
N GLY K 300 32.58 28.05 0.96
CA GLY K 300 32.45 26.62 0.93
C GLY K 300 31.07 26.09 0.64
N SER K 301 30.17 26.91 0.11
CA SER K 301 28.87 26.38 -0.28
C SER K 301 28.96 25.64 -1.61
N ASP K 302 29.89 26.04 -2.47
CA ASP K 302 30.03 25.46 -3.79
C ASP K 302 30.76 24.13 -3.80
N ASN K 303 31.25 23.67 -2.66
CA ASN K 303 31.89 22.37 -2.59
C ASN K 303 31.31 21.54 -1.46
N GLY K 304 31.90 20.39 -1.19
CA GLY K 304 31.26 19.46 -0.29
C GLY K 304 31.33 19.83 1.18
N SER K 305 32.10 20.86 1.52
CA SER K 305 32.20 21.27 2.92
C SER K 305 30.85 21.76 3.43
N GLY K 306 30.20 22.62 2.64
CA GLY K 306 28.86 23.06 2.97
C GLY K 306 27.83 21.96 2.90
N LEU K 307 28.09 20.91 2.13
CA LEU K 307 27.19 19.77 2.15
C LEU K 307 27.33 19.02 3.47
N PHE K 308 28.56 18.74 3.86
CA PHE K 308 28.77 17.86 5.01
C PHE K 308 28.45 18.55 6.32
N GLN K 309 28.71 19.85 6.40
CA GLN K 309 28.40 20.59 7.61
C GLN K 309 26.91 20.62 7.87
N VAL K 310 26.12 20.83 6.83
CA VAL K 310 24.69 20.84 7.05
C VAL K 310 24.15 19.43 7.23
N LEU K 311 24.85 18.42 6.70
CA LEU K 311 24.42 17.05 7.00
C LEU K 311 24.63 16.72 8.47
N THR K 312 25.76 17.14 9.02
CA THR K 312 26.02 16.94 10.43
C THR K 312 25.04 17.73 11.29
N GLY K 313 24.72 18.96 10.88
CA GLY K 313 23.74 19.73 11.62
C GLY K 313 22.35 19.13 11.53
N LEU K 314 22.05 18.47 10.42
CA LEU K 314 20.77 17.81 10.30
C LEU K 314 20.70 16.56 11.16
N LYS K 315 21.84 15.89 11.33
CA LYS K 315 21.90 14.82 12.32
C LYS K 315 21.80 15.38 13.73
N MET K 316 22.23 16.62 13.94
CA MET K 316 22.04 17.24 15.24
C MET K 316 20.56 17.52 15.51
N ARG K 317 19.81 17.90 14.47
CA ARG K 317 18.36 17.97 14.59
C ARG K 317 17.78 16.62 14.97
N ALA K 318 18.32 15.56 14.37
CA ALA K 318 17.83 14.22 14.70
C ALA K 318 18.11 13.86 16.15
N THR K 319 19.30 14.19 16.64
CA THR K 319 19.62 13.90 18.03
C THR K 319 18.79 14.75 18.99
N TYR K 320 18.49 15.99 18.59
CA TYR K 320 17.66 16.85 19.43
C TYR K 320 16.23 16.34 19.48
N GLU K 321 15.73 15.81 18.37
CA GLU K 321 14.38 15.26 18.39
C GLU K 321 14.35 13.94 19.15
N ARG K 322 15.46 13.22 19.17
CA ARG K 322 15.54 12.01 19.99
C ARG K 322 15.59 12.39 21.47
N LEU K 323 16.27 13.48 21.81
CA LEU K 323 16.40 13.87 23.21
C LEU K 323 15.17 14.57 23.76
N THR K 324 14.33 15.16 22.92
CA THR K 324 13.17 15.90 23.40
C THR K 324 11.85 15.22 23.06
N SER K 325 11.90 14.01 22.50
CA SER K 325 10.74 13.21 22.07
C SER K 325 9.82 13.95 21.12
N ARG L 7 -0.09 -12.54 36.43
CA ARG L 7 -1.30 -11.73 36.59
C ARG L 7 -2.51 -12.59 36.81
N VAL L 8 -3.56 -11.98 37.34
CA VAL L 8 -4.84 -12.65 37.56
C VAL L 8 -5.91 -11.87 36.82
N VAL L 9 -6.65 -12.55 35.95
CA VAL L 9 -7.76 -11.95 35.25
C VAL L 9 -9.03 -12.59 35.77
N LEU L 10 -10.16 -11.92 35.54
CA LEU L 10 -11.40 -12.39 36.14
C LEU L 10 -12.59 -12.14 35.20
N ILE L 11 -13.47 -13.14 35.12
CA ILE L 11 -14.60 -13.13 34.20
C ILE L 11 -15.85 -13.49 34.97
N GLY L 12 -16.85 -12.62 34.92
CA GLY L 12 -18.10 -12.82 35.63
C GLY L 12 -19.22 -13.20 34.68
N VAL L 13 -19.88 -14.32 34.98
CA VAL L 13 -21.00 -14.83 34.21
C VAL L 13 -22.21 -14.87 35.12
N ALA L 14 -23.36 -14.41 34.64
CA ALA L 14 -24.55 -14.38 35.47
C ALA L 14 -25.71 -15.03 34.74
N GLY L 15 -26.34 -16.01 35.38
CA GLY L 15 -27.52 -16.65 34.83
C GLY L 15 -28.00 -17.82 35.68
N ASP L 16 -29.28 -18.19 35.58
CA ASP L 16 -29.82 -19.30 36.34
C ASP L 16 -29.89 -20.59 35.53
N SER L 17 -28.93 -20.78 34.63
CA SER L 17 -28.85 -21.99 33.82
C SER L 17 -28.20 -23.16 34.54
N GLY L 18 -28.00 -23.05 35.86
CA GLY L 18 -27.28 -24.05 36.61
C GLY L 18 -25.80 -23.79 36.52
N CYS L 19 -25.10 -23.79 37.66
CA CYS L 19 -23.69 -23.44 37.65
C CYS L 19 -22.87 -24.59 37.06
N GLY L 20 -22.10 -24.28 36.02
CA GLY L 20 -21.46 -25.32 35.25
C GLY L 20 -22.41 -26.17 34.44
N LYS L 21 -23.61 -25.66 34.16
CA LYS L 21 -24.64 -26.43 33.48
C LYS L 21 -25.10 -25.74 32.20
N SER L 22 -24.28 -24.84 31.67
CA SER L 22 -24.59 -24.17 30.42
C SER L 22 -23.45 -24.35 29.45
N THR L 23 -23.79 -24.34 28.17
CA THR L 23 -22.81 -24.65 27.13
C THR L 23 -21.90 -23.49 26.82
N PHE L 24 -22.18 -22.29 27.36
CA PHE L 24 -21.27 -21.18 27.15
C PHE L 24 -19.93 -21.43 27.84
N LEU L 25 -19.97 -22.09 28.98
CA LEU L 25 -18.74 -22.53 29.62
C LEU L 25 -18.04 -23.60 28.80
N ARG L 26 -18.80 -24.41 28.08
CA ARG L 26 -18.21 -25.42 27.22
C ARG L 26 -17.52 -24.78 26.03
N ARG L 27 -18.10 -23.71 25.50
CA ARG L 27 -17.47 -23.01 24.38
C ARG L 27 -16.24 -22.26 24.85
N LEU L 28 -16.28 -21.72 26.07
CA LEU L 28 -15.07 -21.16 26.66
C LEU L 28 -14.01 -22.20 26.90
N ALA L 29 -14.41 -23.43 27.22
CA ALA L 29 -13.45 -24.51 27.39
C ALA L 29 -12.82 -24.88 26.07
N ASP L 30 -13.61 -24.89 25.00
CA ASP L 30 -13.06 -25.12 23.68
C ASP L 30 -12.17 -23.98 23.22
N LEU L 31 -12.39 -22.78 23.75
CA LEU L 31 -11.62 -21.62 23.32
C LEU L 31 -10.31 -21.49 24.09
N PHE L 32 -10.40 -21.36 25.40
CA PHE L 32 -9.21 -21.24 26.23
C PHE L 32 -8.59 -22.60 26.48
N GLY L 33 -9.33 -23.46 27.17
CA GLY L 33 -8.81 -24.71 27.70
C GLY L 33 -8.88 -24.69 29.22
N GLU L 34 -9.18 -25.86 29.80
CA GLU L 34 -9.30 -25.98 31.25
C GLU L 34 -7.93 -25.98 31.92
N ASP L 35 -6.86 -26.08 31.13
CA ASP L 35 -5.54 -25.80 31.65
C ASP L 35 -5.39 -24.32 31.99
N PHE L 36 -5.85 -23.43 31.11
CA PHE L 36 -5.62 -22.01 31.33
C PHE L 36 -6.67 -21.40 32.25
N MET L 37 -7.86 -21.99 32.32
CA MET L 37 -8.90 -21.44 33.18
C MET L 37 -9.42 -22.49 34.15
N THR L 38 -9.98 -22.01 35.25
CA THR L 38 -10.66 -22.85 36.22
C THR L 38 -12.08 -22.32 36.40
N VAL L 39 -12.96 -23.21 36.85
CA VAL L 39 -14.38 -22.89 37.00
C VAL L 39 -14.70 -22.78 38.48
N ILE L 40 -15.44 -21.75 38.85
CA ILE L 40 -15.90 -21.55 40.22
C ILE L 40 -17.40 -21.40 40.20
N CYS L 41 -18.13 -22.41 40.69
CA CYS L 41 -19.55 -22.22 40.94
C CYS L 41 -19.74 -21.29 42.13
N LEU L 42 -20.91 -20.65 42.17
CA LEU L 42 -21.20 -19.69 43.24
C LEU L 42 -22.41 -20.10 44.07
N ASP L 43 -22.93 -21.31 43.88
CA ASP L 43 -23.83 -21.88 44.88
C ASP L 43 -23.09 -22.40 46.10
N ASP L 44 -21.76 -22.46 46.04
CA ASP L 44 -20.99 -22.99 47.16
C ASP L 44 -20.96 -22.06 48.36
N TYR L 45 -21.14 -20.75 48.16
CA TYR L 45 -21.06 -19.82 49.27
C TYR L 45 -22.39 -19.58 49.95
N HIS L 46 -23.29 -20.56 49.90
CA HIS L 46 -24.55 -20.45 50.61
C HIS L 46 -24.32 -20.41 52.12
N SER L 47 -25.17 -19.64 52.81
CA SER L 47 -25.04 -19.51 54.26
C SER L 47 -25.44 -20.80 54.95
N LEU L 48 -26.69 -21.21 54.79
CA LEU L 48 -27.15 -22.44 55.40
C LEU L 48 -28.00 -23.22 54.40
N ASP L 49 -28.55 -24.32 54.87
CA ASP L 49 -29.01 -25.40 54.00
C ASP L 49 -30.48 -25.24 53.62
N ARG L 50 -30.97 -26.21 52.84
CA ARG L 50 -32.36 -26.25 52.43
C ARG L 50 -33.29 -26.54 53.59
N LYS L 51 -32.76 -27.17 54.64
CA LYS L 51 -33.47 -27.24 55.91
C LYS L 51 -33.66 -25.84 56.49
N GLN L 52 -32.59 -25.06 56.55
CA GLN L 52 -32.73 -23.69 57.04
C GLN L 52 -33.39 -22.78 56.02
N ARG L 53 -33.40 -23.16 54.74
CA ARG L 53 -34.23 -22.43 53.79
C ARG L 53 -35.70 -22.65 54.08
N LYS L 54 -36.04 -23.86 54.51
CA LYS L 54 -37.44 -24.15 54.82
C LYS L 54 -37.82 -23.54 56.16
N GLU L 55 -36.87 -23.51 57.09
CA GLU L 55 -37.15 -22.89 58.39
C GLU L 55 -37.25 -21.38 58.29
N MET L 56 -36.30 -20.75 57.59
CA MET L 56 -36.32 -19.30 57.40
C MET L 56 -37.30 -18.87 56.32
N GLY L 57 -37.86 -19.81 55.56
CA GLY L 57 -38.83 -19.49 54.53
C GLY L 57 -38.25 -18.70 53.39
N ILE L 58 -37.03 -19.02 52.97
CA ILE L 58 -36.26 -18.17 52.08
C ILE L 58 -35.69 -19.00 50.93
N THR L 59 -35.58 -18.38 49.76
CA THR L 59 -35.05 -19.06 48.58
C THR L 59 -33.53 -19.05 48.62
N ALA L 60 -32.91 -19.54 47.55
CA ALA L 60 -31.47 -19.46 47.38
C ALA L 60 -31.05 -18.20 46.66
N LEU L 61 -31.84 -17.14 46.76
CA LEU L 61 -31.60 -15.92 46.01
C LEU L 61 -31.43 -14.73 46.93
N ASP L 62 -31.44 -14.93 48.23
CA ASP L 62 -31.42 -13.86 49.21
C ASP L 62 -30.01 -13.31 49.35
N PRO L 63 -29.86 -11.98 49.39
CA PRO L 63 -28.60 -11.41 49.88
C PRO L 63 -28.28 -11.73 51.33
N ARG L 64 -29.23 -12.25 52.13
CA ARG L 64 -28.83 -12.86 53.39
C ARG L 64 -28.20 -14.21 53.16
N ALA L 65 -28.61 -14.92 52.13
CA ALA L 65 -28.38 -16.36 52.02
C ALA L 65 -26.94 -16.73 51.66
N ASN L 66 -26.04 -15.77 51.50
CA ASN L 66 -24.68 -16.08 51.14
C ASN L 66 -23.72 -15.32 52.04
N ASN L 67 -22.57 -15.94 52.30
CA ASN L 67 -21.51 -15.22 52.99
C ASN L 67 -20.77 -14.43 51.92
N PHE L 68 -21.27 -13.22 51.66
CA PHE L 68 -20.70 -12.38 50.62
C PHE L 68 -19.35 -11.80 50.99
N ASP L 69 -18.95 -11.87 52.25
CA ASP L 69 -17.68 -11.28 52.63
C ASP L 69 -16.54 -12.27 52.52
N LEU L 70 -16.77 -13.54 52.87
CA LEU L 70 -15.71 -14.53 52.77
C LEU L 70 -15.39 -14.88 51.33
N MET L 71 -16.41 -14.86 50.45
CA MET L 71 -16.14 -14.98 49.03
C MET L 71 -15.33 -13.80 48.52
N TYR L 72 -15.53 -12.61 49.09
CA TYR L 72 -14.75 -11.46 48.69
C TYR L 72 -13.32 -11.59 49.16
N GLU L 73 -13.13 -12.16 50.35
CA GLU L 73 -11.78 -12.34 50.87
C GLU L 73 -11.01 -13.35 50.06
N GLN L 74 -11.66 -14.45 49.68
CA GLN L 74 -11.00 -15.40 48.78
C GLN L 74 -10.78 -14.81 47.40
N ILE L 75 -11.70 -13.95 46.94
CA ILE L 75 -11.57 -13.37 45.62
C ILE L 75 -10.42 -12.37 45.58
N LYS L 76 -10.25 -11.61 46.65
CA LYS L 76 -9.10 -10.70 46.72
C LYS L 76 -7.81 -11.47 46.90
N ALA L 77 -7.85 -12.59 47.64
CA ALA L 77 -6.66 -13.42 47.79
C ALA L 77 -6.33 -14.17 46.49
N LEU L 78 -7.29 -14.29 45.59
CA LEU L 78 -7.01 -14.83 44.26
C LEU L 78 -6.04 -13.95 43.49
N LYS L 79 -6.15 -12.63 43.65
CA LYS L 79 -5.25 -11.72 42.95
C LYS L 79 -3.83 -11.83 43.45
N ASN L 80 -3.65 -12.19 44.72
CA ASN L 80 -2.34 -12.23 45.34
C ASN L 80 -1.60 -13.56 45.11
N GLY L 81 -2.21 -14.51 44.41
CA GLY L 81 -1.54 -15.72 43.97
C GLY L 81 -1.74 -16.94 44.85
N GLU L 82 -2.22 -16.77 46.08
CA GLU L 82 -2.29 -17.87 47.02
C GLU L 82 -3.41 -18.84 46.67
N SER L 83 -3.23 -20.09 47.03
CA SER L 83 -4.24 -21.11 46.76
C SER L 83 -5.41 -20.94 47.71
N ILE L 84 -6.58 -20.72 47.15
CA ILE L 84 -7.76 -20.46 47.96
C ILE L 84 -8.35 -21.77 48.47
N MET L 85 -9.20 -21.65 49.49
CA MET L 85 -9.79 -22.77 50.23
C MET L 85 -11.29 -22.55 50.17
N LYS L 86 -11.93 -23.07 49.12
CA LYS L 86 -13.33 -22.66 49.06
C LYS L 86 -14.25 -23.79 49.48
N PRO L 87 -15.30 -23.47 50.23
CA PRO L 87 -16.28 -24.49 50.64
C PRO L 87 -17.11 -24.98 49.46
N ILE L 88 -17.86 -26.05 49.68
CA ILE L 88 -18.64 -26.69 48.62
C ILE L 88 -20.03 -26.98 49.14
N TYR L 89 -21.03 -26.47 48.45
CA TYR L 89 -22.43 -26.84 48.67
C TYR L 89 -22.64 -28.28 48.24
N ASN L 90 -22.88 -29.16 49.20
CA ASN L 90 -23.31 -30.51 48.89
C ASN L 90 -24.70 -30.45 48.29
N HIS L 91 -24.79 -30.68 46.99
CA HIS L 91 -26.01 -30.38 46.26
C HIS L 91 -27.13 -31.36 46.51
N GLU L 92 -26.82 -32.64 46.73
CA GLU L 92 -27.87 -33.63 46.93
C GLU L 92 -28.52 -33.47 48.29
N THR L 93 -27.71 -33.19 49.31
CA THR L 93 -28.22 -33.03 50.67
C THR L 93 -28.61 -31.61 51.00
N GLY L 94 -28.14 -30.63 50.21
CA GLY L 94 -28.30 -29.25 50.59
C GLY L 94 -27.28 -28.76 51.59
N THR L 95 -26.39 -29.63 52.06
CA THR L 95 -25.46 -29.29 53.11
C THR L 95 -24.16 -28.73 52.52
N ILE L 96 -23.16 -28.58 53.38
CA ILE L 96 -21.93 -27.90 53.04
C ILE L 96 -20.75 -28.82 53.30
N ASP L 97 -19.92 -29.03 52.28
CA ASP L 97 -18.69 -29.78 52.43
C ASP L 97 -17.66 -28.94 53.18
N PRO L 98 -16.85 -29.54 54.04
CA PRO L 98 -15.55 -28.95 54.37
C PRO L 98 -14.75 -28.64 53.12
N PRO L 99 -14.05 -27.51 53.10
CA PRO L 99 -13.64 -26.87 51.84
C PRO L 99 -12.56 -27.65 51.10
N GLU L 100 -12.34 -27.25 49.85
CA GLU L 100 -11.27 -27.77 49.01
C GLU L 100 -10.26 -26.67 48.71
N LYS L 101 -8.99 -27.01 48.80
CA LYS L 101 -7.89 -26.11 48.49
C LYS L 101 -7.60 -26.20 47.00
N VAL L 102 -7.98 -25.17 46.26
CA VAL L 102 -7.72 -25.10 44.83
C VAL L 102 -6.81 -23.91 44.57
N ASP L 103 -6.11 -23.97 43.45
CA ASP L 103 -5.11 -22.96 43.17
C ASP L 103 -5.59 -22.02 42.07
N PRO L 104 -5.09 -20.78 42.03
CA PRO L 104 -5.40 -19.91 40.90
C PRO L 104 -4.71 -20.37 39.63
N ASN L 105 -5.10 -19.74 38.53
CA ASN L 105 -4.72 -20.16 37.19
C ASN L 105 -4.44 -18.88 36.39
N HIS L 106 -4.29 -19.02 35.07
CA HIS L 106 -4.17 -17.83 34.23
C HIS L 106 -5.49 -17.08 34.16
N VAL L 107 -6.59 -17.80 34.00
CA VAL L 107 -7.91 -17.21 33.87
C VAL L 107 -8.78 -17.76 34.98
N ILE L 108 -9.49 -16.88 35.67
CA ILE L 108 -10.40 -17.27 36.73
C ILE L 108 -11.79 -16.81 36.33
N VAL L 109 -12.77 -17.71 36.41
CA VAL L 109 -14.13 -17.33 36.11
C VAL L 109 -14.92 -17.33 37.40
N ILE L 110 -16.02 -16.57 37.39
CA ILE L 110 -16.97 -16.50 38.48
C ILE L 110 -18.35 -16.59 37.89
N GLU L 111 -19.14 -17.57 38.34
CA GLU L 111 -20.47 -17.67 37.78
C GLU L 111 -21.46 -18.18 38.83
N GLY L 112 -22.62 -17.55 38.87
CA GLY L 112 -23.66 -17.94 39.80
C GLY L 112 -24.84 -17.00 39.69
N LEU L 113 -25.73 -17.09 40.68
CA LEU L 113 -26.86 -16.18 40.72
C LEU L 113 -26.47 -14.77 41.15
N HIS L 114 -25.50 -14.63 42.04
CA HIS L 114 -24.98 -13.33 42.42
C HIS L 114 -23.48 -13.26 42.22
N PRO L 115 -23.01 -13.13 40.99
CA PRO L 115 -21.59 -12.85 40.80
C PRO L 115 -21.29 -11.37 40.87
N LEU L 116 -22.33 -10.54 40.86
CA LEU L 116 -22.18 -9.12 40.59
C LEU L 116 -22.97 -8.28 41.60
N TYR L 117 -23.68 -8.93 42.53
CA TYR L 117 -24.48 -8.20 43.51
C TYR L 117 -23.60 -7.40 44.45
N ASP L 118 -22.46 -7.95 44.81
CA ASP L 118 -21.49 -7.17 45.57
C ASP L 118 -20.86 -6.11 44.68
N GLU L 119 -20.53 -4.98 45.27
CA GLU L 119 -20.05 -3.83 44.54
C GLU L 119 -18.54 -3.71 44.58
N ARG L 120 -17.93 -4.22 45.64
CA ARG L 120 -16.48 -4.32 45.69
C ARG L 120 -15.97 -5.37 44.70
N VAL L 121 -16.68 -6.49 44.54
CA VAL L 121 -16.28 -7.42 43.51
C VAL L 121 -16.70 -6.91 42.14
N ARG L 122 -17.71 -6.04 42.09
CA ARG L 122 -18.04 -5.37 40.83
C ARG L 122 -16.93 -4.42 40.43
N SER L 123 -16.24 -3.86 41.42
CA SER L 123 -15.00 -3.16 41.20
C SER L 123 -13.84 -4.10 40.94
N LEU L 124 -14.00 -5.39 41.24
CA LEU L 124 -12.92 -6.33 41.02
C LEU L 124 -13.00 -7.06 39.68
N ILE L 125 -14.21 -7.34 39.19
CA ILE L 125 -14.38 -8.20 38.01
C ILE L 125 -13.90 -7.46 36.76
N ASP L 126 -13.04 -8.12 35.98
CA ASP L 126 -12.45 -7.49 34.81
C ASP L 126 -13.38 -7.50 33.62
N PHE L 127 -14.27 -8.48 33.51
CA PHE L 127 -15.23 -8.52 32.43
C PHE L 127 -16.45 -9.32 32.84
N SER L 128 -17.62 -8.81 32.50
CA SER L 128 -18.86 -9.29 33.06
C SER L 128 -19.83 -9.67 31.95
N VAL L 129 -20.61 -10.71 32.21
CA VAL L 129 -21.65 -11.18 31.28
C VAL L 129 -22.88 -11.55 32.08
N TYR L 130 -23.99 -10.89 31.82
CA TYR L 130 -25.27 -11.41 32.24
C TYR L 130 -25.84 -12.22 31.11
N LEU L 131 -26.66 -13.22 31.44
CA LEU L 131 -27.27 -14.03 30.39
C LEU L 131 -28.75 -14.12 30.69
N ASP L 132 -29.55 -13.42 29.91
CA ASP L 132 -30.99 -13.35 30.13
C ASP L 132 -31.70 -14.39 29.29
N ILE L 133 -32.87 -14.78 29.76
CA ILE L 133 -33.71 -15.78 29.12
C ILE L 133 -35.13 -15.28 29.20
N SER L 134 -35.86 -15.32 28.09
CA SER L 134 -37.27 -14.98 28.21
C SER L 134 -38.04 -16.16 28.79
N ASP L 135 -39.20 -15.85 29.38
CA ASP L 135 -39.96 -16.85 30.11
C ASP L 135 -40.56 -17.91 29.18
N ASP L 136 -40.76 -17.56 27.92
CA ASP L 136 -41.34 -18.50 26.97
C ASP L 136 -40.40 -19.66 26.70
N VAL L 137 -39.12 -19.37 26.45
CA VAL L 137 -38.17 -20.44 26.21
C VAL L 137 -37.74 -21.07 27.53
N LYS L 138 -37.99 -20.39 28.65
CA LYS L 138 -37.94 -21.07 29.95
C LYS L 138 -38.95 -22.21 29.98
N ILE L 139 -40.19 -21.92 29.59
CA ILE L 139 -41.22 -22.94 29.57
C ILE L 139 -40.89 -24.03 28.55
N ALA L 140 -40.38 -23.62 27.38
CA ALA L 140 -40.00 -24.58 26.36
C ALA L 140 -38.80 -25.42 26.74
N TRP L 141 -37.94 -24.93 27.63
CA TRP L 141 -36.85 -25.76 28.13
C TRP L 141 -37.28 -26.63 29.29
N LYS L 142 -38.22 -26.18 30.10
CA LYS L 142 -38.69 -27.04 31.17
C LYS L 142 -39.59 -28.15 30.66
N ILE L 143 -40.28 -27.92 29.54
CA ILE L 143 -41.04 -29.00 28.90
C ILE L 143 -40.09 -30.08 28.39
N LYS L 144 -38.96 -29.68 27.81
CA LYS L 144 -37.95 -30.64 27.43
C LYS L 144 -37.29 -31.26 28.66
N ARG L 145 -37.23 -30.51 29.77
CA ARG L 145 -36.63 -31.01 30.99
C ARG L 145 -37.45 -32.14 31.62
N ASP L 146 -38.76 -31.96 31.70
CA ASP L 146 -39.63 -32.97 32.28
C ASP L 146 -40.24 -33.91 31.26
N MET L 147 -39.90 -33.73 29.98
CA MET L 147 -40.33 -34.62 28.91
C MET L 147 -39.28 -35.67 28.57
N ALA L 148 -38.02 -35.26 28.49
CA ALA L 148 -36.95 -36.23 28.25
C ALA L 148 -36.73 -37.12 29.46
N GLU L 149 -36.87 -36.56 30.66
CA GLU L 149 -36.75 -37.36 31.86
C GLU L 149 -38.00 -38.18 32.14
N ARG L 150 -39.15 -37.74 31.58
CA ARG L 150 -40.47 -38.35 31.79
C ARG L 150 -40.82 -38.41 33.27
N GLY L 151 -40.46 -37.38 34.02
CA GLY L 151 -40.76 -37.35 35.44
C GLY L 151 -42.21 -37.13 35.76
N HIS L 152 -42.99 -36.63 34.80
CA HIS L 152 -44.41 -36.27 34.94
C HIS L 152 -44.59 -35.28 36.09
N SER L 153 -44.02 -34.09 35.90
CA SER L 153 -44.14 -33.02 36.88
C SER L 153 -44.49 -31.71 36.21
N TYR L 154 -45.00 -31.77 35.00
CA TYR L 154 -45.24 -30.61 34.16
C TYR L 154 -46.49 -29.85 34.65
N GLU L 155 -46.63 -28.63 34.11
CA GLU L 155 -47.79 -27.72 34.05
C GLU L 155 -48.20 -27.15 35.41
N ASP L 156 -47.60 -27.60 36.50
CA ASP L 156 -47.60 -26.82 37.73
C ASP L 156 -46.24 -26.17 37.93
N VAL L 157 -45.23 -26.63 37.19
CA VAL L 157 -44.01 -25.87 37.07
C VAL L 157 -44.26 -24.54 36.36
N ILE L 158 -45.30 -24.47 35.54
CA ILE L 158 -45.81 -23.20 35.03
C ILE L 158 -46.17 -22.28 36.19
N ALA L 159 -46.85 -22.81 37.21
CA ALA L 159 -47.13 -22.00 38.38
C ALA L 159 -45.92 -21.84 39.28
N SER L 160 -44.89 -22.64 39.10
CA SER L 160 -43.64 -22.38 39.81
C SER L 160 -42.89 -21.22 39.19
N ILE L 161 -43.08 -21.00 37.89
CA ILE L 161 -42.38 -19.93 37.18
C ILE L 161 -42.75 -18.57 37.76
N ASN L 162 -44.04 -18.24 37.76
CA ASN L 162 -44.45 -16.91 38.23
C ASN L 162 -44.33 -16.76 39.73
N ALA L 163 -44.22 -17.86 40.48
CA ALA L 163 -43.89 -17.76 41.89
C ALA L 163 -42.41 -17.52 42.10
N ARG L 164 -41.57 -18.06 41.22
CA ARG L 164 -40.15 -17.77 41.27
C ARG L 164 -39.85 -16.37 40.75
N ARG L 165 -40.78 -15.82 39.97
CA ARG L 165 -40.61 -14.53 39.29
C ARG L 165 -40.31 -13.32 40.17
N PRO L 166 -41.13 -12.96 41.19
CA PRO L 166 -41.14 -11.55 41.62
C PRO L 166 -39.90 -11.12 42.37
N ASP L 167 -39.42 -11.96 43.28
CA ASP L 167 -38.19 -11.65 43.97
C ASP L 167 -36.98 -11.75 43.06
N PHE L 168 -37.07 -12.61 42.04
CA PHE L 168 -35.99 -12.75 41.06
C PHE L 168 -35.75 -11.45 40.31
N MET L 169 -36.83 -10.76 39.96
CA MET L 169 -36.70 -9.45 39.34
C MET L 169 -36.18 -8.42 40.32
N ALA L 170 -36.38 -8.64 41.61
CA ALA L 170 -35.79 -7.74 42.59
C ALA L 170 -34.35 -8.09 42.87
N TYR L 171 -34.05 -9.38 42.97
CA TYR L 171 -32.73 -9.78 43.44
C TYR L 171 -31.70 -9.76 42.32
N ILE L 172 -32.04 -10.30 41.15
CA ILE L 172 -31.06 -10.65 40.14
C ILE L 172 -31.04 -9.65 39.00
N ASP L 173 -32.21 -9.33 38.46
CA ASP L 173 -32.30 -8.48 37.29
C ASP L 173 -31.71 -7.07 37.41
N PRO L 174 -31.62 -6.42 38.57
CA PRO L 174 -30.82 -5.19 38.60
C PRO L 174 -29.32 -5.39 38.50
N GLN L 175 -28.81 -6.62 38.43
CA GLN L 175 -27.38 -6.78 38.17
C GLN L 175 -27.04 -6.46 36.72
N LYS L 176 -28.01 -6.60 35.80
CA LYS L 176 -27.71 -6.39 34.40
C LYS L 176 -27.49 -4.93 34.08
N GLN L 177 -27.89 -4.02 34.99
CA GLN L 177 -27.57 -2.61 34.88
C GLN L 177 -26.10 -2.33 35.13
N TYR L 178 -25.29 -3.33 35.45
CA TYR L 178 -23.87 -3.14 35.65
C TYR L 178 -23.02 -4.11 34.86
N ALA L 179 -23.61 -5.10 34.21
CA ALA L 179 -22.85 -6.00 33.37
C ALA L 179 -22.46 -5.30 32.08
N ASP L 180 -21.46 -5.86 31.41
CA ASP L 180 -21.06 -5.34 30.10
C ASP L 180 -21.99 -5.85 29.02
N VAL L 181 -22.05 -7.16 28.87
CA VAL L 181 -22.73 -7.81 27.77
C VAL L 181 -23.88 -8.60 28.35
N VAL L 182 -25.06 -8.44 27.78
CA VAL L 182 -26.22 -9.20 28.22
C VAL L 182 -26.90 -9.82 27.01
N LEU L 183 -27.08 -11.13 27.03
CA LEU L 183 -27.65 -11.85 25.91
C LEU L 183 -29.09 -12.19 26.25
N GLN L 184 -30.03 -11.60 25.54
CA GLN L 184 -31.44 -11.98 25.66
C GLN L 184 -31.79 -12.98 24.58
N ILE L 185 -32.66 -13.92 24.93
CA ILE L 185 -33.10 -14.96 24.03
C ILE L 185 -34.61 -14.92 24.00
N LEU L 186 -35.19 -14.75 22.81
CA LEU L 186 -36.60 -14.50 22.65
C LEU L 186 -37.21 -15.56 21.75
N PRO L 187 -38.53 -15.71 21.76
CA PRO L 187 -39.18 -16.49 20.71
C PRO L 187 -39.00 -15.80 19.36
N SER L 188 -38.90 -16.59 18.32
CA SER L 188 -38.64 -16.05 17.00
C SER L 188 -39.91 -15.44 16.42
N GLN L 189 -39.82 -14.17 16.05
CA GLN L 189 -40.86 -13.52 15.27
C GLN L 189 -40.93 -14.08 13.86
N LEU L 190 -39.84 -14.66 13.37
CA LEU L 190 -39.77 -15.08 11.98
C LEU L 190 -40.61 -16.32 11.73
N ALA L 191 -40.43 -17.36 12.54
CA ALA L 191 -41.12 -18.62 12.34
C ALA L 191 -42.23 -18.76 13.36
N LYS L 192 -43.39 -19.20 12.89
CA LYS L 192 -44.59 -19.28 13.73
C LYS L 192 -45.12 -20.68 13.90
N GLU L 193 -45.08 -21.51 12.86
CA GLU L 193 -45.67 -22.85 12.90
C GLU L 193 -44.58 -23.82 13.33
N GLU L 194 -44.14 -23.69 14.58
CA GLU L 194 -43.28 -24.66 15.23
C GLU L 194 -43.75 -24.76 16.67
N LYS L 195 -43.06 -25.59 17.45
CA LYS L 195 -43.14 -25.41 18.89
C LYS L 195 -42.33 -24.19 19.29
N VAL L 196 -42.62 -23.66 20.47
CA VAL L 196 -42.20 -22.30 20.80
C VAL L 196 -40.72 -22.21 21.16
N GLY L 197 -39.97 -23.31 21.13
CA GLY L 197 -38.57 -23.23 21.48
C GLY L 197 -37.57 -23.74 20.46
N ASN L 198 -37.98 -23.87 19.20
CA ASN L 198 -37.03 -24.38 18.21
C ASN L 198 -36.02 -23.31 17.78
N ILE L 199 -36.52 -22.22 17.23
CA ILE L 199 -35.67 -21.18 16.64
C ILE L 199 -35.71 -19.98 17.58
N LEU L 200 -34.54 -19.45 17.90
CA LEU L 200 -34.42 -18.39 18.88
C LEU L 200 -34.16 -17.05 18.20
N ARG L 201 -34.62 -16.00 18.84
CA ARG L 201 -34.41 -14.62 18.40
C ARG L 201 -33.51 -14.01 19.46
N VAL L 202 -32.21 -14.03 19.21
CA VAL L 202 -31.25 -13.71 20.25
C VAL L 202 -30.63 -12.37 19.98
N ARG L 203 -30.18 -11.71 21.04
CA ARG L 203 -29.65 -10.38 20.90
C ARG L 203 -28.65 -10.11 22.01
N MET L 204 -27.49 -9.58 21.66
CA MET L 204 -26.44 -9.35 22.63
C MET L 204 -26.23 -7.86 22.85
N LEU L 205 -26.98 -7.33 23.81
CA LEU L 205 -26.89 -5.93 24.19
C LEU L 205 -25.55 -5.73 24.84
N GLN L 206 -24.62 -5.12 24.12
CA GLN L 206 -23.29 -4.86 24.63
C GLN L 206 -23.11 -3.38 24.89
N ARG L 207 -22.23 -3.07 25.82
CA ARG L 207 -22.14 -1.73 26.37
C ARG L 207 -20.86 -1.04 25.92
N GLU L 208 -20.98 0.24 25.58
CA GLU L 208 -19.83 1.05 25.21
C GLU L 208 -19.11 1.52 26.47
N GLY L 209 -18.22 2.48 26.31
CA GLY L 209 -17.59 3.04 27.50
C GLY L 209 -16.25 2.44 27.83
N ILE L 210 -16.27 1.46 28.74
CA ILE L 210 -15.09 0.83 29.35
C ILE L 210 -14.12 0.33 28.29
N PRO L 211 -12.88 0.81 28.31
CA PRO L 211 -11.97 0.58 27.17
C PRO L 211 -11.50 -0.85 27.11
N GLY L 212 -10.90 -1.18 25.98
CA GLY L 212 -10.54 -2.55 25.64
C GLY L 212 -11.68 -3.27 24.96
N PHE L 213 -12.88 -3.17 25.52
CA PHE L 213 -14.06 -3.75 24.91
C PHE L 213 -14.52 -2.87 23.77
N GLU L 214 -14.28 -3.31 22.56
CA GLU L 214 -14.96 -2.73 21.43
C GLU L 214 -16.36 -3.32 21.34
N PRO L 215 -17.26 -2.66 20.64
CA PRO L 215 -18.45 -3.35 20.15
C PRO L 215 -18.12 -4.10 18.86
N VAL L 216 -19.06 -4.95 18.47
CA VAL L 216 -19.03 -5.62 17.18
C VAL L 216 -20.18 -5.08 16.34
N TYR L 217 -19.85 -4.26 15.35
CA TYR L 217 -20.87 -3.52 14.63
C TYR L 217 -21.05 -4.12 13.24
N LEU L 218 -22.30 -4.17 12.81
CA LEU L 218 -22.65 -4.68 11.51
C LEU L 218 -22.76 -3.51 10.53
N PHE L 219 -21.69 -3.29 9.77
CA PHE L 219 -21.53 -2.37 8.64
C PHE L 219 -21.45 -0.89 8.98
N ASP L 220 -21.73 -0.53 10.23
CA ASP L 220 -21.75 0.87 10.64
C ASP L 220 -21.87 0.95 12.14
N GLU L 221 -21.10 1.83 12.75
CA GLU L 221 -21.26 2.08 14.16
C GLU L 221 -22.42 3.03 14.35
N GLY L 222 -23.48 2.57 14.98
CA GLY L 222 -24.46 3.50 15.50
C GLY L 222 -25.48 4.02 14.51
N SER L 223 -26.10 3.10 13.77
CA SER L 223 -27.25 3.42 12.95
C SER L 223 -27.94 2.10 12.65
N THR L 224 -29.20 1.98 13.01
CA THR L 224 -29.86 0.67 13.00
C THR L 224 -30.03 0.12 11.59
N ILE L 225 -29.66 -1.15 11.43
CA ILE L 225 -29.51 -1.80 10.13
C ILE L 225 -29.97 -3.24 10.23
N THR L 226 -31.03 -3.58 9.52
CA THR L 226 -31.63 -4.91 9.61
C THR L 226 -31.34 -5.64 8.32
N TRP L 227 -30.40 -6.57 8.36
CA TRP L 227 -29.85 -7.19 7.17
C TRP L 227 -30.29 -8.64 7.05
N ILE L 228 -30.73 -9.02 5.87
CA ILE L 228 -31.08 -10.38 5.51
C ILE L 228 -30.08 -10.85 4.45
N PRO L 229 -29.25 -11.85 4.74
CA PRO L 229 -28.19 -12.25 3.80
C PRO L 229 -28.65 -13.15 2.66
N CYS L 230 -29.94 -13.29 2.44
CA CYS L 230 -30.45 -14.08 1.34
C CYS L 230 -30.28 -13.33 0.03
N GLY L 231 -30.02 -14.06 -1.05
CA GLY L 231 -30.03 -13.37 -2.32
C GLY L 231 -29.23 -13.99 -3.43
N ARG L 232 -28.37 -13.18 -4.04
CA ARG L 232 -27.66 -13.60 -5.24
C ARG L 232 -26.62 -14.66 -4.94
N LYS L 233 -26.10 -14.70 -3.72
CA LYS L 233 -25.03 -15.61 -3.40
C LYS L 233 -25.39 -16.63 -2.34
N LEU L 234 -26.56 -16.54 -1.74
CA LEU L 234 -26.99 -17.54 -0.77
C LEU L 234 -28.42 -17.93 -1.08
N THR L 235 -28.65 -19.23 -1.21
CA THR L 235 -29.98 -19.77 -1.44
C THR L 235 -30.56 -20.12 -0.07
N CYS L 236 -31.44 -19.28 0.44
CA CYS L 236 -31.92 -19.45 1.80
C CYS L 236 -33.00 -20.50 1.90
N SER L 237 -32.89 -21.34 2.92
CA SER L 237 -33.89 -22.33 3.23
C SER L 237 -35.02 -21.67 4.03
N TYR L 238 -35.92 -22.46 4.52
CA TYR L 238 -36.93 -21.87 5.39
C TYR L 238 -36.47 -21.95 6.83
N PRO L 239 -36.49 -20.83 7.58
CA PRO L 239 -36.90 -19.51 7.11
C PRO L 239 -35.72 -18.61 6.79
N GLY L 240 -34.52 -19.12 6.94
CA GLY L 240 -33.35 -18.29 6.72
C GLY L 240 -33.07 -17.39 7.91
N ILE L 241 -32.12 -16.53 7.73
CA ILE L 241 -31.65 -15.68 8.80
C ILE L 241 -32.20 -14.29 8.57
N ARG L 242 -32.34 -13.52 9.64
CA ARG L 242 -32.68 -12.10 9.54
C ARG L 242 -31.91 -11.41 10.66
N LEU L 243 -30.79 -10.79 10.33
CA LEU L 243 -30.04 -10.12 11.37
C LEU L 243 -30.68 -8.80 11.73
N SER L 244 -30.01 -8.10 12.64
CA SER L 244 -30.36 -6.76 13.03
C SER L 244 -29.13 -6.13 13.65
N TYR L 245 -29.28 -4.89 14.06
CA TYR L 245 -28.29 -4.07 14.73
C TYR L 245 -29.03 -2.81 15.13
N GLY L 246 -28.49 -2.11 16.11
CA GLY L 246 -29.05 -0.83 16.47
C GLY L 246 -28.32 -0.21 17.62
N PRO L 247 -28.03 1.06 17.52
CA PRO L 247 -27.63 1.80 18.71
C PRO L 247 -28.86 2.00 19.58
N ASP L 248 -28.61 2.08 20.88
CA ASP L 248 -29.70 2.15 21.84
C ASP L 248 -29.11 2.70 23.13
N GLU L 249 -29.99 3.06 24.06
CA GLU L 249 -29.57 3.44 25.41
C GLU L 249 -30.41 2.63 26.40
N TYR L 250 -29.82 1.55 26.90
CA TYR L 250 -30.51 0.65 27.80
C TYR L 250 -30.18 1.03 29.24
N TYR L 251 -31.23 1.26 30.03
CA TYR L 251 -31.14 1.74 31.41
C TYR L 251 -30.35 3.04 31.51
N GLY L 252 -30.43 3.88 30.49
CA GLY L 252 -29.61 5.08 30.44
C GLY L 252 -28.14 4.77 30.27
N HIS L 253 -27.80 3.81 29.40
CA HIS L 253 -26.41 3.49 29.18
C HIS L 253 -26.17 3.23 27.70
N PRO L 254 -25.08 3.76 27.15
CA PRO L 254 -24.84 3.61 25.71
C PRO L 254 -24.49 2.20 25.30
N VAL L 255 -25.44 1.54 24.65
CA VAL L 255 -25.34 0.15 24.28
C VAL L 255 -25.47 0.05 22.76
N SER L 256 -25.27 -1.17 22.26
CA SER L 256 -25.33 -1.42 20.82
C SER L 256 -25.82 -2.85 20.64
N VAL L 257 -27.11 -3.02 20.40
CA VAL L 257 -27.66 -4.35 20.28
C VAL L 257 -27.30 -4.94 18.93
N LEU L 258 -26.75 -6.14 18.95
CA LEU L 258 -26.54 -6.95 17.75
C LEU L 258 -27.42 -8.19 17.87
N GLU L 259 -28.19 -8.48 16.84
CA GLU L 259 -29.35 -9.34 17.00
C GLU L 259 -29.48 -10.27 15.81
N VAL L 260 -29.79 -11.54 16.08
CA VAL L 260 -29.91 -12.56 15.05
C VAL L 260 -31.18 -13.34 15.26
N ASP L 261 -31.96 -13.51 14.20
CA ASP L 261 -33.09 -14.42 14.20
C ASP L 261 -32.90 -15.40 13.07
N GLY L 262 -33.05 -16.69 13.35
CA GLY L 262 -33.07 -17.69 12.31
C GLY L 262 -32.34 -18.94 12.74
N ARG L 263 -32.17 -19.86 11.79
CA ARG L 263 -31.54 -21.15 12.03
C ARG L 263 -30.49 -21.39 10.97
N PHE L 264 -29.25 -21.60 11.40
CA PHE L 264 -28.16 -21.86 10.48
C PHE L 264 -28.27 -23.29 9.99
N GLU L 265 -28.55 -23.46 8.70
CA GLU L 265 -28.80 -24.78 8.14
C GLU L 265 -27.58 -25.40 7.49
N LYS L 266 -26.57 -24.60 7.13
CA LYS L 266 -25.44 -25.09 6.39
C LYS L 266 -24.24 -24.19 6.66
N LEU L 267 -23.20 -24.33 5.84
CA LEU L 267 -21.89 -23.74 6.08
C LEU L 267 -21.73 -22.35 5.48
N ASP L 268 -22.11 -22.19 4.21
CA ASP L 268 -21.82 -20.94 3.53
C ASP L 268 -22.62 -19.79 4.09
N GLU L 269 -23.85 -20.05 4.55
CA GLU L 269 -24.60 -18.99 5.21
C GLU L 269 -24.04 -18.65 6.58
N LEU L 270 -23.16 -19.46 7.14
CA LEU L 270 -22.54 -19.09 8.40
C LEU L 270 -21.16 -18.48 8.21
N ILE L 271 -20.51 -18.72 7.07
CA ILE L 271 -19.27 -17.99 6.81
C ILE L 271 -19.57 -16.64 6.19
N TYR L 272 -20.67 -16.52 5.44
CA TYR L 272 -20.97 -15.26 4.79
C TYR L 272 -21.39 -14.20 5.78
N ILE L 273 -22.02 -14.62 6.87
CA ILE L 273 -22.34 -13.68 7.92
C ILE L 273 -21.08 -13.24 8.64
N GLU L 274 -20.19 -14.18 8.89
CA GLU L 274 -19.00 -13.87 9.67
C GLU L 274 -18.03 -13.01 8.89
N SER L 275 -18.08 -13.04 7.57
CA SER L 275 -17.17 -12.18 6.81
C SER L 275 -17.53 -10.71 6.90
N HIS L 276 -18.72 -10.38 7.39
CA HIS L 276 -19.21 -9.01 7.37
C HIS L 276 -19.33 -8.37 8.75
N LEU L 277 -19.26 -9.14 9.81
CA LEU L 277 -19.12 -8.53 11.12
C LEU L 277 -17.76 -7.85 11.23
N SER L 278 -17.67 -6.88 12.10
CA SER L 278 -16.50 -6.04 12.21
C SER L 278 -16.11 -5.86 13.67
N ASN L 279 -14.81 -5.60 13.88
CA ASN L 279 -14.17 -5.57 15.19
C ASN L 279 -14.44 -6.83 15.99
N THR L 280 -14.48 -7.96 15.31
CA THR L 280 -14.74 -9.20 16.01
C THR L 280 -13.49 -9.77 16.67
N SER L 281 -12.34 -9.16 16.44
CA SER L 281 -11.07 -9.48 17.09
C SER L 281 -10.66 -10.94 16.88
N THR L 282 -10.42 -11.26 15.62
CA THR L 282 -9.87 -12.55 15.23
C THR L 282 -8.47 -12.36 14.69
N LYS L 283 -7.57 -13.26 15.07
CA LYS L 283 -6.27 -13.37 14.43
C LYS L 283 -6.31 -14.29 13.21
N HIS L 284 -7.49 -14.77 12.85
CA HIS L 284 -7.63 -15.89 11.93
C HIS L 284 -8.93 -15.70 11.14
N TYR L 285 -8.86 -15.86 9.83
CA TYR L 285 -10.05 -15.71 9.00
C TYR L 285 -11.01 -16.85 9.25
N GLY L 286 -12.28 -16.53 9.42
CA GLY L 286 -13.29 -17.54 9.67
C GLY L 286 -13.18 -18.28 10.99
N GLU L 287 -12.43 -17.70 11.93
CA GLU L 287 -12.15 -18.38 13.20
C GLU L 287 -13.41 -18.59 13.99
N VAL L 288 -14.38 -17.69 13.84
CA VAL L 288 -15.67 -17.86 14.50
C VAL L 288 -16.44 -19.02 13.92
N THR L 289 -16.32 -19.25 12.61
CA THR L 289 -16.99 -20.40 12.02
C THR L 289 -16.33 -21.71 12.44
N GLU L 290 -15.00 -21.70 12.57
CA GLU L 290 -14.32 -22.89 13.07
C GLU L 290 -14.73 -23.17 14.51
N LEU L 291 -14.84 -22.13 15.31
CA LEU L 291 -15.28 -22.32 16.69
C LEU L 291 -16.75 -22.70 16.79
N LEU L 292 -17.55 -22.38 15.78
CA LEU L 292 -18.89 -22.94 15.73
C LEU L 292 -18.86 -24.42 15.41
N LEU L 293 -18.04 -24.83 14.46
CA LEU L 293 -18.12 -26.19 13.95
C LEU L 293 -17.05 -27.12 14.51
N LYS L 294 -16.37 -26.72 15.58
CA LYS L 294 -15.60 -27.72 16.31
C LYS L 294 -16.50 -28.63 17.14
N HIS L 295 -17.73 -28.20 17.41
CA HIS L 295 -18.68 -28.99 18.19
C HIS L 295 -20.04 -28.84 17.52
N ARG L 296 -20.34 -29.75 16.61
CA ARG L 296 -21.64 -29.73 15.96
C ARG L 296 -22.74 -30.23 16.87
N ASP L 297 -22.39 -30.93 17.94
CA ASP L 297 -23.37 -31.55 18.81
C ASP L 297 -23.88 -30.66 19.91
N TYR L 298 -23.24 -29.51 20.13
CA TYR L 298 -23.63 -28.64 21.23
C TYR L 298 -25.04 -28.09 21.00
N PRO L 299 -25.85 -27.96 22.04
CA PRO L 299 -27.18 -27.38 21.86
C PRO L 299 -27.07 -25.90 21.53
N GLY L 300 -27.83 -25.50 20.52
CA GLY L 300 -27.81 -24.12 20.12
C GLY L 300 -26.69 -23.73 19.17
N SER L 301 -26.04 -24.68 18.52
CA SER L 301 -25.05 -24.32 17.52
C SER L 301 -25.73 -23.89 16.22
N ASP L 302 -26.90 -24.42 15.94
CA ASP L 302 -27.61 -24.16 14.69
C ASP L 302 -28.34 -22.84 14.69
N ASN L 303 -28.35 -22.11 15.80
CA ASN L 303 -28.97 -20.80 15.83
C ASN L 303 -28.01 -19.77 16.41
N GLY L 304 -28.51 -18.55 16.64
CA GLY L 304 -27.61 -17.47 16.96
C GLY L 304 -27.04 -17.50 18.36
N SER L 305 -27.54 -18.39 19.22
CA SER L 305 -27.04 -18.48 20.58
C SER L 305 -25.57 -18.90 20.59
N GLY L 306 -25.26 -19.94 19.81
CA GLY L 306 -23.88 -20.35 19.65
C GLY L 306 -23.04 -19.35 18.92
N LEU L 307 -23.65 -18.49 18.11
CA LEU L 307 -22.87 -17.41 17.51
C LEU L 307 -22.50 -16.38 18.55
N PHE L 308 -23.47 -15.96 19.35
CA PHE L 308 -23.23 -14.85 20.26
C PHE L 308 -22.36 -15.24 21.43
N GLN L 309 -22.51 -16.47 21.90
CA GLN L 309 -21.69 -16.94 23.02
C GLN L 309 -20.23 -16.97 22.63
N VAL L 310 -19.92 -17.45 21.43
CA VAL L 310 -18.53 -17.48 21.05
C VAL L 310 -18.04 -16.08 20.66
N LEU L 311 -18.94 -15.18 20.26
CA LEU L 311 -18.51 -13.81 20.05
C LEU L 311 -18.11 -13.14 21.35
N THR L 312 -18.89 -13.38 22.39
CA THR L 312 -18.55 -12.86 23.71
C THR L 312 -17.27 -13.47 24.23
N GLY L 313 -17.08 -14.78 24.01
CA GLY L 313 -15.84 -15.41 24.43
C GLY L 313 -14.65 -14.91 23.66
N LEU L 314 -14.86 -14.52 22.40
CA LEU L 314 -13.79 -13.96 21.62
C LEU L 314 -13.43 -12.57 22.09
N LYS L 315 -14.44 -11.83 22.55
CA LYS L 315 -14.13 -10.56 23.20
C LYS L 315 -13.44 -10.79 24.54
N MET L 316 -13.68 -11.93 25.18
CA MET L 316 -12.93 -12.24 26.39
C MET L 316 -11.47 -12.53 26.08
N ARG L 317 -11.20 -13.16 24.93
CA ARG L 317 -9.82 -13.27 24.45
C ARG L 317 -9.21 -11.90 24.25
N ALA L 318 -10.00 -10.97 23.71
CA ALA L 318 -9.49 -9.62 23.50
C ALA L 318 -9.16 -8.94 24.81
N THR L 319 -10.03 -9.08 25.81
CA THR L 319 -9.75 -8.49 27.12
C THR L 319 -8.56 -9.14 27.80
N TYR L 320 -8.39 -10.44 27.60
CA TYR L 320 -7.24 -11.13 28.19
C TYR L 320 -5.95 -10.68 27.54
N GLU L 321 -5.97 -10.44 26.23
CA GLU L 321 -4.78 -9.95 25.57
C GLU L 321 -4.50 -8.50 25.93
N ARG L 322 -5.56 -7.75 26.25
CA ARG L 322 -5.34 -6.40 26.75
C ARG L 322 -4.75 -6.42 28.15
N LEU L 323 -5.17 -7.38 28.97
CA LEU L 323 -4.70 -7.43 30.35
C LEU L 323 -3.32 -8.06 30.49
N THR L 324 -2.87 -8.85 29.53
CA THR L 324 -1.58 -9.52 29.63
C THR L 324 -0.56 -9.00 28.64
N SER L 325 -0.90 -7.95 27.90
CA SER L 325 -0.06 -7.30 26.87
C SER L 325 0.44 -8.27 25.82
N ARG M 7 3.99 -18.45 -33.57
CA ARG M 7 4.96 -17.41 -33.90
C ARG M 7 6.37 -17.97 -34.00
N VAL M 8 7.25 -17.21 -34.64
CA VAL M 8 8.65 -17.57 -34.78
C VAL M 8 9.48 -16.43 -34.22
N VAL M 9 10.33 -16.74 -33.25
CA VAL M 9 11.25 -15.77 -32.70
C VAL M 9 12.65 -16.16 -33.13
N LEU M 10 13.57 -15.19 -33.05
CA LEU M 10 14.91 -15.43 -33.59
C LEU M 10 15.96 -14.74 -32.74
N ILE M 11 17.06 -15.45 -32.51
CA ILE M 11 18.14 -15.01 -31.62
C ILE M 11 19.46 -15.17 -32.35
N GLY M 12 20.21 -14.08 -32.48
CA GLY M 12 21.48 -14.08 -33.17
C GLY M 12 22.64 -14.01 -32.19
N VAL M 13 23.56 -14.96 -32.32
CA VAL M 13 24.76 -15.03 -31.50
C VAL M 13 25.97 -14.92 -32.42
N ALA M 14 26.95 -14.12 -32.04
CA ALA M 14 28.11 -13.93 -32.90
C ALA M 14 29.38 -14.13 -32.09
N GLY M 15 30.26 -15.02 -32.58
CA GLY M 15 31.55 -15.24 -31.95
C GLY M 15 32.32 -16.39 -32.59
N ASP M 16 33.64 -16.40 -32.45
CA ASP M 16 34.46 -17.45 -33.03
C ASP M 16 34.83 -18.51 -32.01
N SER M 17 33.93 -18.79 -31.07
CA SER M 17 34.14 -19.82 -30.05
C SER M 17 33.81 -21.22 -30.55
N GLY M 18 33.64 -21.40 -31.85
CA GLY M 18 33.20 -22.66 -32.41
C GLY M 18 31.69 -22.76 -32.33
N CYS M 19 31.05 -23.14 -33.43
CA CYS M 19 29.59 -23.16 -33.45
C CYS M 19 29.08 -24.35 -32.63
N GLY M 20 28.23 -24.07 -31.65
CA GLY M 20 27.85 -25.09 -30.70
C GLY M 20 28.97 -25.51 -29.78
N LYS M 21 30.00 -24.69 -29.62
CA LYS M 21 31.17 -25.04 -28.84
C LYS M 21 31.42 -24.04 -27.71
N SER M 22 30.40 -23.31 -27.32
CA SER M 22 30.50 -22.36 -26.23
C SER M 22 29.41 -22.64 -25.21
N THR M 23 29.72 -22.33 -23.95
CA THR M 23 28.83 -22.68 -22.86
C THR M 23 27.65 -21.74 -22.73
N PHE M 24 27.63 -20.65 -23.47
CA PHE M 24 26.47 -19.77 -23.45
C PHE M 24 25.25 -20.47 -24.03
N LEU M 25 25.48 -21.29 -25.06
CA LEU M 25 24.41 -22.12 -25.59
C LEU M 25 23.98 -23.17 -24.57
N ARG M 26 24.91 -23.63 -23.73
CA ARG M 26 24.57 -24.59 -22.70
C ARG M 26 23.71 -23.95 -21.62
N ARG M 27 24.01 -22.69 -21.30
CA ARG M 27 23.19 -21.98 -20.31
C ARG M 27 21.82 -21.65 -20.87
N LEU M 28 21.75 -21.35 -22.17
CA LEU M 28 20.45 -21.21 -22.82
C LEU M 28 19.69 -22.52 -22.83
N ALA M 29 20.39 -23.64 -22.95
CA ALA M 29 19.73 -24.94 -22.91
C ALA M 29 19.19 -25.21 -21.53
N ASP M 30 19.94 -24.85 -20.50
CA ASP M 30 19.44 -24.97 -19.14
C ASP M 30 18.28 -24.02 -18.87
N LEU M 31 18.21 -22.92 -19.60
CA LEU M 31 17.16 -21.94 -19.36
C LEU M 31 15.88 -22.27 -20.10
N PHE M 32 15.95 -22.34 -21.43
CA PHE M 32 14.78 -22.68 -22.24
C PHE M 32 14.54 -24.18 -22.24
N GLY M 33 15.48 -24.94 -22.77
CA GLY M 33 15.29 -26.34 -23.07
C GLY M 33 15.40 -26.57 -24.57
N GLU M 34 16.00 -27.72 -24.94
CA GLU M 34 16.17 -28.05 -26.35
C GLU M 34 14.86 -28.51 -26.97
N ASP M 35 13.83 -28.73 -26.15
CA ASP M 35 12.49 -28.89 -26.69
C ASP M 35 11.98 -27.57 -27.28
N PHE M 36 12.19 -26.46 -26.57
CA PHE M 36 11.62 -25.20 -27.03
C PHE M 36 12.50 -24.51 -28.07
N MET M 37 13.80 -24.80 -28.06
CA MET M 37 14.69 -24.16 -29.03
C MET M 37 15.47 -25.20 -29.82
N THR M 38 15.92 -24.79 -31.00
CA THR M 38 16.81 -25.60 -31.83
C THR M 38 18.05 -24.78 -32.13
N VAL M 39 19.13 -25.47 -32.43
CA VAL M 39 20.42 -24.85 -32.67
C VAL M 39 20.74 -24.93 -34.16
N ILE M 40 21.20 -23.82 -34.72
CA ILE M 40 21.62 -23.75 -36.11
C ILE M 40 23.05 -23.23 -36.15
N CYS M 41 24.01 -24.10 -36.49
CA CYS M 41 25.34 -23.61 -36.80
C CYS M 41 25.32 -22.89 -38.14
N LEU M 42 26.28 -21.98 -38.32
CA LEU M 42 26.36 -21.20 -39.54
C LEU M 42 27.64 -21.42 -40.31
N ASP M 43 28.45 -22.41 -39.94
CA ASP M 43 29.48 -22.90 -40.84
C ASP M 43 28.92 -23.79 -41.92
N ASP M 44 27.65 -24.18 -41.84
CA ASP M 44 27.06 -25.07 -42.81
C ASP M 44 26.82 -24.40 -44.15
N TYR M 45 26.67 -23.08 -44.19
CA TYR M 45 26.37 -22.40 -45.45
C TYR M 45 27.62 -21.96 -46.19
N HIS M 46 28.73 -22.65 -46.00
CA HIS M 46 29.94 -22.37 -46.75
C HIS M 46 29.75 -22.64 -48.23
N SER M 47 30.38 -21.82 -49.06
CA SER M 47 30.25 -21.99 -50.50
C SER M 47 30.97 -23.24 -50.98
N LEU M 48 32.29 -23.28 -50.78
CA LEU M 48 33.06 -24.45 -51.17
C LEU M 48 34.04 -24.80 -50.08
N ASP M 49 34.87 -25.79 -50.35
CA ASP M 49 35.56 -26.56 -49.33
C ASP M 49 36.93 -25.98 -49.02
N ARG M 50 37.64 -26.64 -48.09
CA ARG M 50 39.00 -26.26 -47.71
C ARG M 50 39.98 -26.50 -48.84
N LYS M 51 39.65 -27.42 -49.74
CA LYS M 51 40.38 -27.53 -50.99
C LYS M 51 40.23 -26.25 -51.81
N GLN M 52 39.00 -25.78 -51.98
CA GLN M 52 38.80 -24.53 -52.70
C GLN M 52 39.19 -23.32 -51.88
N ARG M 53 39.26 -23.45 -50.55
CA ARG M 53 39.87 -22.39 -49.77
C ARG M 53 41.35 -22.28 -50.05
N LYS M 54 42.00 -23.43 -50.26
CA LYS M 54 43.43 -23.41 -50.56
C LYS M 54 43.67 -22.96 -51.99
N GLU M 55 42.77 -23.33 -52.90
CA GLU M 55 42.91 -22.91 -54.29
C GLU M 55 42.62 -21.42 -54.45
N MET M 56 41.53 -20.93 -53.85
CA MET M 56 41.19 -19.53 -53.92
C MET M 56 42.00 -18.67 -52.95
N GLY M 57 42.77 -19.30 -52.06
CA GLY M 57 43.60 -18.56 -51.12
C GLY M 57 42.82 -17.76 -50.12
N ILE M 58 41.71 -18.30 -49.62
CA ILE M 58 40.74 -17.52 -48.87
C ILE M 58 40.36 -18.26 -47.59
N THR M 59 40.08 -17.49 -46.53
CA THR M 59 39.71 -18.07 -45.26
C THR M 59 38.23 -18.44 -45.25
N ALA M 60 37.75 -18.87 -44.09
CA ALA M 60 36.33 -19.13 -43.90
C ALA M 60 35.60 -17.90 -43.40
N LEU M 61 36.10 -16.72 -43.71
CA LEU M 61 35.54 -15.49 -43.18
C LEU M 61 35.09 -14.54 -44.29
N ASP M 62 35.19 -14.97 -45.53
CA ASP M 62 34.91 -14.13 -46.69
C ASP M 62 33.42 -13.98 -46.88
N PRO M 63 32.94 -12.76 -47.14
CA PRO M 63 31.59 -12.61 -47.71
C PRO M 63 31.39 -13.26 -49.07
N ARG M 64 32.45 -13.65 -49.78
CA ARG M 64 32.25 -14.54 -50.91
C ARG M 64 31.96 -15.96 -50.44
N ALA M 65 32.52 -16.36 -49.29
CA ALA M 65 32.64 -17.76 -48.94
C ALA M 65 31.34 -18.41 -48.49
N ASN M 66 30.24 -17.68 -48.47
CA ASN M 66 28.98 -18.26 -48.03
C ASN M 66 27.88 -17.94 -49.02
N ASN M 67 26.93 -18.86 -49.15
CA ASN M 67 25.74 -18.56 -49.93
C ASN M 67 24.80 -17.80 -48.99
N PHE M 68 24.97 -16.49 -48.96
CA PHE M 68 24.19 -15.64 -48.07
C PHE M 68 22.75 -15.48 -48.51
N ASP M 69 22.41 -15.87 -49.72
CA ASP M 69 21.04 -15.71 -50.16
C ASP M 69 20.18 -16.92 -49.85
N LEU M 70 20.73 -18.12 -49.99
CA LEU M 70 19.94 -19.32 -49.69
C LEU M 70 19.70 -19.47 -48.20
N MET M 71 20.66 -19.04 -47.37
CA MET M 71 20.40 -18.98 -45.94
C MET M 71 19.31 -17.97 -45.62
N TYR M 72 19.22 -16.89 -46.40
CA TYR M 72 18.17 -15.92 -46.19
C TYR M 72 16.82 -16.48 -46.60
N GLU M 73 16.81 -17.28 -47.66
CA GLU M 73 15.56 -17.88 -48.11
C GLU M 73 15.04 -18.89 -47.10
N GLN M 74 15.94 -19.72 -46.56
CA GLN M 74 15.53 -20.63 -45.49
C GLN M 74 15.14 -19.87 -44.23
N ILE M 75 15.80 -18.74 -43.95
CA ILE M 75 15.50 -17.99 -42.75
C ILE M 75 14.14 -17.32 -42.86
N LYS M 76 13.80 -16.83 -44.04
CA LYS M 76 12.47 -16.25 -44.24
C LYS M 76 11.41 -17.35 -44.25
N ALA M 77 11.75 -18.53 -44.79
CA ALA M 77 10.81 -19.64 -44.75
C ALA M 77 10.65 -20.21 -43.35
N LEU M 78 11.59 -19.93 -42.45
CA LEU M 78 11.42 -20.28 -41.05
C LEU M 78 10.25 -19.55 -40.42
N LYS M 79 10.03 -18.29 -40.82
CA LYS M 79 8.92 -17.52 -40.26
C LYS M 79 7.57 -18.08 -40.70
N ASN M 80 7.52 -18.69 -41.88
CA ASN M 80 6.27 -19.17 -42.45
C ASN M 80 5.88 -20.57 -41.97
N GLY M 81 6.71 -21.20 -41.14
CA GLY M 81 6.35 -22.44 -40.48
C GLY M 81 6.86 -23.71 -41.13
N GLU M 82 7.32 -23.64 -42.38
CA GLU M 82 7.66 -24.84 -43.13
C GLU M 82 8.99 -25.41 -42.62
N SER M 83 9.13 -26.72 -42.76
CA SER M 83 10.37 -27.39 -42.34
C SER M 83 11.48 -27.10 -43.34
N ILE M 84 12.55 -26.51 -42.86
CA ILE M 84 13.63 -26.11 -43.73
C ILE M 84 14.54 -27.29 -44.02
N MET M 85 15.36 -27.13 -45.06
CA MET M 85 16.22 -28.19 -45.60
C MET M 85 17.63 -27.60 -45.62
N LYS M 86 18.35 -27.75 -44.51
CA LYS M 86 19.60 -27.00 -44.56
C LYS M 86 20.79 -27.92 -44.80
N PRO M 87 21.74 -27.48 -45.62
CA PRO M 87 22.95 -28.29 -45.87
C PRO M 87 23.84 -28.32 -44.64
N ILE M 88 24.85 -29.21 -44.69
CA ILE M 88 25.73 -29.43 -43.56
C ILE M 88 27.18 -29.46 -44.05
N TYR M 89 28.00 -28.60 -43.47
CA TYR M 89 29.44 -28.64 -43.67
C TYR M 89 30.00 -29.88 -43.00
N ASN M 90 30.47 -30.83 -43.80
CA ASN M 90 31.22 -31.96 -43.26
C ASN M 90 32.53 -31.44 -42.71
N HIS M 91 32.65 -31.42 -41.40
CA HIS M 91 33.75 -30.69 -40.76
C HIS M 91 35.09 -31.39 -40.86
N GLU M 92 35.10 -32.73 -40.85
CA GLU M 92 36.38 -33.45 -40.90
C GLU M 92 36.99 -33.36 -42.30
N THR M 93 36.16 -33.48 -43.32
CA THR M 93 36.63 -33.45 -44.70
C THR M 93 36.67 -32.04 -45.28
N GLY M 94 35.96 -31.09 -44.67
CA GLY M 94 35.76 -29.80 -45.29
C GLY M 94 34.68 -29.77 -46.33
N THR M 95 34.05 -30.90 -46.61
CA THR M 95 33.08 -30.98 -47.69
C THR M 95 31.67 -30.68 -47.18
N ILE M 96 30.69 -30.93 -48.02
CA ILE M 96 29.32 -30.54 -47.77
C ILE M 96 28.41 -31.76 -47.84
N ASP M 97 27.65 -31.99 -46.77
CA ASP M 97 26.64 -33.03 -46.77
C ASP M 97 25.44 -32.61 -47.63
N PRO M 98 24.83 -33.55 -48.34
CA PRO M 98 23.42 -33.37 -48.75
C PRO M 98 22.55 -33.04 -47.54
N PRO M 99 21.58 -32.14 -47.71
CA PRO M 99 21.01 -31.43 -46.56
C PRO M 99 20.14 -32.31 -45.68
N GLU M 100 19.79 -31.75 -44.51
CA GLU M 100 18.88 -32.36 -43.58
C GLU M 100 17.62 -31.51 -43.44
N LYS M 101 16.48 -32.18 -43.44
CA LYS M 101 15.19 -31.54 -43.27
C LYS M 101 14.90 -31.45 -41.77
N VAL M 102 14.99 -30.24 -41.23
CA VAL M 102 14.69 -29.99 -39.83
C VAL M 102 13.51 -29.03 -39.76
N ASP M 103 12.82 -29.07 -38.63
CA ASP M 103 11.60 -28.31 -38.51
C ASP M 103 11.80 -27.10 -37.60
N PRO M 104 11.02 -26.04 -37.77
CA PRO M 104 11.06 -24.93 -36.82
C PRO M 104 10.49 -25.32 -35.46
N ASN M 105 10.69 -24.42 -34.51
CA ASN M 105 10.40 -24.68 -33.10
C ASN M 105 9.79 -23.41 -32.53
N HIS M 106 9.66 -23.33 -31.20
CA HIS M 106 9.22 -22.09 -30.58
C HIS M 106 10.31 -21.03 -30.67
N VAL M 107 11.55 -21.42 -30.41
CA VAL M 107 12.68 -20.51 -30.43
C VAL M 107 13.68 -21.01 -31.45
N ILE M 108 14.16 -20.11 -32.29
CA ILE M 108 15.17 -20.44 -33.29
C ILE M 108 16.39 -19.59 -33.01
N VAL M 109 17.56 -20.21 -32.97
CA VAL M 109 18.78 -19.45 -32.76
C VAL M 109 19.57 -19.48 -34.06
N ILE M 110 20.44 -18.49 -34.19
CA ILE M 110 21.37 -18.37 -35.32
C ILE M 110 22.72 -18.01 -34.73
N GLU M 111 23.73 -18.82 -35.03
CA GLU M 111 25.03 -18.50 -34.51
C GLU M 111 26.14 -18.91 -35.47
N GLY M 112 27.10 -18.03 -35.65
CA GLY M 112 28.23 -18.30 -36.51
C GLY M 112 29.14 -17.09 -36.60
N LEU M 113 30.03 -17.13 -37.59
CA LEU M 113 30.91 -15.98 -37.81
C LEU M 113 30.18 -14.82 -38.46
N HIS M 114 29.22 -15.09 -39.34
CA HIS M 114 28.41 -14.03 -39.95
C HIS M 114 26.94 -14.32 -39.72
N PRO M 115 26.43 -14.09 -38.51
CA PRO M 115 24.97 -14.14 -38.34
C PRO M 115 24.32 -12.82 -38.66
N LEU M 116 25.12 -11.78 -38.82
CA LEU M 116 24.62 -10.42 -38.81
C LEU M 116 25.18 -9.60 -39.95
N TYR M 117 26.05 -10.20 -40.77
CA TYR M 117 26.66 -9.48 -41.88
C TYR M 117 25.63 -9.09 -42.93
N ASP M 118 24.67 -9.97 -43.17
CA ASP M 118 23.55 -9.60 -44.03
C ASP M 118 22.67 -8.59 -43.31
N GLU M 119 22.08 -7.70 -44.09
CA GLU M 119 21.31 -6.60 -43.56
C GLU M 119 19.82 -6.87 -43.58
N ARG M 120 19.37 -7.69 -44.52
CA ARG M 120 18.00 -8.16 -44.52
C ARG M 120 17.74 -9.11 -43.35
N VAL M 121 18.71 -9.96 -43.03
CA VAL M 121 18.53 -10.78 -41.83
C VAL M 121 18.79 -9.95 -40.58
N ARG M 122 19.54 -8.84 -40.70
CA ARG M 122 19.66 -7.91 -39.59
C ARG M 122 18.34 -7.22 -39.34
N SER M 123 17.57 -7.03 -40.39
CA SER M 123 16.18 -6.63 -40.27
C SER M 123 15.29 -7.78 -39.83
N LEU M 124 15.77 -9.02 -39.89
CA LEU M 124 14.95 -10.15 -39.49
C LEU M 124 15.19 -10.58 -38.04
N ILE M 125 16.41 -10.46 -37.54
CA ILE M 125 16.76 -11.02 -36.23
C ILE M 125 16.10 -10.23 -35.12
N ASP M 126 15.42 -10.94 -34.21
CA ASP M 126 14.66 -10.29 -33.16
C ASP M 126 15.54 -9.84 -32.00
N PHE M 127 16.65 -10.54 -31.76
CA PHE M 127 17.56 -10.14 -30.71
C PHE M 127 18.95 -10.67 -31.00
N SER M 128 19.95 -9.83 -30.78
CA SER M 128 21.29 -10.08 -31.28
C SER M 128 22.29 -10.01 -30.15
N VAL M 129 23.33 -10.85 -30.22
CA VAL M 129 24.42 -10.88 -29.26
C VAL M 129 25.72 -11.07 -30.02
N TYR M 130 26.62 -10.11 -29.90
CA TYR M 130 28.01 -10.35 -30.26
C TYR M 130 28.73 -10.79 -29.01
N LEU M 131 29.77 -11.59 -29.19
CA LEU M 131 30.56 -12.03 -28.04
C LEU M 131 32.02 -11.80 -28.34
N ASP M 132 32.60 -10.80 -27.71
CA ASP M 132 33.97 -10.41 -27.97
C ASP M 132 34.91 -11.07 -26.98
N ILE M 133 36.16 -11.24 -27.41
CA ILE M 133 37.20 -11.87 -26.63
C ILE M 133 38.45 -11.05 -26.83
N SER M 134 39.15 -10.71 -25.74
CA SER M 134 40.42 -10.05 -25.96
C SER M 134 41.48 -11.09 -26.34
N ASP M 135 42.53 -10.61 -27.00
CA ASP M 135 43.54 -11.50 -27.56
C ASP M 135 44.37 -12.19 -26.49
N ASP M 136 44.44 -11.59 -25.30
CA ASP M 136 45.22 -12.18 -24.23
C ASP M 136 44.60 -13.47 -23.74
N VAL M 137 43.29 -13.46 -23.51
CA VAL M 137 42.63 -14.68 -23.06
C VAL M 137 42.39 -15.63 -24.24
N LYS M 138 42.49 -15.11 -25.47
CA LYS M 138 42.64 -16.00 -26.63
C LYS M 138 43.89 -16.84 -26.49
N ILE M 139 45.01 -16.18 -26.18
CA ILE M 139 46.28 -16.90 -26.00
C ILE M 139 46.20 -17.83 -24.80
N ALA M 140 45.57 -17.37 -23.71
CA ALA M 140 45.44 -18.20 -22.53
C ALA M 140 44.49 -19.37 -22.74
N TRP M 141 43.56 -19.26 -23.66
CA TRP M 141 42.71 -20.41 -23.98
C TRP M 141 43.37 -21.34 -24.99
N LYS M 142 44.19 -20.82 -25.88
CA LYS M 142 44.88 -21.71 -26.81
C LYS M 142 46.02 -22.45 -26.13
N ILE M 143 46.62 -21.87 -25.09
CA ILE M 143 47.60 -22.60 -24.29
C ILE M 143 46.94 -23.76 -23.57
N LYS M 144 45.73 -23.55 -23.04
CA LYS M 144 44.98 -24.67 -22.47
C LYS M 144 44.52 -25.64 -23.57
N ARG M 145 44.31 -25.13 -24.79
CA ARG M 145 43.88 -25.97 -25.89
C ARG M 145 44.97 -26.94 -26.33
N ASP M 146 46.19 -26.47 -26.47
CA ASP M 146 47.30 -27.32 -26.89
C ASP M 146 48.10 -27.87 -25.72
N MET M 147 47.70 -27.56 -24.49
CA MET M 147 48.32 -28.11 -23.29
C MET M 147 47.56 -29.32 -22.76
N ALA M 148 46.23 -29.23 -22.71
CA ALA M 148 45.43 -30.37 -22.28
C ALA M 148 45.47 -31.49 -23.31
N GLU M 149 45.49 -31.13 -24.59
CA GLU M 149 45.60 -32.14 -25.64
C GLU M 149 47.02 -32.66 -25.79
N ARG M 150 48.01 -31.86 -25.34
CA ARG M 150 49.44 -32.15 -25.48
C ARG M 150 49.84 -32.38 -26.95
N GLY M 151 49.23 -31.61 -27.85
CA GLY M 151 49.55 -31.76 -29.25
C GLY M 151 50.91 -31.24 -29.65
N HIS M 152 51.51 -30.39 -28.80
CA HIS M 152 52.80 -29.73 -29.05
C HIS M 152 52.75 -28.94 -30.36
N SER M 153 51.89 -27.93 -30.37
CA SER M 153 51.77 -27.05 -31.52
C SER M 153 51.76 -25.59 -31.09
N TYR M 154 52.25 -25.31 -29.89
CA TYR M 154 52.18 -24.00 -29.29
C TYR M 154 53.19 -23.04 -29.93
N GLU M 155 53.03 -21.75 -29.61
CA GLU M 155 53.91 -20.58 -29.75
C GLU M 155 54.21 -20.18 -31.18
N ASP M 156 53.76 -20.93 -32.17
CA ASP M 156 53.58 -20.43 -33.52
C ASP M 156 52.11 -20.18 -33.80
N VAL M 157 51.23 -20.74 -32.96
CA VAL M 157 49.86 -20.29 -32.95
C VAL M 157 49.75 -18.85 -32.49
N ILE M 158 50.73 -18.38 -31.71
CA ILE M 158 50.89 -16.96 -31.45
C ILE M 158 51.03 -16.19 -32.76
N ALA M 159 51.84 -16.70 -33.68
CA ALA M 159 51.93 -16.05 -34.98
C ALA M 159 50.74 -16.37 -35.88
N SER M 160 49.94 -17.36 -35.53
CA SER M 160 48.68 -17.54 -36.24
C SER M 160 47.66 -16.52 -35.82
N ILE M 161 47.75 -16.04 -34.58
CA ILE M 161 46.79 -15.07 -34.05
C ILE M 161 46.83 -13.78 -34.87
N ASN M 162 47.99 -13.13 -34.96
CA ASN M 162 48.06 -11.87 -35.66
C ASN M 162 47.95 -12.00 -37.16
N ALA M 163 48.13 -13.21 -37.70
CA ALA M 163 47.81 -13.45 -39.10
C ALA M 163 46.32 -13.62 -39.31
N ARG M 164 45.63 -14.19 -38.33
CA ARG M 164 44.18 -14.28 -38.40
C ARG M 164 43.53 -12.93 -38.13
N ARG M 165 44.28 -12.03 -37.49
CA ARG M 165 43.77 -10.74 -37.02
C ARG M 165 43.20 -9.81 -38.11
N PRO M 166 43.92 -9.45 -39.19
CA PRO M 166 43.59 -8.17 -39.85
C PRO M 166 42.30 -8.20 -40.64
N ASP M 167 42.06 -9.27 -41.38
CA ASP M 167 40.80 -9.41 -42.08
C ASP M 167 39.64 -9.65 -41.13
N PHE M 168 39.93 -10.27 -39.98
CA PHE M 168 38.89 -10.51 -38.96
C PHE M 168 38.32 -9.20 -38.45
N MET M 169 39.18 -8.20 -38.24
CA MET M 169 38.73 -6.89 -37.86
C MET M 169 37.98 -6.20 -38.99
N ALA M 170 38.25 -6.57 -40.23
CA ALA M 170 37.48 -6.04 -41.35
C ALA M 170 36.17 -6.79 -41.52
N TYR M 171 36.21 -8.11 -41.39
CA TYR M 171 35.05 -8.91 -41.75
C TYR M 171 34.02 -8.95 -40.63
N ILE M 172 34.46 -9.17 -39.39
CA ILE M 172 33.57 -9.57 -38.31
C ILE M 172 33.28 -8.43 -37.35
N ASP M 173 34.33 -7.74 -36.91
CA ASP M 173 34.17 -6.70 -35.90
C ASP M 173 33.26 -5.52 -36.26
N PRO M 174 33.03 -5.13 -37.52
CA PRO M 174 31.96 -4.16 -37.74
C PRO M 174 30.54 -4.71 -37.57
N GLN M 175 30.36 -6.00 -37.27
CA GLN M 175 29.01 -6.47 -36.94
C GLN M 175 28.57 -5.99 -35.58
N LYS M 176 29.52 -5.73 -34.68
CA LYS M 176 29.15 -5.36 -33.31
C LYS M 176 28.56 -3.96 -33.26
N GLN M 177 28.75 -3.16 -34.31
CA GLN M 177 28.08 -1.87 -34.45
C GLN M 177 26.59 -2.01 -34.71
N TYR M 178 26.07 -3.23 -34.82
CA TYR M 178 24.65 -3.43 -35.03
C TYR M 178 24.06 -4.43 -34.07
N ALA M 179 24.86 -5.11 -33.26
CA ALA M 179 24.32 -6.01 -32.26
C ALA M 179 23.75 -5.22 -31.10
N ASP M 180 22.91 -5.88 -30.31
CA ASP M 180 22.37 -5.26 -29.12
C ASP M 180 23.37 -5.32 -27.98
N VAL M 181 23.74 -6.53 -27.60
CA VAL M 181 24.55 -6.78 -26.42
C VAL M 181 25.88 -7.35 -26.88
N VAL M 182 26.97 -6.80 -26.38
CA VAL M 182 28.29 -7.32 -26.71
C VAL M 182 29.08 -7.52 -25.42
N LEU M 183 29.59 -8.72 -25.22
CA LEU M 183 30.29 -9.08 -24.01
C LEU M 183 31.78 -9.10 -24.31
N GLN M 184 32.53 -8.18 -23.74
CA GLN M 184 33.97 -8.21 -23.84
C GLN M 184 34.55 -8.89 -22.60
N ILE M 185 35.62 -9.64 -22.81
CA ILE M 185 36.30 -10.35 -21.74
C ILE M 185 37.75 -9.92 -21.75
N LEU M 186 38.24 -9.42 -20.63
CA LEU M 186 39.54 -8.80 -20.55
C LEU M 186 40.38 -9.50 -19.49
N PRO M 187 41.70 -9.31 -19.51
CA PRO M 187 42.50 -9.69 -18.35
C PRO M 187 42.12 -8.85 -17.15
N SER M 188 42.20 -9.46 -15.98
CA SER M 188 41.79 -8.77 -14.76
C SER M 188 42.86 -7.77 -14.34
N GLN M 189 42.44 -6.52 -14.20
CA GLN M 189 43.27 -5.50 -13.57
C GLN M 189 43.44 -5.77 -12.08
N LEU M 190 42.53 -6.51 -11.47
CA LEU M 190 42.55 -6.69 -10.03
C LEU M 190 43.66 -7.62 -9.58
N ALA M 191 43.77 -8.79 -10.19
CA ALA M 191 44.74 -9.79 -9.80
C ALA M 191 45.88 -9.82 -10.80
N LYS M 192 47.10 -9.87 -10.29
CA LYS M 192 48.30 -9.79 -11.14
C LYS M 192 49.17 -11.02 -11.08
N GLU M 193 49.31 -11.65 -9.90
CA GLU M 193 50.22 -12.77 -9.72
C GLU M 193 49.41 -14.05 -9.95
N GLU M 194 48.99 -14.24 -11.18
CA GLU M 194 48.41 -15.50 -11.64
C GLU M 194 48.91 -15.73 -13.05
N LYS M 195 48.46 -16.83 -13.66
CA LYS M 195 48.53 -16.89 -15.11
C LYS M 195 47.44 -16.00 -15.69
N VAL M 196 47.62 -15.63 -16.96
CA VAL M 196 46.88 -14.51 -17.51
C VAL M 196 45.43 -14.85 -17.84
N GLY M 197 44.99 -16.07 -17.60
CA GLY M 197 43.61 -16.42 -17.92
C GLY M 197 42.76 -16.97 -16.81
N ASN M 198 43.15 -16.77 -15.55
CA ASN M 198 42.34 -17.32 -14.47
C ASN M 198 41.09 -16.48 -14.21
N ILE M 199 41.28 -15.21 -13.87
CA ILE M 199 40.20 -14.33 -13.46
C ILE M 199 39.95 -13.35 -14.58
N LEU M 200 38.69 -13.20 -14.95
CA LEU M 200 38.33 -12.39 -16.11
C LEU M 200 37.73 -11.06 -15.67
N ARG M 201 37.94 -10.04 -16.50
CA ARG M 201 37.37 -8.71 -16.30
C ARG M 201 36.36 -8.54 -17.42
N VAL M 202 35.12 -8.84 -17.14
CA VAL M 202 34.13 -8.97 -18.19
C VAL M 202 33.18 -7.78 -18.16
N ARG M 203 32.61 -7.47 -19.30
CA ARG M 203 31.74 -6.30 -19.38
C ARG M 203 30.74 -6.50 -20.49
N MET M 204 29.48 -6.21 -20.22
CA MET M 204 28.42 -6.43 -21.18
C MET M 204 27.86 -5.10 -21.66
N LEU M 205 28.46 -4.58 -22.71
CA LEU M 205 28.04 -3.33 -23.32
C LEU M 205 26.70 -3.58 -23.98
N GLN M 206 25.63 -3.11 -23.35
CA GLN M 206 24.29 -3.30 -23.86
C GLN M 206 23.76 -1.97 -24.37
N ARG M 207 22.84 -2.05 -25.32
CA ARG M 207 22.43 -0.90 -26.10
C ARG M 207 21.02 -0.48 -25.73
N GLU M 208 20.80 0.83 -25.63
CA GLU M 208 19.47 1.38 -25.38
C GLU M 208 18.70 1.42 -26.68
N GLY M 209 17.58 2.16 -26.68
CA GLY M 209 16.86 2.32 -27.92
C GLY M 209 15.72 1.34 -28.11
N ILE M 210 15.99 0.27 -28.84
CA ILE M 210 15.03 -0.74 -29.29
C ILE M 210 14.18 -1.27 -28.14
N PRO M 211 12.86 -1.13 -28.21
CA PRO M 211 12.02 -1.37 -27.04
C PRO M 211 11.93 -2.85 -26.70
N GLY M 212 11.41 -3.11 -25.53
CA GLY M 212 11.40 -4.44 -24.95
C GLY M 212 12.67 -4.73 -24.17
N PHE M 213 13.81 -4.43 -24.77
CA PHE M 213 15.09 -4.59 -24.11
C PHE M 213 15.29 -3.43 -23.15
N GLU M 214 15.14 -3.71 -21.88
CA GLU M 214 15.64 -2.78 -20.89
C GLU M 214 17.13 -2.97 -20.72
N PRO M 215 17.82 -2.00 -20.17
CA PRO M 215 19.14 -2.27 -19.59
C PRO M 215 18.98 -2.84 -18.19
N VAL M 216 20.10 -3.35 -17.67
CA VAL M 216 20.20 -3.77 -16.28
C VAL M 216 21.18 -2.82 -15.58
N TYR M 217 20.63 -1.94 -14.74
CA TYR M 217 21.41 -0.86 -14.19
C TYR M 217 21.71 -1.13 -12.73
N LEU M 218 22.91 -0.80 -12.32
CA LEU M 218 23.36 -0.98 -10.96
C LEU M 218 23.15 0.34 -10.21
N PHE M 219 22.05 0.42 -9.47
CA PHE M 219 21.64 1.44 -8.51
C PHE M 219 21.20 2.77 -9.10
N ASP M 220 21.41 2.97 -10.40
CA ASP M 220 21.09 4.24 -11.04
C ASP M 220 21.21 4.08 -12.54
N GLU M 221 20.25 4.62 -13.28
CA GLU M 221 20.39 4.64 -14.72
C GLU M 221 21.27 5.82 -15.09
N GLY M 222 22.43 5.53 -15.67
CA GLY M 222 23.15 6.57 -16.37
C GLY M 222 23.98 7.49 -15.50
N SER M 223 24.80 6.91 -14.63
CA SER M 223 25.83 7.63 -13.89
C SER M 223 26.80 6.60 -13.39
N THR M 224 28.07 6.74 -13.75
CA THR M 224 29.04 5.66 -13.54
C THR M 224 29.31 5.42 -12.06
N ILE M 225 29.27 4.16 -11.67
CA ILE M 225 29.25 3.72 -10.28
C ILE M 225 30.06 2.45 -10.13
N THR M 226 31.17 2.52 -9.40
CA THR M 226 32.07 1.38 -9.26
C THR M 226 31.95 0.83 -7.86
N TRP M 227 31.27 -0.29 -7.72
CA TRP M 227 30.87 -0.81 -6.42
C TRP M 227 31.66 -2.06 -6.08
N ILE M 228 32.15 -2.10 -4.85
CA ILE M 228 32.83 -3.25 -4.26
C ILE M 228 31.95 -3.76 -3.12
N PRO M 229 31.40 -4.97 -3.21
CA PRO M 229 30.46 -5.45 -2.19
C PRO M 229 31.11 -5.99 -0.93
N CYS M 230 32.39 -5.77 -0.71
CA CYS M 230 33.06 -6.20 0.50
C CYS M 230 32.67 -5.30 1.66
N GLY M 231 32.59 -5.86 2.85
CA GLY M 231 32.40 -4.98 3.99
C GLY M 231 31.75 -5.58 5.21
N ARG M 232 30.70 -4.92 5.69
CA ARG M 232 30.10 -5.28 6.96
C ARG M 232 29.36 -6.61 6.88
N LYS M 233 28.89 -6.99 5.70
CA LYS M 233 28.10 -8.19 5.57
C LYS M 233 28.72 -9.25 4.69
N LEU M 234 29.84 -8.98 4.06
CA LEU M 234 30.54 -9.98 3.27
C LEU M 234 32.01 -9.95 3.60
N THR M 235 32.55 -11.11 3.95
CA THR M 235 33.97 -11.25 4.23
C THR M 235 34.65 -11.68 2.95
N CYS M 236 35.29 -10.74 2.27
CA CYS M 236 35.83 -11.03 0.95
C CYS M 236 37.13 -11.78 1.01
N SER M 237 37.26 -12.77 0.14
CA SER M 237 38.50 -13.53 -0.01
C SER M 237 39.43 -12.77 -0.93
N TYR M 238 40.52 -13.38 -1.30
CA TYR M 238 41.36 -12.72 -2.29
C TYR M 238 40.96 -13.15 -3.68
N PRO M 239 40.73 -12.22 -4.61
CA PRO M 239 40.77 -10.78 -4.39
C PRO M 239 39.41 -10.15 -4.20
N GLY M 240 38.36 -10.97 -4.24
CA GLY M 240 37.03 -10.43 -4.14
C GLY M 240 36.56 -9.85 -5.45
N ILE M 241 35.41 -9.23 -5.40
CA ILE M 241 34.77 -8.73 -6.60
C ILE M 241 34.96 -7.23 -6.62
N ARG M 242 34.91 -6.64 -7.81
CA ARG M 242 34.88 -5.19 -7.97
C ARG M 242 33.99 -4.92 -9.18
N LEU M 243 32.74 -4.57 -8.93
CA LEU M 243 31.87 -4.29 -10.06
C LEU M 243 32.17 -2.93 -10.66
N SER M 244 31.36 -2.60 -11.65
CA SER M 244 31.38 -1.29 -12.28
C SER M 244 30.05 -1.11 -12.98
N TYR M 245 29.89 0.04 -13.59
CA TYR M 245 28.73 0.45 -14.37
C TYR M 245 29.14 1.76 -15.01
N GLY M 246 28.47 2.12 -16.09
CA GLY M 246 28.70 3.42 -16.67
C GLY M 246 27.86 3.63 -17.89
N PRO M 247 27.26 4.78 -18.01
CA PRO M 247 26.71 5.17 -19.30
C PRO M 247 27.87 5.52 -20.23
N ASP M 248 27.64 5.31 -21.51
CA ASP M 248 28.68 5.49 -22.49
C ASP M 248 28.01 5.63 -23.85
N GLU M 249 28.79 6.03 -24.84
CA GLU M 249 28.31 6.05 -26.23
C GLU M 249 29.35 5.32 -27.08
N TYR M 250 29.06 4.05 -27.36
CA TYR M 250 29.97 3.21 -28.12
C TYR M 250 29.58 3.24 -29.59
N TYR M 251 30.56 3.59 -30.44
CA TYR M 251 30.38 3.78 -31.88
C TYR M 251 29.29 4.80 -32.19
N GLY M 252 29.14 5.80 -31.33
CA GLY M 252 28.04 6.73 -31.46
C GLY M 252 26.69 6.11 -31.21
N HIS M 253 26.59 5.27 -30.18
CA HIS M 253 25.32 4.65 -29.87
C HIS M 253 25.12 4.61 -28.37
N PRO M 254 23.92 4.93 -27.89
CA PRO M 254 23.70 4.98 -26.43
C PRO M 254 23.70 3.62 -25.78
N VAL M 255 24.77 3.35 -25.06
CA VAL M 255 25.02 2.06 -24.43
C VAL M 255 25.14 2.26 -22.93
N SER M 256 25.24 1.15 -22.22
CA SER M 256 25.33 1.17 -20.76
C SER M 256 26.16 -0.04 -20.34
N VAL M 257 27.44 0.17 -20.12
CA VAL M 257 28.32 -0.95 -19.78
C VAL M 257 28.07 -1.36 -18.33
N LEU M 258 27.85 -2.65 -18.12
CA LEU M 258 27.83 -3.26 -16.81
C LEU M 258 28.97 -4.24 -16.73
N GLU M 259 29.78 -4.14 -15.68
CA GLU M 259 31.12 -4.71 -15.71
C GLU M 259 31.46 -5.35 -14.38
N VAL M 260 32.08 -6.53 -14.44
CA VAL M 260 32.43 -7.29 -13.26
C VAL M 260 33.87 -7.75 -13.36
N ASP M 261 34.63 -7.53 -12.30
CA ASP M 261 35.96 -8.12 -12.17
C ASP M 261 36.00 -8.90 -10.87
N GLY M 262 36.48 -10.13 -10.94
CA GLY M 262 36.71 -10.91 -9.73
C GLY M 262 36.32 -12.35 -9.92
N ARG M 263 36.39 -13.10 -8.82
CA ARG M 263 36.10 -14.53 -8.81
C ARG M 263 35.11 -14.83 -7.71
N PHE M 264 33.98 -15.43 -8.07
CA PHE M 264 32.97 -15.79 -7.08
C PHE M 264 33.43 -17.03 -6.35
N GLU M 265 33.71 -16.89 -5.06
CA GLU M 265 34.26 -17.99 -4.29
C GLU M 265 33.23 -18.77 -3.51
N LYS M 266 32.05 -18.21 -3.28
CA LYS M 266 31.06 -18.83 -2.42
C LYS M 266 29.68 -18.32 -2.82
N LEU M 267 28.70 -18.57 -1.97
CA LEU M 267 27.29 -18.37 -2.27
C LEU M 267 26.77 -16.98 -1.92
N ASP M 268 27.07 -16.52 -0.71
CA ASP M 268 26.47 -15.28 -0.24
C ASP M 268 26.96 -14.07 -1.02
N GLU M 269 28.21 -14.10 -1.46
CA GLU M 269 28.69 -13.02 -2.31
C GLU M 269 28.09 -13.06 -3.71
N LEU M 270 27.46 -14.16 -4.10
CA LEU M 270 26.79 -14.19 -5.37
C LEU M 270 25.30 -13.91 -5.27
N ILE M 271 24.72 -14.10 -4.08
CA ILE M 271 23.32 -13.68 -3.92
C ILE M 271 23.26 -12.20 -3.56
N TYR M 272 24.28 -11.69 -2.87
CA TYR M 272 24.25 -10.30 -2.45
C TYR M 272 24.41 -9.36 -3.62
N ILE M 273 25.14 -9.79 -4.65
CA ILE M 273 25.24 -8.99 -5.85
C ILE M 273 23.93 -9.01 -6.59
N GLU M 274 23.30 -10.18 -6.67
CA GLU M 274 22.09 -10.32 -7.45
C GLU M 274 20.91 -9.60 -6.82
N SER M 275 20.94 -9.39 -5.50
CA SER M 275 19.84 -8.67 -4.89
C SER M 275 19.82 -7.19 -5.24
N HIS M 276 20.90 -6.66 -5.81
CA HIS M 276 21.02 -5.24 -6.05
C HIS M 276 21.00 -4.84 -7.52
N LEU M 277 21.16 -5.78 -8.44
CA LEU M 277 20.90 -5.46 -9.82
C LEU M 277 19.41 -5.18 -10.01
N SER M 278 19.11 -4.42 -11.04
CA SER M 278 17.76 -3.93 -11.26
C SER M 278 17.37 -4.11 -12.72
N ASN M 279 16.05 -4.23 -12.94
CA ASN M 279 15.45 -4.58 -14.23
C ASN M 279 16.04 -5.86 -14.80
N THR M 280 16.35 -6.81 -13.93
CA THR M 280 16.93 -8.05 -14.41
C THR M 280 15.88 -9.01 -14.93
N SER M 281 14.59 -8.67 -14.78
CA SER M 281 13.46 -9.41 -15.35
C SER M 281 13.43 -10.86 -14.87
N THR M 282 13.25 -11.02 -13.56
CA THR M 282 13.03 -12.31 -12.94
C THR M 282 11.62 -12.40 -12.40
N LYS M 283 10.99 -13.54 -12.60
CA LYS M 283 9.74 -13.86 -11.92
C LYS M 283 9.98 -14.51 -10.56
N HIS M 284 11.23 -14.61 -10.15
CA HIS M 284 11.64 -15.48 -9.06
C HIS M 284 12.83 -14.84 -8.34
N TYR M 285 12.77 -14.76 -7.02
CA TYR M 285 13.87 -14.19 -6.27
C TYR M 285 15.09 -15.08 -6.33
N GLY M 286 16.25 -14.49 -6.60
CA GLY M 286 17.48 -15.25 -6.68
C GLY M 286 17.58 -16.20 -7.84
N GLU M 287 16.73 -16.01 -8.86
CA GLU M 287 16.66 -16.94 -9.98
C GLU M 287 17.96 -16.96 -10.75
N VAL M 288 18.66 -15.84 -10.78
CA VAL M 288 19.96 -15.79 -11.43
C VAL M 288 20.99 -16.61 -10.67
N THR M 289 20.89 -16.63 -9.35
CA THR M 289 21.82 -17.45 -8.58
C THR M 289 21.52 -18.93 -8.75
N GLU M 290 20.24 -19.28 -8.84
CA GLU M 290 19.89 -20.66 -9.11
C GLU M 290 20.38 -21.09 -10.49
N LEU M 291 20.25 -20.21 -11.48
CA LEU M 291 20.74 -20.52 -12.81
C LEU M 291 22.26 -20.54 -12.87
N LEU M 292 22.94 -19.85 -11.95
CA LEU M 292 24.38 -20.05 -11.84
C LEU M 292 24.71 -21.41 -11.26
N LEU M 293 23.99 -21.83 -10.24
CA LEU M 293 24.41 -23.02 -9.50
C LEU M 293 23.62 -24.27 -9.87
N LYS M 294 22.88 -24.26 -10.98
CA LYS M 294 22.40 -25.52 -11.50
C LYS M 294 23.51 -26.30 -12.18
N HIS M 295 24.60 -25.64 -12.55
CA HIS M 295 25.73 -26.28 -13.20
C HIS M 295 27.00 -25.69 -12.60
N ARG M 296 27.50 -26.33 -11.55
CA ARG M 296 28.74 -25.86 -10.95
C ARG M 296 29.95 -26.23 -11.78
N ASP M 297 29.81 -27.17 -12.71
CA ASP M 297 30.93 -27.67 -13.47
C ASP M 297 31.21 -26.88 -14.73
N TYR M 298 30.32 -25.98 -15.14
CA TYR M 298 30.50 -25.25 -16.38
C TYR M 298 31.71 -24.33 -16.27
N PRO M 299 32.50 -24.19 -17.34
CA PRO M 299 33.63 -23.28 -17.30
C PRO M 299 33.15 -21.84 -17.22
N GLY M 300 33.76 -21.09 -16.32
CA GLY M 300 33.39 -19.70 -16.17
C GLY M 300 32.19 -19.45 -15.27
N SER M 301 31.79 -20.41 -14.45
CA SER M 301 30.72 -20.12 -13.51
C SER M 301 31.23 -19.32 -12.32
N ASP M 302 32.51 -19.49 -11.97
CA ASP M 302 33.10 -18.85 -10.81
C ASP M 302 33.48 -17.40 -11.05
N ASN M 303 33.32 -16.90 -12.28
CA ASN M 303 33.59 -15.50 -12.55
C ASN M 303 32.43 -14.86 -13.28
N GLY M 304 32.60 -13.63 -13.73
CA GLY M 304 31.46 -12.88 -14.21
C GLY M 304 30.95 -13.29 -15.58
N SER M 305 31.68 -14.16 -16.28
CA SER M 305 31.24 -14.61 -17.59
C SER M 305 29.94 -15.38 -17.49
N GLY M 306 29.87 -16.31 -16.54
CA GLY M 306 28.64 -17.02 -16.27
C GLY M 306 27.55 -16.15 -15.70
N LEU M 307 27.91 -15.03 -15.07
CA LEU M 307 26.88 -14.09 -14.64
C LEU M 307 26.28 -13.38 -15.84
N PHE M 308 27.14 -12.88 -16.73
CA PHE M 308 26.65 -12.04 -17.81
C PHE M 308 25.93 -12.84 -18.87
N GLN M 309 26.39 -14.06 -19.14
CA GLN M 309 25.73 -14.90 -20.13
C GLN M 309 24.31 -15.23 -19.71
N VAL M 310 24.12 -15.55 -18.43
CA VAL M 310 22.76 -15.86 -18.01
C VAL M 310 21.94 -14.59 -17.86
N LEU M 311 22.57 -13.43 -17.65
CA LEU M 311 21.80 -12.20 -17.67
C LEU M 311 21.28 -11.89 -19.05
N THR M 312 22.12 -12.10 -20.07
CA THR M 312 21.68 -11.92 -21.44
C THR M 312 20.60 -12.92 -21.82
N GLY M 313 20.75 -14.17 -21.37
CA GLY M 313 19.72 -15.15 -21.64
C GLY M 313 18.42 -14.84 -20.93
N LEU M 314 18.51 -14.20 -19.78
CA LEU M 314 17.31 -13.81 -19.08
C LEU M 314 16.63 -12.64 -19.77
N LYS M 315 17.42 -11.76 -20.38
CA LYS M 315 16.82 -10.75 -21.24
C LYS M 315 16.23 -11.37 -22.50
N MET M 316 16.77 -12.51 -22.93
CA MET M 316 16.15 -13.21 -24.05
C MET M 316 14.79 -13.79 -23.65
N ARG M 317 14.68 -14.27 -22.41
CA ARG M 317 13.35 -14.63 -21.89
C ARG M 317 12.42 -13.44 -21.91
N ALA M 318 12.93 -12.27 -21.57
CA ALA M 318 12.11 -11.06 -21.57
C ALA M 318 11.64 -10.73 -22.98
N THR M 319 12.54 -10.82 -23.96
CA THR M 319 12.15 -10.55 -25.35
C THR M 319 11.17 -11.60 -25.88
N TYR M 320 11.33 -12.84 -25.45
CA TYR M 320 10.41 -13.88 -25.88
C TYR M 320 9.02 -13.67 -25.28
N GLU M 321 8.96 -13.20 -24.04
CA GLU M 321 7.67 -12.92 -23.45
C GLU M 321 7.05 -11.68 -24.05
N ARG M 322 7.87 -10.74 -24.51
CA ARG M 322 7.34 -9.60 -25.23
C ARG M 322 6.81 -10.02 -26.60
N LEU M 323 7.48 -10.97 -27.25
CA LEU M 323 7.06 -11.38 -28.58
C LEU M 323 5.87 -12.33 -28.59
N THR M 324 5.62 -13.04 -27.48
CA THR M 324 4.54 -14.02 -27.44
C THR M 324 3.40 -13.60 -26.54
N SER M 325 3.46 -12.38 -25.99
CA SER M 325 2.46 -11.80 -25.07
C SER M 325 2.20 -12.67 -23.85
N MET N 3 43.02 49.98 13.19
CA MET N 3 43.97 49.29 14.06
C MET N 3 45.33 49.95 14.06
N SER N 4 45.79 50.33 15.24
CA SER N 4 47.16 50.79 15.41
C SER N 4 47.90 50.00 16.47
N ASN N 5 47.22 49.64 17.56
CA ASN N 5 47.84 48.96 18.68
C ASN N 5 48.28 47.55 18.30
N LEU N 6 47.33 46.72 17.89
CA LEU N 6 47.67 45.38 17.43
C LEU N 6 48.43 45.41 16.11
N GLU N 7 48.24 46.48 15.32
CA GLU N 7 49.04 46.72 14.13
C GLU N 7 50.53 46.80 14.47
N LYS N 8 50.86 47.44 15.60
CA LYS N 8 52.24 47.44 16.04
C LYS N 8 52.62 46.12 16.70
N GLN N 9 51.70 45.56 17.49
CA GLN N 9 52.04 44.41 18.34
C GLN N 9 52.29 43.16 17.53
N ILE N 10 51.65 43.02 16.37
CA ILE N 10 51.91 41.88 15.50
C ILE N 10 53.32 41.94 14.95
N GLU N 11 53.78 43.12 14.54
CA GLU N 11 55.14 43.23 14.06
C GLU N 11 56.16 43.09 15.18
N GLN N 12 55.79 43.50 16.40
CA GLN N 12 56.66 43.28 17.55
C GLN N 12 56.80 41.80 17.87
N ALA N 13 55.69 41.07 17.87
CA ALA N 13 55.75 39.63 18.09
C ALA N 13 56.41 38.92 16.91
N ARG N 14 56.37 39.50 15.72
CA ARG N 14 57.08 38.93 14.59
C ARG N 14 58.59 39.09 14.76
N GLU N 15 59.02 40.24 15.27
CA GLU N 15 60.43 40.44 15.63
C GLU N 15 60.86 39.44 16.69
N GLU N 16 60.00 39.21 17.68
CA GLU N 16 60.30 38.21 18.70
C GLU N 16 60.32 36.80 18.10
N ALA N 17 59.49 36.53 17.10
CA ALA N 17 59.49 35.23 16.45
C ALA N 17 60.78 34.99 15.70
N HIS N 18 61.30 36.05 15.08
CA HIS N 18 62.63 35.96 14.48
C HIS N 18 63.73 35.81 15.51
N LYS N 19 63.56 36.38 16.70
CA LYS N 19 64.65 36.38 17.67
C LYS N 19 64.70 35.11 18.52
N ILE N 20 63.61 34.80 19.23
CA ILE N 20 63.63 33.80 20.28
C ILE N 20 63.71 32.38 19.71
N CYS N 21 63.32 32.18 18.46
CA CYS N 21 63.31 30.85 17.89
C CYS N 21 64.45 30.64 16.93
N ASP N 22 65.29 31.65 16.77
CA ASP N 22 66.63 31.45 16.25
C ASP N 22 67.67 31.39 17.35
N THR N 23 67.38 31.97 18.52
CA THR N 23 68.38 32.07 19.59
C THR N 23 68.24 30.98 20.64
N GLU N 24 67.08 30.87 21.29
CA GLU N 24 66.94 30.01 22.45
C GLU N 24 66.33 28.65 22.13
N GLY N 25 66.54 28.14 20.94
CA GLY N 25 66.05 26.81 20.61
C GLY N 25 64.94 26.86 19.58
N ALA N 26 65.21 26.33 18.40
CA ALA N 26 64.25 26.41 17.30
C ALA N 26 63.09 25.44 17.49
N THR N 27 63.31 24.34 18.21
CA THR N 27 62.27 23.33 18.43
C THR N 27 62.18 23.07 19.93
N SER N 28 61.39 23.88 20.62
CA SER N 28 61.05 23.63 22.01
C SER N 28 59.75 24.37 22.32
N GLY N 29 59.33 24.32 23.58
CA GLY N 29 58.06 24.91 23.96
C GLY N 29 58.05 26.42 23.97
N GLN N 30 59.22 27.04 24.11
CA GLN N 30 59.27 28.50 24.27
C GLN N 30 58.90 29.22 22.99
N CYS N 31 59.62 28.94 21.90
CA CYS N 31 59.28 29.65 20.68
C CYS N 31 58.05 29.09 20.00
N ALA N 32 57.65 27.87 20.34
CA ALA N 32 56.33 27.40 19.92
C ALA N 32 55.24 28.20 20.59
N ALA N 33 55.44 28.56 21.87
CA ALA N 33 54.54 29.50 22.51
C ALA N 33 54.61 30.87 21.85
N ALA N 34 55.79 31.26 21.37
CA ALA N 34 55.93 32.55 20.70
C ALA N 34 55.15 32.60 19.39
N TRP N 35 55.30 31.57 18.55
CA TRP N 35 54.55 31.51 17.31
C TRP N 35 53.06 31.30 17.56
N ASP N 36 52.71 30.59 18.63
CA ASP N 36 51.31 30.45 19.02
C ASP N 36 50.72 31.80 19.40
N ALA N 37 51.50 32.60 20.12
CA ALA N 37 51.07 33.96 20.45
C ALA N 37 50.89 34.80 19.20
N LEU N 38 51.87 34.75 18.28
CA LEU N 38 51.79 35.55 17.06
C LEU N 38 50.65 35.10 16.17
N GLU N 39 50.33 33.82 16.18
CA GLU N 39 49.17 33.35 15.43
C GLU N 39 47.87 33.80 16.08
N GLU N 40 47.84 33.94 17.41
CA GLU N 40 46.64 34.46 18.05
C GLU N 40 46.46 35.95 17.76
N LEU N 41 47.58 36.68 17.74
CA LEU N 41 47.54 38.08 17.30
C LEU N 41 47.06 38.20 15.87
N GLN N 42 47.49 37.27 15.01
CA GLN N 42 47.01 37.23 13.64
C GLN N 42 45.53 36.86 13.60
N ALA N 43 45.09 36.01 14.50
CA ALA N 43 43.68 35.61 14.56
C ALA N 43 42.80 36.77 14.97
N GLU N 44 43.28 37.60 15.89
CA GLU N 44 42.50 38.76 16.26
C GLU N 44 42.56 39.84 15.20
N ALA N 45 43.65 39.89 14.43
CA ALA N 45 43.64 40.72 13.22
C ALA N 45 42.59 40.24 12.23
N ALA N 46 42.43 38.92 12.11
CA ALA N 46 41.41 38.37 11.23
C ALA N 46 40.01 38.70 11.73
N HIS N 47 39.80 38.60 13.05
CA HIS N 47 38.53 38.95 13.62
C HIS N 47 38.23 40.43 13.50
N GLN N 48 39.25 41.29 13.55
CA GLN N 48 39.03 42.70 13.28
C GLN N 48 38.73 42.94 11.81
N ARG N 49 39.38 42.16 10.94
CA ARG N 49 39.23 42.34 9.50
C ARG N 49 37.83 41.97 9.05
N ALA N 50 37.30 40.86 9.56
CA ALA N 50 35.98 40.41 9.15
C ALA N 50 34.89 41.32 9.69
N GLU N 51 35.09 41.91 10.87
CA GLU N 51 34.10 42.84 11.38
C GLU N 51 34.16 44.16 10.64
N GLN N 52 35.33 44.56 10.15
CA GLN N 52 35.35 45.76 9.33
C GLN N 52 34.91 45.50 7.89
N GLN N 53 34.94 44.25 7.43
CA GLN N 53 34.25 43.92 6.18
C GLN N 53 32.74 44.06 6.33
N ASP N 54 32.22 43.75 7.52
CA ASP N 54 30.80 43.86 7.78
C ASP N 54 30.40 45.23 8.28
N HIS N 55 31.18 46.25 7.96
CA HIS N 55 30.80 47.62 8.30
C HIS N 55 29.61 48.03 7.46
N LYS N 56 28.50 48.28 8.13
CA LYS N 56 27.32 48.84 7.46
C LYS N 56 27.58 50.27 7.04
N THR N 57 26.90 50.69 5.97
CA THR N 57 27.06 52.06 5.53
C THR N 57 26.16 53.00 6.30
N SER N 58 24.87 52.87 6.14
CA SER N 58 24.02 53.83 6.82
C SER N 58 22.87 53.22 7.57
N PHE N 59 22.26 52.15 7.04
CA PHE N 59 20.94 51.75 7.52
C PHE N 59 21.01 51.11 8.89
N GLN N 60 21.99 50.26 9.11
CA GLN N 60 22.22 49.68 10.42
C GLN N 60 22.97 50.67 11.35
N GLN N 61 23.04 51.95 10.98
CA GLN N 61 23.38 53.03 11.90
C GLN N 61 22.17 53.90 12.21
N TYR N 62 21.53 54.41 11.16
CA TYR N 62 20.42 55.32 11.32
C TYR N 62 19.17 54.61 11.80
N CYS N 63 19.08 53.31 11.58
CA CYS N 63 18.01 52.52 12.14
C CYS N 63 18.46 51.77 13.38
N ASP N 64 19.77 51.78 13.63
CA ASP N 64 20.26 51.37 14.93
C ASP N 64 19.83 52.38 15.98
N ASP N 65 20.06 53.68 15.72
CA ASP N 65 19.73 54.66 16.76
C ASP N 65 18.29 55.15 16.68
N ASN N 66 17.74 55.36 15.49
CA ASN N 66 16.40 55.91 15.35
C ASN N 66 15.59 55.06 14.38
N PRO N 67 14.94 54.03 14.87
CA PRO N 67 14.32 53.06 13.97
C PRO N 67 13.01 53.53 13.34
N ASP N 68 12.20 54.30 14.07
CA ASP N 68 10.87 54.63 13.60
C ASP N 68 10.82 55.71 12.55
N ALA N 69 11.95 56.16 12.04
CA ALA N 69 11.89 57.09 10.92
C ALA N 69 11.34 56.37 9.70
N ALA N 70 10.78 57.16 8.79
CA ALA N 70 10.08 56.63 7.63
C ALA N 70 10.98 55.84 6.70
N GLU N 71 12.29 56.03 6.79
CA GLU N 71 13.19 55.24 5.97
C GLU N 71 13.29 53.79 6.43
N CYS N 72 13.01 53.49 7.71
CA CYS N 72 13.06 52.08 8.07
C CYS N 72 11.98 51.63 9.04
N ARG N 73 10.79 52.20 8.97
CA ARG N 73 9.66 51.52 9.58
C ARG N 73 9.42 50.23 8.80
N ILE N 74 9.30 49.12 9.51
CA ILE N 74 8.88 47.85 8.90
C ILE N 74 7.75 47.30 9.74
N TYR N 75 6.56 47.32 9.18
CA TYR N 75 5.39 46.78 9.85
C TYR N 75 5.17 45.42 9.21
N ASP N 76 5.96 44.44 9.66
CA ASP N 76 6.04 43.14 9.00
C ASP N 76 4.77 42.37 9.32
N ASP N 77 3.72 42.68 8.56
CA ASP N 77 2.39 42.31 8.97
C ASP N 77 1.69 41.53 7.87
N MET O 3 -31.29 -43.46 40.54
CA MET O 3 -31.82 -42.54 41.53
C MET O 3 -33.04 -43.12 42.25
N SER O 4 -32.96 -43.20 43.56
CA SER O 4 -34.11 -43.55 44.38
C SER O 4 -34.39 -42.51 45.45
N ASN O 5 -33.34 -41.95 46.04
CA ASN O 5 -33.48 -41.01 47.15
C ASN O 5 -34.11 -39.71 46.68
N LEU O 6 -33.45 -39.03 45.74
CA LEU O 6 -34.02 -37.81 45.17
C LEU O 6 -35.25 -38.11 44.32
N GLU O 7 -35.35 -39.33 43.79
CA GLU O 7 -36.55 -39.79 43.12
C GLU O 7 -37.76 -39.74 44.05
N LYS O 8 -37.57 -40.08 45.32
CA LYS O 8 -38.64 -39.91 46.29
C LYS O 8 -38.78 -38.46 46.73
N GLN O 9 -37.66 -37.78 46.92
CA GLN O 9 -37.68 -36.47 47.55
C GLN O 9 -38.30 -35.41 46.66
N ILE O 10 -38.21 -35.58 45.34
CA ILE O 10 -38.86 -34.64 44.43
C ILE O 10 -40.37 -34.76 44.53
N GLU O 11 -40.88 -35.98 44.63
CA GLU O 11 -42.32 -36.15 44.79
C GLU O 11 -42.78 -35.69 46.17
N GLN O 12 -41.93 -35.84 47.18
CA GLN O 12 -42.26 -35.33 48.52
C GLN O 12 -42.34 -33.81 48.52
N ALA O 13 -41.36 -33.14 47.90
CA ALA O 13 -41.41 -31.70 47.80
C ALA O 13 -42.52 -31.24 46.87
N ARG O 14 -42.95 -32.08 45.93
CA ARG O 14 -44.10 -31.74 45.10
C ARG O 14 -45.38 -31.78 45.91
N GLU O 15 -45.50 -32.77 46.79
CA GLU O 15 -46.62 -32.82 47.74
C GLU O 15 -46.64 -31.59 48.63
N GLU O 16 -45.45 -31.18 49.10
CA GLU O 16 -45.36 -29.97 49.89
C GLU O 16 -45.70 -28.73 49.06
N ALA O 17 -45.38 -28.74 47.77
CA ALA O 17 -45.71 -27.60 46.91
C ALA O 17 -47.20 -27.49 46.71
N HIS O 18 -47.89 -28.63 46.64
CA HIS O 18 -49.34 -28.62 46.62
C HIS O 18 -49.92 -28.18 47.96
N LYS O 19 -49.25 -28.49 49.07
CA LYS O 19 -49.84 -28.22 50.38
C LYS O 19 -49.60 -26.79 50.86
N ILE O 20 -48.33 -26.39 50.96
CA ILE O 20 -47.98 -25.17 51.68
C ILE O 20 -48.36 -23.91 50.89
N CYS O 21 -48.53 -24.02 49.58
CA CYS O 21 -48.82 -22.85 48.78
C CYS O 21 -50.28 -22.82 48.35
N ASP O 22 -51.05 -23.80 48.78
CA ASP O 22 -52.50 -23.65 48.83
C ASP O 22 -52.98 -23.30 50.22
N THR O 23 -52.21 -23.61 51.26
CA THR O 23 -52.68 -23.43 52.64
C THR O 23 -52.17 -22.13 53.27
N GLU O 24 -50.85 -21.94 53.34
CA GLU O 24 -50.29 -20.84 54.12
C GLU O 24 -49.94 -19.62 53.28
N GLY O 25 -50.66 -19.38 52.20
CA GLY O 25 -50.40 -18.19 51.41
C GLY O 25 -49.82 -18.51 50.05
N ALA O 26 -50.59 -18.25 49.00
CA ALA O 26 -50.16 -18.62 47.66
C ALA O 26 -49.08 -17.68 47.13
N THR O 27 -49.04 -16.45 47.60
CA THR O 27 -48.06 -15.46 47.14
C THR O 27 -47.37 -14.87 48.37
N SER O 28 -46.32 -15.53 48.84
CA SER O 28 -45.45 -14.99 49.87
C SER O 28 -44.11 -15.71 49.76
N GLY O 29 -43.21 -15.39 50.69
CA GLY O 29 -41.86 -15.93 50.64
C GLY O 29 -41.76 -17.41 50.99
N GLN O 30 -42.74 -17.94 51.73
CA GLN O 30 -42.64 -19.31 52.22
C GLN O 30 -42.80 -20.31 51.10
N CYS O 31 -43.91 -20.25 50.37
CA CYS O 31 -44.07 -21.24 49.32
C CYS O 31 -43.26 -20.90 48.08
N ALA O 32 -42.82 -19.66 47.94
CA ALA O 32 -41.83 -19.35 46.92
C ALA O 32 -40.51 -20.03 47.24
N ALA O 33 -40.15 -20.08 48.52
CA ALA O 33 -39.03 -20.89 48.94
C ALA O 33 -39.28 -22.37 48.70
N ALA O 34 -40.53 -22.80 48.84
CA ALA O 34 -40.86 -24.21 48.60
C ALA O 34 -40.68 -24.58 47.12
N TRP O 35 -41.23 -23.76 46.22
CA TRP O 35 -41.05 -24.03 44.80
C TRP O 35 -39.61 -23.82 44.36
N ASP O 36 -38.89 -22.91 45.00
CA ASP O 36 -37.47 -22.75 44.73
C ASP O 36 -36.71 -24.01 45.12
N ALA O 37 -37.06 -24.60 46.26
CA ALA O 37 -36.48 -25.86 46.68
C ALA O 37 -36.78 -26.96 45.69
N LEU O 38 -38.05 -27.09 45.28
CA LEU O 38 -38.45 -28.13 44.35
C LEU O 38 -37.79 -27.95 42.99
N GLU O 39 -37.57 -26.71 42.57
CA GLU O 39 -36.84 -26.49 41.33
C GLU O 39 -35.38 -26.84 41.48
N GLU O 40 -34.79 -26.66 42.66
CA GLU O 40 -33.41 -27.09 42.84
C GLU O 40 -33.29 -28.61 42.85
N LEU O 41 -34.26 -29.28 43.46
CA LEU O 41 -34.35 -30.74 43.37
C LEU O 41 -34.48 -31.20 41.92
N GLN O 42 -35.28 -30.47 41.14
CA GLN O 42 -35.41 -30.76 39.72
C GLN O 42 -34.10 -30.48 38.99
N ALA O 43 -33.37 -29.46 39.42
CA ALA O 43 -32.09 -29.13 38.80
C ALA O 43 -31.06 -30.20 39.06
N GLU O 44 -31.07 -30.78 40.25
CA GLU O 44 -30.15 -31.86 40.51
C GLU O 44 -30.59 -33.15 39.86
N ALA O 45 -31.88 -33.33 39.62
CA ALA O 45 -32.33 -34.40 38.75
C ALA O 45 -31.81 -34.21 37.33
N ALA O 46 -31.79 -32.96 36.86
CA ALA O 46 -31.25 -32.66 35.54
C ALA O 46 -29.76 -32.94 35.48
N HIS O 47 -29.03 -32.55 36.53
CA HIS O 47 -27.61 -32.82 36.59
C HIS O 47 -27.31 -34.31 36.69
N GLN O 48 -28.17 -35.08 37.35
CA GLN O 48 -28.01 -36.53 37.34
C GLN O 48 -28.34 -37.10 35.97
N ARG O 49 -29.33 -36.52 35.30
CA ARG O 49 -29.76 -37.01 34.00
C ARG O 49 -28.70 -36.82 32.94
N ALA O 50 -28.07 -35.65 32.93
CA ALA O 50 -27.06 -35.37 31.92
C ALA O 50 -25.80 -36.18 32.15
N GLU O 51 -25.46 -36.47 33.40
CA GLU O 51 -24.30 -37.31 33.66
C GLU O 51 -24.58 -38.77 33.32
N GLN O 52 -25.84 -39.21 33.46
CA GLN O 52 -26.14 -40.56 33.01
C GLN O 52 -26.33 -40.65 31.50
N GLN O 53 -26.62 -39.54 30.83
CA GLN O 53 -26.52 -39.53 29.37
C GLN O 53 -25.08 -39.70 28.91
N ASP O 54 -24.14 -39.16 29.67
CA ASP O 54 -22.72 -39.27 29.34
C ASP O 54 -22.08 -40.51 29.92
N HIS O 55 -22.88 -41.54 30.20
CA HIS O 55 -22.31 -42.81 30.64
C HIS O 55 -21.55 -43.45 29.50
N LYS O 56 -20.25 -43.60 29.69
CA LYS O 56 -19.43 -44.34 28.74
C LYS O 56 -19.77 -45.82 28.79
N THR O 57 -19.56 -46.49 27.66
CA THR O 57 -19.82 -47.93 27.65
C THR O 57 -18.63 -48.72 28.17
N SER O 58 -17.54 -48.67 27.46
CA SER O 58 -16.43 -49.49 27.93
C SER O 58 -15.10 -48.78 27.98
N PHE O 59 -14.82 -47.89 27.02
CA PHE O 59 -13.44 -47.45 26.81
C PHE O 59 -12.97 -46.52 27.90
N GLN O 60 -13.83 -45.60 28.31
CA GLN O 60 -13.52 -44.73 29.44
C GLN O 60 -13.78 -45.45 30.79
N GLN O 61 -13.93 -46.78 30.77
CA GLN O 61 -13.79 -47.60 31.97
C GLN O 61 -12.53 -48.45 31.94
N TYR O 62 -12.35 -49.20 30.86
CA TYR O 62 -11.21 -50.11 30.74
C TYR O 62 -9.92 -49.36 30.49
N CYS O 63 -10.00 -48.15 29.97
CA CYS O 63 -8.84 -47.29 29.85
C CYS O 63 -8.78 -46.27 30.96
N ASP O 64 -9.86 -46.15 31.73
CA ASP O 64 -9.80 -45.45 32.99
C ASP O 64 -8.92 -46.21 33.97
N ASP O 65 -9.16 -47.52 34.12
CA ASP O 65 -8.39 -48.26 35.12
C ASP O 65 -7.08 -48.81 34.57
N ASN O 66 -7.07 -49.31 33.33
CA ASN O 66 -5.88 -49.95 32.78
C ASN O 66 -5.58 -49.37 31.40
N PRO O 67 -4.84 -48.29 31.34
CA PRO O 67 -4.70 -47.58 30.06
C PRO O 67 -3.74 -48.24 29.08
N ASP O 68 -2.67 -48.86 29.56
CA ASP O 68 -1.63 -49.34 28.67
C ASP O 68 -1.97 -50.63 27.95
N ALA O 69 -3.18 -51.14 28.08
CA ALA O 69 -3.54 -52.29 27.27
C ALA O 69 -3.58 -51.90 25.80
N ALA O 70 -3.41 -52.90 24.95
CA ALA O 70 -3.26 -52.67 23.51
C ALA O 70 -4.51 -52.07 22.89
N GLU O 71 -5.65 -52.18 23.54
CA GLU O 71 -6.84 -51.55 23.02
C GLU O 71 -6.83 -50.04 23.15
N CYS O 72 -6.06 -49.47 24.08
CA CYS O 72 -6.04 -48.01 24.11
C CYS O 72 -4.67 -47.41 24.42
N ARG O 73 -3.58 -48.04 24.01
CA ARG O 73 -2.35 -47.27 23.91
C ARG O 73 -2.52 -46.21 22.85
N ILE O 74 -2.18 -44.97 23.17
CA ILE O 74 -2.12 -43.91 22.18
C ILE O 74 -0.77 -43.23 22.32
N TYR O 75 0.09 -43.42 21.35
CA TYR O 75 1.39 -42.80 21.33
C TYR O 75 1.26 -41.63 20.38
N ASP O 76 0.68 -40.54 20.88
CA ASP O 76 0.26 -39.43 20.04
C ASP O 76 1.51 -38.66 19.64
N ASP O 77 2.16 -39.17 18.60
CA ASP O 77 3.52 -38.79 18.33
C ASP O 77 3.67 -38.31 16.89
N MET P 3 41.85 -40.88 -32.86
CA MET P 3 42.15 -40.06 -34.02
C MET P 3 43.49 -40.44 -34.65
N SER P 4 43.46 -40.78 -35.92
CA SER P 4 44.67 -40.97 -36.70
C SER P 4 44.72 -40.09 -37.93
N ASN P 5 43.57 -39.92 -38.60
CA ASN P 5 43.50 -39.19 -39.85
C ASN P 5 43.77 -37.71 -39.64
N LEU P 6 42.95 -37.05 -38.82
CA LEU P 6 43.18 -35.66 -38.49
C LEU P 6 44.42 -35.48 -37.64
N GLU P 7 44.81 -36.53 -36.89
CA GLU P 7 46.08 -36.55 -36.19
C GLU P 7 47.25 -36.35 -37.13
N LYS P 8 47.18 -36.96 -38.31
CA LYS P 8 48.20 -36.70 -39.32
C LYS P 8 47.98 -35.37 -40.03
N GLN P 9 46.72 -35.04 -40.30
CA GLN P 9 46.43 -33.90 -41.16
C GLN P 9 46.75 -32.57 -40.49
N ILE P 10 46.67 -32.51 -39.16
CA ILE P 10 47.05 -31.30 -38.44
C ILE P 10 48.54 -31.05 -38.56
N GLU P 11 49.34 -32.10 -38.45
CA GLU P 11 50.79 -31.92 -38.60
C GLU P 11 51.15 -31.64 -40.06
N GLN P 12 50.39 -32.16 -41.01
CA GLN P 12 50.61 -31.83 -42.41
C GLN P 12 50.31 -30.37 -42.69
N ALA P 13 49.17 -29.88 -42.18
CA ALA P 13 48.86 -28.47 -42.33
C ALA P 13 49.80 -27.58 -41.53
N ARG P 14 50.40 -28.11 -40.46
CA ARG P 14 51.40 -27.35 -39.73
C ARG P 14 52.69 -27.21 -40.54
N GLU P 15 53.07 -28.28 -41.25
CA GLU P 15 54.18 -28.21 -42.20
C GLU P 15 53.91 -27.19 -43.29
N GLU P 16 52.67 -27.19 -43.80
CA GLU P 16 52.30 -26.20 -44.80
C GLU P 16 52.30 -24.80 -44.21
N ALA P 17 51.96 -24.65 -42.93
CA ALA P 17 51.97 -23.34 -42.30
C ALA P 17 53.39 -22.82 -42.16
N HIS P 18 54.33 -23.72 -41.89
CA HIS P 18 55.73 -23.34 -41.92
C HIS P 18 56.22 -23.02 -43.32
N LYS P 19 55.67 -23.67 -44.35
CA LYS P 19 56.21 -23.50 -45.69
C LYS P 19 55.63 -22.29 -46.42
N ILE P 20 54.31 -22.24 -46.56
CA ILE P 20 53.67 -21.30 -47.47
C ILE P 20 53.70 -19.87 -46.94
N CYS P 21 53.87 -19.69 -45.63
CA CYS P 21 53.84 -18.36 -45.05
C CYS P 21 55.23 -17.89 -44.68
N ASP P 22 56.24 -18.70 -44.93
CA ASP P 22 57.59 -18.22 -45.04
C ASP P 22 58.01 -18.01 -46.49
N THR P 23 57.37 -18.69 -47.44
CA THR P 23 57.81 -18.64 -48.83
C THR P 23 57.01 -17.64 -49.67
N GLU P 24 55.69 -17.80 -49.75
CA GLU P 24 54.88 -17.04 -50.70
C GLU P 24 54.21 -15.81 -50.09
N GLY P 25 54.82 -15.21 -49.08
CA GLY P 25 54.27 -14.00 -48.51
C GLY P 25 53.75 -14.22 -47.11
N ALA P 26 54.41 -13.59 -46.13
CA ALA P 26 54.05 -13.81 -44.74
C ALA P 26 52.75 -13.09 -44.36
N THR P 27 52.41 -12.01 -45.06
CA THR P 27 51.21 -11.24 -44.75
C THR P 27 50.43 -11.06 -46.05
N SER P 28 49.59 -12.04 -46.37
CA SER P 28 48.63 -11.93 -47.46
C SER P 28 47.52 -12.93 -47.20
N GLY P 29 46.58 -13.02 -48.15
CA GLY P 29 45.41 -13.87 -47.97
C GLY P 29 45.70 -15.35 -48.04
N GLN P 30 46.79 -15.75 -48.71
CA GLN P 30 47.05 -17.15 -48.94
C GLN P 30 47.44 -17.87 -47.65
N CYS P 31 48.48 -17.41 -46.97
CA CYS P 31 48.85 -18.12 -45.76
C CYS P 31 47.95 -17.77 -44.58
N ALA P 32 47.21 -16.68 -44.67
CA ALA P 32 46.15 -16.45 -43.69
C ALA P 32 45.05 -17.48 -43.86
N ALA P 33 44.75 -17.85 -45.11
CA ALA P 33 43.87 -18.99 -45.34
C ALA P 33 44.48 -20.29 -44.84
N ALA P 34 45.81 -20.41 -44.93
CA ALA P 34 46.47 -21.62 -44.45
C ALA P 34 46.36 -21.75 -42.94
N TRP P 35 46.65 -20.68 -42.20
CA TRP P 35 46.52 -20.72 -40.75
C TRP P 35 45.07 -20.81 -40.32
N ASP P 36 44.15 -20.23 -41.10
CA ASP P 36 42.73 -20.39 -40.83
C ASP P 36 42.31 -21.85 -40.98
N ALA P 37 42.84 -22.53 -42.00
CA ALA P 37 42.59 -23.95 -42.17
C ALA P 37 43.15 -24.75 -41.00
N LEU P 38 44.39 -24.46 -40.61
CA LEU P 38 45.01 -25.19 -39.51
C LEU P 38 44.31 -24.95 -38.19
N GLU P 39 43.76 -23.75 -38.01
CA GLU P 39 42.98 -23.49 -36.81
C GLU P 39 41.65 -24.22 -36.85
N GLU P 40 41.07 -24.42 -38.03
CA GLU P 40 39.85 -25.20 -38.10
C GLU P 40 40.11 -26.68 -37.85
N LEU P 41 41.24 -27.17 -38.34
CA LEU P 41 41.67 -28.53 -37.99
C LEU P 41 41.89 -28.67 -36.50
N GLN P 42 42.46 -27.64 -35.88
CA GLN P 42 42.62 -27.62 -34.43
C GLN P 42 41.28 -27.56 -33.73
N ALA P 43 40.32 -26.86 -34.32
CA ALA P 43 38.99 -26.74 -33.74
C ALA P 43 38.26 -28.07 -33.78
N GLU P 44 38.44 -28.83 -34.84
CA GLU P 44 37.83 -30.14 -34.89
C GLU P 44 38.56 -31.14 -34.02
N ALA P 45 39.86 -30.93 -33.80
CA ALA P 45 40.54 -31.69 -32.75
C ALA P 45 39.96 -31.38 -31.38
N ALA P 46 39.61 -30.12 -31.14
CA ALA P 46 38.98 -29.74 -29.88
C ALA P 46 37.59 -30.35 -29.74
N HIS P 47 36.83 -30.37 -30.82
CA HIS P 47 35.52 -30.99 -30.81
C HIS P 47 35.60 -32.49 -30.63
N GLN P 48 36.65 -33.13 -31.16
CA GLN P 48 36.86 -34.55 -30.89
C GLN P 48 37.27 -34.77 -29.44
N ARG P 49 38.08 -33.85 -28.91
CA ARG P 49 38.60 -33.97 -27.56
C ARG P 49 37.49 -33.86 -26.51
N ALA P 50 36.59 -32.91 -26.70
CA ALA P 50 35.52 -32.71 -25.74
C ALA P 50 34.51 -33.84 -25.79
N GLU P 51 34.28 -34.43 -26.97
CA GLU P 51 33.37 -35.56 -27.04
C GLU P 51 34.02 -36.82 -26.46
N GLN P 52 35.33 -36.94 -26.54
CA GLN P 52 35.95 -38.08 -25.87
C GLN P 52 36.13 -37.85 -24.37
N GLN P 53 36.11 -36.60 -23.91
CA GLN P 53 35.98 -36.35 -22.47
C GLN P 53 34.62 -36.79 -21.96
N ASP P 54 33.59 -36.65 -22.79
CA ASP P 54 32.23 -37.05 -22.40
C ASP P 54 31.94 -38.49 -22.75
N HIS P 55 32.97 -39.33 -22.84
CA HIS P 55 32.76 -40.75 -23.05
C HIS P 55 32.16 -41.35 -21.79
N LYS P 56 30.94 -41.86 -21.92
CA LYS P 56 30.31 -42.59 -20.84
C LYS P 56 31.01 -43.93 -20.63
N THR P 57 30.95 -44.42 -19.40
CA THR P 57 31.56 -45.71 -19.12
C THR P 57 30.62 -46.85 -19.47
N SER P 58 29.53 -46.96 -18.76
CA SER P 58 28.67 -48.10 -19.05
C SER P 58 27.21 -47.77 -19.19
N PHE P 59 26.70 -46.81 -18.40
CA PHE P 59 25.25 -46.71 -18.24
C PHE P 59 24.58 -46.13 -19.47
N GLN P 60 25.19 -45.11 -20.07
CA GLN P 60 24.71 -44.57 -21.32
C GLN P 60 25.16 -45.44 -22.52
N GLN P 61 25.63 -46.66 -22.28
CA GLN P 61 25.75 -47.69 -23.30
C GLN P 61 24.72 -48.80 -23.09
N TYR P 62 24.72 -49.38 -21.89
CA TYR P 62 23.85 -50.50 -21.59
C TYR P 62 22.40 -50.06 -21.45
N CYS P 63 22.15 -48.79 -21.15
CA CYS P 63 20.82 -48.25 -21.16
C CYS P 63 20.54 -47.49 -22.43
N ASP P 64 21.57 -47.25 -23.23
CA ASP P 64 21.35 -46.82 -24.60
C ASP P 64 20.73 -47.95 -25.40
N ASP P 65 21.29 -49.15 -25.32
CA ASP P 65 20.76 -50.22 -26.15
C ASP P 65 19.61 -50.99 -25.49
N ASN P 66 19.69 -51.24 -24.18
CA ASN P 66 18.69 -52.06 -23.50
C ASN P 66 18.23 -51.32 -22.24
N PRO P 67 17.24 -50.46 -22.36
CA PRO P 67 16.88 -49.60 -21.22
C PRO P 67 16.11 -50.29 -20.12
N ASP P 68 15.24 -51.22 -20.46
CA ASP P 68 14.33 -51.79 -19.47
C ASP P 68 14.96 -52.82 -18.54
N ALA P 69 16.27 -53.02 -18.60
CA ALA P 69 16.88 -53.87 -17.61
C ALA P 69 16.79 -53.23 -16.24
N ALA P 70 16.85 -54.07 -15.21
CA ALA P 70 16.62 -53.64 -13.84
C ALA P 70 17.67 -52.64 -13.36
N GLU P 71 18.82 -52.57 -14.02
CA GLU P 71 19.80 -51.59 -13.63
C GLU P 71 19.40 -50.17 -14.03
N CYS P 72 18.55 -49.99 -15.04
CA CYS P 72 18.15 -48.61 -15.32
C CYS P 72 16.69 -48.43 -15.71
N ARG P 73 15.78 -49.23 -15.16
CA ARG P 73 14.40 -48.80 -15.18
C ARG P 73 14.27 -47.55 -14.33
N ILE P 74 13.64 -46.52 -14.86
CA ILE P 74 13.29 -45.35 -14.07
C ILE P 74 11.82 -45.06 -14.31
N TYR P 75 11.02 -45.29 -13.28
CA TYR P 75 9.60 -45.02 -13.35
C TYR P 75 9.41 -43.70 -12.63
N ASP P 76 9.71 -42.61 -13.33
CA ASP P 76 9.81 -41.29 -12.71
C ASP P 76 8.40 -40.80 -12.42
N ASP P 77 7.88 -41.28 -11.30
CA ASP P 77 6.46 -41.20 -11.07
C ASP P 77 6.17 -40.52 -9.75
#